data_9FI8
#
_entry.id   9FI8
#
loop_
_entity.id
_entity.type
_entity.pdbx_description
1 polymer 'Small ribosomal subunit protein mS29,mS29(DAP3)'
2 polymer 'Ribosomal protein S9, putative'
3 polymer uS10m
4 polymer 'Ribosomal protein S14, putative'
5 polymer mS157
6 polymer 'DNA double-strand break repair rad50 ATPase'
7 polymer mS149
8 polymer ms158
9 polymer mS151
10 polymer '30S ribosomal protein S5, putative'
11 polymer mS155
12 polymer mS159
13 polymer 'RAP domain-containing protein'
14 polymer mS161
15 polymer mS152
16 polymer 'Small ribosomal subunit protein mS35 mitochondrial conserved domain-containing protein'
17 polymer mS141
18 polymer 'AP2 domain transcription factor AP2IX-6'
19 polymer 'Acylphosphatase-like domain-containing protein'
20 polymer mS33/mS27
21 polymer SSUB-SSU
22 polymer SSUD
23 polymer ulr22
24 polymer RNA9-SSU
25 polymer RNA5-SSU
26 polymer ulr23
27 polymer RNA19-SSU
28 polymer ulr24
#
loop_
_entity_poly.entity_id
_entity_poly.type
_entity_poly.pdbx_seq_one_letter_code
_entity_poly.pdbx_strand_id
1 'polypeptide(L)'
;VGVEDVGRFRLFDRHRLVELLPEGLAGELSRDVEMIPSATSPIGVMLRKATLELQMQLELFARVHAKSSADTRGETPLPR
KRKETRKDGERDAREKKKDEGKDKDGGVGGRGLEEIGSRRSEDEWRERLSELRPFDARLAAVQRGFLLDGHRGVGKSCVL
NYLIPWARENNWLVVYEPLPSRYAREIGDIKRSSAGVYIQSSFSQEFLERLGRFNRRLLEELPVARRCYGQAALDGVHRL
YAERSYHSLLEKALEKDLDEIREQRDEELKRGSPHSGKDADLLDSQLREEILLARERLALWHTYRREVSIPSMKSRLPNP
ASVWEIAEFGLQNEAFATQALYEVWEQLKKQTQLNVLIAVDEWNECFPVSEYVSMRYEGTRFNGHIPAFHLSTPRLLSRF
DDAQQFQRGLKICATSWRRSNRRDYRPDLLGVRQEEIRTVRNFSPLEFANFVAYYHKKKILHEFPREKLDYFYMLSGGNG
FQARRLLASLYGG
;
HA
2 'polypeptide(L)'
;SSDSALISGAIVRAFNPERMKVFMHNGCEWLWQAEGTGTRKRAAAHVIIRRGTGQVRVNNDEDLYVRWPFYYNRMDVLQP
FFLTGTAGIYDLFIHVRGGGSSGQAGAVRLAVGRALVSACPACARLLEEDMVLYEDTRQRMPKMPGRMKARKMRTW
;
HB
3 'polypeptide(L)'
;ALSAYSLRSLIVTYNSRNRSSMNATIENLKNALRWTSPSESSSPSSAPSSAPSSAPSSSWSPPWPVPRRVGRRQWRVTYL
KSPFKYKYALRHYVFEDHRYAFAFYDVNSVQEVVSAALGAMAGETCCSCRFSWRFAGRPPVSLPTPPRLVPSSRAASLLS
SRSSSEDGEVSREPVEGGEKTSGVKKAPHLATVLRGHCPTDKEFIRRALEEEQAVERIRKKLDKKQLQWFPGKTPWAP
;
HC
4 'polypeptide(L)'
;LNPPPIAFPSFNRRCQKDWLARRAFAENEVNGRIYKNVYQNLGFKGPIPILNKVGQYRIRMRCISGGYSRGIFRFTRMAR
MGMLQLAREGWLKKYGYRPGLF
;
HD
5 'polypeptide(L)'
;ARRVGGIGRRCFLTLHCSACSFFFQTSDAIKLILTQQHHILRKKGETRFLSGASGDAVHLESVGASNEAQGNRPSSSSSP
SSSGGTRDKGVSRRVVAAAASSAASKFSLLPLADASLLLKRRGALVLRSLHGDPLVGSRRQRGEFAPQAPTAEMAKMLNK
SCVPCPRCKREGRWEEG
;
HE
6 'polypeptide(L)'
;YITSANFSEPVELLSLAEDLHKAEIYTQTTEKLEKQWPAAGGVAKGIQGDQFFDVMAAAVREDLQDQSRPVLVNELTDHE
NPYCMKREALRRLVLHACTRNCLDETLTDTLLDRRADLQRLRSKARLPPEVLEPLAAFVGITRFSFDRRARLNQKVTAVQ
HALRQISLDGVNTAELAEGQDEPTMDAEKVEAVLSVLPENFPSDALHPHHPFRNHFGFESSVPYGVVGSISMGKGRKKIE
KELARLRYPTLQRVAHSLPKDLKYRESVAHAIRVLERSRGWDFESKVKAVNALVEVWNRLAPGRTYEKILNHAFPVFRGR
GMVKKTRSRAAVFNKGLKYIRSLTTQKPLHARLQ
;
HF
7 'polypeptide(L)'
;PAERLHSLFARADVLAHLLHSRLALPLLYPLNSGGALTNPLNSAASPDSPAALNSIATSRWKREEVMSALATVTPLVLAA
TSVSRFLKTAHALSYFA
;
HG
8 'polypeptide(L)'
;PEAPQPPAGLHWSWWELYVKGVNPEYPPRQRMFAFLTAQGVDVLEMEIREIEDVTRWLEMSNVYGEKFPRFPYDVTFQDK
IEALKEKYPL
;
HH
9 'polypeptide(L)'
;AFRYRREGQFTKFRVHFDRSGFRPYIDELKWEIMDWHYKRAMGPQMKKTLMSYQEGSEKLQYMHDLIALGTAKAKFPHAT
KRFFFVPALPVTIPYRRSSNPFCLLSANKTGWLQWSPKQRVPFPQPLGKRKVGGTDPQPPVFPK
;
HI
10 'polypeptide(L)'
;LQELESFVGSALRTYRLLRPHALPFYKEDSLLSMQSKLNEATLKHSPLVHDLVELKKRNLSVPSDLLPPDFNALQFSLPV
VSARGFLLALSAAANSVAEDLEFLCRRLSVPNLPHPTHPFRLKLLLDALFESFKLRKDPHYAHDWAQRNWPRLQAAMPEP
LSELSADSVGLWLKAHLERVIENQRGRHADGRGRLLAQKFPLKSDEEDLYSLADDFIFDHEIVDEQFCDERLSQFPIDKA
GELFRRVADFFGLTKGPQPAVNDAVVAQFQNLVYTLDEIGLSNWMKMDTREIEEFLPEGDPPSFAASQQDLDAARLLLKA
AARGKANLLDFEALDPYKLLHGFDFKTVQEELATLPPNPFLTDADIDELFDITTAAVSMNQSEVAPSASLRNFKAKFGRT
PLEALLDSEEKFLTSAGPVDWLKDEDENGEAFVSWRWKRPA
;
HJ
11 'polypeptide(L)'
;EEDDSVYRQFACMRRVREEPRLRTALESFKVASKNATKTRGRAWSVYEGWPPRSRVRVGDEYSKVGPLQRRAFVFNRVDG
TGRRREPTLAFCCGNKPVLLLSEAEFEALVKKLPWIKHEMAEFKKLL
;
HK
12 'polypeptide(L)'
;RQAKKQTKLAAKNARKMKESKGLLLEGKKTALCMNLMQNTGIAWYRSLQVCKHLEMHRRAPVPRVTAGFREKVTQAVAVV
KLG
;
HL
13 'polypeptide(L)'
;FSSLRLSQKDARGSGYLPAQRFLSLLKASPEEYRSLLREATQAKIVDPAFLRVASQRFFALSDRFYPPEILDILSDFASF
PYSDEALLAAVAGRLEDQLVEPSPKRLAALLSLSARLGLCHPSIRDPLTKHIEEKMYAFDAALLDSLCRTVGSLLSPRLP
LLDGLATQAQLLASDLRAGEQSLETGDEVAQRRYIALLFRCLEGLSRQRYSQSALVDACVACAEQHGQAFPLHDTLRAVA
AARRLDLAGIEEPLRRSDMADKVNRATDRGDQLLALLRHLDLLRLRDSQLLQKVSEAVELHSQKAAFLATQLPEALLHLT
RLAPADLRLPVALLSQPSLLAMAPRLSAAQLQQLLSASALVLFQHIQRREGGQGGDPLIAREAEALAKTVERFLDLLKPQ
FLSLNLRDRRALKEAASLFLVEAKGAAKSSAASPQFALAPKTVDFCCFLEEADVAPPLPLAPSGGVDFQSVGLVEACSRL
VLCADARFSETRNSARGASEGDTKKGDSEKTSLPQTAGRDMEAAAKQRALLFVSPRDAFADARRSRGETVSKSSKAKERE
ETTTCKLGGVSTDLPVSITPQAASSLLLTQLALIRRGILRHEIQTCIPPP
;
HM
14 'polypeptide(L)' CMNKKNRLALRKRRRRMGERVSLRYR HN
15 'polypeptide(L)'
;TRGFRWDLCQRGRRRWVHINYPPRNRSTVQMLDESHEKLVFVCNGYIDRLDPRLLPERLRKRLERNRKAALTRFDGKLPW
GQAVESAIKRIHTPCLAFAQAHSHHLLEAFSMAEVLEIEKLIPEIREAFKASKAKLAEQEAQDKFTRHVSVDLVDLKEDP
VSFPFTLK
;
HO
16 'polypeptide(L)'
;KKKRGKKEKVILNAEQVATKTRLPPIRLEDRITPEPPATVARNIRSQISRAVAGWKTKRMFTYRNKYRLRRLVGMTHDID
SDDEFAQANARTRETNASTSKVSSSGCSTEKAEGVNGSTMGRRNRPSFAGRTFVTPLTKLQHQAALPRSPLHARFDFPHT
VHYDVFWGPPQVEEEPNKSGCWVSFRVADLKLSDSQEQRLLDILGPERYDEQTGVVCLEADVFPQLNHNAAYLGDILQQL
MREVKK
;
HP
17 'polypeptide(L)'
;LLDTGEIVPGAFASVKKVGDFPLLPLSLLLSRLKERRQELLRDWQVHAVRQAAVREPLAEATRENDGGAGPRAVEAFARE
EERIQRKIKILELLACGGLEENASSQGAIGDAKRIAFLAHADAVNLLLLLAAEAETLARPGEREETEGKEGSSAVGEISK
QEERQLWRLKCEGNEEKWNLCISRLKELALDHEDSFLVFYAMCSTNRFDAVLLPALLERLEASFFSSQALSKPLFHPIFE
VWDPPCESFAALINVLPLSAKAVVVTADRRSERERRENEGWLAPPEAPPLVLPNWQTMHPVDMEAWEKKQRRVVRTRHVK
AKIIRQADGRKLAATMALHGRQAIHRDAAVSSLVSVAAMCASNSQRALRGELLPETLNLLAAELLGRSADALSPHLLSLS
FLLSQSSVSLTERLFLHLEAVLRGWLEENGFVEKKQTENVDGESKELCTETASEKRRKASEEQLRNLPPGLNVFGLVQSS
PSSSDALLASGERSETSKSADTESALWESRVLAALLSSFLRVDDYRPSLDFVLLLSDALRNSLRRTAVLSSASESSAPLA
IHEKDVLSLKETGALLSSFATSGYAVPPSLMACLVEHFLYDVDLFLTSSPLSPFASSPSSSSSSAEEAEQLSQSFFCSSR
GRATPGDCATLLHSLASPSPLSSERLAAADKAGEQKTANLEKLRFEAMTQAWRLVAPVLHLLQPPCKLLILNSLQTAHAP
PDVSSTAFFQRSLETFLRDNPDVDSSLLGSLFGTQGR
;
HQ
18 'polypeptide(L)'
;RQEFFWPEKARRTRVPLYQNSRPNLVYDQRFRRFMCMWYANGVQVFRPFSCRGRRGGRGKEGLPDGLGIGRGSGTWERAR
AKAVVLLKQLQRQGHLDRLAKPDVTRSGVRGVYFDTEEKLWVATWNEHGLRRFKAFPTMEMGFDAAYQAAVAVRRQKLRE
NYIFSMQRNR
;
HR
19 'polypeptide(L)'
;TAPRVVRDRDETNFHEMLGKFRFDLQGSFKENGDMLRDSLLQVGRDLFLVGWVKCRSRFATGHIQGDVHALSYMRRYLEK
HVDESVSSVRFYEENFGMPLLEYERLSAVNDFRAPGKKQQH
;
HS
20 'polypeptide(L)'
;MRRLASPSLRRLQEGQTPHSMRKSAVADARKKIFGYACGMPGEEQWVRPLQGRQMMKWYWPSKYMLQDVQMAQYFQMQAM
RFAPRPAHVSLTTLSATMEQCWKKRDAVRAFFQSIDEKVLRENPTLQDLYGLYRTLCPDDPLRTPVDPALWRDPGFTWQH
TADQRIVSSSTNREQQGDPSEPAMATRRVAQEQATDKRHISPANINDDVAALLFSRTEQSGAIRNVCAASPYLHGGKNNR
SRDRFHNGAREANSSEEDSLEQPKSLILDTESRGTALSRSRTQECLLALSALAETGLGQSASELIQQPVVLRVDIGLGDR
EPVQDTTAFRKKQEQSRRTLQAALDHDERLARYHGAKHRFFDPLFRRRRLSFLDRFARERIKGEKARQLGAQLYVKHPDQ
KPVWP
;
HT
21 'polyribonucleotide' UAGACUAGCGUUGGAGCACAUUGUUUCAUUCGAUAGUCCACGCUCAAUCUUACCAUAC bN
22 'polyribonucleotide' GGAAGCUGGAAGACGGAAUCGUUAUUAAGCGCCAGGUAGUCCUGGACACUGAAUCC hB
23 'polyribonucleotide' UUUUUUUUUUUUUUU hD
24 'polyribonucleotide' UUCACCUAGCCAACACGAUCCGGUUGUUUGGGAACAAUUCCCUUCUAGAAGGGUAAUCUAUGUGCUAC hG
25 'polyribonucleotide' CGUAGCUGUAGAUGAAUGCUAAUUAUAGAGUAU hL
26 'polyribonucleotide' UUUUUUUUUU hM
27 'polyribonucleotide' UAUUGUGUUAGCAUGGUUUCGAGAACA hR
28 'polyribonucleotide' UUUUUUUUUUUUUUUUU hS
#
loop_
_chem_comp.id
_chem_comp.type
_chem_comp.name
_chem_comp.formula
A RNA linking ADENOSINE-5'-MONOPHOSPHATE 'C10 H14 N5 O7 P'
C RNA linking CYTIDINE-5'-MONOPHOSPHATE 'C9 H14 N3 O8 P'
G RNA linking GUANOSINE-5'-MONOPHOSPHATE 'C10 H14 N5 O8 P'
U RNA linking URIDINE-5'-MONOPHOSPHATE 'C9 H13 N2 O9 P'
#
# COMPACT_ATOMS: atom_id res chain seq x y z
N VAL A 1 7.42 -0.06 58.59
CA VAL A 1 8.25 0.20 57.39
C VAL A 1 8.82 -1.09 56.85
N GLY A 2 8.80 -1.25 55.54
CA GLY A 2 9.30 -2.44 54.87
C GLY A 2 8.39 -2.83 53.72
N VAL A 3 8.66 -3.99 53.14
CA VAL A 3 7.86 -4.51 52.03
C VAL A 3 6.42 -4.80 52.46
N GLU A 4 6.20 -5.17 53.71
CA GLU A 4 4.87 -5.48 54.23
C GLU A 4 3.97 -4.26 54.29
N ASP A 5 4.54 -3.08 54.52
CA ASP A 5 3.82 -1.82 54.60
C ASP A 5 3.98 -1.05 53.30
N VAL A 6 3.09 -1.33 52.36
CA VAL A 6 3.02 -0.70 51.05
C VAL A 6 1.63 -0.14 50.83
N GLY A 7 1.56 1.11 50.41
CA GLY A 7 0.31 1.78 50.12
C GLY A 7 -0.41 2.38 51.31
N ARG A 8 0.29 2.55 52.43
CA ARG A 8 -0.24 3.15 53.64
C ARG A 8 0.06 4.64 53.72
N PHE A 9 -0.77 5.34 54.47
CA PHE A 9 -0.64 6.78 54.69
C PHE A 9 0.07 7.04 56.01
N ARG A 10 1.06 7.91 55.98
CA ARG A 10 1.83 8.33 57.15
C ARG A 10 1.38 9.71 57.59
N LEU A 11 0.94 9.83 58.83
CA LEU A 11 0.52 11.09 59.40
C LEU A 11 1.69 12.05 59.52
N PHE A 12 1.44 13.32 59.26
CA PHE A 12 2.38 14.40 59.39
C PHE A 12 1.75 15.59 60.09
N ASP A 13 2.51 16.19 61.01
CA ASP A 13 2.09 17.36 61.73
C ASP A 13 2.02 18.57 60.80
N ARG A 14 0.97 19.36 60.93
CA ARG A 14 0.82 20.57 60.12
C ARG A 14 1.95 21.55 60.35
N HIS A 15 2.31 21.79 61.61
CA HIS A 15 3.37 22.72 61.96
C HIS A 15 4.75 22.21 61.57
N ARG A 16 5.04 20.93 61.82
CA ARG A 16 6.33 20.35 61.47
C ARG A 16 6.55 20.32 59.96
N LEU A 17 5.52 20.04 59.18
CA LEU A 17 5.65 19.98 57.72
C LEU A 17 6.03 21.34 57.15
N VAL A 18 5.45 22.42 57.66
CA VAL A 18 5.77 23.77 57.16
C VAL A 18 7.24 24.10 57.37
N GLU A 19 7.78 23.81 58.55
CA GLU A 19 9.18 24.07 58.85
C GLU A 19 10.10 23.24 57.96
N LEU A 20 9.77 21.96 57.75
CA LEU A 20 10.56 21.09 56.91
C LEU A 20 10.49 21.50 55.44
N LEU A 21 9.40 22.10 55.00
CA LEU A 21 9.17 22.52 53.64
C LEU A 21 8.72 23.99 53.62
N PRO A 22 9.64 24.92 53.89
CA PRO A 22 9.28 26.32 53.92
C PRO A 22 8.75 26.84 52.58
N GLU A 23 9.28 26.33 51.46
CA GLU A 23 8.85 26.76 50.15
C GLU A 23 7.39 26.40 49.89
N GLY A 24 7.00 25.18 50.25
CA GLY A 24 5.63 24.72 50.05
C GLY A 24 5.58 23.22 49.85
N LEU A 25 4.36 22.73 49.62
CA LEU A 25 4.14 21.32 49.35
C LEU A 25 4.72 20.91 48.00
N ALA A 26 5.11 19.65 47.91
CA ALA A 26 5.66 19.07 46.70
C ALA A 26 4.51 18.66 45.78
N GLY A 27 4.44 19.26 44.61
CA GLY A 27 3.42 19.00 43.63
C GLY A 27 2.13 19.76 43.90
N GLU A 28 1.04 19.21 43.39
CA GLU A 28 -0.30 19.78 43.49
C GLU A 28 -1.05 19.37 44.76
N LEU A 29 -0.34 18.93 45.79
CA LEU A 29 -0.96 18.51 47.04
C LEU A 29 -1.68 19.65 47.74
N SER A 30 -1.30 20.90 47.46
CA SER A 30 -1.95 22.06 48.07
C SER A 30 -3.43 22.16 47.68
N ARG A 31 -3.82 21.63 46.52
CA ARG A 31 -5.23 21.68 46.09
C ARG A 31 -6.11 20.67 46.84
N ASP A 32 -5.53 19.58 47.31
CA ASP A 32 -6.26 18.54 48.01
C ASP A 32 -6.34 18.77 49.52
N VAL A 33 -5.40 19.52 50.08
CA VAL A 33 -5.41 19.79 51.54
C VAL A 33 -6.43 20.85 51.90
N GLU A 34 -6.70 21.81 51.02
CA GLU A 34 -7.67 22.88 51.31
C GLU A 34 -9.12 22.38 51.35
N MET A 35 -9.39 21.21 50.78
CA MET A 35 -10.73 20.64 50.78
C MET A 35 -11.16 20.14 52.15
N ILE A 36 -10.21 19.80 53.02
CA ILE A 36 -10.53 19.30 54.35
C ILE A 36 -11.07 20.47 55.19
N PRO A 37 -12.27 20.37 55.78
CA PRO A 37 -12.79 21.47 56.59
C PRO A 37 -12.06 21.65 57.91
N SER A 38 -11.61 20.55 58.52
CA SER A 38 -10.88 20.60 59.78
C SER A 38 -9.51 21.25 59.57
N ALA A 39 -9.18 22.21 60.43
CA ALA A 39 -7.90 22.91 60.37
C ALA A 39 -6.78 22.22 61.14
N THR A 40 -7.13 21.40 62.13
CA THR A 40 -6.17 20.68 62.98
C THR A 40 -5.90 19.27 62.51
N SER A 41 -6.48 18.85 61.39
CA SER A 41 -6.28 17.52 60.85
C SER A 41 -4.87 17.35 60.31
N PRO A 42 -4.28 16.15 60.41
CA PRO A 42 -2.96 15.92 59.87
C PRO A 42 -2.98 15.71 58.36
N ILE A 43 -1.78 15.67 57.77
CA ILE A 43 -1.59 15.42 56.35
C ILE A 43 -0.99 14.04 56.17
N GLY A 44 -1.57 13.26 55.27
CA GLY A 44 -1.15 11.91 54.96
C GLY A 44 -0.65 11.80 53.53
N VAL A 45 0.38 10.98 53.35
CA VAL A 45 0.98 10.69 52.05
C VAL A 45 1.10 9.19 51.86
N MET A 46 0.64 8.70 50.72
CA MET A 46 0.71 7.29 50.41
C MET A 46 2.14 6.88 50.11
N LEU A 47 2.53 5.70 50.61
CA LEU A 47 3.84 5.12 50.35
C LEU A 47 3.76 4.17 49.17
N ARG A 48 3.99 4.69 47.98
CA ARG A 48 3.98 3.88 46.77
C ARG A 48 5.18 2.94 46.72
N LYS A 49 5.08 1.91 45.89
CA LYS A 49 6.19 0.96 45.71
C LYS A 49 7.41 1.61 45.07
N ALA A 50 7.21 2.64 44.24
CA ALA A 50 8.32 3.33 43.60
C ALA A 50 9.27 3.99 44.60
N THR A 51 8.76 4.38 45.77
CA THR A 51 9.60 5.00 46.80
C THR A 51 10.48 3.97 47.49
N LEU A 52 10.00 2.74 47.69
CA LEU A 52 10.79 1.71 48.38
C LEU A 52 12.07 1.38 47.62
N GLU A 53 11.98 1.24 46.30
CA GLU A 53 13.17 0.96 45.49
C GLU A 53 14.17 2.12 45.55
N LEU A 54 13.70 3.36 45.52
CA LEU A 54 14.57 4.54 45.58
C LEU A 54 15.15 4.77 46.97
N GLN A 55 14.37 4.54 48.02
CA GLN A 55 14.84 4.77 49.39
C GLN A 55 15.99 3.82 49.75
N MET A 56 15.92 2.56 49.31
CA MET A 56 16.98 1.60 49.61
C MET A 56 18.33 2.02 49.02
N GLN A 57 18.32 2.60 47.81
CA GLN A 57 19.57 3.02 47.18
C GLN A 57 20.29 4.09 48.00
N LEU A 58 19.52 5.05 48.56
CA LEU A 58 20.11 6.11 49.36
C LEU A 58 20.76 5.56 50.63
N GLU A 59 20.18 4.52 51.23
CA GLU A 59 20.72 3.95 52.46
C GLU A 59 22.13 3.39 52.23
N LEU A 60 22.33 2.64 51.14
CA LEU A 60 23.65 2.09 50.84
C LEU A 60 24.64 3.19 50.44
N PHE A 61 24.18 4.24 49.76
CA PHE A 61 25.06 5.31 49.34
C PHE A 61 25.70 6.03 50.53
N ALA A 62 24.94 6.25 51.61
CA ALA A 62 25.46 6.92 52.80
C ALA A 62 26.50 6.06 53.52
N ARG A 63 26.26 4.75 53.62
CA ARG A 63 27.18 3.86 54.34
C ARG A 63 28.52 3.69 53.64
N VAL A 64 28.55 3.71 52.31
CA VAL A 64 29.80 3.53 51.57
C VAL A 64 30.79 4.66 51.91
N HIS A 65 30.31 5.90 51.92
CA HIS A 65 31.13 7.06 52.24
C HIS A 65 31.25 7.21 53.76
N ALA A 66 32.21 6.51 54.35
CA ALA A 66 32.45 6.55 55.78
C ALA A 66 33.89 6.14 56.11
N LEU A 139 33.09 1.49 44.31
CA LEU A 139 32.26 1.73 43.12
C LEU A 139 30.98 0.91 43.15
N ALA A 140 30.54 0.50 44.34
CA ALA A 140 29.33 -0.30 44.50
C ALA A 140 28.07 0.54 44.49
N ALA A 141 28.13 1.75 45.07
CA ALA A 141 26.96 2.63 45.12
C ALA A 141 26.81 3.40 43.81
N VAL A 142 25.56 3.75 43.49
CA VAL A 142 25.27 4.54 42.30
C VAL A 142 25.85 5.95 42.45
N GLN A 143 26.37 6.49 41.35
CA GLN A 143 26.98 7.82 41.30
C GLN A 143 26.37 8.64 40.17
N ARG A 144 25.06 8.56 40.01
CA ARG A 144 24.35 9.30 38.98
C ARG A 144 22.90 9.50 39.40
N GLY A 145 22.27 10.51 38.81
CA GLY A 145 20.88 10.80 39.10
C GLY A 145 19.92 9.85 38.40
N PHE A 146 18.67 9.90 38.83
CA PHE A 146 17.59 9.10 38.26
C PHE A 146 16.61 10.01 37.52
N LEU A 147 15.55 9.41 36.98
CA LEU A 147 14.51 10.14 36.29
C LEU A 147 13.19 9.37 36.39
N LEU A 148 12.14 10.05 36.84
CA LEU A 148 10.82 9.46 36.95
C LEU A 148 9.99 9.90 35.74
N ASP A 149 9.54 8.92 34.98
CA ASP A 149 8.76 9.14 33.77
C ASP A 149 7.49 8.29 33.80
N GLY A 150 6.62 8.48 32.81
CA GLY A 150 5.40 7.70 32.68
C GLY A 150 4.35 8.41 31.84
N GLY A 155 1.72 9.82 38.82
CA GLY A 155 2.06 9.87 40.25
C GLY A 155 3.56 9.96 40.49
N LYS A 156 4.31 10.47 39.52
CA LYS A 156 5.77 10.58 39.63
C LYS A 156 6.17 11.63 40.66
N SER A 157 5.43 12.73 40.75
CA SER A 157 5.71 13.81 41.69
C SER A 157 5.15 13.57 43.08
N CYS A 158 4.30 12.55 43.27
CA CYS A 158 3.74 12.27 44.59
C CYS A 158 4.81 11.82 45.58
N VAL A 159 5.78 11.03 45.12
CA VAL A 159 6.84 10.53 45.98
C VAL A 159 7.70 11.66 46.55
N LEU A 160 7.78 12.80 45.88
CA LEU A 160 8.57 13.94 46.35
C LEU A 160 8.06 14.45 47.69
N ASN A 161 6.76 14.33 47.96
CA ASN A 161 6.19 14.75 49.23
C ASN A 161 6.61 13.87 50.41
N TYR A 162 7.19 12.70 50.16
CA TYR A 162 7.65 11.78 51.18
C TYR A 162 9.15 11.53 51.18
N LEU A 163 9.83 11.71 50.06
CA LEU A 163 11.27 11.47 49.98
C LEU A 163 12.11 12.65 50.49
N ILE A 164 11.65 13.87 50.25
CA ILE A 164 12.36 15.08 50.67
C ILE A 164 12.28 15.27 52.18
N PRO A 165 11.09 15.22 52.79
CA PRO A 165 11.01 15.40 54.23
C PRO A 165 11.80 14.36 55.01
N TRP A 166 11.79 13.10 54.55
CA TRP A 166 12.53 12.05 55.19
C TRP A 166 14.04 12.27 55.11
N ALA A 167 14.55 12.66 53.94
CA ALA A 167 15.97 12.89 53.78
C ALA A 167 16.44 14.06 54.66
N ARG A 168 15.68 15.15 54.69
CA ARG A 168 16.03 16.32 55.50
C ARG A 168 16.12 15.99 56.98
N GLU A 169 15.30 15.05 57.45
CA GLU A 169 15.33 14.59 58.83
C GLU A 169 16.56 13.76 59.17
N ASN A 170 17.31 13.31 58.18
CA ASN A 170 18.51 12.49 58.36
C ASN A 170 19.79 13.30 58.18
N ASN A 171 19.74 14.62 58.33
CA ASN A 171 20.90 15.50 58.19
C ASN A 171 21.47 15.43 56.77
N TRP A 172 20.62 15.72 55.79
CA TRP A 172 20.99 15.76 54.38
C TRP A 172 20.71 17.13 53.81
N LEU A 173 21.68 17.69 53.09
CA LEU A 173 21.52 18.99 52.45
C LEU A 173 20.74 18.81 51.16
N VAL A 174 19.44 19.08 51.21
CA VAL A 174 18.54 18.90 50.08
C VAL A 174 18.20 20.26 49.49
N VAL A 175 18.34 20.39 48.18
CA VAL A 175 17.99 21.60 47.43
C VAL A 175 16.57 21.43 46.91
N TYR A 176 15.65 22.22 47.46
CA TYR A 176 14.25 22.15 47.12
C TYR A 176 13.88 23.19 46.08
N GLU A 177 13.21 22.75 45.02
CA GLU A 177 12.79 23.61 43.92
C GLU A 177 11.60 22.98 43.18
N PRO A 178 10.38 23.07 43.73
CA PRO A 178 9.23 22.45 43.09
C PRO A 178 8.68 23.25 41.90
N LEU A 179 8.99 24.55 41.85
CA LEU A 179 8.53 25.47 40.84
C LEU A 179 9.71 26.25 40.27
N PRO A 180 10.59 25.60 39.50
CA PRO A 180 11.73 26.29 38.91
C PRO A 180 11.35 27.23 37.77
N SER A 181 10.19 27.04 37.15
CA SER A 181 9.76 27.89 36.03
C SER A 181 9.31 29.28 36.47
N ARG A 182 9.12 29.53 37.76
CA ARG A 182 8.69 30.84 38.24
C ARG A 182 9.67 31.94 37.86
N TYR A 183 10.94 31.59 37.69
CA TYR A 183 11.98 32.55 37.31
C TYR A 183 12.11 32.72 35.80
N ALA A 184 11.19 32.18 35.01
CA ALA A 184 11.24 32.29 33.55
C ALA A 184 9.94 32.79 32.93
N ARG A 185 8.82 32.82 33.65
CA ARG A 185 7.52 33.27 33.13
C ARG A 185 6.87 34.34 34.01
N GLU A 186 7.69 35.19 34.61
CA GLU A 186 7.28 36.26 35.49
C GLU A 186 8.00 37.55 35.12
N ILE A 187 7.64 38.64 35.79
CA ILE A 187 8.27 39.93 35.56
C ILE A 187 9.71 39.88 36.02
N GLY A 188 10.63 40.25 35.13
CA GLY A 188 12.05 40.22 35.42
C GLY A 188 12.84 41.18 34.56
N ASP A 189 14.16 41.07 34.62
CA ASP A 189 15.08 41.92 33.86
C ASP A 189 16.10 41.05 33.12
N ILE A 190 16.46 41.47 31.92
CA ILE A 190 17.44 40.79 31.08
C ILE A 190 18.41 41.83 30.54
N LYS A 191 19.70 41.50 30.57
CA LYS A 191 20.76 42.35 30.03
C LYS A 191 21.67 41.51 29.16
N ARG A 192 21.68 41.78 27.86
CA ARG A 192 22.52 41.05 26.91
C ARG A 192 23.99 41.32 27.21
N SER A 193 24.82 40.32 26.95
CA SER A 193 26.27 40.39 27.14
C SER A 193 26.98 39.64 26.02
N SER A 194 28.29 39.76 25.95
CA SER A 194 29.10 39.08 24.95
C SER A 194 29.09 37.56 25.12
N ALA A 195 28.93 37.05 26.35
CA ALA A 195 28.91 35.61 26.58
C ALA A 195 27.70 34.92 25.94
N GLY A 196 26.64 35.68 25.61
CA GLY A 196 25.44 35.13 25.00
C GLY A 196 24.48 34.48 25.99
N VAL A 197 24.69 34.64 27.29
CA VAL A 197 23.82 34.10 28.33
C VAL A 197 23.14 35.26 29.04
N TYR A 198 21.81 35.30 28.99
CA TYR A 198 21.05 36.35 29.65
C TYR A 198 21.01 36.09 31.15
N ILE A 199 21.08 37.15 31.93
CA ILE A 199 21.05 37.09 33.39
C ILE A 199 19.76 37.73 33.90
N GLN A 200 19.40 37.38 35.13
CA GLN A 200 18.22 37.91 35.80
C GLN A 200 18.62 38.36 37.19
N SER A 201 18.90 39.65 37.35
CA SER A 201 19.27 40.20 38.65
C SER A 201 18.13 40.09 39.66
N SER A 202 16.89 40.34 39.22
CA SER A 202 15.73 40.27 40.11
C SER A 202 15.50 38.87 40.65
N PHE A 203 15.58 37.85 39.78
CA PHE A 203 15.34 36.47 40.20
C PHE A 203 16.57 35.80 40.81
N SER A 204 17.76 36.35 40.61
CA SER A 204 18.97 35.76 41.17
C SER A 204 18.99 35.82 42.69
N GLN A 205 18.43 36.87 43.29
CA GLN A 205 18.42 37.02 44.74
C GLN A 205 17.46 36.03 45.43
N GLU A 206 16.34 35.72 44.79
CA GLU A 206 15.35 34.82 45.37
C GLU A 206 15.83 33.38 45.46
N PHE A 207 16.77 32.98 44.61
CA PHE A 207 17.27 31.60 44.62
C PHE A 207 17.97 31.28 45.94
N LEU A 208 18.88 32.15 46.38
CA LEU A 208 19.62 31.94 47.63
C LEU A 208 18.76 32.24 48.85
N GLU A 209 17.88 33.24 48.78
CA GLU A 209 17.06 33.59 49.93
C GLU A 209 16.14 32.44 50.35
N ARG A 210 15.52 31.77 49.38
CA ARG A 210 14.63 30.64 49.66
C ARG A 210 15.38 29.39 50.06
N LEU A 211 16.62 29.20 49.59
CA LEU A 211 17.39 28.01 49.91
C LEU A 211 17.90 28.01 51.34
N GLY A 212 18.18 29.19 51.91
CA GLY A 212 18.72 29.33 53.25
C GLY A 212 17.69 29.27 54.37
N ARG A 213 16.40 29.12 54.06
CA ARG A 213 15.34 29.09 55.06
C ARG A 213 15.49 27.91 56.02
N PHE A 214 15.77 26.73 55.48
CA PHE A 214 15.91 25.50 56.25
C PHE A 214 17.30 24.89 56.19
N ASN A 215 18.09 25.20 55.17
CA ASN A 215 19.45 24.66 55.03
C ASN A 215 20.50 25.45 55.82
N ARG A 216 20.08 26.34 56.71
CA ARG A 216 21.00 27.13 57.52
C ARG A 216 21.64 26.26 58.61
N ARG A 217 22.59 26.87 59.32
CA ARG A 217 23.33 26.19 60.40
C ARG A 217 24.33 25.16 59.90
N LEU A 218 24.36 24.93 58.58
CA LEU A 218 25.26 23.95 57.96
C LEU A 218 26.19 24.59 56.95
N LEU A 219 25.70 25.52 56.12
CA LEU A 219 26.55 26.18 55.14
C LEU A 219 27.68 26.97 55.81
N GLU A 220 27.35 27.70 56.88
CA GLU A 220 28.37 28.48 57.60
C GLU A 220 29.45 27.59 58.20
N GLU A 221 29.07 26.44 58.77
CA GLU A 221 30.03 25.52 59.37
C GLU A 221 30.91 24.87 58.31
N LEU A 222 30.40 24.67 57.09
CA LEU A 222 31.17 24.07 56.02
C LEU A 222 32.32 24.99 55.61
N PRO A 223 33.54 24.46 55.43
CA PRO A 223 34.66 25.27 55.00
C PRO A 223 34.58 25.59 53.51
N VAL A 224 35.54 26.38 53.02
CA VAL A 224 35.64 26.77 51.62
C VAL A 224 37.02 26.42 51.10
N ALA A 225 37.07 25.81 49.92
CA ALA A 225 38.33 25.45 49.29
C ALA A 225 39.02 26.68 48.71
N ARG A 226 40.32 26.55 48.44
CA ARG A 226 41.14 27.62 47.88
C ARG A 226 41.45 27.45 46.40
N ARG A 227 41.15 26.28 45.83
CA ARG A 227 41.46 25.98 44.42
C ARG A 227 40.42 26.49 43.43
N CYS A 228 39.30 27.03 43.91
CA CYS A 228 38.20 27.52 43.08
C CYS A 228 37.79 28.93 43.51
N TYR A 229 38.79 29.79 43.72
CA TYR A 229 38.56 31.10 44.32
C TYR A 229 37.64 31.98 43.47
N GLY A 230 38.10 32.41 42.30
CA GLY A 230 37.41 33.47 41.55
C GLY A 230 37.42 33.31 40.03
N GLN A 231 37.47 32.08 39.53
CA GLN A 231 37.57 31.82 38.09
C GLN A 231 36.23 31.84 37.35
N ALA A 232 35.24 32.58 37.86
CA ALA A 232 33.95 32.73 37.23
C ALA A 232 33.72 34.19 36.84
N ALA A 233 33.07 34.39 35.70
CA ALA A 233 32.76 35.72 35.18
C ALA A 233 31.51 36.28 35.87
N LEU A 234 31.10 37.47 35.44
CA LEU A 234 29.92 38.12 36.01
C LEU A 234 28.66 37.30 35.77
N ASP A 235 28.52 36.74 34.56
CA ASP A 235 27.35 35.94 34.19
C ASP A 235 27.49 34.47 34.57
N GLY A 236 28.49 34.13 35.39
CA GLY A 236 28.74 32.75 35.79
C GLY A 236 29.51 31.92 34.76
N VAL A 237 29.94 32.52 33.67
CA VAL A 237 30.70 31.83 32.63
C VAL A 237 32.15 31.68 33.08
N HIS A 238 32.77 30.54 32.76
CA HIS A 238 34.16 30.31 33.13
C HIS A 238 35.09 31.26 32.38
N ARG A 239 36.26 31.52 32.95
CA ARG A 239 37.25 32.39 32.30
C ARG A 239 37.68 31.87 30.94
N LEU A 240 37.95 30.57 30.85
CA LEU A 240 38.38 29.97 29.58
C LEU A 240 37.30 30.11 28.49
N TYR A 241 36.04 29.88 28.85
CA TYR A 241 34.94 29.96 27.89
C TYR A 241 34.55 31.41 27.57
N ALA A 242 34.65 32.32 28.54
CA ALA A 242 34.28 33.71 28.31
C ALA A 242 35.26 34.41 27.37
N GLU A 243 36.56 34.18 27.52
CA GLU A 243 37.56 34.85 26.68
C GLU A 243 37.52 34.37 25.23
N ARG A 244 36.90 33.22 24.96
CA ARG A 244 36.81 32.70 23.59
C ARG A 244 35.92 33.57 22.71
N SER A 245 34.97 34.31 23.30
CA SER A 245 34.08 35.16 22.52
C SER A 245 34.85 36.31 21.84
N TYR A 246 35.97 36.74 22.43
CA TYR A 246 36.79 37.83 21.89
C TYR A 246 37.88 37.34 20.94
N HIS A 247 37.94 36.04 20.64
CA HIS A 247 38.97 35.52 19.73
C HIS A 247 38.86 36.14 18.35
N SER A 248 37.63 36.30 17.83
CA SER A 248 37.44 36.89 16.51
C SER A 248 37.93 38.34 16.46
N LEU A 249 37.65 39.14 17.49
CA LEU A 249 38.05 40.54 17.50
C LEU A 249 39.58 40.65 17.52
N LEU A 250 40.25 39.85 18.34
CA LEU A 250 41.71 39.89 18.43
C LEU A 250 42.39 39.32 17.19
N GLU A 251 41.73 38.40 16.48
CA GLU A 251 42.31 37.80 15.27
C GLU A 251 42.56 38.85 14.19
N LYS A 252 41.60 39.75 13.97
CA LYS A 252 41.75 40.81 12.97
C LYS A 252 42.73 41.89 13.42
N ALA A 253 42.80 42.18 14.71
CA ALA A 253 43.70 43.21 15.22
C ALA A 253 45.18 42.84 14.96
N LEU A 254 45.55 41.57 15.18
CA LEU A 254 46.93 41.14 14.97
C LEU A 254 47.30 41.08 13.50
N GLU A 255 46.34 40.73 12.64
CA GLU A 255 46.62 40.61 11.20
C GLU A 255 47.06 41.96 10.61
N LYS A 256 46.41 43.05 11.01
CA LYS A 256 46.75 44.38 10.49
C LYS A 256 48.06 44.90 11.06
N ASP A 257 48.40 44.50 12.29
CA ASP A 257 49.63 44.97 12.95
C ASP A 257 50.88 44.18 12.55
N LEU A 258 50.73 43.11 11.76
CA LEU A 258 51.87 42.30 11.34
C LEU A 258 52.70 42.96 10.24
N ASP A 259 52.21 44.03 9.61
CA ASP A 259 52.94 44.68 8.53
C ASP A 259 54.25 45.31 9.02
N GLU A 260 54.32 45.68 10.30
CA GLU A 260 55.53 46.27 10.85
C GLU A 260 56.73 45.32 10.76
N ILE A 261 56.51 44.03 11.06
CA ILE A 261 57.58 43.03 11.05
C ILE A 261 57.65 42.28 9.71
N ARG A 262 56.55 42.19 8.97
CA ARG A 262 56.54 41.48 7.69
C ARG A 262 57.50 42.14 6.70
N GLU A 263 57.47 43.47 6.63
CA GLU A 263 58.35 44.23 5.75
C GLU A 263 59.63 44.61 6.50
N GLN A 264 60.73 43.93 6.19
CA GLN A 264 62.03 44.21 6.79
C GLN A 264 62.52 45.62 6.45
N LEU A 283 63.14 34.07 1.72
CA LEU A 283 64.28 34.40 0.86
C LEU A 283 65.55 33.75 1.36
N ASP A 284 65.82 33.86 2.66
CA ASP A 284 66.99 33.28 3.29
C ASP A 284 66.74 31.79 3.49
N SER A 285 67.20 30.97 2.56
CA SER A 285 67.02 29.52 2.59
C SER A 285 65.58 29.09 2.31
N GLN A 286 64.65 30.06 2.18
CA GLN A 286 63.26 29.81 1.87
C GLN A 286 62.51 29.02 2.95
N LEU A 287 63.18 28.68 4.05
CA LEU A 287 62.59 27.88 5.13
C LEU A 287 62.63 28.63 6.45
N ARG A 288 63.80 29.13 6.83
CA ARG A 288 63.94 29.82 8.13
C ARG A 288 63.31 31.20 8.12
N GLU A 289 63.31 31.87 6.96
CA GLU A 289 62.74 33.21 6.88
C GLU A 289 61.24 33.20 7.22
N GLU A 290 60.51 32.22 6.69
CA GLU A 290 59.08 32.11 6.98
C GLU A 290 58.82 31.67 8.42
N ILE A 291 59.63 30.76 8.96
CA ILE A 291 59.44 30.29 10.33
C ILE A 291 59.65 31.42 11.33
N LEU A 292 60.69 32.25 11.12
CA LEU A 292 60.96 33.36 12.02
C LEU A 292 59.79 34.34 12.08
N LEU A 293 59.17 34.65 10.93
CA LEU A 293 58.03 35.55 10.91
C LEU A 293 56.85 34.98 11.71
N ALA A 294 56.58 33.68 11.57
CA ALA A 294 55.51 33.04 12.31
C ALA A 294 55.76 33.04 13.82
N ARG A 295 57.02 33.00 14.26
CA ARG A 295 57.33 32.99 15.70
C ARG A 295 56.85 34.27 16.39
N GLU A 296 56.79 35.38 15.67
CA GLU A 296 56.31 36.63 16.26
C GLU A 296 54.85 36.55 16.66
N ARG A 297 54.03 35.81 15.92
CA ARG A 297 52.60 35.68 16.24
C ARG A 297 52.41 35.02 17.61
N LEU A 298 53.17 33.98 17.92
CA LEU A 298 53.04 33.30 19.21
C LEU A 298 53.38 34.24 20.37
N ALA A 299 54.46 35.01 20.24
CA ALA A 299 54.85 35.93 21.30
C ALA A 299 53.78 37.00 21.54
N LEU A 300 53.22 37.57 20.47
CA LEU A 300 52.20 38.62 20.61
C LEU A 300 50.86 38.04 21.11
N TRP A 301 50.47 36.85 20.66
CA TRP A 301 49.21 36.26 21.10
C TRP A 301 49.22 35.96 22.59
N HIS A 302 50.34 35.46 23.12
CA HIS A 302 50.40 35.15 24.55
C HIS A 302 50.22 36.41 25.40
N THR A 303 50.84 37.51 25.01
CA THR A 303 50.71 38.77 25.74
C THR A 303 49.33 39.40 25.56
N TYR A 304 48.71 39.22 24.38
CA TYR A 304 47.39 39.79 24.13
C TYR A 304 46.29 39.09 24.90
N ARG A 305 46.45 37.82 25.24
CA ARG A 305 45.46 37.05 26.00
C ARG A 305 45.54 37.24 27.50
N ARG A 306 46.38 38.16 27.99
CA ARG A 306 46.55 38.39 29.42
C ARG A 306 46.56 39.86 29.83
N GLU A 307 46.28 40.77 28.91
CA GLU A 307 46.29 42.20 29.21
C GLU A 307 44.96 42.86 28.85
N VAL A 308 44.38 42.48 27.70
CA VAL A 308 43.11 43.08 27.27
C VAL A 308 41.95 42.62 28.16
N SER A 309 41.94 41.35 28.56
CA SER A 309 40.88 40.80 29.40
C SER A 309 41.18 41.09 30.85
N ILE A 310 40.18 41.62 31.57
CA ILE A 310 40.31 41.95 32.99
C ILE A 310 39.12 41.35 33.75
N PRO A 311 39.11 40.04 33.97
CA PRO A 311 38.01 39.42 34.71
C PRO A 311 37.94 39.94 36.15
N SER A 312 36.72 39.94 36.70
CA SER A 312 36.48 40.37 38.08
C SER A 312 36.64 39.16 38.99
N MET A 313 37.72 39.13 39.76
CA MET A 313 38.01 38.03 40.68
C MET A 313 37.43 38.28 42.07
N LYS A 314 36.14 38.65 42.15
CA LYS A 314 35.44 38.91 43.43
C LYS A 314 36.34 39.64 44.43
N SER A 315 36.87 40.78 43.99
CA SER A 315 37.76 41.60 44.82
C SER A 315 37.08 42.13 46.07
N ARG A 316 35.76 42.12 46.14
CA ARG A 316 35.02 42.57 47.32
C ARG A 316 35.37 41.75 48.57
N LEU A 317 35.65 40.46 48.40
CA LEU A 317 36.02 39.56 49.49
C LEU A 317 37.41 38.97 49.21
N PRO A 318 38.48 39.61 49.69
CA PRO A 318 39.83 39.13 49.39
C PRO A 318 40.08 37.70 49.86
N ASN A 319 39.86 37.43 51.14
CA ASN A 319 40.13 36.13 51.75
C ASN A 319 38.87 35.63 52.46
N PRO A 320 38.08 34.76 51.81
CA PRO A 320 36.90 34.19 52.46
C PRO A 320 37.31 33.16 53.51
N ALA A 321 36.36 32.82 54.38
CA ALA A 321 36.57 31.82 55.43
C ALA A 321 35.53 30.70 55.37
N SER A 322 34.35 30.99 54.85
CA SER A 322 33.26 30.03 54.74
C SER A 322 32.49 30.30 53.45
N VAL A 323 31.42 29.54 53.22
CA VAL A 323 30.57 29.69 52.04
C VAL A 323 29.28 30.43 52.31
N TRP A 324 28.81 30.46 53.55
CA TRP A 324 27.56 31.16 53.90
C TRP A 324 27.78 32.61 54.34
N GLU A 325 29.04 33.04 54.47
CA GLU A 325 29.38 34.39 54.90
C GLU A 325 29.38 35.41 53.75
N ILE A 326 28.87 35.04 52.59
CA ILE A 326 28.78 35.95 51.44
C ILE A 326 27.49 36.77 51.53
N ALA A 327 27.52 37.82 52.35
CA ALA A 327 26.37 38.71 52.48
C ALA A 327 26.40 39.86 51.47
N GLU A 328 27.55 40.14 50.86
CA GLU A 328 27.66 41.21 49.88
C GLU A 328 26.82 40.92 48.64
N PHE A 329 26.57 39.64 48.33
CA PHE A 329 25.73 39.28 47.19
C PHE A 329 24.30 39.80 47.38
N GLY A 330 23.75 39.69 48.58
CA GLY A 330 22.41 40.21 48.84
C GLY A 330 22.35 41.73 48.86
N LEU A 331 23.47 42.39 49.20
CA LEU A 331 23.50 43.85 49.24
C LEU A 331 23.45 44.44 47.83
N GLN A 332 24.41 44.08 46.99
CA GLN A 332 24.45 44.56 45.61
C GLN A 332 23.70 43.61 44.69
N ASN A 333 22.79 44.15 43.89
CA ASN A 333 21.99 43.33 42.96
C ASN A 333 22.17 43.74 41.49
N GLU A 334 22.57 44.97 41.21
CA GLU A 334 22.73 45.40 39.81
C GLU A 334 23.88 44.68 39.10
N ALA A 335 25.00 44.43 39.80
CA ALA A 335 26.18 43.80 39.20
C ALA A 335 26.43 42.42 39.80
N PHE A 336 26.59 42.35 41.12
CA PHE A 336 26.90 41.10 41.80
C PHE A 336 25.63 40.32 42.13
N ALA A 337 25.02 39.71 41.13
CA ALA A 337 23.82 38.91 41.32
C ALA A 337 24.02 37.50 40.78
N THR A 338 24.71 37.34 39.66
CA THR A 338 24.88 36.02 39.04
C THR A 338 26.25 35.41 39.33
N GLN A 339 27.26 36.23 39.59
CA GLN A 339 28.61 35.72 39.86
C GLN A 339 28.63 34.88 41.14
N ALA A 340 27.94 35.35 42.19
CA ALA A 340 27.89 34.60 43.44
C ALA A 340 27.02 33.34 43.31
N LEU A 341 25.99 33.37 42.46
CA LEU A 341 25.11 32.21 42.29
C LEU A 341 25.89 31.00 41.76
N TYR A 342 26.73 31.20 40.76
CA TYR A 342 27.53 30.10 40.20
C TYR A 342 28.70 29.71 41.09
N GLU A 343 29.21 30.63 41.92
CA GLU A 343 30.34 30.31 42.80
C GLU A 343 29.97 29.21 43.79
N VAL A 344 28.77 29.28 44.37
CA VAL A 344 28.32 28.24 45.30
C VAL A 344 28.08 26.93 44.56
N TRP A 345 27.57 26.98 43.34
CA TRP A 345 27.29 25.77 42.57
C TRP A 345 28.57 24.97 42.32
N GLU A 346 29.64 25.65 41.91
CA GLU A 346 30.92 24.97 41.68
C GLU A 346 31.57 24.50 42.98
N GLN A 347 31.41 25.26 44.07
CA GLN A 347 32.01 24.90 45.34
C GLN A 347 31.48 23.57 45.87
N LEU A 348 30.21 23.23 45.58
CA LEU A 348 29.59 21.97 46.02
C LEU A 348 29.83 20.81 45.04
N LYS A 349 31.05 20.68 44.53
CA LYS A 349 31.45 19.49 43.74
C LYS A 349 32.80 18.95 44.15
N LYS A 350 33.73 19.85 44.48
CA LYS A 350 35.13 19.47 44.73
C LYS A 350 35.30 18.77 46.06
N GLN A 351 35.06 19.49 47.15
CA GLN A 351 35.23 18.93 48.48
C GLN A 351 34.05 18.04 48.85
N THR A 352 34.29 17.12 49.79
CA THR A 352 33.29 16.15 50.24
C THR A 352 33.31 16.10 51.76
N GLN A 353 32.31 16.72 52.39
CA GLN A 353 32.18 16.71 53.85
C GLN A 353 30.81 16.21 54.29
N LEU A 354 29.78 16.56 53.54
CA LEU A 354 28.40 16.18 53.83
C LEU A 354 27.70 15.73 52.55
N ASN A 355 26.71 14.85 52.72
CA ASN A 355 25.91 14.39 51.61
C ASN A 355 24.93 15.47 51.17
N VAL A 356 24.78 15.63 49.87
CA VAL A 356 23.90 16.65 49.29
C VAL A 356 22.85 15.96 48.42
N LEU A 357 21.84 16.72 48.01
CA LEU A 357 20.80 16.21 47.14
C LEU A 357 20.11 17.38 46.45
N ILE A 358 19.75 17.20 45.19
CA ILE A 358 19.05 18.21 44.40
C ILE A 358 17.82 17.56 43.79
N ALA A 359 16.67 18.20 43.95
CA ALA A 359 15.41 17.73 43.37
C ALA A 359 14.78 18.87 42.58
N VAL A 360 14.61 18.65 41.28
CA VAL A 360 14.01 19.64 40.38
C VAL A 360 12.73 19.01 39.81
N ASP A 361 11.59 19.57 40.18
CA ASP A 361 10.30 19.10 39.70
C ASP A 361 9.93 19.78 38.39
N GLU A 362 8.96 19.21 37.70
CA GLU A 362 8.45 19.72 36.43
C GLU A 362 9.59 20.14 35.51
N TRP A 363 10.46 19.17 35.22
CA TRP A 363 11.63 19.40 34.37
C TRP A 363 11.31 19.39 32.88
N ASN A 364 10.07 19.09 32.50
CA ASN A 364 9.67 19.04 31.10
C ASN A 364 9.30 20.42 30.53
N GLU A 365 9.24 21.44 31.35
CA GLU A 365 8.89 22.80 30.93
C GLU A 365 10.08 23.76 30.94
N CYS A 366 11.31 23.22 31.03
CA CYS A 366 12.52 24.04 30.99
C CYS A 366 13.15 24.14 29.59
N PHE A 367 12.94 23.14 28.74
CA PHE A 367 13.44 23.13 27.37
C PHE A 367 12.61 24.00 26.42
N PRO A 368 11.27 23.92 26.48
CA PRO A 368 10.45 24.73 25.62
C PRO A 368 10.75 26.22 25.71
N VAL A 369 10.28 26.98 24.73
CA VAL A 369 10.48 28.42 24.71
C VAL A 369 9.85 29.08 25.91
N SER A 370 10.41 30.22 26.30
CA SER A 370 9.89 31.07 27.36
C SER A 370 8.95 32.13 26.81
N GLU A 371 8.38 32.92 27.70
CA GLU A 371 7.49 34.04 27.38
C GLU A 371 8.22 35.34 27.03
N TYR A 372 9.55 35.34 27.09
CA TYR A 372 10.36 36.51 26.77
C TYR A 372 10.39 36.77 25.27
N VAL A 373 10.75 38.00 24.92
CA VAL A 373 10.85 38.48 23.55
C VAL A 373 12.20 39.13 23.35
N SER A 374 12.87 38.78 22.25
CA SER A 374 14.15 39.32 21.87
C SER A 374 14.31 39.25 20.35
N MET A 375 15.51 39.49 19.86
CA MET A 375 15.89 39.49 18.45
C MET A 375 16.95 38.44 18.16
N ARG A 376 16.79 37.26 18.76
CA ARG A 376 17.69 36.12 18.60
C ARG A 376 17.07 34.96 17.85
N TYR A 377 15.96 35.17 17.18
CA TYR A 377 15.26 34.14 16.45
C TYR A 377 16.00 33.77 15.16
N GLU A 378 15.93 32.51 14.80
CA GLU A 378 16.53 31.96 13.59
C GLU A 378 15.49 31.92 12.47
N GLY A 379 15.05 33.10 12.06
CA GLY A 379 14.07 33.27 11.01
C GLY A 379 12.63 33.10 11.47
N THR A 380 12.21 31.88 11.73
CA THR A 380 10.84 31.55 12.18
C THR A 380 10.85 30.45 13.24
N ARG A 381 12.00 30.22 13.89
CA ARG A 381 12.11 29.15 14.87
C ARG A 381 11.41 29.49 16.20
N PHE A 382 11.42 30.77 16.57
CA PHE A 382 10.84 31.24 17.84
C PHE A 382 9.95 32.47 17.71
N ASN A 383 9.81 33.06 16.52
CA ASN A 383 9.01 34.28 16.34
C ASN A 383 9.48 35.44 17.23
N GLY A 384 10.77 35.51 17.51
CA GLY A 384 11.34 36.52 18.37
C GLY A 384 11.11 36.27 19.85
N HIS A 385 11.55 35.11 20.32
CA HIS A 385 11.43 34.70 21.71
C HIS A 385 12.74 34.13 22.21
N ILE A 386 12.95 34.25 23.52
CA ILE A 386 14.15 33.78 24.19
C ILE A 386 13.88 32.36 24.68
N PRO A 387 14.62 31.35 24.21
CA PRO A 387 14.46 30.00 24.72
C PRO A 387 14.67 29.94 26.23
N ALA A 388 13.88 29.10 26.91
CA ALA A 388 14.00 29.00 28.37
C ALA A 388 15.37 28.50 28.81
N PHE A 389 15.94 27.53 28.09
CA PHE A 389 17.25 26.96 28.40
C PHE A 389 18.41 27.92 28.14
N HIS A 390 18.18 29.03 27.45
CA HIS A 390 19.17 30.05 27.18
C HIS A 390 19.36 31.06 28.31
N LEU A 391 18.49 31.04 29.32
CA LEU A 391 18.60 31.97 30.44
C LEU A 391 19.62 31.47 31.45
N SER A 392 19.83 32.23 32.52
CA SER A 392 20.82 31.89 33.54
C SER A 392 20.29 30.82 34.50
N THR A 393 19.20 31.11 35.21
CA THR A 393 18.67 30.21 36.23
C THR A 393 18.20 28.89 35.61
N PRO A 394 17.41 28.88 34.53
CA PRO A 394 16.97 27.60 33.95
C PRO A 394 18.14 26.74 33.46
N ARG A 395 19.20 27.36 32.93
CA ARG A 395 20.37 26.61 32.45
C ARG A 395 21.09 25.92 33.60
N LEU A 396 21.09 26.51 34.80
CA LEU A 396 21.77 25.90 35.94
C LEU A 396 21.14 24.55 36.31
N LEU A 397 19.84 24.39 36.09
CA LEU A 397 19.09 23.18 36.40
C LEU A 397 18.66 22.45 35.13
N SER A 398 19.47 22.53 34.07
CA SER A 398 19.18 21.90 32.78
C SER A 398 20.40 21.17 32.24
N ARG A 399 21.12 20.46 33.12
CA ARG A 399 22.32 19.72 32.76
C ARG A 399 22.41 18.48 33.63
N PHE A 400 22.01 17.34 33.07
CA PHE A 400 22.06 16.06 33.78
C PHE A 400 23.37 15.31 33.56
N ASP A 401 24.08 15.58 32.46
CA ASP A 401 25.34 14.90 32.18
C ASP A 401 26.45 15.28 33.16
N ASP A 402 26.28 16.38 33.89
CA ASP A 402 27.28 16.86 34.86
C ASP A 402 27.10 16.21 36.25
N ALA A 403 26.17 15.28 36.40
CA ALA A 403 25.93 14.62 37.69
C ALA A 403 27.15 13.83 38.17
N GLN A 404 28.07 13.45 37.27
CA GLN A 404 29.26 12.72 37.67
C GLN A 404 30.18 13.55 38.56
N GLN A 405 30.22 14.86 38.36
CA GLN A 405 31.07 15.73 39.18
C GLN A 405 30.57 15.83 40.62
N PHE A 406 29.31 15.49 40.87
CA PHE A 406 28.73 15.55 42.22
C PHE A 406 29.27 14.39 43.06
N GLN A 407 30.43 14.58 43.67
CA GLN A 407 31.03 13.55 44.52
C GLN A 407 30.33 13.42 45.87
N ARG A 408 29.54 14.43 46.27
CA ARG A 408 28.83 14.41 47.54
C ARG A 408 27.50 13.68 47.45
N GLY A 409 26.71 13.98 46.42
CA GLY A 409 25.38 13.40 46.27
C GLY A 409 25.02 13.17 44.82
N LEU A 410 23.76 13.42 44.48
CA LEU A 410 23.24 13.23 43.14
C LEU A 410 21.97 14.05 42.96
N LYS A 411 21.54 14.14 41.70
CA LYS A 411 20.33 14.88 41.33
C LYS A 411 19.18 13.93 41.00
N ILE A 412 17.99 14.48 40.92
CA ILE A 412 16.79 13.75 40.57
C ILE A 412 15.75 14.72 40.04
N CYS A 413 14.94 14.26 39.11
CA CYS A 413 13.88 15.04 38.51
C CYS A 413 12.70 14.15 38.16
N ALA A 414 11.53 14.77 38.01
CA ALA A 414 10.31 14.07 37.66
C ALA A 414 9.40 15.00 36.88
N THR A 415 8.61 14.41 35.98
CA THR A 415 7.68 15.16 35.15
C THR A 415 6.37 14.40 35.05
N SER A 416 5.30 14.95 35.60
CA SER A 416 3.98 14.30 35.55
C SER A 416 2.84 15.22 35.13
N TRP A 417 3.01 16.53 35.21
CA TRP A 417 1.95 17.46 34.86
C TRP A 417 1.69 17.49 33.36
N ARG A 418 0.60 18.16 32.99
CA ARG A 418 0.12 18.27 31.60
C ARG A 418 0.41 19.63 30.98
N ARG A 419 1.43 20.33 31.48
CA ARG A 419 1.78 21.64 30.94
C ARG A 419 2.20 21.58 29.47
N SER A 420 2.71 20.43 29.04
CA SER A 420 3.09 20.18 27.66
C SER A 420 2.98 18.70 27.34
N ASN A 421 2.54 18.38 26.13
CA ASN A 421 2.41 17.01 25.69
C ASN A 421 3.78 16.36 25.62
N ARG A 422 3.94 15.24 26.32
CA ARG A 422 5.22 14.52 26.32
C ARG A 422 5.58 14.01 24.93
N ARG A 423 4.60 13.45 24.23
CA ARG A 423 4.80 12.89 22.90
C ARG A 423 5.89 11.82 22.97
N ASP A 424 6.80 11.78 22.00
CA ASP A 424 7.87 10.78 22.02
C ASP A 424 8.77 10.94 23.25
N TYR A 425 9.14 12.18 23.59
CA TYR A 425 9.97 12.44 24.75
C TYR A 425 11.26 11.62 24.72
N ARG A 426 12.09 11.86 23.71
CA ARG A 426 13.36 11.14 23.54
C ARG A 426 14.20 11.22 24.82
N PRO A 427 14.56 10.09 25.43
CA PRO A 427 15.38 10.14 26.64
C PRO A 427 16.89 10.03 26.35
N ASP A 428 17.28 9.62 25.14
CA ASP A 428 18.71 9.41 24.81
C ASP A 428 19.42 10.72 24.48
N LEU A 429 18.73 11.66 23.82
CA LEU A 429 19.30 12.95 23.42
C LEU A 429 19.13 14.04 24.48
N LEU A 430 18.90 13.66 25.74
CA LEU A 430 18.71 14.62 26.83
C LEU A 430 19.79 14.53 27.90
N GLY A 431 20.38 13.35 28.12
CA GLY A 431 21.44 13.17 29.10
C GLY A 431 21.26 11.94 29.98
N VAL A 432 20.02 11.54 30.20
CA VAL A 432 19.71 10.32 30.97
C VAL A 432 19.85 9.09 30.08
N ARG A 433 19.97 7.92 30.69
CA ARG A 433 20.08 6.64 29.98
C ARG A 433 18.83 5.81 30.16
N GLN A 434 18.68 4.79 29.32
CA GLN A 434 17.54 3.89 29.38
C GLN A 434 17.52 3.02 30.63
N GLU A 435 18.63 2.93 31.36
CA GLU A 435 18.75 2.13 32.58
C GLU A 435 18.52 2.94 33.86
N GLU A 436 18.15 4.21 33.75
CA GLU A 436 17.92 5.10 34.89
C GLU A 436 16.56 5.79 34.84
N ILE A 437 15.60 5.19 34.12
CA ILE A 437 14.25 5.74 34.00
C ILE A 437 13.30 4.83 34.76
N ARG A 438 12.59 5.39 35.73
CA ARG A 438 11.61 4.66 36.53
C ARG A 438 10.22 4.99 36.01
N THR A 439 9.65 4.05 35.25
CA THR A 439 8.33 4.22 34.66
C THR A 439 7.29 3.61 35.58
N VAL A 440 6.60 4.47 36.32
CA VAL A 440 5.52 4.04 37.23
C VAL A 440 4.27 3.72 36.41
N ARG A 441 3.32 3.04 37.03
CA ARG A 441 2.04 2.67 36.40
C ARG A 441 0.89 3.17 37.26
N ASN A 442 -0.32 2.92 36.78
CA ASN A 442 -1.52 3.34 37.49
C ASN A 442 -1.65 2.61 38.83
N PHE A 443 -2.37 3.22 39.76
CA PHE A 443 -2.59 2.65 41.07
C PHE A 443 -3.31 1.31 40.96
N SER A 444 -2.83 0.35 41.72
CA SER A 444 -3.43 -0.96 41.80
C SER A 444 -4.75 -0.91 42.56
N PRO A 445 -5.62 -1.91 42.37
CA PRO A 445 -6.88 -1.92 43.09
C PRO A 445 -6.74 -1.89 44.61
N LEU A 446 -5.71 -2.52 45.15
CA LEU A 446 -5.46 -2.52 46.58
C LEU A 446 -5.20 -1.11 47.10
N GLU A 447 -4.37 -0.34 46.41
CA GLU A 447 -4.07 1.02 46.78
C GLU A 447 -5.25 1.96 46.56
N PHE A 448 -6.09 1.68 45.56
CA PHE A 448 -7.26 2.48 45.28
C PHE A 448 -8.24 2.49 46.44
N ALA A 449 -8.47 1.34 47.07
CA ALA A 449 -9.37 1.25 48.19
C ALA A 449 -8.92 2.09 49.38
N ASN A 450 -7.62 2.08 49.67
CA ASN A 450 -7.08 2.87 50.76
C ASN A 450 -7.25 4.36 50.53
N PHE A 451 -7.06 4.81 49.29
CA PHE A 451 -7.21 6.23 48.98
C PHE A 451 -8.63 6.73 49.27
N VAL A 452 -9.63 5.95 48.88
CA VAL A 452 -11.03 6.31 49.12
C VAL A 452 -11.34 6.36 50.60
N ALA A 453 -10.88 5.36 51.35
CA ALA A 453 -11.10 5.32 52.79
C ALA A 453 -10.41 6.46 53.52
N TYR A 454 -9.27 6.91 53.03
CA TYR A 454 -8.55 8.02 53.63
C TYR A 454 -9.38 9.30 53.62
N TYR A 455 -10.07 9.58 52.52
CA TYR A 455 -10.89 10.78 52.42
C TYR A 455 -12.09 10.75 53.35
N HIS A 456 -12.60 9.56 53.65
CA HIS A 456 -13.73 9.40 54.55
C HIS A 456 -13.42 9.90 55.96
N LYS A 457 -12.24 9.59 56.47
CA LYS A 457 -11.83 10.03 57.81
C LYS A 457 -11.71 11.55 57.90
N LYS A 458 -11.48 12.22 56.77
CA LYS A 458 -11.34 13.66 56.69
C LYS A 458 -12.66 14.41 56.50
N LYS A 459 -13.79 13.70 56.49
CA LYS A 459 -15.09 14.30 56.28
C LYS A 459 -15.18 15.03 54.95
N ILE A 460 -14.53 14.51 53.93
CA ILE A 460 -14.54 15.10 52.60
C ILE A 460 -15.80 14.70 51.85
N LEU A 461 -16.09 13.41 51.79
CA LEU A 461 -17.27 12.88 51.13
C LEU A 461 -18.46 12.84 52.07
N HIS A 462 -19.65 12.79 51.50
CA HIS A 462 -20.90 12.70 52.25
C HIS A 462 -21.27 11.27 52.60
N GLU A 463 -21.37 10.42 51.59
CA GLU A 463 -21.71 9.01 51.74
C GLU A 463 -21.16 8.22 50.58
N PHE A 464 -20.33 7.23 50.85
CA PHE A 464 -19.69 6.37 49.87
C PHE A 464 -19.99 4.91 50.18
N PRO A 465 -21.09 4.38 49.66
CA PRO A 465 -21.44 2.99 49.91
C PRO A 465 -20.40 2.04 49.31
N ARG A 466 -20.20 0.90 49.97
CA ARG A 466 -19.24 -0.11 49.54
C ARG A 466 -19.68 -0.83 48.26
N GLU A 467 -20.95 -0.77 47.92
CA GLU A 467 -21.48 -1.43 46.73
C GLU A 467 -20.89 -0.86 45.45
N LYS A 468 -20.72 0.45 45.38
CA LYS A 468 -20.16 1.18 44.24
C LYS A 468 -18.67 1.43 44.33
N LEU A 469 -17.99 0.85 45.31
CA LEU A 469 -16.56 1.05 45.48
C LEU A 469 -15.77 0.62 44.25
N ASP A 470 -16.05 -0.58 43.76
CA ASP A 470 -15.40 -1.11 42.58
C ASP A 470 -15.95 -0.54 41.29
N TYR A 471 -17.18 -0.03 41.29
CA TYR A 471 -17.78 0.55 40.11
C TYR A 471 -17.03 1.79 39.62
N PHE A 472 -16.59 2.64 40.54
CA PHE A 472 -15.87 3.85 40.21
C PHE A 472 -14.45 3.60 39.70
N TYR A 473 -13.90 2.41 39.91
CA TYR A 473 -12.56 2.09 39.46
C TYR A 473 -12.46 2.13 37.94
N MET A 474 -13.47 1.59 37.25
CA MET A 474 -13.48 1.59 35.79
C MET A 474 -13.75 2.97 35.21
N LEU A 475 -14.55 3.81 35.90
CA LEU A 475 -14.91 5.14 35.40
C LEU A 475 -13.65 5.99 35.22
N SER A 476 -12.96 6.29 36.32
CA SER A 476 -11.76 7.11 36.26
C SER A 476 -10.52 6.32 35.83
N GLY A 477 -10.59 4.99 35.84
CA GLY A 477 -9.47 4.13 35.47
C GLY A 477 -8.43 4.00 36.56
N GLY A 478 -8.66 4.52 37.76
CA GLY A 478 -7.70 4.44 38.86
C GLY A 478 -6.66 5.56 38.87
N ASN A 479 -6.67 6.47 37.89
CA ASN A 479 -5.72 7.57 37.86
C ASN A 479 -5.97 8.51 39.05
N GLY A 480 -4.89 8.99 39.65
CA GLY A 480 -5.01 9.89 40.80
C GLY A 480 -5.69 11.22 40.44
N PHE A 481 -5.32 11.80 39.30
CA PHE A 481 -5.90 13.07 38.87
C PHE A 481 -7.39 12.92 38.57
N GLN A 482 -7.77 11.84 37.88
CA GLN A 482 -9.17 11.60 37.56
C GLN A 482 -9.98 11.11 38.77
N ALA A 483 -9.34 10.55 39.80
CA ALA A 483 -10.05 10.05 40.97
C ALA A 483 -10.46 11.17 41.92
N ARG A 484 -9.54 12.08 42.22
CA ARG A 484 -9.83 13.21 43.11
C ARG A 484 -10.82 14.19 42.50
N ARG A 485 -10.74 14.42 41.19
CA ARG A 485 -11.65 15.36 40.52
C ARG A 485 -13.05 14.79 40.38
N LEU A 486 -13.16 13.52 39.99
CA LEU A 486 -14.46 12.90 39.82
C LEU A 486 -15.23 12.83 41.15
N LEU A 487 -14.55 12.43 42.21
CA LEU A 487 -15.16 12.34 43.53
C LEU A 487 -15.45 13.70 44.15
N ALA A 488 -14.70 14.74 43.79
CA ALA A 488 -14.93 16.07 44.31
C ALA A 488 -16.17 16.72 43.73
N SER A 489 -16.36 16.62 42.41
CA SER A 489 -17.51 17.22 41.75
C SER A 489 -18.83 16.63 42.25
N LEU A 490 -18.90 15.30 42.31
CA LEU A 490 -20.07 14.59 42.79
C LEU A 490 -19.95 14.27 44.28
N TYR A 491 -21.04 13.79 44.86
CA TYR A 491 -21.04 13.39 46.27
C TYR A 491 -20.08 12.24 46.55
N GLY A 492 -19.77 11.42 45.55
CA GLY A 492 -18.86 10.30 45.68
C GLY A 492 -19.58 9.04 46.11
N GLY A 493 -19.41 7.97 45.35
CA GLY A 493 -20.05 6.70 45.60
C GLY A 493 -21.48 6.64 45.16
N SER B 1 -25.06 -39.06 43.02
CA SER B 1 -24.78 -37.98 42.06
C SER B 1 -24.97 -38.43 40.62
N SER B 2 -26.17 -38.88 40.28
CA SER B 2 -26.50 -39.35 38.94
C SER B 2 -26.99 -38.25 38.03
N ASP B 3 -27.62 -37.21 38.56
CA ASP B 3 -28.13 -36.12 37.73
C ASP B 3 -27.02 -35.37 37.03
N SER B 4 -25.92 -35.11 37.73
CA SER B 4 -24.78 -34.42 37.17
C SER B 4 -24.11 -35.22 36.06
N ALA B 5 -24.18 -36.54 36.08
CA ALA B 5 -23.54 -37.36 35.05
C ALA B 5 -24.14 -37.08 33.67
N LEU B 6 -25.46 -36.97 33.58
CA LEU B 6 -26.13 -36.70 32.29
C LEU B 6 -25.87 -35.27 31.82
N ILE B 7 -25.84 -34.30 32.73
CA ILE B 7 -25.64 -32.89 32.37
C ILE B 7 -24.17 -32.63 32.07
N SER B 8 -23.28 -32.96 33.00
CA SER B 8 -21.84 -32.75 32.83
C SER B 8 -21.25 -33.65 31.73
N GLY B 9 -21.81 -34.85 31.54
CA GLY B 9 -21.33 -35.78 30.52
C GLY B 9 -21.73 -35.39 29.10
N ALA B 10 -22.75 -34.55 28.93
CA ALA B 10 -23.18 -34.11 27.60
C ALA B 10 -22.50 -32.82 27.14
N ILE B 11 -22.19 -31.91 28.05
CA ILE B 11 -21.52 -30.65 27.67
C ILE B 11 -20.11 -30.91 27.12
N VAL B 12 -19.39 -31.90 27.66
CA VAL B 12 -18.04 -32.24 27.21
C VAL B 12 -18.07 -32.85 25.81
N ARG B 13 -17.07 -32.58 24.95
CA ARG B 13 -17.05 -33.14 23.59
C ARG B 13 -18.43 -32.89 22.94
N ALA B 14 -18.93 -33.85 22.17
CA ALA B 14 -20.25 -33.80 21.56
C ALA B 14 -20.44 -32.46 20.82
N PHE B 15 -21.59 -31.82 21.02
CA PHE B 15 -22.14 -30.81 20.13
C PHE B 15 -21.38 -29.47 20.14
N ASN B 16 -20.96 -29.02 21.32
CA ASN B 16 -20.45 -27.68 21.62
C ASN B 16 -19.56 -27.74 22.87
N PRO B 17 -18.26 -28.04 22.70
CA PRO B 17 -17.34 -28.10 23.83
C PRO B 17 -16.92 -26.73 24.36
N GLU B 18 -17.39 -25.63 23.77
CA GLU B 18 -17.00 -24.28 24.22
C GLU B 18 -17.47 -24.01 25.64
N ARG B 19 -18.70 -24.41 25.97
CA ARG B 19 -19.28 -24.20 27.29
C ARG B 19 -18.77 -25.25 28.27
N MET B 20 -17.54 -25.05 28.76
CA MET B 20 -16.90 -25.98 29.70
C MET B 20 -16.26 -25.31 30.91
N LYS B 21 -16.10 -23.99 30.91
CA LYS B 21 -15.49 -23.22 31.98
C LYS B 21 -16.56 -22.43 32.70
N VAL B 22 -16.76 -22.75 33.97
CA VAL B 22 -17.73 -22.11 34.85
C VAL B 22 -17.10 -21.85 36.20
N PHE B 23 -17.67 -20.89 36.93
CA PHE B 23 -17.26 -20.51 38.26
C PHE B 23 -18.38 -20.82 39.23
N MET B 24 -18.41 -22.06 39.71
CA MET B 24 -19.45 -22.55 40.61
C MET B 24 -20.84 -22.36 40.02
N HIS B 25 -21.86 -22.66 40.80
CA HIS B 25 -23.25 -22.46 40.41
C HIS B 25 -23.77 -21.10 40.80
N ASN B 26 -23.61 -20.73 42.08
CA ASN B 26 -24.14 -19.48 42.60
C ASN B 26 -23.04 -18.45 42.79
N GLY B 27 -23.31 -17.23 42.29
CA GLY B 27 -22.49 -16.06 42.55
C GLY B 27 -21.82 -15.48 41.32
N CYS B 28 -21.29 -16.33 40.44
CA CYS B 28 -20.75 -15.87 39.15
C CYS B 28 -21.49 -16.47 37.98
N GLU B 29 -21.45 -17.79 37.85
CA GLU B 29 -22.09 -18.54 36.77
C GLU B 29 -21.86 -17.90 35.39
N TRP B 30 -20.68 -17.34 35.18
CA TRP B 30 -20.31 -16.64 33.97
C TRP B 30 -19.24 -17.38 33.20
N LEU B 31 -19.33 -17.33 31.89
CA LEU B 31 -18.38 -17.95 31.00
C LEU B 31 -17.06 -17.21 31.00
N TRP B 32 -15.99 -17.92 30.69
CA TRP B 32 -14.65 -17.35 30.68
C TRP B 32 -14.49 -16.23 29.65
N GLN B 33 -14.95 -16.49 28.43
CA GLN B 33 -14.87 -15.56 27.32
C GLN B 33 -16.22 -15.46 26.61
N ALA B 34 -16.55 -14.26 26.17
CA ALA B 34 -17.76 -13.97 25.44
C ALA B 34 -17.54 -12.88 24.41
N GLU B 35 -18.45 -12.79 23.46
CA GLU B 35 -18.40 -11.83 22.38
C GLU B 35 -19.75 -11.15 22.22
N GLY B 36 -19.73 -9.93 21.71
CA GLY B 36 -20.94 -9.16 21.48
C GLY B 36 -20.71 -8.08 20.45
N THR B 37 -21.77 -7.72 19.75
CA THR B 37 -21.75 -6.70 18.70
C THR B 37 -22.89 -5.73 18.90
N GLY B 38 -22.64 -4.46 18.61
CA GLY B 38 -23.66 -3.42 18.76
C GLY B 38 -23.54 -2.38 17.67
N THR B 39 -24.69 -1.94 17.16
CA THR B 39 -24.76 -0.93 16.10
C THR B 39 -25.65 0.21 16.55
N ARG B 40 -25.18 1.44 16.40
CA ARG B 40 -25.93 2.63 16.75
C ARG B 40 -25.47 3.77 15.85
N LYS B 41 -26.42 4.39 15.14
CA LYS B 41 -26.10 5.44 14.17
C LYS B 41 -25.11 4.94 13.14
N ARG B 42 -24.45 5.85 12.41
CA ARG B 42 -23.44 5.49 11.42
C ARG B 42 -22.14 5.04 12.09
N ALA B 43 -22.17 3.91 12.76
CA ALA B 43 -21.01 3.35 13.44
C ALA B 43 -21.29 1.89 13.79
N ALA B 44 -20.26 1.20 14.24
CA ALA B 44 -20.33 -0.18 14.67
C ALA B 44 -19.45 -0.40 15.89
N ALA B 45 -19.61 -1.53 16.56
CA ALA B 45 -18.83 -1.88 17.71
C ALA B 45 -18.62 -3.39 17.77
N HIS B 46 -17.55 -3.79 18.46
CA HIS B 46 -17.22 -5.20 18.67
C HIS B 46 -16.52 -5.33 20.01
N VAL B 47 -17.28 -5.72 21.03
CA VAL B 47 -16.80 -5.82 22.40
C VAL B 47 -16.64 -7.28 22.77
N ILE B 48 -15.51 -7.61 23.39
CA ILE B 48 -15.19 -8.97 23.83
C ILE B 48 -14.86 -8.95 25.31
N ILE B 49 -15.37 -9.93 26.04
CA ILE B 49 -15.18 -10.03 27.49
C ILE B 49 -14.22 -11.19 27.75
N ARG B 50 -13.22 -10.95 28.58
CA ARG B 50 -12.26 -11.97 28.99
C ARG B 50 -11.99 -11.84 30.47
N ARG B 51 -11.71 -12.97 31.11
CA ARG B 51 -11.38 -13.01 32.52
C ARG B 51 -10.14 -12.19 32.81
N GLY B 52 -10.21 -11.38 33.85
CA GLY B 52 -9.09 -10.54 34.26
C GLY B 52 -9.54 -9.24 34.89
N THR B 53 -8.80 -8.81 35.89
CA THR B 53 -9.05 -7.59 36.66
C THR B 53 -8.19 -6.42 36.20
N GLY B 54 -7.83 -6.38 34.93
CA GLY B 54 -6.99 -5.35 34.37
C GLY B 54 -7.75 -4.06 34.08
N GLN B 55 -7.06 -3.14 33.43
CA GLN B 55 -7.63 -1.86 33.05
C GLN B 55 -8.53 -2.02 31.82
N VAL B 56 -8.99 -0.91 31.26
CA VAL B 56 -9.84 -0.89 30.07
C VAL B 56 -9.08 -0.21 28.95
N ARG B 57 -8.92 -0.90 27.84
CA ARG B 57 -8.25 -0.37 26.65
C ARG B 57 -9.19 -0.45 25.47
N VAL B 58 -9.33 0.66 24.75
CA VAL B 58 -10.24 0.73 23.61
C VAL B 58 -9.52 0.28 22.34
N ASN B 59 -8.53 1.05 21.92
CA ASN B 59 -7.77 0.76 20.71
C ASN B 59 -6.50 1.58 20.69
N ASN B 60 -5.53 1.12 19.89
CA ASN B 60 -4.21 1.76 19.80
C ASN B 60 -3.49 1.85 21.15
N ASP B 61 -3.82 0.97 22.09
CA ASP B 61 -3.22 0.95 23.41
C ASP B 61 -3.37 2.29 24.13
N GLU B 62 -4.62 2.65 24.36
CA GLU B 62 -4.98 3.87 25.05
C GLU B 62 -6.00 3.62 26.14
N ASP B 63 -6.16 4.59 27.03
CA ASP B 63 -7.11 4.50 28.13
C ASP B 63 -8.54 4.73 27.66
N LEU B 64 -9.48 4.68 28.60
CA LEU B 64 -10.90 4.85 28.30
C LEU B 64 -11.36 6.30 28.42
N TYR B 65 -10.94 7.01 29.47
CA TYR B 65 -11.37 8.38 29.69
C TYR B 65 -10.94 9.33 28.56
N VAL B 66 -9.95 8.94 27.76
CA VAL B 66 -9.48 9.77 26.66
C VAL B 66 -10.55 9.89 25.60
N ARG B 67 -11.23 8.80 25.27
CA ARG B 67 -12.28 8.82 24.26
C ARG B 67 -13.54 9.52 24.76
N TRP B 68 -13.90 9.29 26.01
CA TRP B 68 -15.10 9.87 26.60
C TRP B 68 -14.76 10.68 27.86
N PRO B 69 -14.27 11.92 27.71
CA PRO B 69 -13.91 12.72 28.86
C PRO B 69 -15.11 13.05 29.74
N PHE B 70 -16.29 13.20 29.15
CA PHE B 70 -17.50 13.50 29.92
C PHE B 70 -17.88 12.36 30.87
N TYR B 71 -18.48 12.73 31.99
CA TYR B 71 -18.89 11.79 33.02
C TYR B 71 -20.10 10.95 32.61
N TYR B 72 -21.09 11.58 31.96
CA TYR B 72 -22.29 10.85 31.55
C TYR B 72 -21.99 9.81 30.49
N ASN B 73 -21.05 10.08 29.58
CA ASN B 73 -20.70 9.13 28.54
C ASN B 73 -20.06 7.87 29.13
N ARG B 74 -19.17 8.02 30.12
CA ARG B 74 -18.52 6.86 30.73
C ARG B 74 -19.50 5.99 31.51
N MET B 75 -20.52 6.58 32.11
CA MET B 75 -21.51 5.82 32.88
C MET B 75 -22.40 4.96 31.99
N ASP B 76 -22.66 5.38 30.75
CA ASP B 76 -23.54 4.62 29.86
C ASP B 76 -22.87 3.35 29.32
N VAL B 77 -21.54 3.37 29.19
CA VAL B 77 -20.79 2.21 28.68
C VAL B 77 -20.40 1.26 29.80
N LEU B 78 -20.90 1.49 31.01
CA LEU B 78 -20.61 0.66 32.18
C LEU B 78 -21.84 0.34 33.02
N GLN B 79 -23.03 0.76 32.60
CA GLN B 79 -24.23 0.51 33.37
C GLN B 79 -24.49 -1.00 33.58
N PRO B 80 -24.41 -1.84 32.54
CA PRO B 80 -24.67 -3.26 32.73
C PRO B 80 -23.74 -3.92 33.75
N PHE B 81 -22.48 -3.48 33.84
CA PHE B 81 -21.54 -4.06 34.78
C PHE B 81 -21.97 -3.86 36.22
N PHE B 82 -22.46 -2.67 36.57
CA PHE B 82 -22.91 -2.38 37.93
C PHE B 82 -24.10 -3.24 38.33
N LEU B 83 -25.09 -3.35 37.46
CA LEU B 83 -26.28 -4.14 37.76
C LEU B 83 -25.92 -5.62 37.92
N THR B 84 -25.07 -6.15 37.04
CA THR B 84 -24.68 -7.55 37.11
C THR B 84 -23.62 -7.82 38.18
N GLY B 85 -23.01 -6.78 38.74
CA GLY B 85 -22.00 -6.91 39.78
C GLY B 85 -20.59 -7.17 39.27
N THR B 86 -20.37 -7.22 37.96
CA THR B 86 -19.05 -7.42 37.36
C THR B 86 -18.29 -6.09 37.25
N ALA B 87 -18.14 -5.41 38.38
CA ALA B 87 -17.46 -4.14 38.44
C ALA B 87 -15.95 -4.24 38.27
N GLY B 88 -15.34 -5.25 38.88
CA GLY B 88 -13.90 -5.42 38.88
C GLY B 88 -13.42 -6.84 38.65
N ILE B 89 -14.21 -7.64 37.94
CA ILE B 89 -13.92 -9.05 37.69
C ILE B 89 -13.49 -9.26 36.25
N TYR B 90 -14.33 -8.84 35.31
CA TYR B 90 -14.09 -9.04 33.89
C TYR B 90 -13.47 -7.80 33.26
N ASP B 91 -12.66 -8.02 32.23
CA ASP B 91 -12.05 -6.95 31.46
C ASP B 91 -13.04 -6.38 30.44
N LEU B 92 -12.64 -5.29 29.78
CA LEU B 92 -13.44 -4.65 28.76
C LEU B 92 -12.55 -4.18 27.63
N PHE B 93 -12.92 -4.52 26.40
CA PHE B 93 -12.23 -4.08 25.20
C PHE B 93 -13.25 -3.56 24.20
N ILE B 94 -13.14 -2.28 23.86
CA ILE B 94 -14.08 -1.61 22.96
C ILE B 94 -13.38 -1.30 21.65
N HIS B 95 -13.94 -1.74 20.53
CA HIS B 95 -13.42 -1.41 19.21
C HIS B 95 -14.55 -0.83 18.38
N VAL B 96 -14.37 0.39 17.91
CA VAL B 96 -15.36 1.10 17.08
C VAL B 96 -14.67 1.69 15.87
N ARG B 97 -15.46 1.99 14.85
CA ARG B 97 -14.96 2.58 13.61
C ARG B 97 -16.02 3.53 13.06
N GLY B 98 -15.74 4.82 13.12
CA GLY B 98 -16.66 5.84 12.67
C GLY B 98 -17.66 6.28 13.74
N GLY B 99 -18.50 7.23 13.36
CA GLY B 99 -19.52 7.81 14.25
C GLY B 99 -19.11 9.20 14.73
N GLY B 100 -19.37 9.47 16.01
CA GLY B 100 -19.04 10.75 16.63
C GLY B 100 -18.59 10.57 18.07
N SER B 101 -18.85 11.56 18.92
CA SER B 101 -18.47 11.52 20.32
C SER B 101 -19.44 10.67 21.14
N SER B 102 -20.71 11.06 21.19
CA SER B 102 -21.73 10.31 21.92
C SER B 102 -22.36 9.19 21.10
N GLY B 103 -22.21 9.22 19.77
CA GLY B 103 -22.74 8.15 18.92
C GLY B 103 -22.09 6.80 19.20
N GLN B 104 -20.77 6.79 19.39
CA GLN B 104 -20.04 5.55 19.69
C GLN B 104 -20.35 5.01 21.08
N ALA B 105 -20.68 5.87 22.04
CA ALA B 105 -20.99 5.40 23.40
C ALA B 105 -22.23 4.50 23.41
N GLY B 106 -23.26 4.86 22.65
CA GLY B 106 -24.48 4.05 22.62
C GLY B 106 -24.24 2.65 22.04
N ALA B 107 -23.39 2.53 21.02
CA ALA B 107 -23.10 1.23 20.42
C ALA B 107 -22.44 0.28 21.44
N VAL B 108 -21.62 0.80 22.34
CA VAL B 108 -20.98 -0.04 23.36
C VAL B 108 -22.01 -0.67 24.29
N ARG B 109 -23.03 0.10 24.70
CA ARG B 109 -24.05 -0.42 25.60
C ARG B 109 -24.78 -1.62 24.99
N LEU B 110 -25.14 -1.53 23.71
CA LEU B 110 -25.78 -2.65 23.03
C LEU B 110 -24.82 -3.82 22.81
N ALA B 111 -23.56 -3.54 22.48
CA ALA B 111 -22.58 -4.60 22.24
C ALA B 111 -22.27 -5.38 23.51
N VAL B 112 -21.98 -4.68 24.61
CA VAL B 112 -21.67 -5.34 25.88
C VAL B 112 -22.89 -6.07 26.42
N GLY B 113 -24.09 -5.51 26.24
CA GLY B 113 -25.30 -6.15 26.74
C GLY B 113 -25.55 -7.50 26.10
N ARG B 114 -25.33 -7.62 24.79
CA ARG B 114 -25.52 -8.89 24.08
C ARG B 114 -24.46 -9.94 24.43
N ALA B 115 -23.35 -9.55 25.06
CA ALA B 115 -22.31 -10.46 25.47
C ALA B 115 -22.58 -11.15 26.80
N LEU B 116 -23.18 -10.43 27.74
CA LEU B 116 -23.48 -10.98 29.05
C LEU B 116 -24.55 -12.07 28.98
N VAL B 117 -25.57 -11.88 28.13
CA VAL B 117 -26.61 -12.87 27.94
C VAL B 117 -26.06 -14.19 27.42
N SER B 118 -25.13 -14.13 26.47
CA SER B 118 -24.52 -15.33 25.92
C SER B 118 -23.73 -16.07 26.98
N ALA B 119 -22.98 -15.36 27.82
CA ALA B 119 -22.20 -15.95 28.88
C ALA B 119 -23.04 -16.54 30.01
N CYS B 120 -24.22 -15.99 30.26
CA CYS B 120 -25.13 -16.44 31.30
C CYS B 120 -26.57 -16.15 30.93
N PRO B 121 -27.32 -17.15 30.44
CA PRO B 121 -28.71 -16.94 30.10
C PRO B 121 -29.57 -16.43 31.24
N ALA B 122 -29.29 -16.86 32.47
CA ALA B 122 -30.03 -16.44 33.63
C ALA B 122 -29.86 -14.95 33.93
N CYS B 123 -28.66 -14.41 33.70
CA CYS B 123 -28.33 -13.03 33.99
C CYS B 123 -28.71 -12.14 32.81
N ALA B 124 -29.97 -12.23 32.38
CA ALA B 124 -30.48 -11.42 31.27
C ALA B 124 -31.82 -10.76 31.61
N ARG B 125 -32.57 -11.33 32.56
CA ARG B 125 -33.88 -10.80 32.91
C ARG B 125 -33.79 -9.50 33.71
N LEU B 126 -32.78 -9.38 34.57
CA LEU B 126 -32.61 -8.17 35.39
C LEU B 126 -32.21 -6.95 34.58
N LEU B 127 -31.70 -7.13 33.36
CA LEU B 127 -31.25 -6.02 32.52
C LEU B 127 -32.38 -5.35 31.74
N GLU B 128 -33.59 -5.88 31.81
CA GLU B 128 -34.73 -5.29 31.10
C GLU B 128 -35.29 -4.05 31.78
N GLU B 129 -34.96 -3.80 33.06
CA GLU B 129 -35.46 -2.63 33.76
C GLU B 129 -34.96 -1.33 33.11
N ASP B 130 -33.68 -1.30 32.75
CA ASP B 130 -33.06 -0.12 32.15
C ASP B 130 -33.16 -0.08 30.64
N MET B 131 -33.76 -1.11 30.01
CA MET B 131 -33.89 -1.18 28.56
C MET B 131 -32.53 -1.12 27.87
N VAL B 132 -31.65 -2.06 28.24
CA VAL B 132 -30.30 -2.12 27.67
C VAL B 132 -30.31 -2.78 26.30
N LEU B 133 -31.05 -3.89 26.14
CA LEU B 133 -31.10 -4.60 24.87
C LEU B 133 -31.80 -3.78 23.78
N TYR B 134 -32.65 -2.82 24.15
CA TYR B 134 -33.36 -2.02 23.17
C TYR B 134 -32.36 -1.19 22.34
N GLU B 135 -32.63 -1.09 21.04
CA GLU B 135 -31.83 -0.36 20.08
C GLU B 135 -32.71 0.68 19.37
N ASP B 136 -32.11 1.39 18.44
CA ASP B 136 -32.73 2.46 17.67
C ASP B 136 -32.24 2.34 16.23
N THR B 137 -32.97 1.57 15.44
CA THR B 137 -32.61 1.38 14.02
C THR B 137 -32.89 2.63 13.19
N ARG B 138 -33.84 3.47 13.61
CA ARG B 138 -34.19 4.68 12.89
C ARG B 138 -33.00 5.60 12.81
N GLN B 139 -32.89 6.34 11.71
CA GLN B 139 -31.80 7.28 11.47
C GLN B 139 -32.38 8.66 11.16
N ARG B 140 -31.50 9.61 10.86
CA ARG B 140 -31.91 10.97 10.52
C ARG B 140 -32.71 10.98 9.23
N MET B 141 -33.74 11.82 9.20
CA MET B 141 -34.57 11.99 8.02
C MET B 141 -33.82 12.78 6.94
N PRO B 142 -34.15 12.56 5.66
CA PRO B 142 -33.52 13.29 4.58
C PRO B 142 -34.03 14.74 4.50
N LYS B 143 -33.21 15.61 3.91
CA LYS B 143 -33.57 17.00 3.68
C LYS B 143 -34.46 17.11 2.46
N MET B 144 -35.72 17.49 2.66
CA MET B 144 -36.66 17.59 1.55
C MET B 144 -36.21 18.70 0.59
N PRO B 145 -36.41 18.54 -0.73
CA PRO B 145 -36.04 19.56 -1.69
C PRO B 145 -37.07 20.69 -1.73
N GLY B 146 -36.71 21.78 -2.39
CA GLY B 146 -37.59 22.93 -2.58
C GLY B 146 -36.97 24.20 -2.02
N ARG B 147 -37.79 24.98 -1.30
CA ARG B 147 -37.35 26.26 -0.72
C ARG B 147 -36.76 26.11 0.68
N MET B 148 -37.18 25.08 1.43
CA MET B 148 -36.71 24.90 2.79
C MET B 148 -35.23 24.50 2.78
N LYS B 149 -34.37 25.35 3.31
CA LYS B 149 -32.94 25.04 3.41
C LYS B 149 -32.66 23.81 4.28
N ALA B 150 -33.50 23.61 5.30
CA ALA B 150 -33.41 22.49 6.21
C ALA B 150 -34.67 21.64 6.11
N ARG B 151 -34.82 20.66 7.01
CA ARG B 151 -35.96 19.73 6.96
C ARG B 151 -37.29 20.47 6.93
N LYS B 152 -37.48 21.44 7.83
CA LYS B 152 -38.72 22.21 7.90
C LYS B 152 -38.48 23.69 8.19
N MET B 153 -37.32 24.21 7.82
CA MET B 153 -37.01 25.62 8.02
C MET B 153 -37.67 26.47 6.95
N ARG B 154 -38.70 27.21 7.34
CA ARG B 154 -39.41 28.10 6.41
C ARG B 154 -38.60 29.35 6.11
N THR B 155 -39.09 30.15 5.18
CA THR B 155 -38.46 31.40 4.75
C THR B 155 -39.51 32.47 4.54
N TRP B 156 -39.09 33.72 4.51
CA TRP B 156 -39.99 34.85 4.29
C TRP B 156 -40.49 34.90 2.84
N ALA C 1 11.55 -16.66 -20.37
CA ALA C 1 11.28 -17.35 -21.65
C ALA C 1 9.79 -17.37 -21.89
N LEU C 2 9.34 -17.18 -23.13
CA LEU C 2 7.93 -17.16 -23.44
C LEU C 2 7.29 -18.53 -23.13
N SER C 3 7.95 -19.63 -23.50
CA SER C 3 7.40 -20.97 -23.24
C SER C 3 7.28 -21.32 -21.75
N ALA C 4 8.01 -20.62 -20.89
CA ALA C 4 7.99 -20.85 -19.45
C ALA C 4 6.87 -20.11 -18.72
N TYR C 5 6.11 -19.26 -19.41
CA TYR C 5 5.02 -18.53 -18.81
C TYR C 5 3.81 -19.43 -18.57
N SER C 6 2.95 -18.99 -17.68
CA SER C 6 1.71 -19.66 -17.35
C SER C 6 0.73 -18.68 -16.74
N LEU C 7 -0.54 -18.77 -17.10
CA LEU C 7 -1.58 -17.90 -16.60
C LEU C 7 -1.85 -18.19 -15.13
N ARG C 8 -1.30 -17.37 -14.24
CA ARG C 8 -1.48 -17.55 -12.81
C ARG C 8 -2.93 -17.33 -12.39
N SER C 9 -3.53 -16.23 -12.84
CA SER C 9 -4.90 -15.88 -12.49
C SER C 9 -5.53 -15.05 -13.60
N LEU C 10 -6.84 -14.99 -13.60
CA LEU C 10 -7.61 -14.22 -14.58
C LEU C 10 -8.83 -13.63 -13.90
N ILE C 11 -8.73 -12.38 -13.46
CA ILE C 11 -9.84 -11.70 -12.80
C ILE C 11 -10.81 -11.22 -13.87
N VAL C 12 -12.02 -11.75 -13.84
CA VAL C 12 -13.07 -11.40 -14.80
C VAL C 12 -14.08 -10.52 -14.11
N THR C 13 -14.35 -9.35 -14.67
CA THR C 13 -15.29 -8.38 -14.11
C THR C 13 -16.39 -8.08 -15.10
N TYR C 14 -17.57 -7.74 -14.61
CA TYR C 14 -18.76 -7.42 -15.36
C TYR C 14 -19.31 -6.08 -14.94
N ASN C 15 -20.05 -5.43 -15.84
CA ASN C 15 -20.70 -4.17 -15.57
C ASN C 15 -22.03 -4.14 -16.31
N SER C 16 -23.11 -4.39 -15.56
CA SER C 16 -24.46 -4.44 -16.10
C SER C 16 -25.28 -3.26 -15.59
N ARG C 17 -26.13 -2.72 -16.46
CA ARG C 17 -26.99 -1.59 -16.14
C ARG C 17 -28.40 -1.99 -15.70
N ASN C 18 -28.70 -3.29 -15.65
CA ASN C 18 -30.01 -3.79 -15.26
C ASN C 18 -29.86 -5.01 -14.36
N ARG C 19 -30.84 -5.20 -13.48
CA ARG C 19 -30.84 -6.35 -12.57
C ARG C 19 -31.07 -7.66 -13.33
N SER C 20 -32.03 -7.68 -14.25
CA SER C 20 -32.33 -8.89 -15.01
C SER C 20 -31.17 -9.30 -15.92
N SER C 21 -30.51 -8.32 -16.54
CA SER C 21 -29.38 -8.63 -17.43
C SER C 21 -28.24 -9.30 -16.67
N MET C 22 -27.92 -8.82 -15.47
CA MET C 22 -26.86 -9.42 -14.67
C MET C 22 -27.22 -10.85 -14.26
N ASN C 23 -28.47 -11.11 -13.90
CA ASN C 23 -28.87 -12.46 -13.52
C ASN C 23 -28.73 -13.46 -14.68
N ALA C 24 -29.03 -13.02 -15.90
CA ALA C 24 -28.90 -13.91 -17.07
C ALA C 24 -27.45 -14.35 -17.27
N THR C 25 -26.48 -13.46 -17.06
CA THR C 25 -25.08 -13.80 -17.23
C THR C 25 -24.63 -14.89 -16.26
N ILE C 26 -25.08 -14.83 -15.01
CA ILE C 26 -24.70 -15.85 -14.02
C ILE C 26 -25.18 -17.22 -14.45
N GLU C 27 -26.43 -17.34 -14.88
CA GLU C 27 -26.96 -18.62 -15.34
C GLU C 27 -26.24 -19.13 -16.58
N ASN C 28 -25.92 -18.24 -17.52
CA ASN C 28 -25.22 -18.65 -18.74
C ASN C 28 -23.82 -19.17 -18.42
N LEU C 29 -23.10 -18.50 -17.52
CA LEU C 29 -21.75 -18.93 -17.16
C LEU C 29 -21.78 -20.30 -16.49
N LYS C 30 -22.74 -20.54 -15.59
CA LYS C 30 -22.84 -21.84 -14.92
C LYS C 30 -23.13 -22.97 -15.91
N ASN C 31 -24.00 -22.73 -16.90
CA ASN C 31 -24.32 -23.75 -17.88
C ASN C 31 -23.11 -24.15 -18.71
N ALA C 32 -22.20 -23.21 -19.00
CA ALA C 32 -21.01 -23.52 -19.77
C ALA C 32 -20.06 -24.48 -19.05
N LEU C 33 -20.12 -24.52 -17.70
CA LEU C 33 -19.26 -25.40 -16.91
C LEU C 33 -19.79 -26.83 -16.93
N ARG C 34 -19.24 -27.69 -16.07
CA ARG C 34 -19.63 -29.09 -15.95
C ARG C 34 -19.69 -29.81 -17.30
N TRP C 35 -18.86 -29.39 -18.25
CA TRP C 35 -18.83 -29.98 -19.58
C TRP C 35 -17.42 -30.13 -20.14
N THR C 36 -16.39 -29.78 -19.38
CA THR C 36 -15.01 -29.89 -19.87
C THR C 36 -14.52 -31.33 -19.79
N SER C 37 -13.33 -31.57 -20.32
CA SER C 37 -12.71 -32.89 -20.31
C SER C 37 -12.31 -33.35 -18.91
N PRO C 38 -11.66 -32.49 -18.10
CA PRO C 38 -11.25 -32.89 -16.76
C PRO C 38 -12.45 -33.22 -15.88
N SER C 39 -12.20 -34.04 -14.86
CA SER C 39 -13.27 -34.49 -13.96
C SER C 39 -13.97 -33.31 -13.30
N GLU C 40 -13.21 -32.39 -12.71
CA GLU C 40 -13.76 -31.21 -12.06
C GLU C 40 -13.55 -29.99 -12.95
N SER C 41 -14.64 -29.30 -13.27
CA SER C 41 -14.57 -28.08 -14.07
C SER C 41 -14.09 -26.90 -13.24
N SER C 42 -13.55 -25.88 -13.93
CA SER C 42 -13.09 -24.66 -13.26
C SER C 42 -14.26 -23.94 -12.61
N SER C 43 -14.19 -23.73 -11.30
CA SER C 43 -15.24 -23.08 -10.52
C SER C 43 -14.71 -21.77 -9.96
N PRO C 44 -14.91 -20.63 -10.64
CA PRO C 44 -14.40 -19.36 -10.15
C PRO C 44 -15.15 -18.89 -8.91
N SER C 45 -14.50 -18.06 -8.11
CA SER C 45 -15.10 -17.47 -6.91
C SER C 45 -15.88 -16.21 -7.25
N SER C 46 -16.82 -15.87 -6.38
CA SER C 46 -17.66 -14.68 -6.51
C SER C 46 -17.14 -13.54 -5.64
N ALA C 47 -17.29 -12.31 -6.13
CA ALA C 47 -16.87 -11.12 -5.41
C ALA C 47 -17.67 -9.90 -5.88
N PRO C 48 -18.84 -9.63 -5.28
CA PRO C 48 -19.62 -8.45 -5.61
C PRO C 48 -18.82 -7.17 -5.38
N SER C 49 -19.10 -6.17 -6.20
CA SER C 49 -18.41 -4.87 -6.17
C SER C 49 -19.40 -3.74 -5.94
N SER C 50 -20.34 -3.93 -5.01
CA SER C 50 -21.33 -2.92 -4.67
C SER C 50 -22.20 -2.55 -5.87
N ALA C 51 -22.89 -1.41 -5.81
CA ALA C 51 -23.75 -0.93 -6.88
C ALA C 51 -23.72 0.60 -6.91
N PRO C 52 -22.79 1.19 -7.66
CA PRO C 52 -22.73 2.65 -7.77
C PRO C 52 -24.02 3.22 -8.36
N SER C 53 -24.29 4.48 -8.04
CA SER C 53 -25.48 5.17 -8.51
C SER C 53 -25.15 6.64 -8.77
N SER C 54 -25.97 7.29 -9.59
CA SER C 54 -25.82 8.70 -9.89
C SER C 54 -27.18 9.31 -10.18
N ALA C 55 -27.40 10.56 -9.78
CA ALA C 55 -28.66 11.24 -9.99
C ALA C 55 -28.44 12.75 -10.01
N PRO C 56 -28.39 13.39 -11.18
CA PRO C 56 -28.23 14.84 -11.25
C PRO C 56 -29.48 15.56 -10.75
N SER C 57 -29.41 16.89 -10.69
CA SER C 57 -30.50 17.75 -10.25
C SER C 57 -30.80 18.80 -11.30
N SER C 58 -32.06 19.20 -11.35
CA SER C 58 -32.53 20.24 -12.26
C SER C 58 -33.73 20.96 -11.65
N SER C 59 -33.86 22.24 -11.98
CA SER C 59 -34.98 23.03 -11.50
C SER C 59 -36.30 22.54 -12.09
N TRP C 60 -37.38 22.67 -11.31
CA TRP C 60 -38.71 22.29 -11.72
C TRP C 60 -39.79 23.10 -11.01
N SER C 82 -41.89 23.09 -13.99
CA SER C 82 -42.02 23.80 -15.26
C SER C 82 -41.19 25.09 -15.23
N PRO C 83 -40.71 25.58 -16.38
CA PRO C 83 -39.99 26.84 -16.45
C PRO C 83 -40.80 28.00 -15.89
N PHE C 84 -40.13 29.15 -15.74
CA PHE C 84 -40.79 30.35 -15.20
C PHE C 84 -41.25 30.16 -13.76
N LYS C 85 -40.46 29.44 -12.96
CA LYS C 85 -40.74 29.17 -11.56
C LYS C 85 -39.60 29.63 -10.68
N TYR C 86 -39.89 29.91 -9.41
CA TYR C 86 -38.93 30.34 -8.42
C TYR C 86 -38.24 29.17 -7.68
N LYS C 87 -38.09 28.01 -8.32
CA LYS C 87 -37.44 26.83 -7.72
C LYS C 87 -38.20 26.35 -6.48
N TYR C 88 -39.47 26.02 -6.68
CA TYR C 88 -40.32 25.47 -5.62
C TYR C 88 -40.33 23.94 -5.58
N ALA C 89 -40.09 23.27 -6.71
CA ALA C 89 -40.05 21.82 -6.80
C ALA C 89 -38.87 21.38 -7.65
N LEU C 90 -38.43 20.14 -7.43
CA LEU C 90 -37.31 19.56 -8.18
C LEU C 90 -37.70 18.16 -8.65
N ARG C 91 -37.09 17.75 -9.75
CA ARG C 91 -37.26 16.41 -10.33
C ARG C 91 -35.90 15.77 -10.51
N HIS C 92 -35.72 14.59 -9.92
CA HIS C 92 -34.47 13.84 -10.01
C HIS C 92 -34.60 12.67 -10.97
N TYR C 93 -33.49 12.28 -11.56
CA TYR C 93 -33.38 11.17 -12.48
C TYR C 93 -32.30 10.22 -12.00
N VAL C 94 -32.70 9.12 -11.36
CA VAL C 94 -31.76 8.14 -10.83
C VAL C 94 -31.25 7.26 -11.95
N PHE C 95 -29.96 6.97 -11.94
CA PHE C 95 -29.27 6.10 -12.87
C PHE C 95 -28.42 5.11 -12.11
N GLU C 96 -29.01 3.98 -11.74
CA GLU C 96 -28.32 2.94 -10.99
C GLU C 96 -27.36 2.16 -11.89
N ASP C 97 -26.54 1.33 -11.26
CA ASP C 97 -25.59 0.49 -11.96
C ASP C 97 -25.30 -0.75 -11.14
N HIS C 98 -24.76 -1.78 -11.78
CA HIS C 98 -24.40 -3.03 -11.14
C HIS C 98 -23.01 -3.44 -11.57
N ARG C 99 -22.33 -4.20 -10.72
CA ARG C 99 -20.99 -4.70 -10.99
C ARG C 99 -20.85 -6.10 -10.42
N TYR C 100 -19.92 -6.85 -10.99
CA TYR C 100 -19.63 -8.21 -10.52
C TYR C 100 -18.19 -8.55 -10.89
N ALA C 101 -17.49 -9.24 -10.00
CA ALA C 101 -16.12 -9.65 -10.20
C ALA C 101 -15.97 -11.13 -9.92
N PHE C 102 -15.09 -11.79 -10.66
CA PHE C 102 -14.79 -13.20 -10.54
C PHE C 102 -13.28 -13.40 -10.46
N ALA C 103 -12.88 -14.44 -9.75
CA ALA C 103 -11.48 -14.78 -9.55
C ALA C 103 -11.20 -16.17 -10.13
N PHE C 104 -10.01 -16.33 -10.68
CA PHE C 104 -9.55 -17.60 -11.23
C PHE C 104 -8.17 -17.94 -10.69
N TYR C 105 -7.90 -19.23 -10.56
CA TYR C 105 -6.62 -19.73 -10.07
C TYR C 105 -6.26 -21.00 -10.81
N ASP C 106 -5.00 -21.08 -11.25
CA ASP C 106 -4.48 -22.25 -11.95
C ASP C 106 -5.32 -22.58 -13.19
N VAL C 107 -5.36 -21.63 -14.12
CA VAL C 107 -6.11 -21.77 -15.37
C VAL C 107 -5.25 -22.57 -16.34
N ASN C 108 -5.33 -23.90 -16.22
CA ASN C 108 -4.57 -24.77 -17.10
C ASN C 108 -5.09 -24.71 -18.54
N SER C 109 -6.41 -24.67 -18.71
CA SER C 109 -7.03 -24.60 -20.03
C SER C 109 -7.48 -23.17 -20.29
N VAL C 110 -6.82 -22.50 -21.22
CA VAL C 110 -7.15 -21.12 -21.57
C VAL C 110 -8.36 -21.06 -22.51
N GLN C 111 -8.50 -22.04 -23.40
CA GLN C 111 -9.61 -22.05 -24.35
C GLN C 111 -10.94 -22.34 -23.66
N GLU C 112 -10.95 -23.17 -22.63
CA GLU C 112 -12.17 -23.57 -21.92
C GLU C 112 -12.61 -22.55 -20.88
N VAL C 113 -11.81 -21.50 -20.64
CA VAL C 113 -12.12 -20.46 -19.65
C VAL C 113 -12.41 -19.13 -20.32
N VAL C 114 -11.54 -18.69 -21.23
CA VAL C 114 -11.74 -17.41 -21.92
C VAL C 114 -13.00 -17.45 -22.78
N SER C 115 -13.18 -18.54 -23.54
CA SER C 115 -14.36 -18.67 -24.39
C SER C 115 -15.65 -18.72 -23.57
N ALA C 116 -15.64 -19.45 -22.45
CA ALA C 116 -16.83 -19.56 -21.61
C ALA C 116 -17.25 -18.21 -21.02
N ALA C 117 -16.27 -17.42 -20.53
CA ALA C 117 -16.58 -16.13 -19.93
C ALA C 117 -17.21 -15.16 -20.93
N LEU C 118 -16.65 -15.06 -22.13
CA LEU C 118 -17.17 -14.16 -23.15
C LEU C 118 -18.51 -14.65 -23.72
N GLY C 119 -18.70 -15.96 -23.80
CA GLY C 119 -19.93 -16.54 -24.33
C GLY C 119 -21.13 -16.48 -23.39
N ALA C 120 -20.94 -16.09 -22.14
CA ALA C 120 -22.01 -15.98 -21.15
C ALA C 120 -22.67 -14.61 -21.13
N MET C 121 -22.21 -13.66 -21.95
CA MET C 121 -22.79 -12.33 -22.00
C MET C 121 -24.19 -12.36 -22.61
N ALA C 122 -25.00 -11.38 -22.23
CA ALA C 122 -26.35 -11.24 -22.76
C ALA C 122 -26.78 -9.79 -22.63
N GLY C 123 -27.10 -9.15 -23.75
CA GLY C 123 -27.50 -7.76 -23.77
C GLY C 123 -26.31 -6.83 -23.53
N GLU C 124 -26.61 -5.62 -23.05
CA GLU C 124 -25.61 -4.59 -22.77
C GLU C 124 -24.91 -4.90 -21.46
N THR C 125 -24.00 -5.87 -21.51
CA THR C 125 -23.23 -6.32 -20.35
C THR C 125 -21.78 -6.51 -20.80
N CYS C 126 -20.99 -5.45 -20.66
CA CYS C 126 -19.58 -5.52 -21.04
C CYS C 126 -18.78 -6.35 -20.03
N CYS C 127 -17.48 -6.47 -20.28
CA CYS C 127 -16.57 -7.22 -19.44
C CYS C 127 -15.19 -6.58 -19.49
N SER C 128 -14.38 -6.86 -18.47
CA SER C 128 -13.01 -6.39 -18.40
C SER C 128 -12.16 -7.45 -17.71
N CYS C 129 -11.37 -8.16 -18.48
CA CYS C 129 -10.48 -9.20 -17.96
C CYS C 129 -9.17 -8.59 -17.46
N ARG C 130 -8.42 -9.38 -16.71
CA ARG C 130 -7.10 -8.98 -16.19
C ARG C 130 -6.23 -10.22 -16.10
N PHE C 131 -5.36 -10.39 -17.09
CA PHE C 131 -4.45 -11.53 -17.12
C PHE C 131 -3.34 -11.37 -16.07
N SER C 132 -2.75 -12.49 -15.69
CA SER C 132 -1.66 -12.50 -14.72
C SER C 132 -0.79 -13.70 -15.01
N TRP C 133 0.39 -13.47 -15.58
CA TRP C 133 1.35 -14.52 -15.91
C TRP C 133 2.37 -14.67 -14.79
N ARG C 134 3.19 -15.72 -14.88
CA ARG C 134 4.27 -16.01 -13.96
C ARG C 134 5.38 -16.75 -14.66
N PHE C 135 6.61 -16.34 -14.40
CA PHE C 135 7.82 -16.95 -14.92
C PHE C 135 8.62 -17.60 -13.80
N ALA C 136 9.01 -18.84 -14.01
CA ALA C 136 9.83 -19.59 -13.06
C ALA C 136 11.31 -19.35 -13.32
N GLY C 137 12.06 -19.20 -12.25
CA GLY C 137 13.50 -19.01 -12.30
C GLY C 137 14.24 -20.32 -12.50
N ARG C 138 15.31 -20.50 -11.75
CA ARG C 138 16.09 -21.73 -11.78
C ARG C 138 15.31 -22.86 -11.12
N PRO C 139 14.97 -23.94 -11.83
CA PRO C 139 14.28 -25.06 -11.21
C PRO C 139 15.12 -25.68 -10.09
N PRO C 140 14.67 -25.67 -8.84
CA PRO C 140 15.44 -26.30 -7.77
C PRO C 140 15.57 -27.80 -8.00
N VAL C 141 16.79 -28.26 -8.27
CA VAL C 141 17.09 -29.68 -8.50
C VAL C 141 18.31 -30.03 -7.68
N SER C 142 18.09 -30.65 -6.52
CA SER C 142 19.15 -31.02 -5.59
C SER C 142 18.67 -32.19 -4.75
N LEU C 143 19.36 -32.46 -3.64
CA LEU C 143 19.01 -33.55 -2.73
C LEU C 143 18.98 -34.90 -3.46
N PRO C 144 20.15 -35.42 -3.86
CA PRO C 144 20.20 -36.73 -4.50
C PRO C 144 19.90 -37.85 -3.50
N THR C 145 20.02 -39.10 -3.93
CA THR C 145 19.75 -40.25 -3.07
C THR C 145 20.46 -40.08 -1.72
N PRO C 146 19.73 -40.15 -0.60
CA PRO C 146 20.34 -39.87 0.69
C PRO C 146 21.37 -40.93 1.05
N PRO C 147 22.40 -40.57 1.81
CA PRO C 147 23.38 -41.54 2.25
C PRO C 147 22.81 -42.46 3.33
N ARG C 148 23.39 -43.64 3.44
CA ARG C 148 23.03 -44.64 4.43
C ARG C 148 24.26 -45.41 4.88
N LEU C 149 24.29 -45.75 6.15
CA LEU C 149 25.34 -46.52 6.79
C LEU C 149 24.78 -47.37 7.91
N VAL C 150 25.65 -48.10 8.57
CA VAL C 150 25.32 -48.95 9.69
C VAL C 150 26.32 -48.77 10.82
N PRO C 151 25.92 -49.09 12.06
CA PRO C 151 26.82 -48.97 13.18
C PRO C 151 28.06 -49.84 13.02
N SER C 152 29.19 -49.36 13.54
CA SER C 152 30.45 -50.12 13.48
C SER C 152 30.51 -51.26 14.49
N SER C 153 29.59 -51.29 15.46
CA SER C 153 29.54 -52.32 16.49
C SER C 153 30.85 -52.43 17.26
N ARG C 154 31.43 -51.28 17.59
CA ARG C 154 32.68 -51.20 18.36
C ARG C 154 32.44 -51.50 19.84
N ALA C 191 -9.13 -36.87 -4.40
CA ALA C 191 -10.32 -37.22 -3.62
C ALA C 191 -10.72 -36.08 -2.70
N THR C 192 -11.76 -36.30 -1.90
CA THR C 192 -12.27 -35.30 -0.95
C THR C 192 -12.61 -33.98 -1.66
N VAL C 193 -13.20 -34.10 -2.84
CA VAL C 193 -13.56 -32.94 -3.68
C VAL C 193 -15.05 -32.70 -3.53
N LEU C 194 -15.42 -31.48 -3.15
CA LEU C 194 -16.82 -31.09 -3.01
C LEU C 194 -17.43 -30.80 -4.38
N ARG C 195 -18.72 -30.46 -4.40
CA ARG C 195 -19.44 -30.20 -5.65
C ARG C 195 -19.10 -28.82 -6.21
N GLY C 196 -19.50 -27.77 -5.49
CA GLY C 196 -19.27 -26.40 -5.91
C GLY C 196 -18.04 -25.78 -5.26
N HIS C 197 -16.86 -26.34 -5.48
CA HIS C 197 -15.62 -25.84 -4.88
C HIS C 197 -14.48 -25.88 -5.87
N CYS C 198 -13.50 -24.99 -5.68
CA CYS C 198 -12.32 -24.93 -6.53
C CYS C 198 -11.43 -26.14 -6.25
N PRO C 199 -10.92 -26.83 -7.29
CA PRO C 199 -10.06 -27.98 -7.08
C PRO C 199 -8.62 -27.61 -6.71
N THR C 200 -8.24 -26.34 -6.86
CA THR C 200 -6.88 -25.91 -6.58
C THR C 200 -6.58 -25.97 -5.09
N ASP C 201 -5.30 -26.15 -4.76
CA ASP C 201 -4.87 -26.18 -3.37
C ASP C 201 -5.04 -24.81 -2.71
N LYS C 202 -5.30 -24.81 -1.41
CA LYS C 202 -5.46 -23.58 -0.64
C LYS C 202 -4.16 -22.81 -0.49
N GLU C 203 -3.03 -23.50 -0.42
CA GLU C 203 -1.73 -22.84 -0.26
C GLU C 203 -1.43 -21.93 -1.45
N PHE C 204 -1.72 -22.39 -2.67
CA PHE C 204 -1.46 -21.58 -3.86
C PHE C 204 -2.27 -20.29 -3.87
N ILE C 205 -3.54 -20.37 -3.46
CA ILE C 205 -4.41 -19.19 -3.45
C ILE C 205 -3.86 -18.15 -2.47
N ARG C 206 -3.43 -18.57 -1.28
CA ARG C 206 -2.91 -17.64 -0.28
C ARG C 206 -1.67 -16.91 -0.80
N ARG C 207 -0.76 -17.62 -1.47
CA ARG C 207 0.44 -16.99 -2.03
C ARG C 207 0.10 -15.97 -3.10
N ALA C 208 -0.84 -16.29 -3.98
CA ALA C 208 -1.25 -15.36 -5.04
C ALA C 208 -2.11 -14.22 -4.52
N LEU C 209 -2.97 -14.46 -3.53
CA LEU C 209 -3.86 -13.43 -3.01
C LEU C 209 -3.06 -12.29 -2.38
N GLU C 210 -1.99 -12.60 -1.65
CA GLU C 210 -1.18 -11.58 -1.01
C GLU C 210 -0.57 -10.62 -2.04
N GLU C 211 -0.15 -11.13 -3.20
CA GLU C 211 0.44 -10.29 -4.23
C GLU C 211 -0.56 -9.26 -4.73
N GLU C 212 -1.81 -9.64 -4.94
CA GLU C 212 -2.81 -8.71 -5.45
C GLU C 212 -3.03 -7.53 -4.48
N GLN C 213 -3.09 -7.82 -3.17
CA GLN C 213 -3.27 -6.77 -2.18
C GLN C 213 -2.08 -5.80 -2.15
N ALA C 214 -0.87 -6.26 -2.48
CA ALA C 214 0.29 -5.39 -2.46
C ALA C 214 0.29 -4.40 -3.62
N VAL C 215 -0.09 -4.86 -4.82
CA VAL C 215 -0.11 -3.97 -5.99
C VAL C 215 -1.18 -2.89 -5.85
N GLU C 216 -2.34 -3.23 -5.28
CA GLU C 216 -3.41 -2.25 -5.11
C GLU C 216 -2.99 -1.11 -4.18
N ARG C 217 -2.30 -1.41 -3.08
CA ARG C 217 -1.83 -0.38 -2.16
C ARG C 217 -0.82 0.54 -2.82
N ILE C 218 0.13 -0.01 -3.58
CA ILE C 218 1.16 0.80 -4.24
C ILE C 218 0.53 1.73 -5.28
N ARG C 219 -0.40 1.20 -6.10
CA ARG C 219 -1.02 2.01 -7.14
C ARG C 219 -1.79 3.19 -6.56
N LYS C 220 -2.54 2.97 -5.48
CA LYS C 220 -3.30 4.05 -4.85
C LYS C 220 -2.39 5.13 -4.28
N LYS C 221 -1.28 4.74 -3.65
CA LYS C 221 -0.33 5.72 -3.10
C LYS C 221 0.32 6.57 -4.20
N LEU C 222 0.77 5.95 -5.28
CA LEU C 222 1.41 6.70 -6.35
C LEU C 222 0.40 7.58 -7.10
N ASP C 223 -0.81 7.07 -7.33
CA ASP C 223 -1.82 7.85 -8.04
C ASP C 223 -2.20 9.12 -7.29
N LYS C 224 -2.31 9.04 -5.96
CA LYS C 224 -2.65 10.22 -5.16
C LYS C 224 -1.59 11.31 -5.26
N LYS C 225 -0.31 10.93 -5.32
CA LYS C 225 0.78 11.90 -5.39
C LYS C 225 0.66 12.75 -6.66
N GLN C 226 0.49 12.09 -7.81
CA GLN C 226 0.36 12.76 -9.10
C GLN C 226 -1.10 13.06 -9.42
N LEU C 227 -1.72 13.88 -8.57
CA LEU C 227 -3.11 14.30 -8.73
C LEU C 227 -3.26 15.72 -8.21
N GLN C 228 -3.16 16.68 -9.11
CA GLN C 228 -3.30 18.10 -8.78
C GLN C 228 -3.97 18.82 -9.94
N TRP C 229 -4.68 19.90 -9.61
CA TRP C 229 -5.33 20.73 -10.61
C TRP C 229 -4.30 21.41 -11.50
N PHE C 230 -4.68 21.69 -12.74
CA PHE C 230 -3.81 22.34 -13.71
C PHE C 230 -2.51 21.55 -13.90
N PRO C 231 -2.57 20.36 -14.52
CA PRO C 231 -1.37 19.56 -14.69
C PRO C 231 -0.26 20.34 -15.39
N GLY C 232 0.98 20.10 -14.97
CA GLY C 232 2.15 20.78 -15.52
C GLY C 232 2.51 22.07 -14.78
N LYS C 233 1.71 22.50 -13.80
CA LYS C 233 2.02 23.69 -13.00
C LYS C 233 2.82 23.31 -11.76
N THR C 234 3.89 24.05 -11.51
CA THR C 234 4.75 23.86 -10.35
C THR C 234 5.03 25.20 -9.69
N PRO C 235 5.27 25.23 -8.37
CA PRO C 235 5.44 26.49 -7.67
C PRO C 235 6.71 27.21 -8.11
N TRP C 236 6.64 28.55 -8.21
CA TRP C 236 7.76 29.42 -8.57
C TRP C 236 8.62 28.81 -9.68
N ALA C 237 7.97 28.18 -10.66
CA ALA C 237 8.66 27.62 -11.81
C ALA C 237 9.02 28.70 -12.82
N PRO C 238 8.10 29.61 -13.20
CA PRO C 238 8.42 30.64 -14.17
C PRO C 238 9.56 31.55 -13.71
N LEU D 1 -50.78 17.15 -29.69
CA LEU D 1 -50.73 17.39 -31.13
C LEU D 1 -49.70 16.44 -31.67
N ASN D 2 -48.43 16.83 -31.71
CA ASN D 2 -47.37 15.97 -32.20
C ASN D 2 -46.02 16.40 -31.61
N PRO D 3 -45.51 15.71 -30.59
CA PRO D 3 -44.24 16.06 -29.98
C PRO D 3 -43.12 16.09 -31.02
N PRO D 4 -42.11 16.94 -30.87
CA PRO D 4 -41.04 17.04 -31.84
C PRO D 4 -40.30 15.70 -32.04
N PRO D 5 -39.76 15.50 -33.26
CA PRO D 5 -38.90 14.38 -33.62
C PRO D 5 -37.48 14.67 -33.10
N ILE D 6 -37.14 14.10 -31.96
CA ILE D 6 -35.97 14.57 -31.18
C ILE D 6 -34.62 14.30 -31.85
N ALA D 7 -34.58 13.44 -32.86
CA ALA D 7 -33.39 13.18 -33.64
C ALA D 7 -32.92 14.37 -34.50
N PHE D 8 -33.79 15.29 -34.95
CA PHE D 8 -33.32 16.36 -35.84
C PHE D 8 -33.76 17.73 -35.34
N PRO D 9 -32.85 18.53 -34.79
CA PRO D 9 -33.22 19.83 -34.26
C PRO D 9 -33.59 20.78 -35.40
N SER D 10 -34.40 21.78 -35.06
CA SER D 10 -34.79 22.84 -36.00
C SER D 10 -33.61 23.77 -36.31
N PHE D 11 -33.84 24.74 -37.19
CA PHE D 11 -32.83 25.71 -37.57
C PHE D 11 -32.59 26.72 -36.46
N ASN D 12 -31.33 27.09 -36.28
CA ASN D 12 -30.92 28.08 -35.31
C ASN D 12 -29.56 28.64 -35.69
N ARG D 13 -29.50 29.95 -35.98
CA ARG D 13 -28.25 30.58 -36.37
C ARG D 13 -27.25 30.61 -35.23
N ARG D 14 -27.70 30.94 -34.02
CA ARG D 14 -26.80 31.03 -32.86
C ARG D 14 -26.21 29.68 -32.50
N CYS D 15 -27.00 28.61 -32.59
CA CYS D 15 -26.52 27.26 -32.32
C CYS D 15 -25.40 26.86 -33.27
N GLN D 16 -25.56 27.15 -34.56
CA GLN D 16 -24.53 26.83 -35.54
C GLN D 16 -23.26 27.66 -35.33
N LYS D 17 -23.38 28.91 -34.88
CA LYS D 17 -22.20 29.74 -34.65
C LYS D 17 -21.29 29.16 -33.57
N ASP D 18 -21.86 28.58 -32.51
CA ASP D 18 -21.06 27.99 -31.44
C ASP D 18 -20.17 26.85 -31.96
N TRP D 19 -20.72 25.99 -32.82
CA TRP D 19 -19.93 24.91 -33.39
C TRP D 19 -18.83 25.39 -34.32
N LEU D 20 -19.02 26.56 -34.94
CA LEU D 20 -18.00 27.10 -35.83
C LEU D 20 -16.69 27.40 -35.10
N ALA D 21 -16.78 27.95 -33.89
CA ALA D 21 -15.59 28.26 -33.10
C ALA D 21 -14.83 26.99 -32.70
N ARG D 22 -15.52 25.86 -32.53
CA ARG D 22 -14.86 24.61 -32.12
C ARG D 22 -13.83 24.17 -33.15
N ARG D 23 -14.19 24.22 -34.44
CA ARG D 23 -13.26 23.82 -35.49
C ARG D 23 -12.06 24.75 -35.57
N ALA D 24 -12.28 26.06 -35.44
CA ALA D 24 -11.19 27.02 -35.49
C ALA D 24 -10.18 26.81 -34.36
N PHE D 25 -10.66 26.58 -33.13
CA PHE D 25 -9.77 26.35 -32.00
C PHE D 25 -8.96 25.06 -32.15
N ALA D 26 -9.57 23.99 -32.67
CA ALA D 26 -8.86 22.72 -32.81
C ALA D 26 -7.65 22.85 -33.73
N GLU D 27 -7.80 23.53 -34.87
CA GLU D 27 -6.69 23.71 -35.79
C GLU D 27 -5.63 24.64 -35.21
N ASN D 28 -6.06 25.68 -34.48
CA ASN D 28 -5.16 26.66 -33.87
C ASN D 28 -4.69 26.25 -32.47
N GLU D 29 -5.08 25.07 -31.97
CA GLU D 29 -4.69 24.64 -30.64
C GLU D 29 -3.17 24.52 -30.52
N VAL D 30 -2.49 24.08 -31.59
CA VAL D 30 -1.04 23.97 -31.58
C VAL D 30 -0.38 25.34 -31.44
N ASN D 31 -0.88 26.35 -32.15
CA ASN D 31 -0.29 27.69 -32.10
C ASN D 31 -0.45 28.33 -30.72
N GLY D 32 -1.46 27.96 -29.95
CA GLY D 32 -1.68 28.53 -28.63
C GLY D 32 -0.51 28.25 -27.68
N ARG D 33 0.02 27.03 -27.70
CA ARG D 33 1.15 26.65 -26.83
C ARG D 33 2.45 27.33 -27.25
N ILE D 34 2.64 27.55 -28.55
CA ILE D 34 3.85 28.21 -29.04
C ILE D 34 3.93 29.65 -28.53
N TYR D 35 2.79 30.36 -28.53
CA TYR D 35 2.77 31.74 -28.02
C TYR D 35 3.16 31.81 -26.55
N LYS D 36 2.72 30.86 -25.72
CA LYS D 36 3.08 30.85 -24.30
C LYS D 36 4.52 30.41 -24.08
N ASN D 37 5.06 29.52 -24.91
CA ASN D 37 6.43 29.04 -24.72
C ASN D 37 7.46 30.14 -24.98
N VAL D 38 7.28 30.92 -26.04
CA VAL D 38 8.25 31.97 -26.38
C VAL D 38 8.32 33.04 -25.27
N TYR D 39 7.18 33.45 -24.74
CA TYR D 39 7.15 34.44 -23.67
C TYR D 39 7.75 33.91 -22.37
N GLN D 40 7.47 32.65 -22.04
CA GLN D 40 8.02 32.06 -20.82
C GLN D 40 9.54 31.98 -20.86
N ASN D 41 10.12 31.58 -21.98
CA ASN D 41 11.58 31.50 -22.10
C ASN D 41 12.23 32.87 -21.98
N LEU D 42 11.66 33.90 -22.62
CA LEU D 42 12.23 35.25 -22.54
C LEU D 42 11.99 35.92 -21.19
N GLY D 43 10.99 35.48 -20.43
CA GLY D 43 10.69 36.07 -19.13
C GLY D 43 9.98 37.41 -19.26
N PHE D 44 8.91 37.45 -20.06
CA PHE D 44 8.11 38.65 -20.25
C PHE D 44 6.65 38.28 -20.42
N LYS D 45 5.76 38.98 -19.73
CA LYS D 45 4.32 38.72 -19.80
C LYS D 45 3.70 39.71 -20.77
N GLY D 46 3.01 39.20 -21.77
CA GLY D 46 2.35 40.04 -22.78
C GLY D 46 1.03 39.43 -23.24
N PRO D 47 0.16 40.24 -23.84
CA PRO D 47 -1.14 39.79 -24.29
C PRO D 47 -1.02 38.99 -25.59
N ILE D 48 -2.06 38.25 -25.94
CA ILE D 48 -2.17 37.46 -27.16
C ILE D 48 -3.51 37.77 -27.80
N PRO D 49 -3.63 38.90 -28.52
CA PRO D 49 -4.90 39.29 -29.11
C PRO D 49 -5.46 38.24 -30.08
N ILE D 50 -4.58 37.49 -30.76
CA ILE D 50 -5.01 36.52 -31.75
C ILE D 50 -5.87 35.40 -31.14
N LEU D 51 -5.74 35.15 -29.83
CA LEU D 51 -6.50 34.11 -29.14
C LEU D 51 -7.91 34.56 -28.79
N ASN D 52 -8.27 35.82 -28.98
CA ASN D 52 -9.60 36.29 -28.62
C ASN D 52 -10.69 35.63 -29.45
N LYS D 53 -10.47 35.54 -30.77
CA LYS D 53 -11.47 34.99 -31.70
C LYS D 53 -11.36 33.48 -31.90
N VAL D 54 -10.27 32.87 -31.46
CA VAL D 54 -10.04 31.43 -31.60
C VAL D 54 -9.72 30.80 -30.26
N GLY D 55 -10.17 31.42 -29.17
CA GLY D 55 -9.90 30.95 -27.83
C GLY D 55 -10.80 29.78 -27.45
N GLN D 56 -10.34 28.99 -26.49
CA GLN D 56 -11.15 27.87 -25.99
C GLN D 56 -12.35 28.35 -25.17
N TYR D 57 -12.19 29.47 -24.46
CA TYR D 57 -13.26 30.00 -23.61
C TYR D 57 -14.39 30.65 -24.39
N ARG D 58 -14.21 30.93 -25.68
CA ARG D 58 -15.27 31.51 -26.50
C ARG D 58 -16.47 30.56 -26.63
N ILE D 59 -16.23 29.25 -26.58
CA ILE D 59 -17.29 28.25 -26.69
C ILE D 59 -17.89 28.00 -25.31
N ARG D 60 -19.20 27.80 -25.28
CA ARG D 60 -19.95 27.53 -24.06
C ARG D 60 -21.00 26.46 -24.32
N MET D 61 -21.55 25.95 -23.24
CA MET D 61 -22.57 24.91 -23.30
C MET D 61 -23.79 25.39 -24.05
N ARG D 62 -24.41 24.48 -24.79
CA ARG D 62 -25.62 24.73 -25.56
C ARG D 62 -26.46 23.46 -25.62
N CYS D 63 -27.76 23.65 -25.81
CA CYS D 63 -28.72 22.57 -25.91
C CYS D 63 -28.84 22.05 -27.32
N ILE D 64 -28.62 20.77 -27.51
CA ILE D 64 -28.72 20.13 -28.80
C ILE D 64 -30.16 20.07 -29.30
N SER D 65 -31.10 19.69 -28.44
CA SER D 65 -32.54 19.69 -28.73
C SER D 65 -33.15 21.00 -28.27
N GLY D 66 -32.68 22.08 -28.89
CA GLY D 66 -32.85 23.42 -28.38
C GLY D 66 -32.11 24.48 -29.17
N GLY D 67 -31.27 25.22 -28.47
CA GLY D 67 -30.61 26.41 -29.00
C GLY D 67 -30.45 27.47 -27.94
N TYR D 68 -31.05 27.28 -26.76
CA TYR D 68 -30.70 28.04 -25.58
C TYR D 68 -29.31 27.66 -25.09
N SER D 69 -28.63 28.61 -24.46
CA SER D 69 -27.25 28.43 -23.97
C SER D 69 -27.18 28.47 -22.45
N ARG D 70 -28.21 27.98 -21.79
CA ARG D 70 -28.31 27.91 -20.35
C ARG D 70 -29.13 26.71 -19.91
N GLY D 71 -28.79 26.17 -18.75
CA GLY D 71 -29.45 25.00 -18.20
C GLY D 71 -29.12 23.68 -18.87
N ILE D 72 -27.90 23.53 -19.34
CA ILE D 72 -27.40 22.32 -19.98
C ILE D 72 -26.28 21.73 -19.14
N PHE D 73 -26.40 20.45 -18.83
CA PHE D 73 -25.41 19.69 -18.09
C PHE D 73 -24.50 18.89 -19.01
N ARG D 74 -23.35 18.50 -18.49
CA ARG D 74 -22.36 17.70 -19.22
C ARG D 74 -22.70 16.23 -19.30
N PHE D 75 -23.63 15.76 -18.49
CA PHE D 75 -24.06 14.36 -18.47
C PHE D 75 -25.20 14.09 -19.45
N THR D 76 -26.21 14.94 -19.47
CA THR D 76 -27.38 14.80 -20.33
C THR D 76 -27.31 15.62 -21.61
N ARG D 77 -26.62 16.76 -21.58
CA ARG D 77 -26.51 17.65 -22.73
C ARG D 77 -27.87 18.07 -23.26
N MET D 78 -28.80 18.34 -22.37
CA MET D 78 -30.16 18.74 -22.72
C MET D 78 -30.69 19.69 -21.67
N ALA D 79 -31.69 20.47 -22.08
CA ALA D 79 -32.38 21.40 -21.23
C ALA D 79 -33.42 20.69 -20.36
N ARG D 80 -34.22 21.47 -19.64
CA ARG D 80 -35.25 20.92 -18.77
C ARG D 80 -36.28 20.13 -19.55
N MET D 81 -36.75 20.69 -20.66
CA MET D 81 -37.75 20.02 -21.50
C MET D 81 -37.15 18.90 -22.34
N GLY D 82 -35.88 19.03 -22.73
CA GLY D 82 -35.22 18.00 -23.54
C GLY D 82 -35.14 16.66 -22.82
N MET D 83 -34.79 16.67 -21.54
CA MET D 83 -34.73 15.46 -20.73
C MET D 83 -36.10 14.88 -20.43
N LEU D 84 -37.09 15.72 -20.17
CA LEU D 84 -38.43 15.26 -19.85
C LEU D 84 -39.04 14.47 -21.01
N GLN D 85 -38.96 15.02 -22.22
CA GLN D 85 -39.50 14.33 -23.39
C GLN D 85 -38.73 13.05 -23.69
N LEU D 86 -37.39 13.07 -23.60
CA LEU D 86 -36.59 11.89 -23.88
C LEU D 86 -36.88 10.76 -22.89
N ALA D 87 -37.01 11.07 -21.60
CA ALA D 87 -37.29 10.09 -20.57
C ALA D 87 -38.70 9.53 -20.64
N ARG D 88 -39.69 10.33 -21.03
CA ARG D 88 -41.09 9.91 -21.13
C ARG D 88 -41.41 9.14 -22.40
N GLU D 89 -40.53 9.14 -23.39
CA GLU D 89 -40.75 8.42 -24.65
C GLU D 89 -40.27 6.96 -24.62
N GLY D 90 -39.65 6.52 -23.53
CA GLY D 90 -39.14 5.17 -23.40
C GLY D 90 -37.87 4.92 -24.18
N TRP D 91 -36.82 5.63 -23.82
CA TRP D 91 -35.50 5.53 -24.45
C TRP D 91 -34.34 5.33 -23.50
N LEU D 92 -34.50 5.62 -22.22
CA LEU D 92 -33.46 5.49 -21.21
C LEU D 92 -33.54 4.20 -20.40
N LYS D 93 -34.56 3.37 -20.61
CA LYS D 93 -34.72 2.11 -19.88
C LYS D 93 -33.55 1.18 -20.11
N LYS D 94 -33.09 1.06 -21.35
CA LYS D 94 -31.95 0.21 -21.69
C LYS D 94 -30.67 0.68 -21.04
N TYR D 95 -30.55 1.96 -20.77
CA TYR D 95 -29.37 2.58 -20.18
C TYR D 95 -29.43 2.68 -18.66
N GLY D 96 -30.25 1.85 -18.00
CA GLY D 96 -30.32 1.81 -16.55
C GLY D 96 -30.91 3.10 -15.97
N TYR D 97 -32.19 3.33 -16.21
CA TYR D 97 -32.93 4.47 -15.67
C TYR D 97 -34.20 3.98 -15.01
N ARG D 98 -34.19 3.97 -13.67
CA ARG D 98 -35.34 3.57 -12.87
C ARG D 98 -35.93 4.80 -12.21
N PRO D 99 -37.09 5.31 -12.65
CA PRO D 99 -37.67 6.49 -12.04
C PRO D 99 -38.35 6.23 -10.69
N GLY D 100 -38.38 4.98 -10.21
CA GLY D 100 -39.03 4.67 -8.94
C GLY D 100 -38.38 5.39 -7.76
N LEU D 101 -37.05 5.42 -7.72
CA LEU D 101 -36.33 6.11 -6.66
C LEU D 101 -36.46 7.63 -6.81
N PHE D 102 -36.47 8.34 -5.69
CA PHE D 102 -36.53 9.79 -5.66
C PHE D 102 -35.14 10.39 -5.81
N ALA E 1 -5.30 21.29 22.04
CA ALA E 1 -6.55 21.64 21.32
C ALA E 1 -6.26 22.20 19.93
N ARG E 2 -5.88 23.48 19.85
CA ARG E 2 -5.56 24.19 18.61
C ARG E 2 -4.08 24.10 18.26
N ARG E 3 -3.54 22.89 18.24
CA ARG E 3 -2.15 22.65 17.90
C ARG E 3 -1.90 22.83 16.41
N VAL E 4 -0.65 23.07 16.07
CA VAL E 4 -0.20 23.23 14.69
C VAL E 4 0.29 21.88 14.17
N GLY E 5 -0.33 21.40 13.11
CA GLY E 5 -0.04 20.12 12.49
C GLY E 5 -1.18 19.11 12.54
N GLY E 6 -2.23 19.42 13.28
CA GLY E 6 -3.38 18.56 13.41
C GLY E 6 -3.13 17.37 14.32
N ILE E 7 -4.00 16.37 14.20
CA ILE E 7 -3.90 15.17 15.04
C ILE E 7 -2.61 14.41 14.78
N GLY E 8 -2.23 14.30 13.51
CA GLY E 8 -1.02 13.59 13.09
C GLY E 8 0.23 14.45 13.09
N ARG E 9 0.17 15.63 13.70
CA ARG E 9 1.27 16.58 13.76
C ARG E 9 1.97 16.71 12.41
N ARG E 10 1.21 16.99 11.37
CA ARG E 10 1.71 17.18 10.02
C ARG E 10 2.72 18.33 9.97
N CYS E 11 3.66 18.18 9.06
CA CYS E 11 4.66 19.19 8.76
C CYS E 11 5.05 19.15 7.29
N PHE E 12 4.37 19.96 6.48
CA PHE E 12 4.55 20.02 5.03
C PHE E 12 5.28 21.27 4.57
N LEU E 13 6.03 21.91 5.46
CA LEU E 13 6.75 23.15 5.17
C LEU E 13 8.19 23.17 5.63
N THR E 14 8.68 22.13 6.29
CA THR E 14 10.04 22.05 6.80
C THR E 14 10.86 21.08 5.99
N LEU E 15 12.16 21.34 5.91
CA LEU E 15 13.14 20.51 5.22
C LEU E 15 14.28 20.16 6.15
N HIS E 16 14.61 18.88 6.23
CA HIS E 16 15.70 18.38 7.05
C HIS E 16 17.03 18.42 6.31
N CYS E 17 18.12 18.29 7.06
CA CYS E 17 19.47 18.29 6.51
C CYS E 17 20.19 17.01 6.91
N SER E 18 20.92 16.43 5.97
CA SER E 18 21.66 15.20 6.23
C SER E 18 22.76 15.43 7.27
N ALA E 19 23.49 16.54 7.13
CA ALA E 19 24.57 16.89 8.05
C ALA E 19 24.07 17.81 9.15
N CYS E 20 24.68 17.69 10.33
CA CYS E 20 24.28 18.48 11.50
C CYS E 20 22.80 18.28 11.82
N SER E 21 22.27 19.13 12.68
CA SER E 21 20.88 19.12 13.08
C SER E 21 20.30 20.52 13.06
N PHE E 22 19.59 20.85 12.00
CA PHE E 22 18.97 22.16 11.81
C PHE E 22 17.94 22.12 10.70
N PHE E 23 16.76 22.65 10.98
CA PHE E 23 15.65 22.74 10.05
C PHE E 23 15.05 24.13 10.08
N PHE E 24 14.48 24.53 8.95
CA PHE E 24 13.82 25.81 8.78
C PHE E 24 12.72 25.70 7.76
N GLN E 25 11.74 26.59 7.87
CA GLN E 25 10.63 26.63 6.92
C GLN E 25 11.07 27.24 5.59
N THR E 26 10.22 27.09 4.58
CA THR E 26 10.46 27.65 3.26
C THR E 26 10.53 29.17 3.24
N SER E 27 9.96 29.84 4.24
CA SER E 27 10.02 31.29 4.33
C SER E 27 11.45 31.80 4.45
N ASP E 28 12.27 31.15 5.25
CA ASP E 28 13.66 31.53 5.46
C ASP E 28 14.57 31.07 4.33
N ALA E 29 14.12 30.16 3.47
CA ALA E 29 14.91 29.68 2.35
C ALA E 29 15.23 30.80 1.37
N ILE E 30 14.27 31.66 1.08
CA ILE E 30 14.46 32.75 0.14
C ILE E 30 15.51 33.73 0.65
N LYS E 31 15.45 34.08 1.94
CA LYS E 31 16.40 35.00 2.54
C LYS E 31 17.82 34.44 2.58
N LEU E 32 17.96 33.14 2.84
CA LEU E 32 19.27 32.51 2.93
C LEU E 32 20.02 32.54 1.59
N ILE E 33 19.33 32.18 0.51
CA ILE E 33 19.98 32.17 -0.80
C ILE E 33 20.36 33.58 -1.24
N LEU E 34 19.49 34.57 -0.99
CA LEU E 34 19.78 35.95 -1.38
C LEU E 34 20.96 36.51 -0.59
N THR E 35 21.02 36.27 0.71
CA THR E 35 22.12 36.77 1.54
C THR E 35 23.46 36.18 1.11
N GLN E 36 23.51 34.88 0.85
CA GLN E 36 24.73 34.19 0.43
C GLN E 36 24.87 34.19 -1.09
N GLN E 37 24.75 35.35 -1.72
CA GLN E 37 24.86 35.45 -3.18
C GLN E 37 26.32 35.56 -3.64
N HIS E 38 27.21 36.11 -2.81
CA HIS E 38 28.62 36.25 -3.20
C HIS E 38 29.27 34.89 -3.42
N HIS E 39 28.99 33.91 -2.55
CA HIS E 39 29.56 32.58 -2.71
C HIS E 39 29.04 31.88 -3.96
N ILE E 40 27.76 32.01 -4.25
CA ILE E 40 27.16 31.34 -5.42
C ILE E 40 27.73 31.93 -6.71
N LEU E 41 27.83 33.26 -6.80
CA LEU E 41 28.33 33.90 -8.02
C LEU E 41 29.79 33.51 -8.29
N ARG E 42 30.63 33.48 -7.26
CA ARG E 42 32.04 33.10 -7.43
C ARG E 42 32.21 31.63 -7.78
N LYS E 43 31.28 30.76 -7.35
CA LYS E 43 31.37 29.33 -7.64
C LYS E 43 31.32 29.06 -9.14
N LYS E 44 30.42 29.73 -9.85
CA LYS E 44 30.30 29.54 -11.30
C LYS E 44 31.49 30.13 -12.06
N GLY E 45 32.08 31.21 -11.56
CA GLY E 45 33.23 31.85 -12.20
C GLY E 45 33.70 33.10 -11.47
N ALA E 104 25.48 45.08 -14.68
CA ALA E 104 25.34 44.06 -15.71
C ALA E 104 24.05 43.25 -15.51
N SER E 105 23.60 42.56 -16.56
CA SER E 105 22.39 41.76 -16.48
C SER E 105 22.53 40.61 -15.47
N LYS E 106 23.68 39.93 -15.47
CA LYS E 106 23.90 38.82 -14.54
C LYS E 106 23.90 39.31 -13.09
N PHE E 107 24.60 40.41 -12.81
CA PHE E 107 24.68 40.98 -11.47
C PHE E 107 23.57 42.00 -11.26
N SER E 108 22.35 41.50 -11.16
CA SER E 108 21.14 42.33 -11.00
C SER E 108 20.64 42.38 -9.57
N LEU E 109 20.84 41.31 -8.79
CA LEU E 109 20.35 41.20 -7.41
C LEU E 109 21.41 41.58 -6.38
N LEU E 110 22.48 42.26 -6.78
CA LEU E 110 23.55 42.65 -5.86
C LEU E 110 23.03 43.51 -4.71
N PRO E 111 22.21 44.56 -4.97
CA PRO E 111 21.72 45.40 -3.89
C PRO E 111 20.90 44.62 -2.85
N LEU E 112 20.19 43.58 -3.26
CA LEU E 112 19.35 42.79 -2.35
C LEU E 112 20.17 42.02 -1.30
N ALA E 113 21.48 41.88 -1.50
CA ALA E 113 22.33 41.18 -0.55
C ALA E 113 22.48 41.93 0.77
N ASP E 114 22.12 43.22 0.83
CA ASP E 114 22.25 43.99 2.06
C ASP E 114 21.37 43.41 3.17
N ALA E 115 21.90 43.34 4.38
CA ALA E 115 21.16 42.82 5.51
C ALA E 115 20.09 43.80 5.99
N SER E 116 20.42 45.10 6.03
CA SER E 116 19.47 46.11 6.51
C SER E 116 18.37 46.40 5.50
N LEU E 117 18.65 46.30 4.20
CA LEU E 117 17.63 46.57 3.17
C LEU E 117 16.47 45.59 3.24
N LEU E 118 16.72 44.34 3.63
CA LEU E 118 15.66 43.34 3.72
C LEU E 118 14.62 43.69 4.79
N LEU E 119 15.06 44.36 5.87
CA LEU E 119 14.16 44.73 6.97
C LEU E 119 13.37 46.01 6.68
N LYS E 120 13.67 46.72 5.59
CA LYS E 120 12.94 47.94 5.20
C LYS E 120 11.64 47.60 4.49
N ARG E 121 10.84 48.60 4.18
CA ARG E 121 9.57 48.42 3.47
C ARG E 121 9.78 47.83 2.10
N ARG E 122 10.77 48.32 1.36
CA ARG E 122 11.07 47.79 0.02
C ARG E 122 11.50 46.34 0.10
N GLY E 123 12.36 45.99 1.05
CA GLY E 123 12.85 44.62 1.19
C GLY E 123 11.75 43.63 1.55
N ALA E 124 10.79 44.03 2.37
CA ALA E 124 9.70 43.16 2.76
C ALA E 124 8.84 42.74 1.57
N LEU E 125 8.61 43.62 0.61
CA LEU E 125 7.81 43.32 -0.57
C LEU E 125 8.52 42.38 -1.53
N VAL E 126 9.85 42.49 -1.63
CA VAL E 126 10.60 41.63 -2.56
C VAL E 126 10.51 40.16 -2.13
N LEU E 127 10.68 39.88 -0.84
CA LEU E 127 10.60 38.51 -0.34
C LEU E 127 9.21 37.92 -0.54
N ARG E 128 8.16 38.70 -0.26
CA ARG E 128 6.78 38.24 -0.45
C ARG E 128 6.45 37.99 -1.91
N SER E 129 7.05 38.74 -2.84
CA SER E 129 6.77 38.52 -4.26
C SER E 129 7.24 37.14 -4.73
N LEU E 130 8.46 36.74 -4.36
CA LEU E 130 8.97 35.42 -4.76
C LEU E 130 8.17 34.29 -4.12
N HIS E 131 7.86 34.41 -2.83
CA HIS E 131 7.07 33.42 -2.11
C HIS E 131 5.59 33.59 -2.43
N GLY E 132 5.08 32.74 -3.30
CA GLY E 132 3.70 32.79 -3.78
C GLY E 132 2.67 32.17 -2.84
N ASP E 133 3.08 31.69 -1.67
CA ASP E 133 2.18 31.02 -0.73
C ASP E 133 1.50 29.81 -1.40
N PRO E 134 2.25 28.74 -1.70
CA PRO E 134 1.68 27.61 -2.40
C PRO E 134 0.53 26.94 -1.66
N LEU E 135 0.46 27.08 -0.34
CA LEU E 135 -0.62 26.50 0.43
C LEU E 135 -1.99 27.05 0.02
N VAL E 136 -2.04 28.31 -0.40
CA VAL E 136 -3.26 28.94 -0.87
C VAL E 136 -3.47 28.61 -2.34
N GLY E 137 -4.69 28.25 -2.69
CA GLY E 137 -5.05 27.90 -4.05
C GLY E 137 -6.48 28.27 -4.41
N SER E 138 -6.97 27.68 -5.49
CA SER E 138 -8.34 27.92 -5.93
C SER E 138 -9.35 27.35 -4.94
N ARG E 139 -10.56 27.90 -4.98
CA ARG E 139 -11.66 27.47 -4.12
C ARG E 139 -12.21 26.10 -4.50
N ARG E 140 -12.04 25.69 -5.76
CA ARG E 140 -12.51 24.38 -6.22
C ARG E 140 -11.58 23.23 -5.84
N GLN E 141 -10.36 23.52 -5.37
CA GLN E 141 -9.41 22.50 -4.95
C GLN E 141 -9.82 21.95 -3.58
N ARG E 142 -10.85 21.13 -3.59
CA ARG E 142 -11.46 20.54 -2.42
C ARG E 142 -11.55 19.04 -2.56
N GLY E 143 -11.56 18.36 -1.42
CA GLY E 143 -11.66 16.91 -1.39
C GLY E 143 -10.31 16.27 -1.69
N GLU E 144 -10.28 15.31 -2.60
CA GLU E 144 -9.03 14.64 -2.96
C GLU E 144 -8.02 15.61 -3.59
N PHE E 145 -8.50 16.64 -4.28
CA PHE E 145 -7.65 17.65 -4.90
C PHE E 145 -7.18 18.65 -3.85
N ALA E 146 -6.31 18.21 -2.95
CA ALA E 146 -5.74 19.02 -1.89
C ALA E 146 -4.27 19.30 -2.17
N PRO E 147 -3.74 20.44 -1.72
CA PRO E 147 -2.35 20.76 -1.92
C PRO E 147 -1.44 19.79 -1.18
N GLN E 148 -0.30 19.46 -1.80
CA GLN E 148 0.71 18.60 -1.21
C GLN E 148 1.91 19.42 -0.75
N ALA E 149 2.88 18.76 -0.15
CA ALA E 149 4.08 19.41 0.31
C ALA E 149 4.90 19.93 -0.88
N PRO E 150 5.18 21.23 -0.97
CA PRO E 150 5.99 21.79 -2.05
C PRO E 150 7.50 21.69 -1.84
N THR E 151 7.95 20.95 -0.82
CA THR E 151 9.37 20.81 -0.52
C THR E 151 10.14 20.09 -1.62
N ALA E 152 9.46 19.36 -2.49
CA ALA E 152 10.14 18.66 -3.58
C ALA E 152 10.86 19.64 -4.52
N GLU E 153 10.21 20.74 -4.87
CA GLU E 153 10.84 21.73 -5.74
C GLU E 153 11.90 22.56 -5.01
N MET E 154 11.61 22.96 -3.77
CA MET E 154 12.54 23.75 -2.97
C MET E 154 13.83 22.98 -2.70
N ALA E 155 13.72 21.70 -2.39
CA ALA E 155 14.91 20.90 -2.10
C ALA E 155 15.85 20.83 -3.29
N LYS E 156 15.31 20.68 -4.51
CA LYS E 156 16.14 20.61 -5.71
C LYS E 156 16.95 21.88 -5.91
N MET E 157 16.30 23.04 -5.82
CA MET E 157 17.00 24.32 -6.01
C MET E 157 18.03 24.56 -4.91
N LEU E 158 17.69 24.26 -3.66
CA LEU E 158 18.59 24.48 -2.54
C LEU E 158 19.84 23.61 -2.63
N ASN E 159 19.71 22.40 -3.16
CA ASN E 159 20.85 21.50 -3.33
C ASN E 159 21.68 21.81 -4.57
N LYS E 160 21.05 22.23 -5.67
CA LYS E 160 21.77 22.53 -6.91
C LYS E 160 22.55 23.83 -6.82
N SER E 161 22.02 24.83 -6.10
CA SER E 161 22.69 26.12 -5.97
C SER E 161 23.95 26.06 -5.12
N CYS E 162 24.15 24.98 -4.34
CA CYS E 162 25.32 24.80 -3.49
C CYS E 162 25.43 25.96 -2.48
N VAL E 163 24.39 26.10 -1.66
CA VAL E 163 24.32 27.14 -0.63
C VAL E 163 24.84 26.57 0.69
N PRO E 164 25.76 27.24 1.38
CA PRO E 164 26.27 26.74 2.65
C PRO E 164 25.21 26.78 3.75
N CYS E 165 25.27 25.82 4.66
CA CYS E 165 24.37 25.78 5.81
C CYS E 165 24.85 26.76 6.89
N PRO E 166 23.94 27.48 7.56
CA PRO E 166 24.36 28.40 8.61
C PRO E 166 25.15 27.72 9.74
N ARG E 167 24.76 26.50 10.13
CA ARG E 167 25.41 25.77 11.21
C ARG E 167 26.86 25.44 10.86
N CYS E 168 27.06 24.65 9.82
CA CYS E 168 28.38 24.26 9.36
C CYS E 168 28.50 24.50 7.87
N LYS E 169 29.65 25.03 7.45
CA LYS E 169 29.91 25.30 6.04
C LYS E 169 30.10 23.98 5.30
N ARG E 170 29.11 23.60 4.51
CA ARG E 170 29.11 22.36 3.73
C ARG E 170 28.44 22.58 2.38
N GLU E 171 28.72 21.66 1.47
CA GLU E 171 28.10 21.68 0.15
C GLU E 171 26.66 21.16 0.23
N GLY E 172 26.03 20.93 -0.92
CA GLY E 172 24.66 20.44 -0.98
C GLY E 172 24.45 19.21 -0.11
N ARG E 173 23.71 19.38 0.99
CA ARG E 173 23.42 18.29 1.94
C ARG E 173 21.97 18.31 2.42
N TRP E 174 21.13 19.16 1.84
CA TRP E 174 19.73 19.27 2.24
C TRP E 174 18.93 18.07 1.74
N GLU E 175 17.79 17.86 2.34
CA GLU E 175 16.89 16.78 1.97
C GLU E 175 15.46 17.12 2.41
N GLU E 176 14.49 16.42 1.85
CA GLU E 176 13.10 16.58 2.22
C GLU E 176 12.82 15.98 3.59
N GLY E 177 12.17 16.75 4.46
CA GLY E 177 11.84 16.29 5.81
C GLY E 177 11.31 17.41 6.69
N TYR F 1 -49.79 -11.79 -54.90
CA TYR F 1 -48.72 -12.78 -55.08
C TYR F 1 -48.76 -13.38 -56.46
N ILE F 2 -48.54 -12.56 -57.48
CA ILE F 2 -48.59 -13.06 -58.87
C ILE F 2 -47.42 -14.00 -59.12
N THR F 3 -46.22 -13.60 -58.73
CA THR F 3 -45.03 -14.43 -58.91
C THR F 3 -45.02 -15.59 -57.92
N SER F 4 -44.36 -16.67 -58.30
CA SER F 4 -44.22 -17.87 -57.47
C SER F 4 -43.03 -17.78 -56.50
N ALA F 5 -42.22 -16.73 -56.57
CA ALA F 5 -41.06 -16.55 -55.70
C ALA F 5 -41.34 -15.65 -54.48
N ASN F 6 -42.61 -15.32 -54.23
CA ASN F 6 -42.98 -14.45 -53.10
C ASN F 6 -44.13 -14.98 -52.26
N PHE F 7 -44.66 -16.16 -52.54
CA PHE F 7 -45.72 -16.75 -51.74
C PHE F 7 -45.18 -17.19 -50.38
N SER F 8 -46.08 -17.55 -49.48
CA SER F 8 -45.75 -18.00 -48.14
C SER F 8 -45.06 -19.36 -48.10
N GLU F 9 -45.36 -20.23 -49.04
CA GLU F 9 -44.83 -21.59 -49.06
C GLU F 9 -43.36 -21.61 -49.46
N PRO F 10 -42.96 -20.99 -50.58
CA PRO F 10 -41.57 -20.99 -50.99
C PRO F 10 -40.63 -20.39 -49.95
N VAL F 11 -41.08 -19.38 -49.22
CA VAL F 11 -40.26 -18.74 -48.19
C VAL F 11 -39.86 -19.73 -47.11
N GLU F 12 -40.80 -20.56 -46.66
CA GLU F 12 -40.52 -21.58 -45.66
C GLU F 12 -39.58 -22.67 -46.18
N LEU F 13 -39.69 -23.03 -47.46
CA LEU F 13 -38.84 -24.08 -48.03
C LEU F 13 -37.37 -23.71 -47.94
N LEU F 14 -37.03 -22.47 -48.31
CA LEU F 14 -35.65 -21.99 -48.27
C LEU F 14 -35.16 -21.61 -46.87
N SER F 15 -36.07 -21.50 -45.91
CA SER F 15 -35.76 -21.14 -44.53
C SER F 15 -35.34 -22.31 -43.66
N LEU F 16 -35.41 -23.54 -44.18
CA LEU F 16 -35.06 -24.74 -43.44
C LEU F 16 -33.89 -25.47 -44.07
N ALA F 17 -33.90 -25.62 -45.39
CA ALA F 17 -32.86 -26.32 -46.11
C ALA F 17 -31.58 -25.52 -46.26
N GLU F 18 -31.61 -24.21 -46.04
CA GLU F 18 -30.48 -23.32 -46.18
C GLU F 18 -30.03 -22.67 -44.89
N ASP F 19 -30.88 -22.59 -43.88
CA ASP F 19 -30.56 -21.95 -42.61
C ASP F 19 -30.15 -22.96 -41.55
N LEU F 20 -31.02 -23.92 -41.24
CA LEU F 20 -30.76 -24.91 -40.20
C LEU F 20 -30.06 -26.15 -40.76
N HIS F 21 -30.49 -26.63 -41.92
CA HIS F 21 -29.89 -27.80 -42.53
C HIS F 21 -28.44 -27.57 -42.89
N LYS F 22 -28.13 -26.40 -43.45
CA LYS F 22 -26.75 -26.05 -43.79
C LYS F 22 -25.89 -25.78 -42.55
N ALA F 23 -26.48 -25.20 -41.49
CA ALA F 23 -25.72 -24.93 -40.27
C ALA F 23 -25.21 -26.22 -39.62
N GLU F 24 -26.04 -27.27 -39.60
CA GLU F 24 -25.64 -28.53 -38.99
C GLU F 24 -24.46 -29.17 -39.75
N ILE F 25 -24.44 -29.06 -41.07
CA ILE F 25 -23.35 -29.62 -41.86
C ILE F 25 -22.02 -28.99 -41.47
N TYR F 26 -21.97 -27.66 -41.33
CA TYR F 26 -20.74 -27.00 -40.92
C TYR F 26 -20.34 -27.36 -39.50
N THR F 27 -21.31 -27.50 -38.60
CA THR F 27 -21.02 -27.82 -37.20
C THR F 27 -20.33 -29.18 -37.08
N GLN F 28 -20.87 -30.20 -37.75
CA GLN F 28 -20.26 -31.53 -37.70
C GLN F 28 -18.89 -31.56 -38.39
N THR F 29 -18.74 -30.82 -39.48
CA THR F 29 -17.47 -30.80 -40.21
C THR F 29 -16.35 -30.22 -39.35
N THR F 30 -16.65 -29.15 -38.61
CA THR F 30 -15.64 -28.52 -37.75
C THR F 30 -15.20 -29.48 -36.63
N GLU F 31 -16.16 -30.16 -35.99
CA GLU F 31 -15.81 -31.11 -34.93
C GLU F 31 -15.06 -32.31 -35.48
N LYS F 32 -15.48 -32.83 -36.65
CA LYS F 32 -14.82 -33.99 -37.25
C LYS F 32 -13.38 -33.68 -37.61
N LEU F 33 -13.12 -32.49 -38.15
CA LEU F 33 -11.75 -32.11 -38.55
C LEU F 33 -10.81 -32.10 -37.34
N GLU F 34 -11.27 -31.58 -36.20
CA GLU F 34 -10.43 -31.53 -35.00
C GLU F 34 -10.01 -32.92 -34.52
N LYS F 35 -10.87 -33.93 -34.70
CA LYS F 35 -10.54 -35.30 -34.26
C LYS F 35 -9.42 -35.89 -35.11
N GLN F 36 -9.48 -35.72 -36.43
CA GLN F 36 -8.47 -36.29 -37.34
C GLN F 36 -7.23 -35.41 -37.49
N TRP F 37 -7.25 -34.18 -37.00
CA TRP F 37 -6.12 -33.25 -37.05
C TRP F 37 -5.87 -32.66 -35.66
N PRO F 38 -5.42 -33.49 -34.70
CA PRO F 38 -5.15 -33.01 -33.37
C PRO F 38 -3.85 -32.20 -33.33
N ALA F 39 -3.57 -31.62 -32.17
CA ALA F 39 -2.36 -30.87 -31.89
C ALA F 39 -1.52 -31.54 -30.81
N ALA F 40 -0.32 -31.03 -30.60
CA ALA F 40 0.57 -31.58 -29.58
C ALA F 40 -0.03 -31.47 -28.18
N GLY F 41 -0.66 -30.35 -27.87
CA GLY F 41 -1.26 -30.14 -26.57
C GLY F 41 -2.25 -28.99 -26.57
N GLY F 42 -2.25 -28.22 -25.50
CA GLY F 42 -3.13 -27.07 -25.40
C GLY F 42 -2.86 -26.04 -26.49
N VAL F 43 -3.92 -25.36 -26.91
CA VAL F 43 -3.82 -24.34 -27.94
C VAL F 43 -2.93 -23.17 -27.52
N ALA F 44 -2.96 -22.80 -26.24
CA ALA F 44 -2.14 -21.71 -25.74
C ALA F 44 -0.65 -22.05 -25.73
N LYS F 45 -0.31 -23.29 -25.40
CA LYS F 45 1.08 -23.72 -25.34
C LYS F 45 1.72 -23.84 -26.71
N GLY F 46 0.93 -24.13 -27.74
CA GLY F 46 1.44 -24.26 -29.09
C GLY F 46 1.93 -22.97 -29.71
N ILE F 47 1.43 -21.83 -29.23
CA ILE F 47 1.84 -20.53 -29.75
C ILE F 47 3.13 -20.06 -29.10
N GLN F 48 3.38 -20.46 -27.85
CA GLN F 48 4.59 -20.04 -27.13
C GLN F 48 5.82 -20.86 -27.51
N GLY F 49 5.65 -21.99 -28.21
CA GLY F 49 6.76 -22.85 -28.60
C GLY F 49 7.32 -22.53 -29.98
N ASP F 50 6.48 -22.04 -30.89
CA ASP F 50 6.87 -21.76 -32.28
C ASP F 50 7.54 -22.96 -32.97
N GLN F 51 7.04 -24.15 -32.65
CA GLN F 51 7.53 -25.40 -33.18
C GLN F 51 6.83 -25.76 -34.49
N PHE F 52 7.51 -26.56 -35.30
CA PHE F 52 6.97 -27.06 -36.54
C PHE F 52 5.93 -28.13 -36.29
N PHE F 53 5.16 -28.44 -37.32
CA PHE F 53 4.08 -29.42 -37.28
C PHE F 53 2.86 -28.98 -36.50
N ASP F 54 2.92 -27.82 -35.88
CA ASP F 54 1.80 -27.22 -35.17
C ASP F 54 1.27 -26.01 -35.91
N VAL F 55 2.15 -25.14 -36.36
CA VAL F 55 1.80 -24.03 -37.23
C VAL F 55 1.28 -24.50 -38.58
N MET F 56 1.84 -25.57 -39.11
CA MET F 56 1.42 -26.14 -40.38
C MET F 56 0.07 -26.81 -40.28
N ALA F 57 -0.14 -27.66 -39.27
CA ALA F 57 -1.41 -28.34 -39.12
C ALA F 57 -2.56 -27.36 -38.84
N ALA F 58 -2.32 -26.35 -38.00
CA ALA F 58 -3.33 -25.36 -37.70
C ALA F 58 -3.74 -24.56 -38.93
N ALA F 59 -2.78 -24.19 -39.78
CA ALA F 59 -3.07 -23.46 -40.99
C ALA F 59 -3.95 -24.25 -41.95
N VAL F 60 -3.71 -25.55 -42.08
CA VAL F 60 -4.51 -26.39 -42.96
C VAL F 60 -5.97 -26.42 -42.50
N ARG F 61 -6.19 -26.52 -41.19
CA ARG F 61 -7.55 -26.54 -40.65
C ARG F 61 -8.30 -25.26 -40.94
N GLU F 62 -7.61 -24.11 -40.90
CA GLU F 62 -8.27 -22.83 -41.17
C GLU F 62 -8.83 -22.78 -42.59
N ASP F 63 -8.06 -23.23 -43.58
CA ASP F 63 -8.53 -23.23 -44.96
C ASP F 63 -9.67 -24.23 -45.17
N LEU F 64 -9.58 -25.41 -44.56
CA LEU F 64 -10.62 -26.43 -44.71
C LEU F 64 -11.96 -25.92 -44.16
N GLN F 65 -11.95 -25.28 -42.99
CA GLN F 65 -13.18 -24.74 -42.42
C GLN F 65 -13.76 -23.61 -43.27
N ASP F 66 -12.91 -22.73 -43.80
CA ASP F 66 -13.39 -21.63 -44.62
C ASP F 66 -14.04 -22.12 -45.90
N GLN F 67 -13.44 -23.10 -46.57
CA GLN F 67 -14.02 -23.67 -47.79
C GLN F 67 -15.31 -24.43 -47.50
N SER F 68 -15.48 -24.94 -46.28
CA SER F 68 -16.67 -25.69 -45.86
C SER F 68 -17.69 -24.82 -45.14
N ARG F 69 -17.78 -23.53 -45.47
CA ARG F 69 -18.70 -22.59 -44.84
C ARG F 69 -19.86 -22.28 -45.79
N PRO F 70 -21.04 -22.87 -45.61
CA PRO F 70 -22.16 -22.57 -46.48
C PRO F 70 -22.57 -21.09 -46.39
N VAL F 71 -23.09 -20.56 -47.49
CA VAL F 71 -23.57 -19.18 -47.56
C VAL F 71 -25.05 -19.17 -47.24
N LEU F 72 -25.43 -18.48 -46.17
CA LEU F 72 -26.83 -18.39 -45.75
C LEU F 72 -27.59 -17.45 -46.68
N VAL F 73 -28.82 -17.82 -47.02
CA VAL F 73 -29.64 -17.00 -47.90
C VAL F 73 -30.38 -15.93 -47.11
N ASN F 74 -31.13 -16.35 -46.08
CA ASN F 74 -31.87 -15.39 -45.26
C ASN F 74 -30.92 -14.47 -44.49
N GLU F 75 -29.85 -15.02 -43.93
CA GLU F 75 -28.86 -14.25 -43.19
C GLU F 75 -27.76 -13.78 -44.14
N LEU F 76 -27.46 -12.47 -44.10
CA LEU F 76 -26.42 -11.88 -44.92
C LEU F 76 -25.16 -11.52 -44.14
N THR F 77 -25.16 -11.70 -42.81
CA THR F 77 -23.99 -11.35 -42.01
C THR F 77 -22.82 -12.28 -42.32
N ASP F 78 -23.10 -13.54 -42.65
CA ASP F 78 -22.07 -14.53 -42.97
C ASP F 78 -21.10 -14.71 -41.80
N HIS F 79 -21.66 -15.12 -40.66
CA HIS F 79 -20.86 -15.37 -39.46
C HIS F 79 -19.91 -16.55 -39.69
N GLU F 80 -18.71 -16.45 -39.10
CA GLU F 80 -17.72 -17.51 -39.18
C GLU F 80 -17.73 -18.44 -37.98
N ASN F 81 -18.25 -18.00 -36.84
CA ASN F 81 -18.29 -18.83 -35.64
C ASN F 81 -19.43 -19.84 -35.77
N PRO F 82 -19.17 -21.16 -35.70
CA PRO F 82 -20.25 -22.13 -35.80
C PRO F 82 -21.28 -22.01 -34.68
N TYR F 83 -20.86 -21.63 -33.46
CA TYR F 83 -21.79 -21.48 -32.35
C TYR F 83 -22.82 -20.37 -32.61
N CYS F 84 -22.37 -19.24 -33.14
CA CYS F 84 -23.27 -18.13 -33.44
C CYS F 84 -24.21 -18.44 -34.60
N MET F 85 -23.74 -19.17 -35.61
CA MET F 85 -24.57 -19.49 -36.77
C MET F 85 -25.82 -20.29 -36.38
N LYS F 86 -25.65 -21.30 -35.51
CA LYS F 86 -26.79 -22.10 -35.05
C LYS F 86 -27.70 -21.33 -34.10
N ARG F 87 -27.12 -20.50 -33.23
CA ARG F 87 -27.91 -19.72 -32.28
C ARG F 87 -28.84 -18.74 -33.00
N GLU F 88 -28.32 -18.03 -34.00
CA GLU F 88 -29.12 -17.06 -34.74
C GLU F 88 -30.08 -17.71 -35.73
N ALA F 89 -29.80 -18.93 -36.18
CA ALA F 89 -30.69 -19.61 -37.13
C ALA F 89 -32.06 -19.85 -36.52
N LEU F 90 -32.12 -20.29 -35.26
CA LEU F 90 -33.38 -20.55 -34.59
C LEU F 90 -34.17 -19.27 -34.32
N ARG F 91 -33.48 -18.15 -34.04
CA ARG F 91 -34.16 -16.88 -33.76
C ARG F 91 -34.99 -16.43 -34.96
N ARG F 92 -34.42 -16.52 -36.17
CA ARG F 92 -35.14 -16.11 -37.38
C ARG F 92 -36.37 -16.99 -37.62
N LEU F 93 -36.24 -18.30 -37.43
CA LEU F 93 -37.37 -19.22 -37.64
C LEU F 93 -38.44 -19.04 -36.57
N VAL F 94 -38.04 -18.84 -35.32
CA VAL F 94 -39.00 -18.65 -34.23
C VAL F 94 -39.82 -17.38 -34.43
N LEU F 95 -39.19 -16.30 -34.91
CA LEU F 95 -39.87 -15.03 -35.13
C LEU F 95 -40.73 -15.00 -36.40
N HIS F 96 -40.62 -16.01 -37.28
CA HIS F 96 -41.40 -16.04 -38.50
C HIS F 96 -42.86 -16.43 -38.23
N ALA F 97 -43.07 -17.65 -37.78
CA ALA F 97 -44.32 -18.09 -37.20
C ALA F 97 -44.05 -19.23 -36.23
N CYS F 98 -43.79 -18.87 -34.98
CA CYS F 98 -43.74 -19.81 -33.86
C CYS F 98 -44.55 -19.33 -32.68
N THR F 99 -44.52 -18.02 -32.43
CA THR F 99 -45.12 -17.41 -31.28
C THR F 99 -46.61 -17.19 -31.48
N ARG F 100 -47.31 -16.95 -30.37
CA ARG F 100 -48.74 -16.68 -30.35
C ARG F 100 -49.18 -15.55 -29.43
N ASN F 101 -48.27 -14.87 -28.76
CA ASN F 101 -48.57 -13.80 -27.84
C ASN F 101 -47.36 -12.88 -27.69
N CYS F 102 -47.60 -11.71 -27.11
CA CYS F 102 -46.55 -10.73 -26.86
C CYS F 102 -45.48 -11.28 -25.91
N LEU F 103 -45.88 -12.02 -24.87
CA LEU F 103 -44.95 -12.57 -23.91
C LEU F 103 -43.97 -13.55 -24.55
N ASP F 104 -44.44 -14.37 -25.47
CA ASP F 104 -43.61 -15.36 -26.12
C ASP F 104 -42.48 -14.71 -26.90
N GLU F 105 -42.72 -13.55 -27.49
CA GLU F 105 -41.67 -12.84 -28.24
C GLU F 105 -40.52 -12.43 -27.33
N THR F 106 -40.82 -12.00 -26.10
CA THR F 106 -39.78 -11.57 -25.16
C THR F 106 -39.01 -12.73 -24.54
N LEU F 107 -39.58 -13.94 -24.56
CA LEU F 107 -38.96 -15.13 -23.97
C LEU F 107 -38.15 -15.95 -24.99
N THR F 108 -37.92 -15.40 -26.18
CA THR F 108 -37.14 -16.13 -27.20
C THR F 108 -35.71 -16.38 -26.76
N ASP F 109 -35.10 -15.42 -26.04
CA ASP F 109 -33.72 -15.59 -25.59
C ASP F 109 -33.57 -16.77 -24.64
N THR F 110 -34.52 -16.95 -23.72
CA THR F 110 -34.47 -18.04 -22.75
C THR F 110 -34.58 -19.41 -23.42
N LEU F 111 -35.34 -19.51 -24.51
CA LEU F 111 -35.51 -20.80 -25.19
C LEU F 111 -34.17 -21.33 -25.69
N LEU F 112 -33.36 -20.48 -26.31
CA LEU F 112 -32.06 -20.90 -26.82
C LEU F 112 -31.13 -21.34 -25.69
N ASP F 113 -31.12 -20.61 -24.57
CA ASP F 113 -30.27 -20.98 -23.45
C ASP F 113 -30.66 -22.33 -22.84
N ARG F 114 -31.97 -22.60 -22.73
CA ARG F 114 -32.42 -23.88 -22.16
C ARG F 114 -32.01 -25.06 -23.02
N ARG F 115 -31.91 -24.90 -24.34
CA ARG F 115 -31.50 -25.98 -25.23
C ARG F 115 -30.08 -26.44 -24.86
N ALA F 116 -29.91 -27.74 -24.69
CA ALA F 116 -28.60 -28.31 -24.34
C ALA F 116 -27.66 -28.39 -25.55
N ASP F 117 -28.20 -28.37 -26.77
CA ASP F 117 -27.36 -28.47 -27.96
C ASP F 117 -26.41 -27.28 -28.09
N LEU F 118 -26.90 -26.06 -27.81
CA LEU F 118 -26.08 -24.86 -27.91
C LEU F 118 -25.06 -24.74 -26.78
N GLN F 119 -25.30 -25.36 -25.64
CA GLN F 119 -24.38 -25.27 -24.50
C GLN F 119 -23.07 -26.02 -24.75
N ARG F 120 -23.05 -26.97 -25.69
CA ARG F 120 -21.83 -27.74 -25.97
C ARG F 120 -20.81 -26.92 -26.74
N LEU F 121 -21.27 -26.07 -27.66
CA LEU F 121 -20.40 -25.26 -28.50
C LEU F 121 -20.01 -23.93 -27.85
N ARG F 122 -20.54 -23.62 -26.66
CA ARG F 122 -20.21 -22.37 -25.97
C ARG F 122 -18.74 -22.31 -25.55
N SER F 123 -18.18 -23.45 -25.14
CA SER F 123 -16.79 -23.55 -24.67
C SER F 123 -15.81 -23.87 -25.80
N LYS F 124 -16.19 -23.61 -27.05
CA LYS F 124 -15.33 -23.88 -28.23
C LYS F 124 -15.42 -22.69 -29.15
N ALA F 125 -14.41 -21.84 -29.11
CA ALA F 125 -14.33 -20.64 -29.92
C ALA F 125 -12.86 -20.27 -30.16
N ARG F 126 -12.64 -19.25 -30.98
CA ARG F 126 -11.31 -18.76 -31.30
C ARG F 126 -10.77 -17.91 -30.18
N LEU F 127 -9.49 -18.07 -29.89
CA LEU F 127 -8.81 -17.29 -28.87
C LEU F 127 -8.73 -15.83 -29.30
N PRO F 128 -9.14 -14.89 -28.45
CA PRO F 128 -9.02 -13.50 -28.81
C PRO F 128 -7.57 -13.12 -29.09
N PRO F 129 -7.30 -12.21 -30.04
CA PRO F 129 -5.94 -11.79 -30.31
C PRO F 129 -5.23 -11.19 -29.11
N GLU F 130 -5.96 -10.45 -28.28
CA GLU F 130 -5.42 -9.77 -27.10
C GLU F 130 -5.32 -10.71 -25.90
N VAL F 131 -4.63 -11.81 -26.09
CA VAL F 131 -4.36 -12.81 -25.07
C VAL F 131 -2.87 -13.03 -24.88
N LEU F 132 -2.19 -13.37 -25.96
CA LEU F 132 -0.75 -13.61 -25.97
C LEU F 132 0.06 -12.52 -26.63
N GLU F 133 -0.55 -11.68 -27.46
CA GLU F 133 0.16 -10.61 -28.13
C GLU F 133 0.83 -9.64 -27.16
N PRO F 134 0.14 -9.13 -26.12
CA PRO F 134 0.79 -8.25 -25.16
C PRO F 134 2.00 -8.89 -24.47
N LEU F 135 1.91 -10.18 -24.16
CA LEU F 135 3.00 -10.89 -23.52
C LEU F 135 4.21 -11.03 -24.41
N ALA F 136 4.01 -11.23 -25.71
CA ALA F 136 5.10 -11.34 -26.65
C ALA F 136 5.94 -10.07 -26.72
N ALA F 137 5.29 -8.91 -26.72
CA ALA F 137 5.98 -7.64 -26.75
C ALA F 137 6.80 -7.35 -25.50
N PHE F 138 6.42 -7.92 -24.36
CA PHE F 138 7.13 -7.70 -23.12
C PHE F 138 8.57 -8.19 -23.18
N VAL F 139 8.77 -9.40 -23.69
CA VAL F 139 10.11 -9.95 -23.82
C VAL F 139 10.90 -9.28 -24.94
N GLY F 140 10.24 -8.55 -25.83
CA GLY F 140 10.90 -7.86 -26.93
C GLY F 140 11.40 -8.83 -27.99
N ILE F 141 10.48 -9.53 -28.65
CA ILE F 141 10.79 -10.44 -29.75
C ILE F 141 10.06 -10.00 -31.00
N THR F 142 10.79 -9.91 -32.11
CA THR F 142 10.25 -9.46 -33.41
C THR F 142 10.30 -10.58 -34.44
N ARG F 143 10.03 -11.82 -34.02
CA ARG F 143 10.11 -13.00 -34.88
C ARG F 143 8.95 -13.95 -34.69
N PHE F 144 7.82 -13.48 -34.19
CA PHE F 144 6.64 -14.28 -33.92
C PHE F 144 5.41 -13.57 -34.48
N SER F 145 4.52 -14.34 -35.11
CA SER F 145 3.27 -13.84 -35.65
C SER F 145 2.13 -14.61 -35.02
N PHE F 146 1.16 -13.89 -34.49
CA PHE F 146 -0.01 -14.50 -33.86
C PHE F 146 -0.85 -15.27 -34.86
N ASP F 147 -1.06 -14.70 -36.05
CA ASP F 147 -1.85 -15.34 -37.07
C ASP F 147 -1.19 -16.63 -37.53
N ARG F 148 -1.98 -17.69 -37.63
CA ARG F 148 -1.49 -19.00 -38.06
C ARG F 148 -1.21 -19.05 -39.54
N ARG F 149 -2.09 -18.50 -40.36
CA ARG F 149 -1.90 -18.46 -41.80
C ARG F 149 -0.67 -17.66 -42.19
N ALA F 150 -0.48 -16.49 -41.61
CA ALA F 150 0.68 -15.69 -41.90
C ALA F 150 1.98 -16.30 -41.38
N ARG F 151 1.94 -16.98 -40.24
CA ARG F 151 3.14 -17.59 -39.67
C ARG F 151 3.74 -18.64 -40.61
N LEU F 152 2.89 -19.48 -41.19
CA LEU F 152 3.35 -20.51 -42.10
C LEU F 152 4.00 -19.93 -43.35
N ASN F 153 3.44 -18.85 -43.88
CA ASN F 153 4.00 -18.21 -45.05
C ASN F 153 5.42 -17.71 -44.80
N GLN F 154 5.68 -17.08 -43.66
CA GLN F 154 7.01 -16.55 -43.39
C GLN F 154 8.03 -17.61 -42.93
N LYS F 155 7.60 -18.81 -42.53
CA LYS F 155 8.53 -19.94 -42.31
C LYS F 155 8.98 -20.60 -43.62
N VAL F 156 8.02 -20.85 -44.53
CA VAL F 156 8.31 -21.49 -45.81
C VAL F 156 9.17 -20.59 -46.68
N THR F 157 8.93 -19.29 -46.64
CA THR F 157 9.70 -18.36 -47.46
C THR F 157 11.18 -18.39 -47.10
N ALA F 158 11.52 -18.41 -45.81
CA ALA F 158 12.91 -18.48 -45.38
C ALA F 158 13.57 -19.81 -45.78
N VAL F 159 12.85 -20.92 -45.62
CA VAL F 159 13.35 -22.24 -45.95
C VAL F 159 13.53 -22.42 -47.44
N GLN F 160 12.55 -22.03 -48.24
CA GLN F 160 12.62 -22.19 -49.69
C GLN F 160 13.76 -21.40 -50.28
N HIS F 161 13.96 -20.17 -49.83
CA HIS F 161 15.04 -19.32 -50.32
C HIS F 161 16.42 -19.79 -49.89
N ALA F 162 16.51 -20.62 -48.85
CA ALA F 162 17.77 -21.13 -48.35
C ALA F 162 18.29 -22.35 -49.09
N LEU F 163 17.43 -23.09 -49.78
CA LEU F 163 17.82 -24.29 -50.52
C LEU F 163 18.69 -23.99 -51.74
N ARG F 164 18.69 -22.75 -52.22
CA ARG F 164 19.48 -22.35 -53.37
C ARG F 164 20.97 -22.48 -53.15
N GLN F 165 21.43 -22.29 -51.91
CA GLN F 165 22.82 -22.38 -51.52
C GLN F 165 23.28 -23.78 -51.10
N ILE F 166 22.35 -24.72 -50.95
CA ILE F 166 22.65 -26.07 -50.51
C ILE F 166 22.74 -27.07 -51.67
N SER F 167 22.08 -26.78 -52.79
CA SER F 167 22.12 -27.68 -53.94
C SER F 167 23.53 -27.78 -54.49
N LEU F 168 23.97 -29.01 -54.77
CA LEU F 168 25.30 -29.24 -55.32
C LEU F 168 25.40 -28.68 -56.75
N ASP F 169 26.56 -28.13 -57.09
CA ASP F 169 26.79 -27.60 -58.42
C ASP F 169 26.90 -28.72 -59.46
N PRO F 183 30.61 -37.65 -46.73
CA PRO F 183 30.41 -36.38 -47.42
C PRO F 183 30.37 -35.20 -46.46
N THR F 184 30.92 -34.06 -46.87
CA THR F 184 30.95 -32.85 -46.05
C THR F 184 31.19 -31.65 -46.96
N MET F 185 31.01 -30.45 -46.41
CA MET F 185 31.22 -29.19 -47.11
C MET F 185 32.66 -28.69 -47.01
N ASP F 186 33.56 -29.45 -46.40
CA ASP F 186 34.98 -29.08 -46.23
C ASP F 186 35.16 -27.70 -45.57
N ALA F 187 34.14 -27.20 -44.88
CA ALA F 187 34.21 -25.95 -44.15
C ALA F 187 34.72 -24.78 -45.00
N GLU F 188 34.11 -24.55 -46.15
CA GLU F 188 34.48 -23.42 -47.01
C GLU F 188 33.27 -22.56 -47.39
N LYS F 189 32.12 -23.20 -47.62
CA LYS F 189 30.89 -22.55 -48.04
C LYS F 189 29.73 -22.76 -47.08
N VAL F 190 30.03 -22.97 -45.81
CA VAL F 190 29.00 -23.19 -44.79
C VAL F 190 28.33 -21.88 -44.38
N GLU F 191 29.06 -20.77 -44.44
CA GLU F 191 28.54 -19.47 -44.07
C GLU F 191 27.62 -18.86 -45.12
N ALA F 192 27.68 -19.31 -46.37
CA ALA F 192 26.85 -18.76 -47.42
C ALA F 192 25.37 -18.95 -47.15
N VAL F 193 24.96 -20.14 -46.74
CA VAL F 193 23.58 -20.43 -46.41
C VAL F 193 23.13 -19.73 -45.14
N LEU F 194 24.07 -19.39 -44.27
CA LEU F 194 23.83 -18.75 -42.99
C LEU F 194 24.02 -17.23 -43.03
N SER F 195 23.81 -16.62 -44.18
CA SER F 195 24.01 -15.18 -44.37
C SER F 195 22.88 -14.49 -45.10
N VAL F 196 21.93 -15.26 -45.63
CA VAL F 196 20.81 -14.76 -46.44
C VAL F 196 19.50 -14.82 -45.66
N LEU F 197 19.58 -14.77 -44.34
CA LEU F 197 18.44 -14.84 -43.44
C LEU F 197 18.48 -13.66 -42.46
N PRO F 198 17.33 -13.17 -42.01
CA PRO F 198 17.31 -12.02 -41.12
C PRO F 198 17.71 -12.36 -39.68
N GLU F 199 17.76 -13.62 -39.29
CA GLU F 199 18.09 -14.02 -37.92
C GLU F 199 19.51 -13.60 -37.55
N ASN F 200 20.50 -14.09 -38.27
CA ASN F 200 21.91 -13.74 -38.06
C ASN F 200 22.32 -12.57 -38.96
N PHE F 201 21.54 -11.50 -38.96
CA PHE F 201 21.85 -10.31 -39.72
C PHE F 201 21.50 -9.07 -38.92
N PRO F 202 22.36 -8.04 -38.90
CA PRO F 202 22.05 -6.82 -38.19
C PRO F 202 20.86 -6.10 -38.80
N SER F 203 20.10 -5.42 -37.98
CA SER F 203 18.93 -4.65 -38.37
C SER F 203 19.23 -3.17 -38.62
N ASP F 204 20.47 -2.83 -38.92
CA ASP F 204 20.90 -1.47 -39.19
C ASP F 204 20.68 -1.02 -40.63
N ALA F 205 20.75 -1.95 -41.58
CA ALA F 205 20.56 -1.66 -43.00
C ALA F 205 19.08 -1.74 -43.44
N LEU F 206 18.16 -2.03 -42.52
CA LEU F 206 16.73 -2.14 -42.85
C LEU F 206 16.16 -0.83 -43.39
N HIS F 207 16.71 0.31 -42.99
CA HIS F 207 16.23 1.61 -43.43
C HIS F 207 17.36 2.63 -43.44
N PRO F 208 17.86 3.06 -44.61
CA PRO F 208 18.96 4.02 -44.67
C PRO F 208 18.65 5.35 -43.98
N HIS F 209 17.38 5.79 -44.03
CA HIS F 209 16.97 7.06 -43.39
C HIS F 209 16.96 7.02 -41.87
N HIS F 210 17.06 5.84 -41.26
CA HIS F 210 17.06 5.69 -39.80
C HIS F 210 18.10 4.66 -39.36
N PRO F 211 19.38 5.01 -39.41
CA PRO F 211 20.44 4.08 -39.01
C PRO F 211 20.44 3.83 -37.51
N PHE F 212 19.91 2.69 -37.09
CA PHE F 212 19.81 2.26 -35.71
C PHE F 212 19.70 0.75 -35.61
N ARG F 213 19.95 0.23 -34.41
CA ARG F 213 19.94 -1.21 -34.19
C ARG F 213 18.52 -1.77 -34.18
N ASN F 214 17.67 -1.28 -33.28
CA ASN F 214 16.31 -1.75 -33.13
C ASN F 214 15.35 -0.59 -33.39
N HIS F 215 14.64 -0.63 -34.50
CA HIS F 215 13.62 0.36 -34.82
C HIS F 215 12.28 -0.28 -35.16
N PHE F 216 12.30 -1.41 -35.85
CA PHE F 216 11.11 -2.09 -36.32
C PHE F 216 10.71 -3.22 -35.39
N GLY F 217 9.41 -3.39 -35.22
CA GLY F 217 8.83 -4.42 -34.37
C GLY F 217 8.11 -5.48 -35.19
N PHE F 218 6.91 -5.81 -34.78
CA PHE F 218 6.05 -6.77 -35.47
C PHE F 218 4.61 -6.25 -35.52
N GLU F 219 3.91 -6.61 -36.57
CA GLU F 219 2.52 -6.22 -36.74
C GLU F 219 1.59 -7.19 -36.00
N SER F 220 0.51 -6.64 -35.46
CA SER F 220 -0.53 -7.36 -34.78
C SER F 220 -1.63 -7.81 -35.73
N SER F 221 -2.49 -8.68 -35.24
CA SER F 221 -3.65 -9.24 -35.96
C SER F 221 -4.98 -8.75 -35.43
N VAL F 222 -5.00 -7.56 -34.83
CA VAL F 222 -6.19 -6.98 -34.27
C VAL F 222 -7.07 -6.45 -35.39
N PRO F 223 -8.36 -6.84 -35.46
CA PRO F 223 -9.23 -6.30 -36.50
C PRO F 223 -9.33 -4.78 -36.41
N TYR F 224 -9.46 -4.14 -37.56
CA TYR F 224 -9.58 -2.71 -37.69
C TYR F 224 -10.59 -2.35 -38.76
N GLY F 225 -11.16 -1.17 -38.63
CA GLY F 225 -12.15 -0.65 -39.56
C GLY F 225 -13.54 -0.55 -38.95
N VAL F 226 -14.43 0.05 -39.72
CA VAL F 226 -15.83 0.25 -39.33
C VAL F 226 -16.68 -0.85 -39.90
N VAL F 227 -17.61 -1.36 -39.10
CA VAL F 227 -18.49 -2.44 -39.55
C VAL F 227 -19.37 -1.96 -40.72
N GLY F 228 -20.01 -0.80 -40.56
CA GLY F 228 -20.78 -0.19 -41.62
C GLY F 228 -20.93 1.31 -41.43
N SER F 229 -20.51 2.08 -42.42
CA SER F 229 -20.62 3.54 -42.40
C SER F 229 -20.24 4.08 -43.78
N ILE F 230 -20.16 5.41 -43.90
CA ILE F 230 -19.72 6.06 -45.13
C ILE F 230 -18.20 5.94 -45.35
N SER F 231 -17.46 5.36 -44.40
CA SER F 231 -16.01 5.23 -44.49
C SER F 231 -15.58 3.77 -44.40
N MET F 232 -16.34 2.87 -45.04
CA MET F 232 -16.00 1.45 -45.02
C MET F 232 -14.62 1.19 -45.62
N GLY F 233 -14.34 1.81 -46.77
CA GLY F 233 -13.07 1.64 -47.47
C GLY F 233 -11.99 2.62 -47.01
N LYS F 234 -11.70 2.64 -45.71
CA LYS F 234 -10.70 3.50 -45.11
C LYS F 234 -9.46 2.79 -44.65
N GLY F 235 -9.61 1.72 -43.92
CA GLY F 235 -8.50 1.00 -43.37
C GLY F 235 -7.64 1.87 -42.47
N ARG F 236 -6.35 1.90 -42.75
CA ARG F 236 -5.37 2.70 -42.04
C ARG F 236 -4.96 3.91 -42.85
N LYS F 237 -4.69 5.01 -42.16
CA LYS F 237 -4.21 6.24 -42.76
C LYS F 237 -2.77 6.11 -43.24
N LYS F 238 -2.32 7.09 -44.02
CA LYS F 238 -0.95 7.11 -44.51
C LYS F 238 0.06 7.14 -43.38
N ILE F 239 -0.17 7.99 -42.37
CA ILE F 239 0.72 8.08 -41.21
C ILE F 239 0.53 6.95 -40.20
N GLU F 240 -0.67 6.39 -40.13
CA GLU F 240 -0.97 5.30 -39.20
C GLU F 240 -0.27 4.01 -39.57
N LYS F 241 -0.10 3.73 -40.86
CA LYS F 241 0.58 2.52 -41.31
C LYS F 241 2.02 2.46 -40.82
N GLU F 242 2.69 3.60 -40.69
CA GLU F 242 4.08 3.63 -40.23
C GLU F 242 4.21 3.08 -38.81
N LEU F 243 3.34 3.52 -37.89
CA LEU F 243 3.41 3.09 -36.50
C LEU F 243 2.89 1.66 -36.30
N ALA F 244 2.13 1.13 -37.25
CA ALA F 244 1.61 -0.22 -37.19
C ALA F 244 2.70 -1.29 -37.30
N ARG F 245 3.86 -0.94 -37.86
CA ARG F 245 4.99 -1.85 -38.05
C ARG F 245 6.20 -1.47 -37.20
N LEU F 246 6.01 -0.68 -36.16
CA LEU F 246 7.07 -0.24 -35.25
C LEU F 246 6.73 -0.62 -33.82
N ARG F 247 7.77 -0.81 -33.01
CA ARG F 247 7.61 -1.19 -31.62
C ARG F 247 6.86 -0.11 -30.83
N TYR F 248 7.24 1.14 -31.03
CA TYR F 248 6.62 2.31 -30.45
C TYR F 248 7.09 3.57 -31.15
N PRO F 249 6.28 4.63 -31.16
CA PRO F 249 6.66 5.87 -31.80
C PRO F 249 7.77 6.58 -31.04
N THR F 250 8.51 7.40 -31.76
CA THR F 250 9.60 8.22 -31.23
C THR F 250 9.50 9.65 -31.73
N LEU F 251 10.43 10.50 -31.33
CA LEU F 251 10.51 11.90 -31.73
C LEU F 251 11.92 12.30 -32.14
N GLN F 252 12.63 11.41 -32.83
CA GLN F 252 13.97 11.66 -33.32
C GLN F 252 14.03 12.17 -34.75
N ARG F 253 12.97 11.97 -35.53
CA ARG F 253 12.96 12.41 -36.94
C ARG F 253 12.95 13.93 -37.05
N VAL F 254 12.32 14.61 -36.10
CA VAL F 254 12.21 16.08 -36.15
C VAL F 254 13.57 16.74 -36.00
N ALA F 255 14.45 16.17 -35.18
CA ALA F 255 15.76 16.71 -34.91
C ALA F 255 16.69 16.54 -36.11
N HIS F 256 16.69 17.53 -36.99
CA HIS F 256 17.53 17.58 -38.18
C HIS F 256 18.37 18.85 -38.24
N SER F 257 17.78 19.97 -37.87
CA SER F 257 18.42 21.28 -37.85
C SER F 257 17.86 22.09 -36.71
N LEU F 258 18.75 22.68 -35.93
CA LEU F 258 18.45 23.48 -34.76
C LEU F 258 19.04 24.88 -34.88
N PRO F 259 18.49 25.85 -34.16
CA PRO F 259 19.02 27.20 -34.21
C PRO F 259 20.50 27.27 -33.86
N LYS F 260 21.23 28.15 -34.53
CA LYS F 260 22.65 28.34 -34.31
C LYS F 260 22.93 28.88 -32.91
N ASP F 261 22.08 29.79 -32.42
CA ASP F 261 22.23 30.37 -31.11
C ASP F 261 22.19 29.29 -30.03
N LEU F 262 23.13 29.35 -29.09
CA LEU F 262 23.20 28.36 -28.03
C LEU F 262 21.99 28.42 -27.12
N LYS F 263 21.51 29.63 -26.79
CA LYS F 263 20.36 29.79 -25.89
C LYS F 263 19.11 29.16 -26.49
N TYR F 264 18.83 29.44 -27.75
CA TYR F 264 17.67 28.91 -28.44
C TYR F 264 17.79 27.42 -28.72
N ARG F 265 18.99 26.91 -28.97
CA ARG F 265 19.20 25.49 -29.24
C ARG F 265 18.80 24.64 -28.04
N GLU F 266 19.18 25.05 -26.84
CA GLU F 266 18.83 24.29 -25.63
C GLU F 266 17.34 24.38 -25.31
N SER F 267 16.71 25.54 -25.53
CA SER F 267 15.29 25.69 -25.21
C SER F 267 14.41 24.74 -26.03
N VAL F 268 14.70 24.62 -27.33
CA VAL F 268 13.94 23.72 -28.20
C VAL F 268 14.34 22.27 -28.01
N ALA F 269 15.61 21.99 -27.75
CA ALA F 269 16.08 20.64 -27.58
C ALA F 269 15.44 19.96 -26.38
N HIS F 270 15.29 20.69 -25.28
CA HIS F 270 14.70 20.12 -24.07
C HIS F 270 13.26 19.66 -24.29
N ALA F 271 12.48 20.40 -25.08
CA ALA F 271 11.10 20.06 -25.36
C ALA F 271 10.94 18.73 -26.08
N ILE F 272 11.93 18.34 -26.89
CA ILE F 272 11.88 17.09 -27.63
C ILE F 272 11.89 15.89 -26.69
N ARG F 273 12.74 15.93 -25.66
CA ARG F 273 12.87 14.81 -24.72
C ARG F 273 11.63 14.64 -23.85
N VAL F 274 10.93 15.73 -23.54
CA VAL F 274 9.75 15.67 -22.67
C VAL F 274 8.49 15.31 -23.45
N LEU F 275 8.32 15.86 -24.65
CA LEU F 275 7.15 15.60 -25.47
C LEU F 275 7.02 14.14 -25.84
N GLU F 276 8.13 13.49 -26.18
CA GLU F 276 8.15 12.09 -26.55
C GLU F 276 7.78 11.16 -25.39
N ARG F 277 7.85 11.65 -24.16
CA ARG F 277 7.50 10.88 -22.97
C ARG F 277 6.33 11.49 -22.22
N SER F 278 5.32 11.96 -22.94
CA SER F 278 4.12 12.54 -22.37
C SER F 278 2.89 11.96 -23.04
N ARG F 279 1.83 11.77 -22.26
CA ARG F 279 0.56 11.23 -22.74
C ARG F 279 -0.45 12.37 -22.89
N GLY F 280 -1.11 12.42 -24.03
CA GLY F 280 -2.11 13.44 -24.32
C GLY F 280 -1.94 14.08 -25.69
N TRP F 281 -0.72 14.07 -26.21
CA TRP F 281 -0.40 14.64 -27.52
C TRP F 281 -0.38 13.54 -28.56
N ASP F 282 -1.01 13.79 -29.69
CA ASP F 282 -1.05 12.87 -30.81
C ASP F 282 0.28 12.88 -31.56
N PHE F 283 0.54 11.81 -32.30
CA PHE F 283 1.76 11.70 -33.08
C PHE F 283 1.87 12.79 -34.13
N GLU F 284 0.78 13.08 -34.83
CA GLU F 284 0.76 14.12 -35.84
C GLU F 284 0.99 15.50 -35.24
N SER F 285 0.37 15.79 -34.09
CA SER F 285 0.53 17.07 -33.43
C SER F 285 1.93 17.29 -32.91
N LYS F 286 2.61 16.24 -32.46
CA LYS F 286 3.97 16.35 -31.94
C LYS F 286 4.93 16.86 -32.99
N VAL F 287 4.85 16.34 -34.20
CA VAL F 287 5.72 16.76 -35.29
C VAL F 287 5.49 18.22 -35.65
N LYS F 288 4.23 18.63 -35.78
CA LYS F 288 3.87 20.00 -36.11
C LYS F 288 4.20 20.98 -35.00
N ALA F 289 4.11 20.57 -33.75
CA ALA F 289 4.41 21.44 -32.62
C ALA F 289 5.86 21.91 -32.63
N VAL F 290 6.79 21.01 -32.89
CA VAL F 290 8.20 21.32 -32.91
C VAL F 290 8.67 21.89 -34.24
N ASN F 291 8.03 21.50 -35.34
CA ASN F 291 8.39 22.01 -36.65
C ASN F 291 8.20 23.52 -36.76
N ALA F 292 7.11 24.04 -36.23
CA ALA F 292 6.82 25.46 -36.23
C ALA F 292 7.57 26.23 -35.14
N LEU F 293 8.08 25.57 -34.11
CA LEU F 293 8.78 26.21 -33.02
C LEU F 293 10.19 26.65 -33.42
N VAL F 294 10.88 25.86 -34.22
CA VAL F 294 12.23 26.18 -34.67
C VAL F 294 12.26 27.36 -35.63
N GLU F 295 11.17 27.62 -36.33
CA GLU F 295 11.08 28.70 -37.29
C GLU F 295 10.82 30.05 -36.64
N VAL F 296 9.90 30.11 -35.68
CA VAL F 296 9.60 31.35 -34.99
C VAL F 296 10.81 31.86 -34.20
N TRP F 297 11.58 30.96 -33.61
CA TRP F 297 12.78 31.33 -32.87
C TRP F 297 13.86 31.92 -33.77
N ASN F 298 14.02 31.39 -34.97
CA ASN F 298 15.04 31.87 -35.90
C ASN F 298 14.72 33.24 -36.48
N ARG F 299 13.47 33.67 -36.42
CA ARG F 299 13.01 34.96 -36.93
C ARG F 299 13.02 36.07 -35.87
N LEU F 300 13.86 35.95 -34.86
CA LEU F 300 13.95 36.90 -33.76
C LEU F 300 15.41 37.23 -33.48
N ALA F 301 15.63 38.38 -32.84
CA ALA F 301 16.97 38.81 -32.47
C ALA F 301 17.61 37.83 -31.49
N PRO F 302 18.94 37.75 -31.44
CA PRO F 302 19.62 36.83 -30.55
C PRO F 302 19.31 37.13 -29.09
N GLY F 303 19.35 36.10 -28.24
CA GLY F 303 19.01 36.26 -26.84
C GLY F 303 19.99 37.14 -26.09
N ARG F 304 21.22 37.29 -26.60
CA ARG F 304 22.22 38.16 -25.97
C ARG F 304 21.76 39.61 -25.95
N THR F 305 20.97 40.03 -26.92
CA THR F 305 20.45 41.41 -27.02
C THR F 305 19.09 41.58 -26.38
N TYR F 306 18.23 40.55 -26.38
CA TYR F 306 16.92 40.64 -25.75
C TYR F 306 17.03 40.87 -24.25
N GLU F 307 17.91 40.16 -23.56
CA GLU F 307 18.05 40.31 -22.12
C GLU F 307 18.53 41.71 -21.74
N LYS F 308 19.49 42.26 -22.50
CA LYS F 308 20.02 43.59 -22.19
C LYS F 308 18.93 44.66 -22.29
N ILE F 309 18.09 44.59 -23.32
CA ILE F 309 17.01 45.57 -23.50
C ILE F 309 15.99 45.44 -22.38
N LEU F 310 15.57 44.22 -22.06
CA LEU F 310 14.57 44.02 -21.01
C LEU F 310 15.11 44.42 -19.63
N ASN F 311 16.37 44.09 -19.32
CA ASN F 311 16.93 44.41 -18.01
C ASN F 311 16.97 45.92 -17.77
N HIS F 312 17.39 46.69 -18.77
CA HIS F 312 17.46 48.15 -18.63
C HIS F 312 16.07 48.80 -18.55
N ALA F 313 15.08 48.25 -19.25
CA ALA F 313 13.73 48.79 -19.27
C ALA F 313 12.86 48.29 -18.11
N PHE F 314 13.36 47.40 -17.26
CA PHE F 314 12.62 46.84 -16.15
C PHE F 314 13.52 46.72 -14.93
N PRO F 315 13.75 47.84 -14.22
CA PRO F 315 14.59 47.80 -13.04
C PRO F 315 13.96 46.97 -11.92
N VAL F 316 14.80 46.56 -10.95
CA VAL F 316 14.34 45.74 -9.84
C VAL F 316 13.29 46.48 -9.01
N PHE F 317 13.56 47.75 -8.70
CA PHE F 317 12.64 48.58 -7.92
C PHE F 317 11.84 49.50 -8.83
N ARG F 318 10.55 49.66 -8.54
CA ARG F 318 9.66 50.56 -9.26
C ARG F 318 9.91 52.02 -8.86
N GLY F 319 9.29 52.93 -9.58
CA GLY F 319 9.33 54.36 -9.30
C GLY F 319 7.96 54.95 -9.02
N ARG F 320 7.90 56.28 -8.87
CA ARG F 320 6.65 56.99 -8.64
C ARG F 320 5.83 57.26 -9.88
N GLY F 321 6.43 57.15 -11.08
CA GLY F 321 5.75 57.47 -12.34
C GLY F 321 6.03 56.46 -13.44
N MET F 322 6.33 55.22 -13.07
CA MET F 322 6.68 54.17 -14.04
C MET F 322 5.47 53.49 -14.65
N VAL F 323 4.27 53.72 -14.11
CA VAL F 323 3.05 53.10 -14.65
C VAL F 323 2.73 53.62 -16.05
N LYS F 324 3.02 54.90 -16.33
CA LYS F 324 2.73 55.58 -17.60
C LYS F 324 1.24 55.75 -17.91
N LYS F 325 0.35 55.27 -17.04
CA LYS F 325 -1.09 55.41 -17.20
C LYS F 325 -1.60 56.40 -16.18
N THR F 326 -2.12 57.51 -16.66
CA THR F 326 -2.65 58.60 -15.84
C THR F 326 -3.98 59.04 -16.38
N ARG F 327 -4.84 59.58 -15.50
CA ARG F 327 -6.19 60.04 -15.85
C ARG F 327 -6.97 59.07 -16.75
N SER F 328 -6.79 57.78 -16.51
CA SER F 328 -7.40 56.71 -17.28
C SER F 328 -8.73 56.28 -16.66
N ARG F 329 -9.62 57.23 -16.45
CA ARG F 329 -10.95 56.96 -15.89
C ARG F 329 -11.79 56.12 -16.83
N ALA F 330 -12.76 55.42 -16.27
CA ALA F 330 -13.66 54.57 -17.01
C ALA F 330 -14.89 55.34 -17.56
N ALA F 331 -15.58 56.09 -16.70
CA ALA F 331 -16.78 56.84 -17.07
C ALA F 331 -16.49 58.25 -17.60
N VAL F 332 -15.50 58.36 -18.48
CA VAL F 332 -15.13 59.63 -19.11
C VAL F 332 -15.11 59.49 -20.62
N PHE F 333 -14.35 58.52 -21.12
CA PHE F 333 -14.08 58.40 -22.56
C PHE F 333 -15.06 57.48 -23.26
N ASN F 334 -15.08 56.21 -22.85
CA ASN F 334 -15.79 55.15 -23.57
C ASN F 334 -16.92 54.59 -22.70
N LYS F 335 -17.72 55.48 -22.12
CA LYS F 335 -18.89 55.10 -21.32
C LYS F 335 -20.08 56.01 -21.57
N GLY F 336 -20.17 56.52 -22.79
CA GLY F 336 -21.25 57.42 -23.20
C GLY F 336 -20.75 58.81 -23.53
N LEU F 337 -21.54 59.84 -23.16
CA LEU F 337 -21.29 61.24 -23.50
C LEU F 337 -21.34 61.56 -25.00
N LYS F 338 -21.76 60.57 -25.81
CA LYS F 338 -22.27 60.68 -27.19
C LYS F 338 -21.36 61.46 -28.13
N TYR F 339 -20.05 61.48 -27.88
CA TYR F 339 -19.17 62.47 -28.49
C TYR F 339 -18.55 62.03 -29.81
N ILE F 340 -17.28 61.59 -29.81
CA ILE F 340 -16.54 61.35 -31.05
C ILE F 340 -17.16 60.19 -31.84
N ARG F 341 -17.28 60.34 -33.16
CA ARG F 341 -17.44 59.23 -34.10
C ARG F 341 -16.17 59.14 -34.95
N SER F 342 -15.51 57.99 -34.90
CA SER F 342 -14.46 57.65 -35.85
C SER F 342 -15.11 57.28 -37.19
N LEU F 343 -15.49 58.29 -37.98
CA LEU F 343 -16.09 58.08 -39.28
C LEU F 343 -15.98 59.33 -40.14
N THR F 344 -15.46 59.19 -41.35
CA THR F 344 -15.23 60.33 -42.24
C THR F 344 -16.50 60.74 -42.98
N THR F 345 -17.12 59.78 -43.65
CA THR F 345 -18.33 60.03 -44.43
C THR F 345 -19.53 59.75 -43.55
N GLN F 346 -20.28 60.79 -43.20
CA GLN F 346 -21.43 60.68 -42.31
C GLN F 346 -22.53 61.57 -42.85
N LYS F 347 -23.64 60.96 -43.26
CA LYS F 347 -24.83 61.68 -43.68
C LYS F 347 -25.58 62.24 -42.48
N PRO F 348 -25.95 61.40 -41.50
CA PRO F 348 -26.64 61.86 -40.29
C PRO F 348 -25.65 62.31 -39.21
N LEU F 349 -25.15 63.54 -39.34
CA LEU F 349 -24.19 64.08 -38.40
C LEU F 349 -24.83 64.24 -37.02
N HIS F 350 -24.52 63.31 -36.10
CA HIS F 350 -25.07 63.38 -34.75
C HIS F 350 -24.32 64.37 -33.87
N ALA F 351 -23.00 64.48 -34.02
CA ALA F 351 -22.21 65.42 -33.22
C ALA F 351 -22.62 66.88 -33.49
N ARG F 352 -22.85 67.21 -34.75
CA ARG F 352 -23.24 68.57 -35.17
C ARG F 352 -24.70 68.88 -34.94
N LEU F 353 -25.58 67.89 -35.03
CA LEU F 353 -27.00 68.10 -34.82
C LEU F 353 -27.30 68.57 -33.39
N GLN F 354 -26.66 67.93 -32.40
CA GLN F 354 -26.81 68.33 -31.00
C GLN F 354 -26.18 69.70 -30.72
N PRO G 1 -19.87 -54.12 9.34
CA PRO G 1 -20.55 -52.95 8.71
C PRO G 1 -19.56 -51.88 8.23
N ALA G 2 -18.31 -52.28 7.93
CA ALA G 2 -17.27 -51.35 7.51
C ALA G 2 -17.24 -51.16 5.99
N GLU G 3 -17.58 -52.20 5.23
CA GLU G 3 -17.56 -52.16 3.76
C GLU G 3 -18.91 -51.78 3.15
N ARG G 4 -19.91 -51.47 3.98
CA ARG G 4 -21.25 -51.09 3.56
C ARG G 4 -21.67 -49.73 4.10
N LEU G 5 -20.71 -48.95 4.57
CA LEU G 5 -20.98 -47.62 5.11
C LEU G 5 -20.06 -46.55 4.54
N HIS G 6 -18.86 -46.93 4.11
CA HIS G 6 -17.89 -45.97 3.60
C HIS G 6 -18.40 -45.25 2.34
N SER G 7 -18.90 -46.03 1.39
CA SER G 7 -19.37 -45.52 0.10
C SER G 7 -20.69 -46.17 -0.32
N LEU G 8 -21.55 -46.45 0.64
CA LEU G 8 -22.85 -47.07 0.39
C LEU G 8 -24.00 -46.27 0.98
N PHE G 9 -23.81 -45.72 2.18
CA PHE G 9 -24.86 -44.95 2.85
C PHE G 9 -24.80 -43.46 2.57
N ALA G 10 -23.60 -42.92 2.32
CA ALA G 10 -23.43 -41.49 2.04
C ALA G 10 -23.29 -41.18 0.55
N ARG G 11 -23.29 -42.20 -0.31
CA ARG G 11 -23.14 -42.04 -1.76
C ARG G 11 -24.35 -42.52 -2.52
N ALA G 12 -24.83 -43.73 -2.22
CA ALA G 12 -25.97 -44.30 -2.92
C ALA G 12 -27.24 -43.51 -2.66
N ASP G 13 -27.38 -42.92 -1.48
CA ASP G 13 -28.55 -42.11 -1.16
C ASP G 13 -28.67 -40.90 -2.07
N VAL G 14 -27.55 -40.36 -2.55
CA VAL G 14 -27.56 -39.22 -3.46
C VAL G 14 -28.24 -39.60 -4.77
N LEU G 15 -27.96 -40.79 -5.31
CA LEU G 15 -28.55 -41.24 -6.56
C LEU G 15 -30.07 -41.32 -6.46
N ALA G 16 -30.59 -41.87 -5.36
CA ALA G 16 -32.03 -41.96 -5.16
C ALA G 16 -32.66 -40.59 -4.99
N HIS G 17 -31.93 -39.63 -4.42
CA HIS G 17 -32.42 -38.26 -4.21
C HIS G 17 -32.22 -37.35 -5.41
N LEU G 18 -31.62 -37.82 -6.49
CA LEU G 18 -31.40 -37.05 -7.72
C LEU G 18 -32.60 -37.20 -8.66
N LEU G 19 -33.72 -36.62 -8.24
CA LEU G 19 -34.97 -36.62 -9.01
C LEU G 19 -35.32 -35.25 -9.55
N HIS G 20 -34.35 -34.32 -9.61
CA HIS G 20 -34.63 -32.97 -10.09
C HIS G 20 -35.06 -32.96 -11.55
N SER G 21 -34.64 -33.94 -12.34
CA SER G 21 -35.04 -34.01 -13.75
C SER G 21 -36.54 -34.18 -13.90
N ARG G 22 -37.15 -35.06 -13.10
CA ARG G 22 -38.59 -35.29 -13.12
C ARG G 22 -39.37 -34.33 -12.23
N LEU G 23 -38.71 -33.71 -11.25
CA LEU G 23 -39.37 -32.77 -10.35
C LEU G 23 -39.36 -31.34 -10.87
N ALA G 24 -38.26 -30.90 -11.48
CA ALA G 24 -38.17 -29.55 -12.02
C ALA G 24 -39.12 -29.36 -13.21
N LEU G 25 -39.30 -30.41 -14.03
CA LEU G 25 -40.20 -30.32 -15.18
C LEU G 25 -41.64 -30.14 -14.72
N PRO G 26 -42.50 -29.57 -15.56
CA PRO G 26 -43.89 -29.36 -15.23
C PRO G 26 -44.63 -30.68 -15.07
N LEU G 27 -45.74 -30.64 -14.33
CA LEU G 27 -46.57 -31.81 -14.12
C LEU G 27 -47.10 -32.37 -15.43
N LEU G 28 -47.54 -31.51 -16.34
CA LEU G 28 -48.00 -31.85 -17.67
C LEU G 28 -46.95 -31.42 -18.68
N TYR G 29 -45.97 -32.29 -18.89
CA TYR G 29 -44.91 -32.09 -19.86
C TYR G 29 -45.36 -32.32 -21.29
N PRO G 30 -46.01 -33.46 -21.60
CA PRO G 30 -46.43 -33.73 -22.96
C PRO G 30 -47.69 -33.01 -23.41
N LEU G 31 -48.31 -32.23 -22.53
CA LEU G 31 -49.50 -31.45 -22.83
C LEU G 31 -49.31 -30.03 -22.32
N ASN G 32 -49.50 -29.06 -23.20
CA ASN G 32 -49.38 -27.65 -22.87
C ASN G 32 -50.62 -26.87 -23.34
N SER G 33 -50.59 -25.55 -23.22
CA SER G 33 -51.70 -24.72 -23.67
C SER G 33 -51.98 -24.88 -25.17
N GLY G 34 -50.94 -24.97 -25.98
CA GLY G 34 -51.01 -25.16 -27.43
C GLY G 34 -51.07 -26.62 -27.86
N GLY G 35 -51.54 -27.52 -26.99
CA GLY G 35 -51.61 -28.94 -27.26
C GLY G 35 -52.66 -29.34 -28.30
N ALA G 36 -53.74 -28.57 -28.46
CA ALA G 36 -54.74 -28.85 -29.48
C ALA G 36 -54.60 -27.98 -30.74
N LEU G 37 -53.52 -27.19 -30.84
CA LEU G 37 -53.27 -26.38 -32.03
C LEU G 37 -52.79 -27.28 -33.17
N THR G 38 -52.28 -26.65 -34.22
CA THR G 38 -51.72 -27.29 -35.40
C THR G 38 -50.33 -27.86 -35.21
N ASN G 39 -49.87 -28.02 -33.97
CA ASN G 39 -48.57 -28.57 -33.72
C ASN G 39 -48.30 -29.91 -34.41
N PRO G 40 -49.21 -30.89 -34.45
CA PRO G 40 -48.95 -32.11 -35.16
C PRO G 40 -48.86 -31.84 -36.65
N LEU G 41 -48.00 -32.59 -37.32
CA LEU G 41 -47.85 -32.49 -38.75
C LEU G 41 -49.02 -33.16 -39.46
N ASN G 42 -49.66 -32.43 -40.36
CA ASN G 42 -50.81 -32.94 -41.08
C ASN G 42 -50.45 -34.06 -42.05
N SER G 43 -49.23 -34.07 -42.57
CA SER G 43 -48.76 -35.05 -43.54
C SER G 43 -48.26 -36.35 -42.92
N ALA G 44 -48.19 -36.42 -41.60
CA ALA G 44 -47.66 -37.59 -40.90
C ALA G 44 -48.47 -37.99 -39.66
N ALA G 45 -49.56 -37.28 -39.38
CA ALA G 45 -50.39 -37.57 -38.21
C ALA G 45 -51.86 -37.72 -38.55
N SER G 46 -52.33 -37.06 -39.60
CA SER G 46 -53.74 -37.12 -39.97
C SER G 46 -54.15 -38.49 -40.52
N PRO G 47 -53.52 -39.00 -41.59
CA PRO G 47 -53.92 -40.29 -42.15
C PRO G 47 -53.51 -41.49 -41.29
N ASP G 48 -52.77 -41.28 -40.21
CA ASP G 48 -52.29 -42.37 -39.34
C ASP G 48 -51.39 -43.36 -40.07
N SER G 49 -50.75 -42.91 -41.16
CA SER G 49 -49.85 -43.76 -41.93
C SER G 49 -48.70 -44.31 -41.08
N PRO G 50 -47.95 -43.46 -40.37
CA PRO G 50 -46.86 -43.97 -39.54
C PRO G 50 -47.37 -44.61 -38.26
N ALA G 51 -46.49 -45.37 -37.59
CA ALA G 51 -46.82 -46.03 -36.32
C ALA G 51 -45.89 -45.62 -35.17
N ALA G 52 -44.60 -45.39 -35.46
CA ALA G 52 -43.63 -45.00 -34.43
C ALA G 52 -43.18 -43.55 -34.54
N LEU G 53 -43.29 -42.92 -35.71
CA LEU G 53 -42.88 -41.54 -35.90
C LEU G 53 -43.66 -40.59 -35.01
N ASN G 54 -44.98 -40.77 -34.96
CA ASN G 54 -45.86 -39.94 -34.15
C ASN G 54 -46.89 -40.82 -33.44
N SER G 55 -47.39 -40.33 -32.32
CA SER G 55 -48.39 -40.98 -31.52
C SER G 55 -49.16 -39.95 -30.71
N ILE G 56 -50.40 -39.71 -31.08
CA ILE G 56 -51.29 -38.77 -30.41
C ILE G 56 -52.06 -39.53 -29.33
N ALA G 57 -51.42 -39.77 -28.19
CA ALA G 57 -52.03 -40.50 -27.09
C ALA G 57 -51.79 -39.91 -25.72
N THR G 58 -51.43 -38.64 -25.62
CA THR G 58 -51.11 -37.97 -24.36
C THR G 58 -52.31 -37.28 -23.71
N SER G 59 -53.51 -37.43 -24.28
CA SER G 59 -54.72 -36.78 -23.76
C SER G 59 -55.47 -37.64 -22.73
N ARG G 60 -55.42 -38.97 -22.86
CA ARG G 60 -56.11 -39.92 -21.97
C ARG G 60 -55.23 -41.01 -21.36
N TRP G 61 -53.99 -41.14 -21.80
CA TRP G 61 -53.03 -42.11 -21.31
C TRP G 61 -52.28 -41.62 -20.08
N LYS G 62 -52.99 -41.14 -19.08
CA LYS G 62 -52.42 -40.66 -17.83
C LYS G 62 -52.09 -41.75 -16.83
N ARG G 63 -52.45 -42.99 -17.09
CA ARG G 63 -52.16 -44.10 -16.19
C ARG G 63 -50.67 -44.26 -15.95
N GLU G 64 -49.88 -44.20 -17.02
CA GLU G 64 -48.44 -44.29 -16.89
C GLU G 64 -47.86 -43.11 -16.11
N GLU G 65 -48.34 -41.90 -16.40
CA GLU G 65 -47.90 -40.70 -15.70
C GLU G 65 -48.34 -40.70 -14.23
N VAL G 66 -49.55 -41.17 -13.95
CA VAL G 66 -50.06 -41.23 -12.58
C VAL G 66 -49.18 -42.12 -11.73
N MET G 67 -48.83 -43.30 -12.24
CA MET G 67 -47.95 -44.22 -11.51
C MET G 67 -46.56 -43.64 -11.33
N SER G 68 -46.01 -43.00 -12.36
CA SER G 68 -44.69 -42.38 -12.27
C SER G 68 -44.65 -41.27 -11.23
N ALA G 69 -45.68 -40.41 -11.20
CA ALA G 69 -45.73 -39.34 -10.22
C ALA G 69 -45.92 -39.89 -8.80
N LEU G 70 -46.70 -40.97 -8.64
CA LEU G 70 -46.91 -41.56 -7.32
C LEU G 70 -45.62 -42.06 -6.69
N ALA G 71 -44.74 -42.66 -7.48
CA ALA G 71 -43.48 -43.17 -6.97
C ALA G 71 -42.48 -42.06 -6.61
N THR G 72 -42.66 -40.87 -7.16
CA THR G 72 -41.78 -39.73 -6.93
C THR G 72 -42.21 -38.84 -5.79
N VAL G 73 -43.40 -39.03 -5.24
CA VAL G 73 -43.89 -38.21 -4.12
C VAL G 73 -43.70 -38.84 -2.75
N THR G 74 -43.58 -40.16 -2.69
CA THR G 74 -43.34 -40.88 -1.43
C THR G 74 -41.93 -40.66 -0.92
N PRO G 75 -40.89 -40.82 -1.77
CA PRO G 75 -39.52 -40.58 -1.32
C PRO G 75 -39.28 -39.15 -0.84
N LEU G 76 -40.00 -38.17 -1.40
CA LEU G 76 -39.83 -36.77 -0.99
C LEU G 76 -40.16 -36.58 0.48
N VAL G 77 -41.24 -37.20 0.97
CA VAL G 77 -41.63 -37.10 2.36
C VAL G 77 -40.58 -37.73 3.28
N LEU G 78 -39.99 -38.85 2.86
CA LEU G 78 -38.96 -39.51 3.65
C LEU G 78 -37.73 -38.63 3.82
N ALA G 79 -37.31 -37.93 2.76
CA ALA G 79 -36.14 -37.07 2.87
C ALA G 79 -36.37 -35.93 3.87
N ALA G 80 -37.55 -35.32 3.86
CA ALA G 80 -37.87 -34.24 4.78
C ALA G 80 -38.03 -34.72 6.23
N THR G 81 -38.50 -35.96 6.43
CA THR G 81 -38.74 -36.54 7.75
C THR G 81 -37.55 -37.32 8.30
N SER G 82 -36.46 -37.43 7.54
CA SER G 82 -35.28 -38.17 7.96
C SER G 82 -34.01 -37.33 7.88
N VAL G 83 -33.90 -36.47 6.90
CA VAL G 83 -32.71 -35.65 6.67
C VAL G 83 -32.86 -34.29 7.33
N SER G 84 -33.93 -33.57 7.02
CA SER G 84 -34.17 -32.25 7.60
C SER G 84 -34.35 -32.32 9.11
N ARG G 85 -35.11 -33.31 9.59
CA ARG G 85 -35.29 -33.52 11.01
C ARG G 85 -33.99 -33.87 11.73
N PHE G 86 -33.16 -34.72 11.13
CA PHE G 86 -31.89 -35.08 11.72
C PHE G 86 -30.97 -33.87 11.84
N LEU G 87 -30.92 -33.00 10.84
CA LEU G 87 -30.08 -31.82 10.92
C LEU G 87 -30.52 -30.87 12.03
N LYS G 88 -31.83 -30.70 12.22
CA LYS G 88 -32.36 -29.82 13.25
C LYS G 88 -31.94 -30.24 14.65
N THR G 89 -31.78 -31.54 14.89
CA THR G 89 -31.35 -32.04 16.18
C THR G 89 -29.96 -31.53 16.55
N ALA G 90 -29.01 -31.57 15.61
CA ALA G 90 -27.67 -31.07 15.87
C ALA G 90 -27.68 -29.56 16.10
N HIS G 91 -28.43 -28.81 15.28
CA HIS G 91 -28.51 -27.36 15.41
C HIS G 91 -29.07 -26.92 16.75
N ALA G 92 -30.15 -27.55 17.20
CA ALA G 92 -30.74 -27.25 18.49
C ALA G 92 -29.81 -27.58 19.64
N LEU G 93 -29.15 -28.74 19.58
CA LEU G 93 -28.23 -29.18 20.63
C LEU G 93 -26.91 -28.40 20.63
N SER G 94 -26.62 -27.63 19.59
CA SER G 94 -25.38 -26.84 19.51
C SER G 94 -25.36 -25.64 20.46
N TYR G 95 -26.49 -25.29 21.06
CA TYR G 95 -26.61 -24.15 21.99
C TYR G 95 -27.26 -24.57 23.31
N PHE G 96 -27.08 -25.81 23.71
CA PHE G 96 -27.60 -26.32 24.98
C PHE G 96 -26.57 -26.11 26.10
N ALA G 97 -26.96 -25.39 27.15
CA ALA G 97 -26.12 -25.16 28.32
C ALA G 97 -26.38 -26.18 29.43
N PRO H 1 -24.50 2.27 -66.31
CA PRO H 1 -25.41 2.70 -65.24
C PRO H 1 -24.70 2.95 -63.91
N GLU H 2 -23.99 1.92 -63.42
CA GLU H 2 -23.26 1.98 -62.16
C GLU H 2 -21.90 1.30 -62.33
N ALA H 3 -20.86 1.90 -61.76
CA ALA H 3 -19.52 1.35 -61.80
C ALA H 3 -19.34 0.24 -60.76
N PRO H 4 -18.40 -0.68 -60.98
CA PRO H 4 -18.14 -1.74 -60.03
C PRO H 4 -17.34 -1.24 -58.82
N GLN H 5 -17.30 -2.06 -57.79
CA GLN H 5 -16.55 -1.79 -56.56
C GLN H 5 -15.65 -2.98 -56.27
N PRO H 6 -14.40 -2.98 -56.74
CA PRO H 6 -13.42 -4.00 -56.40
C PRO H 6 -12.52 -3.54 -55.24
N PRO H 7 -13.00 -3.53 -53.98
CA PRO H 7 -12.12 -3.21 -52.86
C PRO H 7 -11.17 -4.37 -52.57
N ALA H 8 -10.36 -4.20 -51.52
CA ALA H 8 -9.44 -5.21 -51.04
C ALA H 8 -10.09 -6.07 -49.98
N GLY H 9 -10.11 -7.38 -50.20
CA GLY H 9 -10.69 -8.33 -49.27
C GLY H 9 -12.20 -8.50 -49.47
N LEU H 10 -12.98 -7.49 -49.11
CA LEU H 10 -14.43 -7.53 -49.29
C LEU H 10 -14.81 -7.22 -50.73
N HIS H 11 -16.10 -7.02 -50.99
CA HIS H 11 -16.61 -6.66 -52.31
C HIS H 11 -17.50 -5.42 -52.31
N TRP H 12 -17.39 -4.60 -51.27
CA TRP H 12 -18.16 -3.36 -51.16
C TRP H 12 -17.37 -2.32 -50.39
N SER H 13 -17.32 -1.10 -50.90
CA SER H 13 -16.61 0.01 -50.28
C SER H 13 -17.45 1.27 -50.42
N TRP H 14 -18.01 1.74 -49.31
CA TRP H 14 -18.78 2.98 -49.32
C TRP H 14 -17.92 4.23 -49.44
N TRP H 15 -16.63 4.14 -49.07
CA TRP H 15 -15.75 5.31 -49.11
C TRP H 15 -15.55 5.81 -50.53
N GLU H 16 -15.30 4.89 -51.47
CA GLU H 16 -15.08 5.27 -52.87
C GLU H 16 -16.35 5.87 -53.49
N LEU H 17 -17.53 5.41 -53.08
CA LEU H 17 -18.77 5.95 -53.60
C LEU H 17 -18.98 7.40 -53.15
N TYR H 18 -18.70 7.69 -51.88
CA TYR H 18 -18.87 9.05 -51.36
C TYR H 18 -17.91 10.03 -52.01
N VAL H 19 -16.62 9.66 -52.12
CA VAL H 19 -15.63 10.56 -52.72
C VAL H 19 -15.92 10.77 -54.20
N LYS H 20 -16.35 9.73 -54.91
CA LYS H 20 -16.70 9.84 -56.33
C LYS H 20 -18.02 10.58 -56.53
N GLY H 21 -18.92 10.54 -55.55
CA GLY H 21 -20.21 11.22 -55.63
C GLY H 21 -21.24 10.47 -56.46
N VAL H 22 -21.09 9.16 -56.64
CA VAL H 22 -22.05 8.35 -57.40
C VAL H 22 -23.27 7.97 -56.57
N ASN H 23 -23.07 7.54 -55.32
CA ASN H 23 -24.17 7.17 -54.44
C ASN H 23 -24.85 8.41 -53.84
N PRO H 24 -24.10 9.37 -53.29
CA PRO H 24 -24.71 10.54 -52.70
C PRO H 24 -25.46 11.41 -53.70
N GLU H 25 -25.14 11.30 -54.99
CA GLU H 25 -25.76 12.12 -56.02
C GLU H 25 -25.56 13.62 -55.74
N TYR H 26 -24.33 13.99 -55.37
CA TYR H 26 -23.99 15.37 -55.07
C TYR H 26 -23.21 15.95 -56.25
N PRO H 27 -23.81 16.82 -57.07
CA PRO H 27 -23.10 17.37 -58.23
C PRO H 27 -21.79 18.07 -57.84
N PRO H 28 -21.75 18.82 -56.72
CA PRO H 28 -20.51 19.47 -56.31
C PRO H 28 -19.36 18.49 -56.10
N ARG H 29 -19.63 17.30 -55.54
CA ARG H 29 -18.59 16.29 -55.34
C ARG H 29 -18.21 15.58 -56.63
N GLN H 30 -19.17 15.39 -57.55
CA GLN H 30 -18.88 14.72 -58.81
C GLN H 30 -17.86 15.51 -59.64
N ARG H 31 -18.04 16.83 -59.72
CA ARG H 31 -17.08 17.69 -60.44
C ARG H 31 -15.75 17.82 -59.71
N MET H 32 -15.75 17.72 -58.38
CA MET H 32 -14.51 17.81 -57.61
C MET H 32 -13.60 16.59 -57.85
N PHE H 33 -14.19 15.40 -58.00
CA PHE H 33 -13.38 14.20 -58.23
C PHE H 33 -12.59 14.29 -59.52
N ALA H 34 -13.21 14.77 -60.61
CA ALA H 34 -12.52 14.92 -61.89
C ALA H 34 -11.44 16.02 -61.87
N PHE H 35 -11.52 16.96 -60.93
CA PHE H 35 -10.55 18.04 -60.84
C PHE H 35 -9.29 17.62 -60.08
N LEU H 36 -9.46 17.08 -58.87
CA LEU H 36 -8.31 16.66 -58.07
C LEU H 36 -7.56 15.49 -58.72
N THR H 37 -8.29 14.57 -59.35
CA THR H 37 -7.64 13.43 -60.01
C THR H 37 -6.67 13.87 -61.10
N ALA H 38 -7.02 14.91 -61.87
CA ALA H 38 -6.12 15.44 -62.89
C ALA H 38 -4.88 16.12 -62.31
N GLN H 39 -4.98 16.70 -61.11
CA GLN H 39 -3.86 17.36 -60.47
C GLN H 39 -2.81 16.39 -59.96
N GLY H 40 -3.17 15.14 -59.73
CA GLY H 40 -2.25 14.12 -59.26
C GLY H 40 -2.15 14.04 -57.75
N VAL H 41 -3.28 13.88 -57.09
CA VAL H 41 -3.39 13.75 -55.65
C VAL H 41 -4.18 12.50 -55.30
N ASP H 42 -3.71 11.80 -54.27
CA ASP H 42 -4.35 10.59 -53.77
C ASP H 42 -5.57 10.95 -52.92
N VAL H 43 -6.67 11.24 -53.59
CA VAL H 43 -7.92 11.58 -52.93
C VAL H 43 -8.57 10.41 -52.22
N LEU H 44 -8.28 9.18 -52.66
CA LEU H 44 -8.86 7.99 -52.08
C LEU H 44 -8.39 7.77 -50.65
N GLU H 45 -7.26 8.33 -50.26
CA GLU H 45 -6.68 8.19 -48.94
C GLU H 45 -6.65 9.50 -48.16
N MET H 46 -7.70 10.29 -48.29
CA MET H 46 -7.86 11.57 -47.62
C MET H 46 -8.85 11.48 -46.48
N GLU H 47 -8.69 12.36 -45.50
CA GLU H 47 -9.59 12.45 -44.36
C GLU H 47 -10.95 12.99 -44.77
N ILE H 48 -11.97 12.63 -43.98
CA ILE H 48 -13.34 13.09 -44.25
C ILE H 48 -13.48 14.60 -44.07
N ARG H 49 -12.76 15.17 -43.08
CA ARG H 49 -12.84 16.60 -42.80
C ARG H 49 -12.14 17.45 -43.85
N GLU H 50 -11.13 16.92 -44.52
CA GLU H 50 -10.38 17.68 -45.52
C GLU H 50 -11.04 17.67 -46.89
N ILE H 51 -11.71 16.58 -47.26
CA ILE H 51 -12.35 16.50 -48.57
C ILE H 51 -13.44 17.57 -48.70
N GLU H 52 -14.29 17.72 -47.68
CA GLU H 52 -15.35 18.71 -47.70
C GLU H 52 -14.79 20.14 -47.68
N ASP H 53 -13.70 20.37 -46.96
CA ASP H 53 -13.12 21.71 -46.88
C ASP H 53 -12.69 22.22 -48.26
N VAL H 54 -12.03 21.38 -49.05
CA VAL H 54 -11.61 21.76 -50.40
C VAL H 54 -12.81 21.92 -51.31
N THR H 55 -13.80 21.03 -51.19
CA THR H 55 -14.97 21.08 -52.05
C THR H 55 -15.77 22.37 -51.84
N ARG H 56 -15.81 22.90 -50.62
CA ARG H 56 -16.52 24.16 -50.34
C ARG H 56 -15.94 25.32 -51.15
N TRP H 57 -14.62 25.40 -51.27
CA TRP H 57 -13.99 26.49 -52.03
C TRP H 57 -14.29 26.40 -53.53
N LEU H 58 -14.35 25.18 -54.06
CA LEU H 58 -14.61 25.00 -55.49
C LEU H 58 -15.99 25.55 -55.87
N GLU H 59 -17.01 25.25 -55.07
CA GLU H 59 -18.35 25.75 -55.35
C GLU H 59 -18.48 27.26 -55.08
N MET H 60 -17.85 27.74 -54.00
CA MET H 60 -17.92 29.16 -53.67
C MET H 60 -17.27 30.01 -54.76
N SER H 61 -16.13 29.58 -55.29
CA SER H 61 -15.43 30.32 -56.34
C SER H 61 -16.07 30.13 -57.72
N ASN H 62 -17.04 29.23 -57.86
CA ASN H 62 -17.70 28.99 -59.15
C ASN H 62 -18.96 29.85 -59.32
N VAL H 63 -19.86 29.81 -58.34
CA VAL H 63 -21.11 30.56 -58.44
C VAL H 63 -20.83 32.06 -58.48
N TYR H 64 -19.97 32.55 -57.58
CA TYR H 64 -19.61 33.96 -57.52
C TYR H 64 -18.49 34.34 -58.48
N GLY H 65 -17.89 33.37 -59.18
CA GLY H 65 -16.77 33.62 -60.08
C GLY H 65 -15.42 33.63 -59.35
N GLU H 66 -14.35 33.41 -60.11
CA GLU H 66 -13.00 33.39 -59.56
C GLU H 66 -12.49 34.81 -59.37
N LYS H 67 -13.05 35.50 -58.37
CA LYS H 67 -12.70 36.90 -58.08
C LYS H 67 -12.50 37.19 -56.60
N PHE H 68 -12.71 36.23 -55.71
CA PHE H 68 -12.52 36.42 -54.28
C PHE H 68 -11.79 35.24 -53.66
N PRO H 69 -10.49 35.07 -53.96
CA PRO H 69 -9.71 33.99 -53.38
C PRO H 69 -9.11 34.39 -52.02
N ARG H 70 -9.59 35.48 -51.42
CA ARG H 70 -9.03 35.99 -50.17
C ARG H 70 -9.08 34.94 -49.08
N PHE H 71 -8.01 34.87 -48.30
CA PHE H 71 -7.89 33.99 -47.15
C PHE H 71 -7.13 34.73 -46.06
N PRO H 72 -7.29 34.30 -44.79
CA PRO H 72 -6.57 34.94 -43.71
C PRO H 72 -5.07 34.82 -43.90
N TYR H 73 -4.34 35.84 -43.43
CA TYR H 73 -2.88 35.89 -43.53
C TYR H 73 -2.38 35.93 -44.98
N ASP H 74 -3.18 36.46 -45.90
CA ASP H 74 -2.78 36.61 -47.30
C ASP H 74 -2.36 35.27 -47.91
N VAL H 75 -3.30 34.33 -47.99
CA VAL H 75 -3.06 33.00 -48.55
C VAL H 75 -3.83 32.86 -49.84
N THR H 76 -3.20 32.27 -50.85
CA THR H 76 -3.83 32.01 -52.14
C THR H 76 -4.32 30.58 -52.22
N PHE H 77 -5.34 30.35 -53.06
CA PHE H 77 -5.90 29.02 -53.21
C PHE H 77 -4.90 28.02 -53.80
N GLN H 78 -3.92 28.50 -54.56
CA GLN H 78 -2.92 27.61 -55.16
C GLN H 78 -1.97 27.01 -54.12
N ASP H 79 -1.72 27.72 -53.02
CA ASP H 79 -0.81 27.21 -51.99
C ASP H 79 -1.35 25.92 -51.35
N LYS H 80 -2.66 25.87 -51.07
CA LYS H 80 -3.26 24.67 -50.49
C LYS H 80 -3.16 23.48 -51.43
N ILE H 81 -3.37 23.68 -52.72
CA ILE H 81 -3.30 22.58 -53.69
C ILE H 81 -1.88 22.00 -53.72
N GLU H 82 -0.87 22.85 -53.78
CA GLU H 82 0.51 22.39 -53.80
C GLU H 82 0.90 21.70 -52.50
N ALA H 83 0.50 22.26 -51.36
CA ALA H 83 0.81 21.67 -50.08
C ALA H 83 0.19 20.29 -49.91
N LEU H 84 -1.07 20.12 -50.31
CA LEU H 84 -1.75 18.86 -50.23
C LEU H 84 -1.16 17.80 -51.17
N LYS H 85 -0.65 18.21 -52.32
CA LYS H 85 -0.04 17.29 -53.27
C LYS H 85 1.16 16.58 -52.68
N GLU H 86 2.01 17.30 -51.96
CA GLU H 86 3.19 16.71 -51.35
C GLU H 86 2.83 15.63 -50.33
N LYS H 87 1.83 15.87 -49.50
CA LYS H 87 1.38 14.92 -48.50
C LYS H 87 0.67 13.72 -49.12
N TYR H 88 0.10 13.88 -50.31
CA TYR H 88 -0.63 12.85 -51.04
C TYR H 88 -0.12 12.76 -52.47
N PRO H 89 1.11 12.25 -52.68
CA PRO H 89 1.68 12.17 -54.02
C PRO H 89 0.95 11.13 -54.84
N LEU H 90 0.29 11.57 -55.92
CA LEU H 90 -0.47 10.72 -56.81
C LEU H 90 -1.49 9.88 -56.05
N ALA I 1 -27.76 -0.47 11.66
CA ALA I 1 -27.20 0.33 10.54
C ALA I 1 -27.43 -0.36 9.21
N PHE I 2 -28.14 0.32 8.30
CA PHE I 2 -28.42 -0.22 6.96
C PHE I 2 -27.19 -0.02 6.07
N ARG I 3 -26.52 -1.11 5.70
CA ARG I 3 -25.32 -1.05 4.86
C ARG I 3 -25.68 -1.18 3.38
N TYR I 4 -26.49 -2.19 3.03
CA TYR I 4 -26.86 -2.41 1.64
C TYR I 4 -27.81 -1.33 1.12
N ARG I 5 -28.66 -0.78 1.97
CA ARG I 5 -29.61 0.26 1.56
C ARG I 5 -28.92 1.57 1.22
N ARG I 6 -27.75 1.83 1.80
CA ARG I 6 -26.98 3.06 1.58
C ARG I 6 -25.84 2.88 0.59
N GLU I 7 -25.80 1.75 -0.12
CA GLU I 7 -24.75 1.51 -1.10
C GLU I 7 -24.81 2.55 -2.23
N GLY I 8 -23.64 2.95 -2.69
CA GLY I 8 -23.52 3.95 -3.76
C GLY I 8 -23.65 5.39 -3.30
N GLN I 9 -23.88 5.65 -2.01
CA GLN I 9 -23.95 7.02 -1.52
C GLN I 9 -22.62 7.75 -1.68
N PHE I 10 -21.50 7.07 -1.42
CA PHE I 10 -20.19 7.70 -1.53
C PHE I 10 -19.92 8.20 -2.95
N THR I 11 -20.22 7.36 -3.94
CA THR I 11 -20.05 7.72 -5.35
C THR I 11 -21.32 8.30 -5.93
N LYS I 12 -21.98 9.20 -5.20
CA LYS I 12 -23.13 9.97 -5.71
C LYS I 12 -22.97 11.45 -5.45
N PHE I 13 -22.38 11.80 -4.31
CA PHE I 13 -22.23 13.19 -3.88
C PHE I 13 -20.81 13.56 -3.52
N ARG I 14 -19.90 12.60 -3.38
CA ARG I 14 -18.51 12.83 -2.98
C ARG I 14 -17.55 12.18 -3.97
N VAL I 15 -17.85 12.33 -5.26
CA VAL I 15 -17.01 11.76 -6.33
C VAL I 15 -17.12 12.62 -7.57
N HIS I 16 -16.02 12.71 -8.32
CA HIS I 16 -16.00 13.45 -9.58
C HIS I 16 -16.45 12.58 -10.74
N PHE I 17 -16.95 13.22 -11.78
CA PHE I 17 -17.38 12.48 -12.98
C PHE I 17 -16.21 11.79 -13.67
N ASP I 18 -15.05 12.45 -13.73
CA ASP I 18 -13.85 11.90 -14.36
C ASP I 18 -13.03 10.98 -13.42
N ARG I 19 -13.45 10.84 -12.17
CA ARG I 19 -12.78 10.00 -11.17
C ARG I 19 -13.74 8.97 -10.59
N SER I 20 -14.52 8.34 -11.45
CA SER I 20 -15.50 7.35 -11.05
C SER I 20 -15.64 6.29 -12.12
N GLY I 21 -16.22 5.16 -11.75
CA GLY I 21 -16.44 4.03 -12.65
C GLY I 21 -17.64 4.18 -13.57
N PHE I 22 -18.42 5.26 -13.43
CA PHE I 22 -19.58 5.49 -14.26
C PHE I 22 -19.16 5.94 -15.66
N ARG I 23 -19.70 5.29 -16.68
CA ARG I 23 -19.40 5.59 -18.09
C ARG I 23 -20.52 6.44 -18.70
N PRO I 24 -20.19 7.25 -19.70
CA PRO I 24 -21.21 8.06 -20.36
C PRO I 24 -22.17 7.20 -21.18
N TYR I 25 -23.38 7.69 -21.37
CA TYR I 25 -24.44 7.06 -22.14
C TYR I 25 -24.94 7.87 -23.33
N ILE I 26 -24.67 9.17 -23.37
CA ILE I 26 -25.11 10.02 -24.46
C ILE I 26 -24.46 9.64 -25.78
N ASP I 27 -23.23 9.16 -25.75
CA ASP I 27 -22.50 8.81 -26.94
C ASP I 27 -23.19 7.70 -27.73
N GLU I 28 -23.65 6.66 -27.04
CA GLU I 28 -24.33 5.55 -27.68
C GLU I 28 -25.70 5.94 -28.22
N LEU I 29 -26.47 6.71 -27.45
CA LEU I 29 -27.80 7.13 -27.85
C LEU I 29 -27.78 8.08 -29.04
N LYS I 30 -26.67 8.77 -29.29
CA LYS I 30 -26.57 9.70 -30.40
C LYS I 30 -26.76 8.98 -31.74
N TRP I 31 -26.11 7.85 -31.91
CA TRP I 31 -26.17 7.07 -33.15
C TRP I 31 -27.31 6.05 -33.18
N GLU I 32 -27.94 5.80 -32.04
CA GLU I 32 -29.04 4.85 -31.93
C GLU I 32 -30.40 5.47 -32.20
N ILE I 33 -30.66 6.66 -31.66
CA ILE I 33 -31.96 7.32 -31.87
C ILE I 33 -32.14 7.74 -33.32
N MET I 34 -31.07 8.17 -34.00
CA MET I 34 -31.16 8.62 -35.39
C MET I 34 -31.48 7.48 -36.35
N ASP I 35 -30.90 6.31 -36.12
CA ASP I 35 -31.08 5.16 -37.01
C ASP I 35 -32.49 4.60 -36.97
N TRP I 36 -33.23 4.82 -35.89
CA TRP I 36 -34.59 4.35 -35.78
C TRP I 36 -35.50 4.96 -36.84
N HIS I 37 -35.36 6.27 -37.08
CA HIS I 37 -36.20 6.95 -38.07
C HIS I 37 -35.87 6.49 -39.50
N TYR I 38 -34.60 6.18 -39.78
CA TYR I 38 -34.18 5.75 -41.09
C TYR I 38 -34.87 4.46 -41.51
N LYS I 39 -34.94 3.49 -40.61
CA LYS I 39 -35.59 2.22 -40.88
C LYS I 39 -37.11 2.31 -40.99
N ARG I 40 -37.72 3.30 -40.35
CA ARG I 40 -39.17 3.48 -40.39
C ARG I 40 -39.64 4.11 -41.69
N ALA I 41 -38.97 5.16 -42.13
CA ALA I 41 -39.35 5.84 -43.36
C ALA I 41 -38.99 5.04 -44.61
N MET I 42 -37.79 4.47 -44.64
CA MET I 42 -37.30 3.70 -45.77
C MET I 42 -37.67 2.22 -45.72
N GLY I 43 -38.29 1.75 -44.65
CA GLY I 43 -38.68 0.37 -44.51
C GLY I 43 -39.79 -0.02 -45.45
N PRO I 44 -40.99 0.52 -45.25
CA PRO I 44 -42.10 0.23 -46.13
C PRO I 44 -41.86 0.62 -47.59
N GLN I 45 -41.14 1.71 -47.82
CA GLN I 45 -40.84 2.17 -49.16
C GLN I 45 -40.02 1.16 -49.94
N MET I 46 -38.99 0.58 -49.32
CA MET I 46 -38.17 -0.41 -49.99
C MET I 46 -38.98 -1.65 -50.39
N LYS I 47 -39.84 -2.13 -49.48
CA LYS I 47 -40.67 -3.30 -49.77
C LYS I 47 -41.67 -3.02 -50.89
N LYS I 48 -42.27 -1.83 -50.91
CA LYS I 48 -43.24 -1.48 -51.95
C LYS I 48 -42.61 -1.52 -53.33
N THR I 49 -41.40 -0.97 -53.47
CA THR I 49 -40.71 -0.98 -54.76
C THR I 49 -40.35 -2.39 -55.18
N LEU I 50 -39.92 -3.25 -54.26
CA LEU I 50 -39.56 -4.63 -54.59
C LEU I 50 -40.76 -5.41 -55.12
N MET I 51 -41.94 -5.21 -54.51
CA MET I 51 -43.16 -5.91 -54.89
C MET I 51 -43.91 -5.23 -56.04
N SER I 52 -43.40 -4.10 -56.55
CA SER I 52 -44.08 -3.37 -57.62
C SER I 52 -44.18 -4.22 -58.89
N TYR I 53 -43.12 -4.94 -59.25
CA TYR I 53 -43.07 -5.79 -60.42
C TYR I 53 -42.88 -7.23 -59.98
N GLN I 54 -43.99 -7.96 -59.84
CA GLN I 54 -43.97 -9.34 -59.35
C GLN I 54 -43.14 -10.24 -60.28
N GLU I 55 -43.62 -10.43 -61.51
CA GLU I 55 -42.94 -11.28 -62.47
C GLU I 55 -41.72 -10.59 -63.07
N GLY I 56 -40.84 -11.38 -63.67
CA GLY I 56 -39.64 -10.86 -64.31
C GLY I 56 -38.65 -10.22 -63.34
N SER I 57 -38.80 -10.47 -62.04
CA SER I 57 -37.90 -9.90 -61.03
C SER I 57 -36.57 -10.64 -60.96
N GLU I 58 -36.58 -11.96 -61.22
CA GLU I 58 -35.35 -12.76 -61.15
C GLU I 58 -34.46 -12.64 -62.37
N LYS I 59 -34.97 -12.09 -63.48
CA LYS I 59 -34.16 -11.94 -64.69
C LYS I 59 -32.99 -11.00 -64.47
N LEU I 60 -33.22 -9.88 -63.78
CA LEU I 60 -32.15 -8.92 -63.52
C LEU I 60 -31.06 -9.53 -62.64
N GLN I 61 -31.45 -10.28 -61.61
CA GLN I 61 -30.47 -10.92 -60.73
C GLN I 61 -29.65 -11.98 -61.47
N TYR I 62 -30.30 -12.78 -62.31
CA TYR I 62 -29.59 -13.82 -63.06
C TYR I 62 -28.54 -13.23 -64.00
N MET I 63 -28.89 -12.16 -64.72
CA MET I 63 -27.95 -11.54 -65.65
C MET I 63 -26.76 -10.91 -64.91
N HIS I 64 -27.01 -10.30 -63.74
CA HIS I 64 -25.92 -9.69 -62.96
C HIS I 64 -24.87 -10.72 -62.54
N ASP I 65 -25.28 -11.93 -62.21
CA ASP I 65 -24.33 -12.96 -61.78
C ASP I 65 -23.40 -13.41 -62.92
N LEU I 66 -23.78 -13.20 -64.18
CA LEU I 66 -22.96 -13.58 -65.32
C LEU I 66 -21.82 -12.60 -65.59
N ILE I 67 -21.78 -11.46 -64.91
CA ILE I 67 -20.74 -10.45 -65.10
C ILE I 67 -19.72 -10.46 -63.97
N ALA I 68 -20.15 -10.72 -62.73
CA ALA I 68 -19.26 -10.75 -61.59
C ALA I 68 -18.41 -12.03 -61.57
N LEU I 69 -19.07 -13.18 -61.49
CA LEU I 69 -18.39 -14.48 -61.43
C LEU I 69 -18.34 -15.17 -62.78
N GLY I 70 -19.14 -14.73 -63.76
CA GLY I 70 -19.19 -15.35 -65.08
C GLY I 70 -20.06 -16.60 -65.09
N THR I 71 -19.59 -17.66 -64.45
CA THR I 71 -20.33 -18.92 -64.37
C THR I 71 -21.35 -18.84 -63.23
N ALA I 72 -22.62 -19.09 -63.53
CA ALA I 72 -23.68 -19.04 -62.54
C ALA I 72 -23.58 -20.25 -61.61
N LYS I 73 -23.02 -20.04 -60.41
CA LYS I 73 -22.87 -21.14 -59.44
C LYS I 73 -24.22 -21.59 -58.90
N ALA I 74 -25.15 -20.66 -58.71
CA ALA I 74 -26.50 -20.94 -58.19
C ALA I 74 -27.52 -21.23 -59.31
N LYS I 75 -27.05 -21.64 -60.49
CA LYS I 75 -27.96 -21.96 -61.59
C LYS I 75 -28.82 -23.17 -61.23
N PHE I 76 -30.08 -23.10 -61.60
CA PHE I 76 -31.06 -24.16 -61.39
C PHE I 76 -31.97 -24.24 -62.60
N PRO I 77 -32.61 -25.40 -62.82
CA PRO I 77 -33.51 -25.56 -63.95
C PRO I 77 -34.76 -24.70 -63.82
N HIS I 78 -35.59 -24.68 -64.87
CA HIS I 78 -36.83 -23.89 -64.86
C HIS I 78 -37.83 -24.37 -63.82
N ALA I 79 -37.72 -25.63 -63.38
CA ALA I 79 -38.62 -26.24 -62.40
C ALA I 79 -38.17 -26.09 -60.95
N THR I 80 -37.36 -25.09 -60.66
CA THR I 80 -36.86 -24.83 -59.32
C THR I 80 -36.77 -23.34 -59.07
N LYS I 81 -37.14 -22.92 -57.87
CA LYS I 81 -37.06 -21.51 -57.48
C LYS I 81 -35.62 -21.07 -57.37
N ARG I 82 -35.35 -19.85 -57.80
CA ARG I 82 -33.99 -19.30 -57.78
C ARG I 82 -33.63 -18.80 -56.38
N PHE I 83 -34.33 -17.77 -55.92
CA PHE I 83 -34.06 -17.13 -54.63
C PHE I 83 -35.29 -16.32 -54.21
N PHE I 84 -35.28 -15.87 -52.96
CA PHE I 84 -36.27 -15.00 -52.39
C PHE I 84 -35.63 -13.69 -51.97
N PHE I 85 -36.05 -12.59 -52.59
CA PHE I 85 -35.53 -11.28 -52.24
C PHE I 85 -36.05 -10.85 -50.87
N VAL I 86 -35.13 -10.40 -50.02
CA VAL I 86 -35.45 -9.93 -48.67
C VAL I 86 -35.16 -8.44 -48.61
N PRO I 87 -36.11 -7.58 -48.21
CA PRO I 87 -35.86 -6.15 -48.14
C PRO I 87 -34.88 -5.82 -47.02
N ALA I 88 -33.68 -5.38 -47.37
CA ALA I 88 -32.62 -5.02 -46.44
C ALA I 88 -32.27 -3.54 -46.54
N LEU I 89 -31.68 -2.98 -45.50
CA LEU I 89 -31.27 -1.59 -45.45
C LEU I 89 -29.81 -1.48 -45.03
N PRO I 90 -29.13 -0.41 -45.43
CA PRO I 90 -27.75 -0.22 -45.08
C PRO I 90 -27.56 0.13 -43.62
N VAL I 91 -26.34 -0.07 -43.14
CA VAL I 91 -25.96 0.22 -41.75
C VAL I 91 -25.40 1.64 -41.69
N THR I 92 -25.89 2.42 -40.74
CA THR I 92 -25.48 3.81 -40.54
C THR I 92 -24.70 4.04 -39.25
N ILE I 93 -24.77 3.15 -38.28
CA ILE I 93 -24.07 3.28 -37.03
C ILE I 93 -22.59 2.91 -37.23
N PRO I 94 -21.64 3.80 -36.90
CA PRO I 94 -20.23 3.51 -37.08
C PRO I 94 -19.68 2.59 -35.99
N TYR I 95 -20.10 1.33 -36.00
CA TYR I 95 -19.63 0.36 -35.03
C TYR I 95 -18.16 0.03 -35.25
N ARG I 96 -17.46 -0.28 -34.16
CA ARG I 96 -16.06 -0.67 -34.20
C ARG I 96 -15.93 -2.18 -34.41
N ARG I 97 -14.99 -2.57 -35.27
CA ARG I 97 -14.69 -3.97 -35.55
C ARG I 97 -13.95 -4.59 -34.37
N SER I 98 -14.69 -4.98 -33.35
CA SER I 98 -14.11 -5.63 -32.18
C SER I 98 -13.70 -7.07 -32.49
N SER I 99 -12.82 -7.60 -31.65
CA SER I 99 -12.31 -8.97 -31.76
C SER I 99 -13.13 -9.97 -30.94
N ASN I 100 -14.40 -9.69 -30.66
CA ASN I 100 -15.24 -10.59 -29.88
C ASN I 100 -15.78 -11.71 -30.79
N PRO I 101 -15.43 -12.98 -30.55
CA PRO I 101 -15.92 -14.06 -31.39
C PRO I 101 -17.43 -14.31 -31.21
N PHE I 102 -18.01 -13.91 -30.08
CA PHE I 102 -19.43 -14.12 -29.79
C PHE I 102 -20.31 -12.95 -30.22
N CYS I 103 -19.73 -11.91 -30.83
CA CYS I 103 -20.51 -10.77 -31.29
C CYS I 103 -21.41 -11.14 -32.47
N LEU I 104 -22.47 -10.36 -32.67
CA LEU I 104 -23.40 -10.55 -33.77
C LEU I 104 -23.09 -9.68 -35.00
N LEU I 105 -22.31 -8.62 -34.85
CA LEU I 105 -21.97 -7.71 -35.96
C LEU I 105 -20.48 -7.63 -36.26
N SER I 106 -19.61 -8.11 -35.37
CA SER I 106 -18.16 -8.03 -35.61
C SER I 106 -17.75 -8.82 -36.84
N ALA I 107 -18.48 -9.90 -37.17
CA ALA I 107 -18.21 -10.75 -38.32
C ALA I 107 -19.06 -10.37 -39.54
N ASN I 108 -19.46 -9.10 -39.66
CA ASN I 108 -20.26 -8.64 -40.79
C ASN I 108 -19.35 -8.30 -41.97
N LYS I 109 -19.54 -9.00 -43.09
CA LYS I 109 -18.76 -8.78 -44.31
C LYS I 109 -19.55 -8.04 -45.40
N THR I 110 -20.64 -7.40 -45.03
CA THR I 110 -21.49 -6.67 -45.98
C THR I 110 -22.12 -5.47 -45.29
N GLY I 111 -22.55 -4.50 -46.08
CA GLY I 111 -23.16 -3.28 -45.59
C GLY I 111 -24.68 -3.30 -45.67
N TRP I 112 -25.30 -4.45 -45.46
CA TRP I 112 -26.76 -4.60 -45.50
C TRP I 112 -27.20 -5.61 -44.45
N LEU I 113 -28.27 -5.27 -43.73
CA LEU I 113 -28.86 -6.11 -42.70
C LEU I 113 -30.33 -6.31 -42.98
N GLN I 114 -30.84 -7.48 -42.62
CA GLN I 114 -32.26 -7.80 -42.80
C GLN I 114 -33.12 -6.89 -41.93
N TRP I 115 -34.35 -6.67 -42.39
CA TRP I 115 -35.34 -5.88 -41.69
C TRP I 115 -36.54 -6.74 -41.36
N SER I 116 -37.03 -6.66 -40.12
CA SER I 116 -38.18 -7.44 -39.70
C SER I 116 -39.45 -6.88 -40.34
N PRO I 117 -40.21 -7.67 -41.10
CA PRO I 117 -41.43 -7.16 -41.72
C PRO I 117 -42.56 -6.90 -40.72
N LYS I 118 -42.52 -7.53 -39.55
CA LYS I 118 -43.52 -7.39 -38.49
C LYS I 118 -42.89 -7.51 -37.13
N GLN I 119 -43.27 -6.62 -36.22
CA GLN I 119 -42.78 -6.62 -34.85
C GLN I 119 -43.95 -6.53 -33.89
N ARG I 120 -43.95 -7.39 -32.87
CA ARG I 120 -44.97 -7.42 -31.84
C ARG I 120 -44.59 -6.69 -30.56
N VAL I 121 -43.31 -6.39 -30.37
CA VAL I 121 -42.81 -5.70 -29.18
C VAL I 121 -42.10 -4.43 -29.62
N PRO I 122 -42.80 -3.30 -29.73
CA PRO I 122 -42.17 -2.07 -30.17
C PRO I 122 -41.13 -1.61 -29.16
N PHE I 123 -39.91 -1.33 -29.64
CA PHE I 123 -38.85 -0.83 -28.78
C PHE I 123 -39.20 0.49 -28.10
N PRO I 124 -39.70 1.52 -28.82
CA PRO I 124 -40.05 2.78 -28.20
C PRO I 124 -41.41 2.73 -27.51
N GLN I 125 -41.50 1.96 -26.44
CA GLN I 125 -42.72 1.81 -25.67
C GLN I 125 -42.98 3.07 -24.85
N PRO I 126 -44.09 3.78 -25.07
CA PRO I 126 -44.39 4.94 -24.28
C PRO I 126 -44.84 4.57 -22.86
N LEU I 127 -44.66 5.50 -21.94
CA LEU I 127 -45.09 5.38 -20.55
C LEU I 127 -46.49 5.90 -20.30
N GLY I 128 -47.17 6.36 -21.32
CA GLY I 128 -48.51 6.89 -21.21
C GLY I 128 -49.25 6.98 -22.52
N LYS I 129 -50.18 7.93 -22.63
CA LYS I 129 -50.93 8.18 -23.86
C LYS I 129 -50.15 8.97 -24.91
N ARG I 130 -48.97 9.50 -24.57
CA ARG I 130 -48.14 10.26 -25.51
C ARG I 130 -47.72 9.37 -26.69
N LYS I 131 -47.72 9.96 -27.88
CA LYS I 131 -47.29 9.29 -29.11
C LYS I 131 -45.81 9.54 -29.36
N VAL I 132 -45.30 8.85 -30.37
CA VAL I 132 -43.90 8.97 -30.79
C VAL I 132 -43.76 10.16 -31.73
N GLY I 133 -42.79 11.04 -31.50
CA GLY I 133 -42.59 12.20 -32.37
C GLY I 133 -42.22 11.78 -33.80
N GLY I 134 -42.61 12.59 -34.78
CA GLY I 134 -42.31 12.32 -36.19
C GLY I 134 -43.11 11.15 -36.79
N THR I 135 -44.27 10.82 -36.22
CA THR I 135 -45.15 9.75 -36.70
C THR I 135 -46.53 10.28 -37.08
N ASP I 136 -46.57 11.46 -37.70
CA ASP I 136 -47.82 12.07 -38.15
C ASP I 136 -47.58 12.88 -39.42
N PRO I 137 -47.42 12.20 -40.56
CA PRO I 137 -47.18 12.90 -41.81
C PRO I 137 -48.24 13.93 -42.16
N GLN I 138 -49.51 13.52 -42.14
CA GLN I 138 -50.62 14.39 -42.42
C GLN I 138 -50.72 15.49 -41.35
N PRO I 139 -50.84 16.76 -41.74
CA PRO I 139 -51.04 17.81 -40.76
C PRO I 139 -52.36 17.65 -40.02
N PRO I 140 -52.48 18.24 -38.82
CA PRO I 140 -53.72 18.16 -38.07
C PRO I 140 -54.78 19.10 -38.65
N VAL I 141 -55.97 19.03 -38.07
CA VAL I 141 -57.10 19.86 -38.43
C VAL I 141 -57.91 20.18 -37.18
N PHE I 142 -58.41 21.40 -37.12
CA PHE I 142 -59.22 21.90 -36.02
C PHE I 142 -60.66 22.09 -36.44
N PRO I 143 -61.62 22.00 -35.51
CA PRO I 143 -63.02 22.17 -35.87
C PRO I 143 -63.30 23.54 -36.50
N LYS I 144 -62.65 24.59 -35.99
CA LYS I 144 -62.86 25.96 -36.47
C LYS I 144 -64.35 26.31 -36.45
N LEU J 1 -68.39 -30.17 -2.69
CA LEU J 1 -67.83 -29.37 -3.81
C LEU J 1 -66.83 -28.35 -3.31
N GLN J 2 -67.21 -27.57 -2.30
CA GLN J 2 -66.32 -26.57 -1.74
C GLN J 2 -65.06 -27.20 -1.14
N GLU J 3 -65.21 -28.31 -0.40
CA GLU J 3 -64.06 -28.99 0.19
C GLU J 3 -63.13 -29.56 -0.87
N LEU J 4 -63.68 -30.14 -1.95
CA LEU J 4 -62.88 -30.72 -3.02
C LEU J 4 -62.01 -29.68 -3.70
N GLU J 5 -62.58 -28.52 -4.00
CA GLU J 5 -61.82 -27.44 -4.62
C GLU J 5 -60.74 -26.90 -3.70
N SER J 6 -61.02 -26.80 -2.40
CA SER J 6 -60.03 -26.29 -1.46
C SER J 6 -58.80 -27.18 -1.42
N PHE J 7 -58.97 -28.49 -1.45
CA PHE J 7 -57.83 -29.41 -1.42
C PHE J 7 -56.93 -29.25 -2.65
N VAL J 8 -57.53 -29.06 -3.83
CA VAL J 8 -56.77 -28.85 -5.06
C VAL J 8 -55.90 -27.61 -4.97
N GLY J 9 -56.47 -26.51 -4.49
CA GLY J 9 -55.71 -25.27 -4.36
C GLY J 9 -54.56 -25.40 -3.34
N SER J 10 -54.82 -26.06 -2.21
CA SER J 10 -53.80 -26.24 -1.18
C SER J 10 -52.68 -27.16 -1.66
N ALA J 11 -52.99 -28.19 -2.45
CA ALA J 11 -51.98 -29.10 -2.95
C ALA J 11 -50.96 -28.40 -3.86
N LEU J 12 -51.40 -27.47 -4.70
CA LEU J 12 -50.51 -26.75 -5.59
C LEU J 12 -49.45 -25.96 -4.83
N ARG J 13 -49.78 -25.49 -3.62
CA ARG J 13 -48.81 -24.74 -2.81
C ARG J 13 -47.61 -25.60 -2.44
N THR J 14 -47.84 -26.86 -2.09
CA THR J 14 -46.74 -27.76 -1.73
C THR J 14 -45.80 -28.00 -2.92
N TYR J 15 -46.35 -28.18 -4.12
CA TYR J 15 -45.53 -28.39 -5.31
C TYR J 15 -44.69 -27.16 -5.63
N ARG J 16 -45.20 -25.94 -5.39
CA ARG J 16 -44.44 -24.72 -5.66
C ARG J 16 -43.18 -24.64 -4.81
N LEU J 17 -43.25 -25.03 -3.54
CA LEU J 17 -42.08 -25.01 -2.67
C LEU J 17 -40.99 -25.97 -3.13
N LEU J 18 -41.33 -27.00 -3.92
CA LEU J 18 -40.37 -27.97 -4.41
C LEU J 18 -39.60 -27.50 -5.64
N ARG J 19 -39.92 -26.32 -6.18
CA ARG J 19 -39.26 -25.74 -7.35
C ARG J 19 -38.84 -24.32 -7.05
N PRO J 20 -37.84 -24.14 -6.17
CA PRO J 20 -37.39 -22.80 -5.81
C PRO J 20 -36.73 -22.07 -6.99
N HIS J 21 -35.83 -22.76 -7.68
CA HIS J 21 -35.13 -22.23 -8.85
C HIS J 21 -35.84 -22.65 -10.12
N ALA J 22 -37.01 -22.06 -10.36
CA ALA J 22 -37.79 -22.34 -11.56
C ALA J 22 -38.75 -21.18 -11.81
N LEU J 23 -39.18 -21.04 -13.05
CA LEU J 23 -40.12 -20.01 -13.42
C LEU J 23 -41.53 -20.34 -12.92
N PRO J 24 -42.42 -19.35 -12.81
CA PRO J 24 -43.78 -19.61 -12.38
C PRO J 24 -44.54 -20.49 -13.38
N PHE J 25 -45.78 -20.85 -13.04
CA PHE J 25 -46.61 -21.69 -13.89
C PHE J 25 -47.01 -21.02 -15.20
N TYR J 26 -47.14 -19.70 -15.20
CA TYR J 26 -47.53 -18.93 -16.36
C TYR J 26 -46.40 -18.68 -17.35
N LYS J 27 -45.16 -19.00 -16.97
CA LYS J 27 -43.99 -18.82 -17.83
C LYS J 27 -43.52 -20.12 -18.48
N GLU J 28 -43.48 -21.22 -17.75
CA GLU J 28 -43.05 -22.49 -18.30
C GLU J 28 -44.04 -23.05 -19.32
N ASP J 29 -45.33 -22.81 -19.12
CA ASP J 29 -46.35 -23.28 -20.04
C ASP J 29 -46.19 -22.69 -21.43
N SER J 30 -45.89 -21.40 -21.52
CA SER J 30 -45.65 -20.74 -22.79
C SER J 30 -44.44 -21.29 -23.52
N LEU J 31 -43.37 -21.59 -22.80
CA LEU J 31 -42.15 -22.11 -23.39
C LEU J 31 -42.37 -23.47 -24.03
N LEU J 32 -43.17 -24.32 -23.40
CA LEU J 32 -43.46 -25.65 -23.95
C LEU J 32 -44.11 -25.58 -25.32
N SER J 33 -45.02 -24.63 -25.51
CA SER J 33 -45.69 -24.46 -26.79
C SER J 33 -44.70 -24.13 -27.90
N MET J 34 -43.75 -23.25 -27.65
CA MET J 34 -42.74 -22.90 -28.63
C MET J 34 -41.88 -24.11 -29.01
N GLN J 35 -41.49 -24.91 -28.03
CA GLN J 35 -40.69 -26.10 -28.31
C GLN J 35 -41.45 -27.10 -29.18
N SER J 36 -42.73 -27.33 -28.90
CA SER J 36 -43.54 -28.26 -29.67
C SER J 36 -43.69 -27.81 -31.12
N LYS J 37 -43.97 -26.52 -31.33
CA LYS J 37 -44.07 -25.98 -32.68
C LYS J 37 -42.74 -25.98 -33.42
N LEU J 38 -41.64 -25.76 -32.71
CA LEU J 38 -40.32 -25.77 -33.34
C LEU J 38 -39.99 -27.15 -33.92
N ASN J 39 -40.33 -28.22 -33.20
CA ASN J 39 -40.03 -29.57 -33.69
C ASN J 39 -40.77 -29.87 -34.99
N GLU J 40 -42.04 -29.53 -35.08
CA GLU J 40 -42.81 -29.75 -36.29
C GLU J 40 -42.28 -28.95 -37.46
N ALA J 41 -41.94 -27.69 -37.25
CA ALA J 41 -41.40 -26.85 -38.29
C ALA J 41 -40.07 -27.38 -38.81
N THR J 42 -39.21 -27.84 -37.90
CA THR J 42 -37.89 -28.36 -38.28
C THR J 42 -37.97 -29.73 -38.94
N LEU J 43 -38.98 -30.52 -38.62
CA LEU J 43 -39.19 -31.87 -39.14
C LEU J 43 -40.32 -31.97 -40.16
N LYS J 44 -40.71 -30.86 -40.77
CA LYS J 44 -41.79 -30.83 -41.74
C LYS J 44 -41.39 -31.45 -43.07
N HIS J 45 -40.21 -31.09 -43.56
CA HIS J 45 -39.68 -31.53 -44.85
C HIS J 45 -38.53 -32.53 -44.72
N SER J 46 -38.51 -33.29 -43.62
CA SER J 46 -37.46 -34.26 -43.41
C SER J 46 -37.56 -35.39 -44.43
N PRO J 47 -36.43 -35.96 -44.88
CA PRO J 47 -36.47 -37.06 -45.83
C PRO J 47 -37.26 -38.27 -45.33
N LEU J 48 -37.14 -38.59 -44.05
CA LEU J 48 -37.84 -39.75 -43.48
C LEU J 48 -39.34 -39.54 -43.47
N VAL J 49 -39.80 -38.34 -43.14
CA VAL J 49 -41.23 -38.06 -43.08
C VAL J 49 -41.87 -38.23 -44.46
N HIS J 50 -41.23 -37.69 -45.50
CA HIS J 50 -41.74 -37.84 -46.86
C HIS J 50 -41.65 -39.27 -47.37
N ASP J 51 -40.62 -40.02 -46.96
CA ASP J 51 -40.44 -41.39 -47.43
C ASP J 51 -41.61 -42.29 -47.02
N LEU J 52 -42.09 -42.14 -45.78
CA LEU J 52 -43.21 -42.95 -45.30
C LEU J 52 -44.48 -42.74 -46.10
N VAL J 53 -44.76 -41.49 -46.48
CA VAL J 53 -45.94 -41.16 -47.25
C VAL J 53 -45.94 -41.85 -48.60
N GLU J 54 -44.81 -41.81 -49.31
CA GLU J 54 -44.70 -42.43 -50.63
C GLU J 54 -44.88 -43.95 -50.56
N LEU J 55 -44.39 -44.58 -49.49
CA LEU J 55 -44.49 -46.02 -49.32
C LEU J 55 -45.93 -46.50 -49.23
N LYS J 56 -46.82 -45.72 -48.63
CA LYS J 56 -48.23 -46.09 -48.49
C LYS J 56 -48.94 -46.16 -49.83
N LYS J 57 -48.67 -45.20 -50.73
CA LYS J 57 -49.29 -45.17 -52.05
C LYS J 57 -48.85 -46.34 -52.90
N ARG J 58 -47.58 -46.75 -52.77
CA ARG J 58 -47.01 -47.86 -53.54
C ARG J 58 -47.34 -49.23 -52.97
N ASN J 59 -48.07 -49.31 -51.86
CA ASN J 59 -48.44 -50.56 -51.21
C ASN J 59 -47.23 -51.40 -50.85
N LEU J 60 -46.27 -50.78 -50.16
CA LEU J 60 -45.05 -51.41 -49.71
C LEU J 60 -44.64 -50.80 -48.37
N SER J 61 -45.06 -51.43 -47.29
CA SER J 61 -44.83 -50.92 -45.94
C SER J 61 -43.36 -50.94 -45.56
N VAL J 62 -42.78 -52.13 -45.49
CA VAL J 62 -41.39 -52.38 -45.12
C VAL J 62 -40.69 -53.14 -46.22
N PRO J 63 -39.62 -52.60 -46.83
CA PRO J 63 -38.97 -53.29 -47.93
C PRO J 63 -38.15 -54.49 -47.47
N SER J 64 -37.30 -54.28 -46.47
CA SER J 64 -36.45 -55.32 -45.91
C SER J 64 -36.72 -55.53 -44.43
N ASP J 65 -36.66 -54.46 -43.65
CA ASP J 65 -36.72 -54.49 -42.21
C ASP J 65 -36.84 -53.07 -41.65
N LEU J 66 -36.95 -52.97 -40.33
CA LEU J 66 -37.05 -51.68 -39.66
C LEU J 66 -35.75 -50.90 -39.83
N LEU J 67 -35.85 -49.70 -40.38
CA LEU J 67 -34.73 -48.78 -40.48
C LEU J 67 -34.38 -48.08 -39.17
N PRO J 68 -35.35 -47.65 -38.35
CA PRO J 68 -35.03 -46.83 -37.21
C PRO J 68 -34.53 -47.69 -36.04
N PRO J 69 -33.82 -47.09 -35.08
CA PRO J 69 -33.39 -47.83 -33.90
C PRO J 69 -34.57 -48.07 -32.95
N ASP J 70 -34.48 -49.12 -32.17
CA ASP J 70 -35.47 -49.50 -31.15
C ASP J 70 -35.16 -48.89 -29.79
N PHE J 71 -34.90 -47.59 -29.77
CA PHE J 71 -34.68 -46.86 -28.52
C PHE J 71 -35.30 -45.46 -28.50
N ASN J 72 -35.89 -45.00 -29.60
CA ASN J 72 -36.45 -43.66 -29.68
C ASN J 72 -37.95 -43.68 -29.45
N ALA J 73 -38.48 -42.55 -28.99
CA ALA J 73 -39.92 -42.38 -28.77
C ALA J 73 -40.25 -40.90 -28.89
N LEU J 74 -41.21 -40.57 -29.74
CA LEU J 74 -41.69 -39.20 -29.94
C LEU J 74 -43.19 -39.16 -29.73
N GLN J 75 -43.63 -38.25 -28.89
CA GLN J 75 -45.03 -38.04 -28.58
C GLN J 75 -45.35 -36.56 -28.71
N PHE J 76 -46.36 -36.23 -29.50
CA PHE J 76 -46.78 -34.85 -29.74
C PHE J 76 -45.63 -33.99 -30.25
N SER J 77 -44.74 -34.57 -31.05
CA SER J 77 -43.57 -33.86 -31.56
C SER J 77 -42.69 -33.31 -30.43
N LEU J 78 -42.57 -34.05 -29.34
CA LEU J 78 -41.71 -33.67 -28.21
C LEU J 78 -40.94 -34.90 -27.74
N PRO J 79 -39.72 -34.71 -27.21
CA PRO J 79 -38.94 -35.83 -26.71
C PRO J 79 -39.38 -36.21 -25.30
N VAL J 80 -39.56 -37.50 -25.06
CA VAL J 80 -39.94 -38.02 -23.73
C VAL J 80 -39.27 -39.35 -23.52
N VAL J 81 -38.78 -39.57 -22.31
CA VAL J 81 -38.14 -40.83 -21.91
C VAL J 81 -39.21 -41.87 -21.63
N SER J 82 -38.81 -43.14 -21.59
CA SER J 82 -39.74 -44.23 -21.30
C SER J 82 -40.28 -44.09 -19.88
N ALA J 83 -41.59 -44.17 -19.73
CA ALA J 83 -42.22 -44.07 -18.42
C ALA J 83 -41.93 -45.29 -17.56
N ARG J 84 -42.01 -46.49 -18.13
CA ARG J 84 -41.76 -47.72 -17.40
C ARG J 84 -40.30 -47.85 -16.98
N GLY J 85 -39.38 -47.40 -17.81
CA GLY J 85 -37.95 -47.47 -17.51
C GLY J 85 -37.56 -46.64 -16.29
N PHE J 86 -38.17 -45.48 -16.09
CA PHE J 86 -37.87 -44.62 -14.96
C PHE J 86 -38.22 -45.28 -13.63
N LEU J 87 -39.36 -45.98 -13.55
CA LEU J 87 -39.77 -46.62 -12.32
C LEU J 87 -38.77 -47.68 -11.89
N LEU J 88 -38.30 -48.51 -12.82
CA LEU J 88 -37.33 -49.56 -12.50
C LEU J 88 -36.04 -48.97 -11.96
N ALA J 89 -35.51 -47.92 -12.59
CA ALA J 89 -34.28 -47.28 -12.13
C ALA J 89 -34.44 -46.66 -10.74
N LEU J 90 -35.55 -45.94 -10.51
CA LEU J 90 -35.82 -45.30 -9.24
C LEU J 90 -36.00 -46.30 -8.11
N SER J 91 -36.81 -47.34 -8.34
CA SER J 91 -37.05 -48.36 -7.32
C SER J 91 -35.78 -49.12 -6.97
N ALA J 92 -34.99 -49.52 -7.97
CA ALA J 92 -33.76 -50.26 -7.71
C ALA J 92 -32.74 -49.43 -6.93
N ALA J 93 -32.57 -48.16 -7.30
CA ALA J 93 -31.63 -47.29 -6.61
C ALA J 93 -32.04 -47.03 -5.16
N ALA J 94 -33.33 -46.81 -4.91
CA ALA J 94 -33.84 -46.55 -3.58
C ALA J 94 -33.95 -47.80 -2.70
N ASN J 95 -33.95 -48.99 -3.29
CA ASN J 95 -34.06 -50.23 -2.51
C ASN J 95 -32.81 -50.51 -1.69
N SER J 96 -31.62 -50.19 -2.21
CA SER J 96 -30.37 -50.43 -1.52
C SER J 96 -30.21 -49.58 -0.26
N VAL J 97 -30.86 -48.42 -0.21
CA VAL J 97 -30.79 -47.54 0.95
C VAL J 97 -31.42 -48.19 2.17
N ALA J 98 -32.56 -48.87 1.99
CA ALA J 98 -33.25 -49.55 3.06
C ALA J 98 -32.52 -50.78 3.58
N GLU J 99 -31.48 -51.25 2.89
CA GLU J 99 -30.73 -52.42 3.31
C GLU J 99 -30.04 -52.23 4.66
N ASP J 100 -29.79 -50.99 5.07
CA ASP J 100 -29.18 -50.70 6.35
C ASP J 100 -30.08 -51.01 7.54
N LEU J 101 -31.37 -51.25 7.32
CA LEU J 101 -32.29 -51.57 8.41
C LEU J 101 -31.89 -52.86 9.14
N GLU J 102 -31.29 -53.82 8.41
CA GLU J 102 -30.88 -55.09 8.99
C GLU J 102 -29.84 -54.91 10.09
N PHE J 103 -28.86 -54.03 9.87
CA PHE J 103 -27.75 -53.81 10.78
C PHE J 103 -27.95 -52.62 11.71
N LEU J 104 -29.16 -52.05 11.75
CA LEU J 104 -29.49 -50.94 12.62
C LEU J 104 -30.68 -51.24 13.53
N CYS J 105 -31.68 -51.94 13.00
CA CYS J 105 -32.91 -52.25 13.73
C CYS J 105 -33.11 -53.75 13.92
N ARG J 106 -32.94 -54.55 12.85
CA ARG J 106 -33.18 -56.01 12.93
C ARG J 106 -32.17 -56.75 13.80
N ARG J 107 -31.06 -56.12 14.17
CA ARG J 107 -30.00 -56.70 14.99
C ARG J 107 -29.74 -56.00 16.32
N LEU J 108 -30.15 -54.75 16.48
CA LEU J 108 -29.91 -53.97 17.70
C LEU J 108 -31.21 -53.68 18.46
N SER J 109 -32.18 -53.05 17.82
CA SER J 109 -33.47 -52.71 18.43
C SER J 109 -34.60 -53.07 17.47
N VAL J 110 -35.16 -54.27 17.66
CA VAL J 110 -36.24 -54.75 16.80
C VAL J 110 -37.50 -53.91 17.04
N PRO J 111 -38.07 -53.24 16.03
CA PRO J 111 -39.29 -52.46 16.20
C PRO J 111 -40.53 -53.32 15.99
N ASN J 112 -40.69 -54.39 16.79
CA ASN J 112 -41.78 -55.34 16.64
C ASN J 112 -41.71 -56.00 15.24
N LEU J 113 -42.72 -55.86 14.39
CA LEU J 113 -42.70 -56.37 13.01
C LEU J 113 -42.52 -55.20 12.03
N PRO J 114 -41.36 -54.99 11.39
CA PRO J 114 -41.13 -53.78 10.60
C PRO J 114 -41.99 -53.76 9.35
N HIS J 115 -41.93 -54.80 8.51
CA HIS J 115 -42.90 -55.14 7.45
C HIS J 115 -42.62 -56.56 6.95
N PRO J 116 -43.47 -57.16 6.07
CA PRO J 116 -42.96 -58.16 5.15
C PRO J 116 -41.76 -57.57 4.39
N THR J 117 -40.93 -58.44 3.83
CA THR J 117 -39.64 -58.12 3.24
C THR J 117 -39.68 -56.93 2.29
N HIS J 118 -40.61 -56.91 1.34
CA HIS J 118 -40.74 -55.84 0.35
C HIS J 118 -42.13 -55.89 -0.31
N PRO J 119 -43.22 -55.52 0.38
CA PRO J 119 -44.56 -55.70 -0.17
C PRO J 119 -44.76 -54.91 -1.47
N PHE J 120 -44.69 -53.59 -1.38
CA PHE J 120 -44.67 -52.70 -2.54
C PHE J 120 -43.57 -51.66 -2.48
N ARG J 121 -43.57 -50.82 -1.44
CA ARG J 121 -42.69 -49.67 -1.34
C ARG J 121 -41.43 -49.99 -0.56
N LEU J 122 -41.56 -50.30 0.72
CA LEU J 122 -40.41 -50.54 1.60
C LEU J 122 -39.47 -49.33 1.75
N LYS J 123 -39.98 -48.12 1.55
CA LYS J 123 -39.22 -46.88 1.63
C LYS J 123 -39.63 -46.01 2.80
N LEU J 124 -40.89 -45.59 2.85
CA LEU J 124 -41.39 -44.71 3.92
C LEU J 124 -42.05 -45.46 5.07
N LEU J 125 -42.57 -46.65 4.81
CA LEU J 125 -43.25 -47.43 5.86
C LEU J 125 -42.28 -47.83 6.97
N LEU J 126 -41.03 -48.14 6.62
CA LEU J 126 -40.02 -48.52 7.60
C LEU J 126 -39.77 -47.39 8.60
N ASP J 127 -39.59 -46.17 8.12
CA ASP J 127 -39.33 -45.02 8.97
C ASP J 127 -40.55 -44.66 9.82
N ALA J 128 -41.75 -44.79 9.26
CA ALA J 128 -42.97 -44.47 10.00
C ALA J 128 -43.12 -45.39 11.22
N LEU J 129 -42.88 -46.70 11.07
CA LEU J 129 -43.02 -47.64 12.17
C LEU J 129 -41.85 -47.59 13.14
N PHE J 130 -40.62 -47.51 12.62
CA PHE J 130 -39.44 -47.51 13.49
C PHE J 130 -39.41 -46.30 14.41
N GLU J 131 -39.81 -45.12 13.92
CA GLU J 131 -39.84 -43.90 14.69
C GLU J 131 -41.03 -43.79 15.64
N SER J 132 -41.96 -44.73 15.57
CA SER J 132 -43.16 -44.75 16.41
C SER J 132 -42.94 -45.40 17.76
N PHE J 133 -41.72 -45.84 18.06
CA PHE J 133 -41.39 -46.50 19.34
C PHE J 133 -41.17 -45.52 20.49
N LYS J 134 -41.05 -44.22 20.21
CA LYS J 134 -40.86 -43.16 21.21
C LYS J 134 -42.11 -42.32 21.28
N LEU J 135 -42.86 -42.46 22.37
CA LEU J 135 -44.09 -41.76 22.62
C LEU J 135 -44.10 -41.17 24.02
N ARG J 136 -44.78 -40.04 24.18
CA ARG J 136 -44.91 -39.34 25.44
C ARG J 136 -46.11 -38.42 25.41
N LYS J 137 -47.04 -38.61 26.35
CA LYS J 137 -48.23 -37.78 26.46
C LYS J 137 -48.24 -37.00 27.77
N ASP J 138 -48.10 -37.71 28.88
CA ASP J 138 -48.18 -37.11 30.22
C ASP J 138 -46.81 -37.16 30.89
N PRO J 139 -46.31 -36.06 31.46
CA PRO J 139 -45.04 -36.11 32.18
C PRO J 139 -45.05 -37.09 33.35
N HIS J 140 -46.21 -37.30 33.99
CA HIS J 140 -46.31 -38.24 35.11
C HIS J 140 -45.97 -39.67 34.69
N TYR J 141 -46.30 -40.05 33.46
CA TYR J 141 -46.01 -41.38 32.94
C TYR J 141 -44.60 -41.54 32.40
N ALA J 142 -43.79 -40.48 32.41
CA ALA J 142 -42.42 -40.55 31.91
C ALA J 142 -41.57 -41.56 32.68
N HIS J 143 -41.90 -41.82 33.95
CA HIS J 143 -41.15 -42.80 34.75
C HIS J 143 -41.23 -44.20 34.15
N ASP J 144 -42.41 -44.60 33.71
CA ASP J 144 -42.60 -45.92 33.11
C ASP J 144 -41.96 -46.02 31.73
N TRP J 145 -41.85 -44.92 31.00
CA TRP J 145 -41.24 -44.92 29.68
C TRP J 145 -39.77 -45.34 29.74
N ALA J 146 -39.03 -44.85 30.73
CA ALA J 146 -37.63 -45.20 30.88
C ALA J 146 -37.42 -46.69 31.17
N GLN J 147 -38.42 -47.35 31.73
CA GLN J 147 -38.36 -48.77 32.05
C GLN J 147 -38.69 -49.68 30.87
N ARG J 148 -39.06 -49.13 29.72
CA ARG J 148 -39.39 -49.87 28.51
C ARG J 148 -38.52 -49.54 27.32
N ASN J 149 -37.56 -48.61 27.48
CA ASN J 149 -36.65 -48.20 26.41
C ASN J 149 -35.18 -48.17 26.80
N TRP J 150 -34.84 -48.03 28.07
CA TRP J 150 -33.45 -48.02 28.50
C TRP J 150 -32.69 -49.28 28.14
N PRO J 151 -33.23 -50.49 28.37
CA PRO J 151 -32.50 -51.71 28.03
C PRO J 151 -32.14 -51.82 26.55
N ARG J 152 -32.99 -51.31 25.66
CA ARG J 152 -32.76 -51.41 24.21
C ARG J 152 -31.66 -50.49 23.72
N LEU J 153 -31.41 -49.39 24.43
CA LEU J 153 -30.42 -48.38 24.11
C LEU J 153 -29.12 -48.51 24.90
N GLN J 154 -28.91 -49.63 25.57
CA GLN J 154 -27.71 -49.90 26.36
C GLN J 154 -26.54 -50.45 25.56
N ALA J 155 -26.73 -50.74 24.28
CA ALA J 155 -25.71 -51.28 23.41
C ALA J 155 -25.00 -50.21 22.58
N ALA J 156 -25.74 -49.47 21.79
CA ALA J 156 -25.23 -48.42 20.93
C ALA J 156 -25.26 -47.07 21.64
N MET J 157 -24.40 -46.94 22.62
CA MET J 157 -24.23 -45.75 23.41
C MET J 157 -22.83 -45.69 23.99
N PRO J 158 -22.35 -44.50 24.39
CA PRO J 158 -21.05 -44.37 24.99
C PRO J 158 -20.95 -45.14 26.31
N GLU J 159 -19.75 -45.58 26.66
CA GLU J 159 -19.52 -46.27 27.92
C GLU J 159 -19.92 -45.46 29.13
N PRO J 160 -19.53 -44.18 29.26
CA PRO J 160 -19.92 -43.39 30.41
C PRO J 160 -21.43 -43.26 30.59
N LEU J 161 -22.17 -43.18 29.49
CA LEU J 161 -23.62 -43.00 29.47
C LEU J 161 -24.39 -44.32 29.37
N SER J 162 -23.81 -45.42 29.84
CA SER J 162 -24.41 -46.74 29.82
C SER J 162 -24.43 -47.48 31.15
N GLU J 163 -23.71 -47.01 32.17
CA GLU J 163 -23.66 -47.67 33.47
C GLU J 163 -24.89 -47.41 34.33
N LEU J 164 -25.63 -46.34 34.06
CA LEU J 164 -26.82 -45.98 34.80
C LEU J 164 -27.96 -46.94 34.48
N SER J 165 -28.86 -47.08 35.43
CA SER J 165 -30.07 -47.89 35.31
C SER J 165 -31.22 -47.06 34.74
N ALA J 166 -32.37 -47.68 34.55
CA ALA J 166 -33.56 -47.03 34.05
C ALA J 166 -34.10 -45.98 35.01
N ASP J 167 -34.10 -46.27 36.30
CA ASP J 167 -34.61 -45.34 37.30
C ASP J 167 -33.83 -44.04 37.35
N SER J 168 -32.51 -44.11 37.15
CA SER J 168 -31.67 -42.93 37.16
C SER J 168 -32.04 -41.95 36.06
N VAL J 169 -32.33 -42.44 34.86
CA VAL J 169 -32.72 -41.59 33.74
C VAL J 169 -34.06 -40.93 33.98
N GLY J 170 -35.00 -41.65 34.59
CA GLY J 170 -36.32 -41.12 34.86
C GLY J 170 -36.32 -39.91 35.77
N LEU J 171 -35.42 -39.88 36.75
CA LEU J 171 -35.34 -38.77 37.69
C LEU J 171 -35.04 -37.45 36.98
N TRP J 172 -34.08 -37.47 36.08
CA TRP J 172 -33.73 -36.27 35.31
C TRP J 172 -34.78 -35.92 34.26
N LEU J 173 -35.34 -36.92 33.60
CA LEU J 173 -36.35 -36.70 32.58
C LEU J 173 -37.62 -36.07 33.16
N LYS J 174 -38.04 -36.50 34.34
CA LYS J 174 -39.25 -35.99 34.98
C LYS J 174 -39.16 -34.50 35.24
N ALA J 175 -38.03 -34.04 35.75
CA ALA J 175 -37.81 -32.64 36.04
C ALA J 175 -37.59 -31.80 34.78
N HIS J 176 -37.03 -32.39 33.73
CA HIS J 176 -36.79 -31.68 32.49
C HIS J 176 -38.06 -31.28 31.76
N LEU J 177 -39.05 -32.16 31.73
CA LEU J 177 -40.31 -31.87 31.03
C LEU J 177 -41.07 -30.73 31.69
N GLU J 178 -41.07 -30.69 33.03
CA GLU J 178 -41.79 -29.64 33.75
C GLU J 178 -41.25 -28.24 33.44
N ARG J 179 -39.92 -28.12 33.34
CA ARG J 179 -39.27 -26.85 33.04
C ARG J 179 -39.64 -26.32 31.66
N VAL J 180 -39.72 -27.20 30.67
CA VAL J 180 -40.06 -26.80 29.30
C VAL J 180 -41.46 -26.24 29.23
N ILE J 181 -42.44 -26.93 29.83
CA ILE J 181 -43.82 -26.47 29.77
C ILE J 181 -43.98 -25.14 30.50
N GLU J 182 -43.36 -24.99 31.67
CA GLU J 182 -43.48 -23.76 32.44
C GLU J 182 -42.90 -22.57 31.66
N ASN J 183 -41.75 -22.75 30.99
CA ASN J 183 -41.12 -21.69 30.22
C ASN J 183 -41.91 -21.33 28.97
N GLN J 184 -42.70 -22.25 28.43
CA GLN J 184 -43.49 -21.97 27.22
C GLN J 184 -44.68 -21.05 27.47
N ARG J 185 -45.05 -20.81 28.73
CA ARG J 185 -46.17 -19.91 29.05
C ARG J 185 -45.78 -18.45 28.81
N ASP J 190 -39.51 -12.99 22.31
CA ASP J 190 -39.37 -13.34 20.89
C ASP J 190 -39.52 -14.84 20.66
N GLY J 191 -40.22 -15.52 21.57
CA GLY J 191 -40.44 -16.97 21.54
C GLY J 191 -41.75 -17.40 20.88
N ARG J 192 -42.63 -16.45 20.54
CA ARG J 192 -43.93 -16.77 19.91
C ARG J 192 -43.81 -17.09 18.42
N GLY J 193 -42.69 -16.75 17.79
CA GLY J 193 -42.49 -16.98 16.36
C GLY J 193 -42.16 -18.43 15.99
N ARG J 194 -41.91 -19.29 16.97
CA ARG J 194 -41.56 -20.70 16.77
C ARG J 194 -42.42 -21.67 17.58
N LEU J 195 -43.48 -21.19 18.21
CA LEU J 195 -44.36 -22.01 19.04
C LEU J 195 -45.73 -22.22 18.39
N LEU J 196 -46.42 -21.12 18.04
CA LEU J 196 -47.73 -21.19 17.41
C LEU J 196 -47.68 -21.05 15.90
N ALA J 197 -46.65 -20.40 15.34
CA ALA J 197 -46.55 -20.20 13.91
C ALA J 197 -46.21 -21.48 13.15
N GLN J 198 -45.40 -22.36 13.76
CA GLN J 198 -44.96 -23.60 13.13
C GLN J 198 -45.86 -24.79 13.42
N LYS J 199 -46.42 -24.88 14.63
CA LYS J 199 -47.28 -25.99 15.00
C LYS J 199 -48.61 -25.90 14.28
N PHE J 200 -49.05 -27.03 13.70
CA PHE J 200 -50.31 -27.09 12.95
C PHE J 200 -51.34 -27.82 13.79
N PRO J 201 -52.34 -27.14 14.35
CA PRO J 201 -53.35 -27.83 15.14
C PRO J 201 -54.20 -28.73 14.26
N LEU J 202 -54.67 -29.83 14.85
CA LEU J 202 -55.53 -30.79 14.15
C LEU J 202 -56.78 -31.11 14.96
N LYS J 203 -56.71 -30.95 16.29
CA LYS J 203 -57.75 -31.29 17.26
C LYS J 203 -57.92 -32.79 17.49
N SER J 204 -57.27 -33.64 16.71
CA SER J 204 -57.41 -35.10 16.84
C SER J 204 -56.20 -35.76 17.48
N ASP J 205 -55.02 -35.13 17.44
CA ASP J 205 -53.82 -35.71 18.01
C ASP J 205 -53.84 -35.54 19.53
N GLU J 206 -53.97 -36.65 20.26
CA GLU J 206 -54.03 -36.61 21.71
C GLU J 206 -52.67 -36.31 22.35
N GLU J 207 -51.59 -36.69 21.67
CA GLU J 207 -50.22 -36.52 22.17
C GLU J 207 -49.30 -36.01 21.07
N ASP J 208 -48.12 -35.56 21.46
CA ASP J 208 -47.13 -35.03 20.54
C ASP J 208 -45.76 -35.61 20.86
N LEU J 209 -44.88 -35.60 19.88
CA LEU J 209 -43.51 -36.07 20.01
C LEU J 209 -42.67 -35.10 20.81
N TYR J 210 -41.51 -35.56 21.24
CA TYR J 210 -40.56 -34.77 22.00
C TYR J 210 -39.15 -34.97 21.47
N SER J 211 -38.31 -33.97 21.64
CA SER J 211 -36.92 -33.97 21.22
C SER J 211 -36.71 -34.46 19.80
N LEU J 212 -37.51 -33.96 18.84
CA LEU J 212 -37.37 -34.33 17.44
C LEU J 212 -36.91 -33.20 16.55
N ALA J 213 -37.70 -32.14 16.43
CA ALA J 213 -37.36 -30.99 15.60
C ALA J 213 -37.27 -29.70 16.41
N ASP J 214 -38.35 -29.35 17.09
CA ASP J 214 -38.44 -28.18 17.96
C ASP J 214 -39.18 -28.58 19.23
N ASP J 215 -38.47 -29.24 20.14
CA ASP J 215 -38.99 -29.55 21.46
C ASP J 215 -37.93 -29.34 22.55
N PHE J 216 -36.66 -29.37 22.16
CA PHE J 216 -35.52 -29.29 23.06
C PHE J 216 -35.06 -27.88 23.37
N ILE J 217 -35.77 -26.87 22.86
CA ILE J 217 -35.47 -25.47 23.06
C ILE J 217 -36.31 -24.92 24.21
N PHE J 218 -35.91 -23.77 24.72
CA PHE J 218 -36.59 -23.10 25.81
C PHE J 218 -36.40 -23.82 27.13
N ASP J 219 -35.28 -24.52 27.28
CA ASP J 219 -34.96 -25.23 28.50
C ASP J 219 -34.78 -24.26 29.68
N HIS J 220 -34.09 -23.16 29.44
CA HIS J 220 -33.85 -22.11 30.43
C HIS J 220 -34.85 -20.98 30.28
N GLU J 221 -34.78 -20.01 31.19
CA GLU J 221 -35.67 -18.86 31.13
C GLU J 221 -35.46 -18.03 29.86
N ILE J 222 -34.20 -17.84 29.46
CA ILE J 222 -33.81 -17.07 28.30
C ILE J 222 -33.03 -17.96 27.34
N VAL J 223 -33.33 -17.82 26.07
CA VAL J 223 -32.70 -18.55 24.98
C VAL J 223 -31.76 -17.64 24.20
N ASP J 224 -30.94 -18.24 23.37
CA ASP J 224 -30.01 -17.50 22.53
C ASP J 224 -30.76 -16.62 21.53
N GLU J 225 -30.22 -15.45 21.27
CA GLU J 225 -30.82 -14.49 20.35
C GLU J 225 -30.49 -14.82 18.90
N GLN J 226 -29.23 -15.14 18.61
CA GLN J 226 -28.79 -15.47 17.26
C GLN J 226 -29.27 -16.82 16.77
N PHE J 227 -29.74 -17.69 17.67
CA PHE J 227 -30.23 -19.00 17.29
C PHE J 227 -31.45 -18.90 16.37
N CYS J 228 -32.37 -17.99 16.67
CA CYS J 228 -33.57 -17.80 15.87
C CYS J 228 -33.25 -17.31 14.47
N ASP J 229 -32.23 -16.47 14.32
CA ASP J 229 -31.85 -15.92 13.04
C ASP J 229 -31.38 -16.99 12.07
N GLU J 230 -30.94 -18.13 12.55
CA GLU J 230 -30.44 -19.24 11.74
C GLU J 230 -31.49 -20.30 11.40
N ARG J 231 -32.75 -20.06 11.74
CA ARG J 231 -33.86 -20.97 11.47
C ARG J 231 -34.92 -20.35 10.60
N LEU J 232 -35.22 -19.09 10.82
CA LEU J 232 -36.26 -18.38 10.06
C LEU J 232 -35.69 -17.56 8.92
N SER J 233 -34.67 -16.73 9.20
CA SER J 233 -34.11 -15.87 8.17
C SER J 233 -33.39 -16.70 7.10
N GLN J 234 -32.45 -17.56 7.52
CA GLN J 234 -31.70 -18.41 6.61
C GLN J 234 -30.91 -19.45 7.39
N PHE J 235 -31.03 -20.71 7.01
CA PHE J 235 -30.30 -21.80 7.61
C PHE J 235 -28.90 -21.93 7.00
N PRO J 236 -27.84 -22.00 7.81
CA PRO J 236 -26.50 -22.13 7.25
C PRO J 236 -26.25 -23.52 6.68
N ILE J 237 -26.21 -23.62 5.35
CA ILE J 237 -25.97 -24.89 4.66
C ILE J 237 -24.50 -25.22 4.50
N ASP J 238 -23.61 -24.25 4.65
CA ASP J 238 -22.18 -24.46 4.48
C ASP J 238 -21.60 -25.35 5.57
N LYS J 239 -22.16 -25.28 6.78
CA LYS J 239 -21.72 -26.04 7.94
C LYS J 239 -22.40 -27.40 8.07
N ALA J 240 -23.01 -27.90 7.01
CA ALA J 240 -23.69 -29.19 7.05
C ALA J 240 -22.72 -30.33 7.36
N GLY J 241 -21.57 -30.34 6.72
CA GLY J 241 -20.57 -31.35 6.93
C GLY J 241 -19.94 -31.29 8.31
N GLU J 242 -19.71 -30.10 8.82
CA GLU J 242 -19.12 -29.91 10.14
C GLU J 242 -20.01 -30.46 11.23
N LEU J 243 -21.32 -30.20 11.17
CA LEU J 243 -22.26 -30.70 12.17
C LEU J 243 -22.41 -32.22 12.11
N PHE J 244 -22.47 -32.81 10.91
CA PHE J 244 -22.64 -34.24 10.75
C PHE J 244 -21.51 -35.03 11.39
N ARG J 245 -20.27 -34.60 11.17
CA ARG J 245 -19.11 -35.26 11.76
C ARG J 245 -19.06 -35.09 13.27
N ARG J 246 -19.55 -33.97 13.78
CA ARG J 246 -19.57 -33.70 15.22
C ARG J 246 -20.67 -34.46 15.96
N VAL J 247 -21.63 -35.04 15.25
CA VAL J 247 -22.72 -35.82 15.84
C VAL J 247 -22.54 -37.32 15.63
N ALA J 248 -22.03 -37.74 14.48
CA ALA J 248 -21.81 -39.14 14.19
C ALA J 248 -20.78 -39.77 15.12
N ASP J 249 -19.76 -39.01 15.50
CA ASP J 249 -18.72 -39.52 16.40
C ASP J 249 -19.27 -39.88 17.78
N PHE J 250 -20.37 -39.27 18.23
CA PHE J 250 -20.92 -39.58 19.54
C PHE J 250 -21.39 -41.03 19.62
N PHE J 251 -22.12 -41.49 18.60
CA PHE J 251 -22.57 -42.88 18.54
C PHE J 251 -21.43 -43.84 18.27
N GLY J 252 -20.51 -43.49 17.39
CA GLY J 252 -19.37 -44.29 17.04
C GLY J 252 -18.06 -43.70 17.54
N LEU J 253 -17.50 -44.31 18.58
CA LEU J 253 -16.25 -43.87 19.17
C LEU J 253 -15.03 -44.55 18.59
N THR J 254 -15.18 -45.35 17.54
CA THR J 254 -14.14 -46.16 16.89
C THR J 254 -13.62 -47.33 17.71
N LYS J 255 -14.28 -47.61 18.84
CA LYS J 255 -13.93 -48.71 19.74
C LYS J 255 -15.10 -49.55 20.22
N GLY J 256 -16.32 -49.17 19.87
CA GLY J 256 -17.52 -49.89 20.25
C GLY J 256 -17.99 -50.84 19.18
N PRO J 257 -19.30 -51.11 19.14
CA PRO J 257 -19.86 -51.96 18.09
C PRO J 257 -19.59 -51.46 16.68
N GLN J 258 -19.54 -50.16 16.48
CA GLN J 258 -19.26 -49.57 15.20
C GLN J 258 -17.83 -49.85 14.75
N PRO J 259 -17.57 -49.82 13.44
CA PRO J 259 -16.23 -50.01 12.95
C PRO J 259 -15.25 -48.95 13.47
N ALA J 260 -13.97 -49.25 13.38
CA ALA J 260 -12.89 -48.38 13.80
C ALA J 260 -12.31 -47.50 12.69
N VAL J 261 -12.94 -47.50 11.53
CA VAL J 261 -12.50 -46.77 10.35
C VAL J 261 -13.66 -45.97 9.78
N ASN J 262 -13.56 -44.66 9.87
CA ASN J 262 -14.55 -43.73 9.34
C ASN J 262 -13.94 -42.36 9.08
N ASP J 263 -13.53 -42.12 7.85
CA ASP J 263 -12.95 -40.83 7.45
C ASP J 263 -13.59 -40.24 6.20
N ALA J 264 -13.96 -41.09 5.23
CA ALA J 264 -14.52 -40.62 3.96
C ALA J 264 -16.02 -40.33 4.03
N VAL J 265 -16.67 -40.61 5.16
CA VAL J 265 -18.12 -40.40 5.27
C VAL J 265 -18.46 -38.91 5.25
N VAL J 266 -17.66 -38.08 5.91
CA VAL J 266 -17.91 -36.64 5.97
C VAL J 266 -17.83 -36.00 4.58
N ALA J 267 -16.85 -36.41 3.77
CA ALA J 267 -16.68 -35.84 2.45
C ALA J 267 -17.89 -36.11 1.55
N GLN J 268 -18.41 -37.34 1.58
CA GLN J 268 -19.55 -37.71 0.75
C GLN J 268 -20.88 -37.16 1.27
N PHE J 269 -21.05 -37.03 2.58
CA PHE J 269 -22.28 -36.53 3.15
C PHE J 269 -22.58 -35.09 2.73
N GLN J 270 -21.55 -34.29 2.49
CA GLN J 270 -21.73 -32.92 2.06
C GLN J 270 -22.43 -32.82 0.71
N ASN J 271 -22.12 -33.74 -0.21
CA ASN J 271 -22.74 -33.71 -1.53
C ASN J 271 -24.25 -33.92 -1.45
N LEU J 272 -24.71 -34.81 -0.56
CA LEU J 272 -26.15 -35.05 -0.42
C LEU J 272 -26.90 -33.78 -0.01
N VAL J 273 -26.31 -32.94 0.81
CA VAL J 273 -26.94 -31.71 1.27
C VAL J 273 -27.08 -30.72 0.12
N TYR J 274 -26.03 -30.54 -0.68
CA TYR J 274 -26.10 -29.62 -1.81
C TYR J 274 -27.13 -30.07 -2.83
N THR J 275 -27.20 -31.36 -3.12
CA THR J 275 -28.20 -31.88 -4.07
C THR J 275 -29.62 -31.63 -3.58
N LEU J 276 -29.89 -31.82 -2.28
CA LEU J 276 -31.21 -31.55 -1.73
C LEU J 276 -31.56 -30.06 -1.70
N ASP J 277 -30.57 -29.17 -1.78
CA ASP J 277 -30.84 -27.74 -1.76
C ASP J 277 -31.68 -27.31 -2.97
N GLU J 278 -31.41 -27.87 -4.15
CA GLU J 278 -32.19 -27.55 -5.34
C GLU J 278 -33.64 -27.98 -5.20
N ILE J 279 -33.89 -29.11 -4.55
CA ILE J 279 -35.26 -29.60 -4.37
C ILE J 279 -36.06 -28.67 -3.46
N GLY J 280 -35.38 -27.97 -2.55
CA GLY J 280 -36.04 -27.06 -1.62
C GLY J 280 -35.79 -27.40 -0.16
N LEU J 281 -34.65 -28.04 0.13
CA LEU J 281 -34.30 -28.37 1.51
C LEU J 281 -34.30 -27.14 2.42
N SER J 282 -33.85 -25.99 1.90
CA SER J 282 -33.81 -24.77 2.69
C SER J 282 -35.20 -24.33 3.15
N ASN J 283 -36.22 -24.55 2.33
CA ASN J 283 -37.59 -24.17 2.70
C ASN J 283 -38.11 -24.98 3.88
N TRP J 284 -37.76 -26.27 3.97
CA TRP J 284 -38.23 -27.12 5.06
C TRP J 284 -37.69 -26.70 6.42
N MET J 285 -36.57 -25.99 6.47
CA MET J 285 -36.02 -25.52 7.72
C MET J 285 -36.91 -24.48 8.37
N LYS J 286 -37.42 -23.53 7.58
CA LYS J 286 -38.27 -22.46 8.11
C LYS J 286 -39.65 -22.99 8.50
N MET J 287 -40.26 -23.80 7.63
CA MET J 287 -41.60 -24.33 7.86
C MET J 287 -41.53 -25.78 8.30
N ASP J 288 -42.24 -26.12 9.38
CA ASP J 288 -42.24 -27.49 9.87
C ASP J 288 -42.78 -28.45 8.82
N THR J 289 -42.20 -29.63 8.76
CA THR J 289 -42.58 -30.66 7.79
C THR J 289 -43.88 -31.31 8.22
N ARG J 290 -44.99 -30.58 8.10
CA ARG J 290 -46.33 -31.08 8.44
C ARG J 290 -47.28 -30.94 7.28
N GLU J 291 -47.18 -29.86 6.52
CA GLU J 291 -48.06 -29.65 5.37
C GLU J 291 -47.80 -30.69 4.29
N ILE J 292 -46.54 -31.04 4.04
CA ILE J 292 -46.21 -32.01 3.00
C ILE J 292 -46.76 -33.39 3.36
N GLU J 293 -46.72 -33.76 4.64
CA GLU J 293 -47.22 -35.06 5.08
C GLU J 293 -48.74 -35.17 4.90
N GLU J 294 -49.49 -34.12 5.20
CA GLU J 294 -50.94 -34.15 5.10
C GLU J 294 -51.44 -33.77 3.72
N PHE J 295 -51.12 -32.55 3.26
CA PHE J 295 -51.55 -32.05 1.97
C PHE J 295 -50.61 -32.57 0.89
N LEU J 296 -50.95 -33.71 0.31
CA LEU J 296 -50.15 -34.30 -0.75
C LEU J 296 -50.98 -35.34 -1.50
N PRO J 297 -50.92 -35.36 -2.85
CA PRO J 297 -51.64 -36.36 -3.60
C PRO J 297 -51.11 -37.76 -3.32
N GLU J 298 -51.98 -38.75 -3.42
CA GLU J 298 -51.66 -40.15 -3.17
C GLU J 298 -52.52 -41.04 -4.05
N GLY J 299 -52.13 -42.29 -4.15
CA GLY J 299 -52.83 -43.25 -4.99
C GLY J 299 -52.38 -44.67 -4.73
N ASP J 300 -52.89 -45.57 -5.54
CA ASP J 300 -52.58 -46.99 -5.41
C ASP J 300 -51.15 -47.28 -5.87
N PRO J 301 -50.56 -48.38 -5.40
CA PRO J 301 -49.23 -48.77 -5.84
C PRO J 301 -49.19 -49.08 -7.33
N PRO J 302 -48.03 -48.94 -7.97
CA PRO J 302 -47.91 -49.26 -9.38
C PRO J 302 -48.01 -50.77 -9.63
N SER J 303 -48.38 -51.13 -10.84
CA SER J 303 -48.48 -52.52 -11.27
C SER J 303 -48.35 -52.60 -12.78
N PHE J 304 -47.25 -53.18 -13.25
CA PHE J 304 -46.98 -53.35 -14.68
C PHE J 304 -45.99 -54.48 -14.89
N ALA J 305 -45.95 -55.00 -16.11
CA ALA J 305 -45.04 -56.06 -16.49
C ALA J 305 -43.72 -55.48 -16.98
N ALA J 306 -42.61 -55.93 -16.37
CA ALA J 306 -41.27 -55.51 -16.76
C ALA J 306 -40.82 -56.28 -18.00
N SER J 307 -40.95 -55.67 -19.17
CA SER J 307 -40.53 -56.27 -20.42
C SER J 307 -39.02 -56.22 -20.58
N GLN J 308 -38.50 -57.02 -21.50
CA GLN J 308 -37.06 -57.06 -21.77
C GLN J 308 -36.54 -55.71 -22.28
N GLN J 309 -37.30 -55.04 -23.14
CA GLN J 309 -36.89 -53.76 -23.68
C GLN J 309 -36.74 -52.71 -22.59
N ASP J 310 -37.69 -52.64 -21.67
CA ASP J 310 -37.64 -51.69 -20.56
C ASP J 310 -36.56 -52.06 -19.54
N LEU J 311 -36.34 -53.35 -19.31
CA LEU J 311 -35.35 -53.78 -18.33
C LEU J 311 -33.95 -53.33 -18.73
N ASP J 312 -33.58 -53.46 -20.00
CA ASP J 312 -32.26 -53.04 -20.46
C ASP J 312 -32.14 -51.52 -20.57
N ALA J 313 -33.23 -50.83 -20.93
CA ALA J 313 -33.21 -49.38 -21.05
C ALA J 313 -32.94 -48.69 -19.72
N ALA J 314 -33.45 -49.23 -18.60
CA ALA J 314 -33.22 -48.66 -17.28
C ALA J 314 -31.75 -48.65 -16.88
N ARG J 315 -30.91 -49.51 -17.47
CA ARG J 315 -29.48 -49.54 -17.13
C ARG J 315 -28.78 -48.24 -17.45
N LEU J 316 -29.09 -47.64 -18.59
CA LEU J 316 -28.49 -46.37 -19.00
C LEU J 316 -28.86 -45.23 -18.06
N LEU J 317 -30.07 -45.26 -17.49
CA LEU J 317 -30.50 -44.23 -16.56
C LEU J 317 -29.63 -44.19 -15.31
N LEU J 318 -29.24 -45.36 -14.78
CA LEU J 318 -28.40 -45.46 -13.58
C LEU J 318 -26.91 -45.19 -13.87
N LYS J 319 -26.50 -45.15 -15.14
CA LYS J 319 -25.10 -44.93 -15.51
C LYS J 319 -24.73 -43.46 -15.44
N ALA J 320 -25.40 -42.63 -16.24
CA ALA J 320 -25.12 -41.21 -16.27
C ALA J 320 -25.60 -40.47 -15.04
N ALA J 321 -26.63 -40.99 -14.36
CA ALA J 321 -27.17 -40.37 -13.16
C ALA J 321 -26.23 -40.46 -11.96
N ALA J 322 -25.21 -41.32 -12.00
CA ALA J 322 -24.27 -41.46 -10.91
C ALA J 322 -23.31 -40.29 -10.78
N ARG J 323 -23.08 -39.53 -11.85
CA ARG J 323 -22.17 -38.39 -11.83
C ARG J 323 -22.85 -37.07 -11.45
N GLY J 324 -24.16 -36.98 -11.64
CA GLY J 324 -24.93 -35.79 -11.29
C GLY J 324 -25.95 -35.38 -12.34
N LYS J 325 -25.69 -35.72 -13.60
CA LYS J 325 -26.62 -35.46 -14.70
C LYS J 325 -27.68 -36.54 -14.76
N ALA J 326 -28.78 -36.34 -14.05
CA ALA J 326 -29.89 -37.28 -13.98
C ALA J 326 -30.98 -37.04 -15.02
N ASN J 327 -30.66 -36.37 -16.12
CA ASN J 327 -31.59 -36.09 -17.20
C ASN J 327 -31.06 -36.67 -18.50
N LEU J 328 -31.89 -37.43 -19.21
CA LEU J 328 -31.54 -38.02 -20.49
C LEU J 328 -31.75 -37.09 -21.67
N LEU J 329 -32.58 -36.07 -21.53
CA LEU J 329 -32.85 -35.14 -22.63
C LEU J 329 -31.63 -34.29 -22.97
N ASP J 330 -30.79 -33.97 -21.99
CA ASP J 330 -29.60 -33.15 -22.22
C ASP J 330 -28.49 -33.91 -22.97
N PHE J 331 -28.52 -35.24 -22.93
CA PHE J 331 -27.52 -36.05 -23.62
C PHE J 331 -27.86 -36.21 -25.09
N GLU J 332 -26.87 -36.63 -25.86
CA GLU J 332 -27.02 -36.85 -27.30
C GLU J 332 -27.71 -38.18 -27.57
N ALA J 333 -27.81 -38.54 -28.85
CA ALA J 333 -28.46 -39.79 -29.28
C ALA J 333 -29.94 -39.86 -28.89
N LEU J 334 -30.54 -38.69 -28.68
CA LEU J 334 -31.96 -38.58 -28.33
C LEU J 334 -32.67 -37.54 -29.17
N ASP J 335 -31.94 -36.57 -29.72
CA ASP J 335 -32.54 -35.49 -30.48
C ASP J 335 -33.12 -36.05 -31.79
N PRO J 336 -34.41 -35.84 -32.07
CA PRO J 336 -35.00 -36.34 -33.31
C PRO J 336 -34.46 -35.65 -34.56
N TYR J 337 -33.89 -34.45 -34.42
CA TYR J 337 -33.38 -33.71 -35.59
C TYR J 337 -32.26 -34.48 -36.28
N LYS J 338 -31.34 -35.06 -35.51
CA LYS J 338 -30.24 -35.87 -36.07
C LYS J 338 -30.64 -37.29 -36.42
N LEU J 339 -31.80 -37.76 -35.96
CA LEU J 339 -32.25 -39.12 -36.23
C LEU J 339 -32.98 -39.24 -37.56
N LEU J 340 -33.75 -38.22 -37.94
CA LEU J 340 -34.53 -38.20 -39.18
C LEU J 340 -33.79 -37.59 -40.37
N HIS J 341 -32.55 -37.15 -40.18
CA HIS J 341 -31.74 -36.52 -41.22
C HIS J 341 -30.48 -37.27 -41.62
N GLY J 342 -30.10 -38.31 -40.89
CA GLY J 342 -28.90 -39.07 -41.20
C GLY J 342 -27.60 -38.38 -40.81
N PHE J 343 -27.63 -37.50 -39.81
CA PHE J 343 -26.42 -36.85 -39.32
C PHE J 343 -25.56 -37.85 -38.55
N ASP J 344 -24.55 -37.34 -37.85
CA ASP J 344 -23.61 -38.15 -37.08
C ASP J 344 -24.28 -38.71 -35.82
N PHE J 345 -25.11 -39.72 -35.98
CA PHE J 345 -25.84 -40.35 -34.88
C PHE J 345 -25.12 -41.62 -34.48
N LYS J 346 -24.80 -41.74 -33.19
CA LYS J 346 -24.08 -42.87 -32.63
C LYS J 346 -24.51 -43.09 -31.19
N THR J 347 -24.05 -44.18 -30.61
CA THR J 347 -24.35 -44.56 -29.24
C THR J 347 -23.09 -44.51 -28.37
N VAL J 348 -22.25 -43.51 -28.58
CA VAL J 348 -21.02 -43.35 -27.81
C VAL J 348 -21.23 -42.52 -26.54
N GLN J 349 -22.48 -42.30 -26.14
CA GLN J 349 -22.78 -41.51 -24.94
C GLN J 349 -22.12 -42.10 -23.69
N GLU J 350 -21.90 -43.41 -23.67
CA GLU J 350 -21.29 -44.10 -22.55
C GLU J 350 -19.78 -43.88 -22.45
N GLU J 351 -19.15 -43.33 -23.48
CA GLU J 351 -17.71 -43.09 -23.48
C GLU J 351 -17.38 -41.61 -23.67
N LEU J 352 -18.10 -40.92 -24.55
CA LEU J 352 -17.84 -39.51 -24.83
C LEU J 352 -18.52 -38.62 -23.78
N ALA J 353 -19.84 -38.72 -23.63
CA ALA J 353 -20.55 -37.89 -22.67
C ALA J 353 -20.13 -38.25 -21.23
N THR J 354 -19.97 -39.53 -20.94
CA THR J 354 -19.57 -40.03 -19.62
C THR J 354 -18.05 -40.05 -19.46
N LEU J 355 -17.39 -38.97 -19.83
CA LEU J 355 -15.94 -38.87 -19.66
C LEU J 355 -15.56 -38.62 -18.20
N PRO J 356 -16.20 -37.66 -17.50
CA PRO J 356 -15.84 -37.37 -16.12
C PRO J 356 -16.09 -38.59 -15.23
N PRO J 357 -15.06 -39.18 -14.61
CA PRO J 357 -15.26 -40.33 -13.73
C PRO J 357 -15.86 -39.92 -12.38
N ASN J 358 -16.29 -40.90 -11.60
CA ASN J 358 -16.84 -40.71 -10.26
C ASN J 358 -16.11 -41.61 -9.28
N PRO J 359 -14.88 -41.25 -8.85
CA PRO J 359 -14.09 -42.09 -7.97
C PRO J 359 -14.54 -42.02 -6.51
N PHE J 360 -15.85 -42.06 -6.26
CA PHE J 360 -16.40 -42.10 -4.91
C PHE J 360 -17.39 -43.24 -4.73
N LEU J 361 -18.21 -43.51 -5.74
CA LEU J 361 -19.21 -44.57 -5.70
C LEU J 361 -18.65 -45.89 -6.21
N THR J 362 -18.24 -45.90 -7.48
CA THR J 362 -17.72 -47.08 -8.15
C THR J 362 -17.08 -46.68 -9.47
N ASP J 363 -16.25 -47.57 -10.01
CA ASP J 363 -15.60 -47.35 -11.30
C ASP J 363 -16.38 -47.92 -12.49
N ALA J 364 -16.57 -49.24 -12.52
CA ALA J 364 -17.31 -49.92 -13.57
C ALA J 364 -18.24 -51.00 -13.03
N ASP J 365 -18.68 -50.86 -11.78
CA ASP J 365 -19.54 -51.80 -11.08
C ASP J 365 -20.75 -51.08 -10.48
N ILE J 366 -21.80 -50.92 -11.27
CA ILE J 366 -23.04 -50.29 -10.84
C ILE J 366 -24.12 -51.33 -10.54
N ASP J 367 -24.30 -52.30 -11.43
CA ASP J 367 -25.33 -53.32 -11.24
C ASP J 367 -24.98 -54.27 -10.09
N GLU J 368 -23.71 -54.39 -9.72
CA GLU J 368 -23.30 -55.28 -8.64
C GLU J 368 -23.91 -54.85 -7.31
N LEU J 369 -23.76 -53.57 -6.95
CA LEU J 369 -24.33 -53.05 -5.73
C LEU J 369 -25.84 -52.85 -5.86
N PHE J 370 -26.29 -52.29 -7.00
CA PHE J 370 -27.71 -52.07 -7.26
C PHE J 370 -28.27 -53.26 -8.03
N ASP J 371 -28.94 -54.16 -7.33
CA ASP J 371 -29.51 -55.33 -7.97
C ASP J 371 -30.78 -54.95 -8.74
N ILE J 372 -30.71 -55.02 -10.07
CA ILE J 372 -31.85 -54.66 -10.92
C ILE J 372 -32.86 -55.80 -11.02
N THR J 373 -32.46 -57.04 -10.73
CA THR J 373 -33.37 -58.19 -10.83
C THR J 373 -34.45 -58.12 -9.75
N THR J 374 -34.17 -57.46 -8.62
CA THR J 374 -35.14 -57.31 -7.54
C THR J 374 -36.31 -56.44 -7.96
N ALA J 375 -37.43 -56.53 -7.24
CA ALA J 375 -38.65 -55.83 -7.59
C ALA J 375 -39.05 -56.27 -9.01
N ALA J 376 -39.10 -55.34 -9.97
CA ALA J 376 -39.44 -55.65 -11.35
C ALA J 376 -40.70 -56.54 -11.38
N VAL J 377 -40.60 -57.76 -11.89
CA VAL J 377 -41.72 -58.70 -11.96
C VAL J 377 -42.31 -59.04 -10.58
N SER J 378 -41.50 -59.22 -9.53
CA SER J 378 -42.03 -59.64 -8.22
C SER J 378 -43.00 -58.62 -7.63
N MET J 379 -43.01 -57.38 -8.12
CA MET J 379 -43.95 -56.36 -7.65
C MET J 379 -45.40 -56.77 -7.91
N ASN J 380 -45.70 -57.37 -9.07
CA ASN J 380 -47.06 -57.79 -9.40
C ASN J 380 -47.56 -58.83 -8.38
N ALA J 388 -53.06 -53.44 -1.34
CA ALA J 388 -53.86 -53.01 -0.21
C ALA J 388 -53.88 -51.49 -0.06
N SER J 389 -54.94 -50.98 0.52
CA SER J 389 -55.12 -49.55 0.76
C SER J 389 -54.51 -49.14 2.09
N LEU J 390 -54.04 -47.90 2.16
CA LEU J 390 -53.49 -47.35 3.38
C LEU J 390 -54.60 -46.99 4.37
N ARG J 391 -54.21 -46.79 5.63
CA ARG J 391 -55.14 -46.40 6.68
C ARG J 391 -55.83 -45.08 6.38
N ASN J 392 -55.07 -44.09 5.91
CA ASN J 392 -55.61 -42.78 5.60
C ASN J 392 -56.12 -42.66 4.16
N PHE J 393 -55.57 -43.46 3.24
CA PHE J 393 -55.99 -43.39 1.84
C PHE J 393 -57.37 -43.99 1.64
N LYS J 394 -57.77 -44.95 2.48
CA LYS J 394 -59.09 -45.58 2.35
C LYS J 394 -60.21 -44.55 2.54
N ALA J 395 -60.07 -43.65 3.50
CA ALA J 395 -61.09 -42.64 3.79
C ALA J 395 -61.09 -41.55 2.71
N LYS J 396 -61.81 -41.79 1.62
CA LYS J 396 -61.95 -40.83 0.53
C LYS J 396 -63.30 -41.00 -0.14
N PHE J 397 -63.75 -39.95 -0.81
CA PHE J 397 -65.03 -39.94 -1.51
C PHE J 397 -64.88 -40.55 -2.91
N GLY J 398 -64.41 -41.78 -2.96
CA GLY J 398 -64.23 -42.53 -4.20
C GLY J 398 -63.02 -42.06 -5.00
N ARG J 399 -63.07 -40.85 -5.52
CA ARG J 399 -61.98 -40.28 -6.30
C ARG J 399 -60.73 -40.12 -5.45
N THR J 400 -59.59 -40.54 -6.00
CA THR J 400 -58.33 -40.44 -5.30
C THR J 400 -57.85 -39.00 -5.24
N PRO J 401 -57.00 -38.64 -4.26
CA PRO J 401 -56.51 -37.26 -4.16
C PRO J 401 -55.77 -36.80 -5.43
N LEU J 402 -54.99 -37.68 -6.05
CA LEU J 402 -54.23 -37.32 -7.25
C LEU J 402 -55.14 -37.16 -8.47
N GLU J 403 -56.20 -37.95 -8.58
CA GLU J 403 -57.13 -37.86 -9.70
C GLU J 403 -57.80 -36.50 -9.76
N ALA J 404 -58.24 -35.97 -8.63
CA ALA J 404 -58.84 -34.67 -8.57
C ALA J 404 -57.87 -33.55 -8.95
N LEU J 405 -56.61 -33.65 -8.49
CA LEU J 405 -55.61 -32.64 -8.79
C LEU J 405 -55.36 -32.51 -10.28
N LEU J 406 -55.20 -33.64 -10.96
CA LEU J 406 -54.97 -33.63 -12.39
C LEU J 406 -56.19 -33.22 -13.19
N ASP J 407 -57.39 -33.51 -12.69
CA ASP J 407 -58.63 -33.13 -13.36
C ASP J 407 -58.74 -31.62 -13.51
N SER J 408 -58.45 -30.87 -12.46
CA SER J 408 -58.47 -29.42 -12.51
C SER J 408 -57.39 -28.86 -13.42
N GLU J 409 -56.19 -29.41 -13.36
CA GLU J 409 -55.09 -28.95 -14.19
C GLU J 409 -55.36 -29.19 -15.66
N GLU J 410 -55.90 -30.36 -16.00
CA GLU J 410 -56.20 -30.69 -17.38
C GLU J 410 -57.28 -29.77 -17.93
N LYS J 411 -58.30 -29.40 -17.14
CA LYS J 411 -59.36 -28.50 -17.60
C LYS J 411 -58.86 -27.10 -17.93
N PHE J 412 -57.73 -26.67 -17.37
CA PHE J 412 -57.17 -25.34 -17.64
C PHE J 412 -56.25 -25.33 -18.85
N LEU J 413 -55.27 -26.25 -18.89
CA LEU J 413 -54.33 -26.30 -20.01
C LEU J 413 -55.04 -26.62 -21.32
N THR J 414 -55.98 -27.58 -21.29
CA THR J 414 -56.74 -27.92 -22.48
C THR J 414 -57.70 -26.81 -22.88
N SER J 415 -58.29 -26.07 -21.93
CA SER J 415 -59.25 -25.02 -22.24
C SER J 415 -58.64 -23.61 -22.29
N ALA J 416 -57.39 -23.46 -22.71
CA ALA J 416 -56.73 -22.16 -22.69
C ALA J 416 -57.13 -21.28 -23.89
N GLY J 417 -58.25 -20.56 -23.80
CA GLY J 417 -58.60 -19.49 -24.75
C GLY J 417 -60.08 -19.47 -25.19
N PRO J 418 -60.37 -19.03 -26.43
CA PRO J 418 -61.71 -19.07 -27.03
C PRO J 418 -62.03 -20.51 -27.48
N VAL J 419 -62.18 -21.40 -26.50
CA VAL J 419 -61.93 -22.84 -26.66
C VAL J 419 -62.88 -23.70 -25.83
N ASP J 420 -63.23 -24.86 -26.37
CA ASP J 420 -63.60 -26.03 -25.55
C ASP J 420 -63.27 -27.33 -26.33
N TRP J 421 -61.99 -27.70 -26.35
CA TRP J 421 -61.48 -28.91 -27.02
C TRP J 421 -62.03 -30.19 -26.37
N LEU J 422 -62.88 -30.92 -27.09
CA LEU J 422 -63.82 -31.88 -26.51
C LEU J 422 -63.38 -33.34 -26.49
N LYS J 423 -64.18 -34.18 -25.82
CA LYS J 423 -64.12 -35.64 -25.82
C LYS J 423 -64.71 -36.20 -27.11
N ASP J 424 -63.94 -37.07 -27.78
CA ASP J 424 -64.37 -37.74 -29.01
C ASP J 424 -64.11 -39.25 -29.05
N GLU J 425 -63.23 -39.77 -28.20
CA GLU J 425 -62.93 -41.20 -28.17
C GLU J 425 -62.29 -41.58 -26.84
N ASP J 426 -62.91 -42.49 -26.10
CA ASP J 426 -62.39 -43.00 -24.83
C ASP J 426 -62.44 -44.51 -24.80
N GLU J 427 -61.43 -45.13 -25.40
CA GLU J 427 -61.25 -46.56 -25.49
C GLU J 427 -59.81 -46.92 -25.83
N ASN J 428 -59.26 -47.90 -25.10
CA ASN J 428 -57.89 -48.36 -25.29
C ASN J 428 -56.83 -47.28 -25.04
N GLY J 429 -57.22 -46.20 -24.36
CA GLY J 429 -56.37 -45.07 -24.04
C GLY J 429 -56.22 -44.04 -25.14
N GLU J 430 -56.22 -44.46 -26.40
CA GLU J 430 -56.14 -43.56 -27.52
C GLU J 430 -57.34 -42.63 -27.56
N ALA J 431 -57.10 -41.37 -27.88
CA ALA J 431 -58.13 -40.36 -27.99
C ALA J 431 -57.68 -39.26 -28.94
N PHE J 432 -58.66 -38.51 -29.44
CA PHE J 432 -58.44 -37.40 -30.35
C PHE J 432 -59.12 -36.15 -29.81
N VAL J 433 -58.60 -35.00 -30.25
CA VAL J 433 -59.09 -33.69 -29.85
C VAL J 433 -59.34 -32.85 -31.09
N SER J 434 -60.17 -31.84 -30.95
CA SER J 434 -60.53 -30.92 -32.01
C SER J 434 -60.88 -29.55 -31.40
N TRP J 435 -61.40 -28.65 -32.22
CA TRP J 435 -61.78 -27.30 -31.82
C TRP J 435 -63.30 -27.15 -31.84
N ARG J 436 -63.79 -26.20 -31.05
CA ARG J 436 -65.20 -25.86 -30.99
C ARG J 436 -65.36 -24.43 -30.46
N TRP J 437 -66.36 -23.73 -30.98
CA TRP J 437 -66.67 -22.39 -30.51
C TRP J 437 -67.19 -22.39 -29.08
N LYS J 438 -66.94 -21.28 -28.37
CA LYS J 438 -67.41 -21.06 -27.02
C LYS J 438 -68.27 -19.82 -26.95
N ARG J 439 -69.48 -19.96 -26.40
CA ARG J 439 -70.39 -18.83 -26.21
C ARG J 439 -70.14 -18.14 -24.87
N PRO J 440 -70.39 -16.82 -24.77
CA PRO J 440 -70.25 -16.11 -23.52
C PRO J 440 -71.46 -16.35 -22.60
N ALA J 441 -71.33 -15.95 -21.35
CA ALA J 441 -72.40 -16.05 -20.36
C ALA J 441 -73.37 -14.86 -20.47
N GLU K 1 21.84 -17.40 -20.88
CA GLU K 1 22.96 -18.25 -21.26
C GLU K 1 23.36 -17.99 -22.71
N GLU K 2 24.63 -17.65 -22.93
CA GLU K 2 25.18 -17.41 -24.27
C GLU K 2 26.47 -18.19 -24.43
N ASP K 3 26.61 -18.86 -25.56
CA ASP K 3 27.78 -19.65 -25.89
C ASP K 3 28.69 -18.85 -26.82
N ASP K 4 29.90 -18.57 -26.37
CA ASP K 4 30.89 -17.80 -27.11
C ASP K 4 31.73 -18.65 -28.06
N SER K 5 31.58 -19.97 -28.02
CA SER K 5 32.35 -20.88 -28.87
C SER K 5 31.85 -20.93 -30.31
N VAL K 6 30.64 -20.44 -30.57
CA VAL K 6 30.04 -20.43 -31.90
C VAL K 6 30.22 -19.10 -32.60
N TYR K 7 30.07 -17.99 -31.89
CA TYR K 7 30.22 -16.66 -32.49
C TYR K 7 31.64 -16.42 -32.96
N ARG K 8 32.65 -16.96 -32.27
CA ARG K 8 34.04 -16.78 -32.65
C ARG K 8 34.38 -17.51 -33.96
N GLN K 9 33.70 -18.61 -34.25
CA GLN K 9 33.92 -19.43 -35.44
C GLN K 9 33.09 -18.99 -36.65
N PHE K 10 32.26 -17.98 -36.52
CA PHE K 10 31.44 -17.46 -37.59
C PHE K 10 31.43 -15.94 -37.58
N ALA K 11 31.60 -15.34 -38.75
CA ALA K 11 31.60 -13.89 -38.90
C ALA K 11 30.21 -13.30 -39.04
N CYS K 12 29.26 -14.04 -39.60
CA CYS K 12 27.90 -13.55 -39.77
C CYS K 12 27.23 -13.24 -38.44
N MET K 13 27.36 -14.15 -37.48
CA MET K 13 26.78 -13.96 -36.15
C MET K 13 27.55 -12.93 -35.32
N ARG K 14 28.84 -12.73 -35.60
CA ARG K 14 29.67 -11.76 -34.89
C ARG K 14 29.17 -10.34 -35.06
N ARG K 15 28.72 -9.99 -36.26
CA ARG K 15 28.20 -8.66 -36.52
C ARG K 15 26.98 -8.34 -35.67
N VAL K 16 26.07 -9.29 -35.54
CA VAL K 16 24.86 -9.09 -34.75
C VAL K 16 25.21 -8.83 -33.28
N ARG K 17 26.12 -9.63 -32.72
CA ARG K 17 26.57 -9.47 -31.33
C ARG K 17 27.26 -8.14 -31.12
N GLU K 18 28.12 -7.74 -32.04
CA GLU K 18 28.81 -6.47 -31.96
C GLU K 18 27.81 -5.31 -32.02
N GLU K 19 27.98 -4.35 -31.13
CA GLU K 19 27.10 -3.19 -31.05
C GLU K 19 27.89 -1.94 -31.42
N PRO K 20 27.74 -1.40 -32.64
CA PRO K 20 28.46 -0.19 -33.02
C PRO K 20 28.13 0.96 -32.09
N ARG K 21 29.12 1.80 -31.83
CA ARG K 21 28.94 2.98 -30.98
C ARG K 21 28.03 3.98 -31.65
N LEU K 22 27.40 4.84 -30.85
CA LEU K 22 26.52 5.89 -31.34
C LEU K 22 27.24 6.88 -32.26
N ARG K 23 28.54 7.10 -32.05
CA ARG K 23 29.30 8.04 -32.88
C ARG K 23 29.32 7.61 -34.34
N THR K 24 29.54 6.33 -34.61
CA THR K 24 29.55 5.81 -35.96
C THR K 24 28.19 5.92 -36.63
N ALA K 25 27.13 5.59 -35.90
CA ALA K 25 25.78 5.69 -36.42
C ALA K 25 25.36 7.13 -36.68
N LEU K 26 25.74 8.06 -35.82
CA LEU K 26 25.39 9.46 -35.98
C LEU K 26 26.02 10.07 -37.21
N GLU K 27 27.24 9.65 -37.58
CA GLU K 27 27.91 10.17 -38.75
C GLU K 27 27.13 9.88 -40.03
N SER K 28 26.61 8.66 -40.18
CA SER K 28 25.81 8.29 -41.32
C SER K 28 24.48 9.01 -41.38
N PHE K 29 23.87 9.27 -40.22
CA PHE K 29 22.57 9.95 -40.19
C PHE K 29 22.64 11.37 -40.77
N LYS K 30 23.74 12.09 -40.50
CA LYS K 30 23.92 13.45 -41.00
C LYS K 30 23.89 13.51 -42.53
N VAL K 31 24.57 12.58 -43.19
CA VAL K 31 24.60 12.50 -44.65
C VAL K 31 23.21 12.20 -45.20
N ALA K 32 22.53 11.21 -44.62
CA ALA K 32 21.19 10.85 -45.09
C ALA K 32 20.18 11.99 -44.89
N SER K 33 20.22 12.67 -43.74
CA SER K 33 19.29 13.74 -43.45
C SER K 33 19.43 14.90 -44.45
N LYS K 34 20.67 15.32 -44.74
CA LYS K 34 20.94 16.40 -45.71
C LYS K 34 20.49 16.04 -47.12
N ASN K 35 20.71 14.80 -47.55
CA ASN K 35 20.31 14.36 -48.88
C ASN K 35 18.80 14.45 -49.07
N ALA K 36 18.02 13.97 -48.10
CA ALA K 36 16.57 14.01 -48.21
C ALA K 36 16.04 15.44 -48.16
N THR K 37 16.51 16.23 -47.19
CA THR K 37 16.11 17.61 -46.99
C THR K 37 17.11 18.56 -47.63
N LYS K 38 17.26 18.44 -48.96
CA LYS K 38 18.21 19.24 -49.73
C LYS K 38 17.79 20.70 -49.86
N THR K 39 16.49 20.96 -49.92
CA THR K 39 15.89 22.28 -50.07
C THR K 39 15.47 22.91 -48.75
N ARG K 40 16.06 22.48 -47.64
CA ARG K 40 15.74 22.98 -46.31
C ARG K 40 17.00 23.07 -45.46
N GLY K 41 16.93 23.87 -44.41
CA GLY K 41 18.02 24.03 -43.45
C GLY K 41 18.32 25.48 -43.08
N ARG K 42 18.04 26.43 -43.98
CA ARG K 42 18.23 27.85 -43.73
C ARG K 42 16.89 28.53 -43.60
N ALA K 43 16.71 29.28 -42.53
CA ALA K 43 15.45 29.98 -42.25
C ALA K 43 15.59 31.49 -42.38
N TRP K 44 16.55 32.07 -41.67
CA TRP K 44 16.78 33.50 -41.70
C TRP K 44 18.07 33.79 -42.43
N SER K 45 17.89 34.20 -43.69
CA SER K 45 18.94 34.58 -44.64
C SER K 45 19.03 36.10 -44.85
N VAL K 46 18.03 36.90 -44.40
CA VAL K 46 18.17 38.38 -44.27
C VAL K 46 18.88 38.75 -42.97
N TYR K 47 19.99 38.04 -42.73
CA TYR K 47 21.10 38.42 -41.85
C TYR K 47 21.86 39.65 -42.42
N GLU K 48 22.77 40.23 -41.63
CA GLU K 48 23.49 41.49 -41.89
C GLU K 48 24.22 41.63 -43.24
N GLY K 49 24.42 40.55 -44.02
CA GLY K 49 24.81 40.58 -45.44
C GLY K 49 24.12 41.71 -46.23
N TRP K 50 22.84 41.91 -45.95
CA TRP K 50 22.18 43.22 -46.08
C TRP K 50 21.61 43.56 -44.69
N PRO K 51 22.04 44.64 -44.01
CA PRO K 51 21.55 44.93 -42.67
C PRO K 51 20.04 45.22 -42.74
N PRO K 52 19.22 44.59 -41.86
CA PRO K 52 17.78 44.82 -41.81
C PRO K 52 17.46 46.31 -41.58
N ARG K 53 16.18 46.66 -41.44
CA ARG K 53 15.69 47.98 -41.83
C ARG K 53 16.12 48.20 -43.27
N SER K 54 16.95 49.21 -43.55
CA SER K 54 17.38 49.63 -44.88
C SER K 54 18.89 49.83 -44.96
N ARG K 55 19.41 49.69 -46.19
CA ARG K 55 20.86 49.75 -46.50
C ARG K 55 21.19 50.74 -47.62
N VAL K 56 20.22 51.01 -48.49
CA VAL K 56 20.44 51.90 -49.63
C VAL K 56 20.51 53.35 -49.19
N ARG K 57 19.51 53.79 -48.42
CA ARG K 57 19.44 55.15 -47.88
C ARG K 57 19.06 55.08 -46.41
N VAL K 58 19.95 55.57 -45.55
CA VAL K 58 19.78 55.55 -44.10
C VAL K 58 20.12 56.91 -43.50
N GLY K 59 19.35 57.32 -42.50
CA GLY K 59 19.59 58.54 -41.74
C GLY K 59 18.83 59.73 -42.29
N ASP K 60 18.21 60.47 -41.38
CA ASP K 60 17.49 61.71 -41.68
C ASP K 60 16.41 61.54 -42.75
N GLU K 61 15.45 60.64 -42.50
CA GLU K 61 14.37 60.37 -43.43
C GLU K 61 13.08 61.12 -43.05
N TYR K 62 12.57 60.85 -41.86
CA TYR K 62 11.30 61.39 -41.38
C TYR K 62 11.37 61.99 -39.99
N SER K 63 12.53 61.95 -39.32
CA SER K 63 12.67 62.55 -38.00
C SER K 63 12.46 64.05 -38.12
N LYS K 64 11.33 64.55 -37.61
CA LYS K 64 10.97 65.97 -37.70
C LYS K 64 11.82 66.80 -36.73
N VAL K 65 13.12 66.92 -37.00
CA VAL K 65 14.06 67.70 -36.18
C VAL K 65 14.57 68.95 -36.90
N GLY K 66 14.46 69.01 -38.23
CA GLY K 66 14.93 70.15 -38.99
C GLY K 66 14.14 70.35 -40.27
N PRO K 67 14.25 71.53 -40.87
CA PRO K 67 13.51 71.83 -42.08
C PRO K 67 13.96 70.95 -43.25
N LEU K 68 13.04 70.68 -44.16
CA LEU K 68 13.30 69.90 -45.37
C LEU K 68 13.86 68.51 -45.06
N GLN K 69 13.97 67.68 -46.10
CA GLN K 69 14.52 66.35 -46.03
C GLN K 69 15.87 66.29 -46.74
N ARG K 70 16.54 65.14 -46.65
CA ARG K 70 17.86 64.94 -47.28
C ARG K 70 17.85 63.84 -48.33
N ARG K 71 17.27 62.70 -48.00
CA ARG K 71 17.23 61.51 -48.84
C ARG K 71 15.90 60.79 -48.69
N ALA K 72 15.69 59.79 -49.53
CA ALA K 72 14.51 58.95 -49.53
C ALA K 72 14.72 57.71 -48.65
N PHE K 73 13.76 56.77 -48.70
CA PHE K 73 13.82 55.54 -47.93
C PHE K 73 13.17 54.42 -48.72
N VAL K 74 13.91 53.33 -48.91
CA VAL K 74 13.45 52.17 -49.65
C VAL K 74 13.98 50.92 -48.98
N PHE K 75 13.16 49.90 -48.86
CA PHE K 75 13.52 48.61 -48.30
C PHE K 75 12.45 47.58 -48.63
N ASN K 76 12.61 46.36 -48.17
CA ASN K 76 11.66 45.28 -48.40
C ASN K 76 10.96 44.88 -47.11
N ARG K 77 9.69 44.49 -47.24
CA ARG K 77 8.86 44.02 -46.13
C ARG K 77 8.48 42.57 -46.36
N VAL K 78 8.70 41.74 -45.35
CA VAL K 78 8.33 40.33 -45.40
C VAL K 78 6.82 40.18 -45.35
N ASP K 79 6.29 39.31 -46.19
CA ASP K 79 4.87 39.03 -46.23
C ASP K 79 4.44 38.17 -45.04
N GLY K 80 3.12 38.04 -44.86
CA GLY K 80 2.58 37.23 -43.78
C GLY K 80 2.82 35.74 -43.97
N THR K 81 3.05 35.28 -45.19
CA THR K 81 3.33 33.87 -45.48
C THR K 81 4.82 33.54 -45.58
N GLY K 82 5.67 34.56 -45.77
CA GLY K 82 7.11 34.35 -45.86
C GLY K 82 7.61 33.86 -47.21
N ARG K 83 6.82 34.03 -48.27
CA ARG K 83 7.19 33.61 -49.62
C ARG K 83 7.15 34.76 -50.62
N ARG K 84 6.21 35.68 -50.44
CA ARG K 84 6.08 36.84 -51.30
C ARG K 84 7.19 37.85 -51.04
N ARG K 85 7.39 38.75 -52.00
CA ARG K 85 8.39 39.79 -51.94
C ARG K 85 7.84 41.07 -52.53
N GLU K 86 7.82 42.12 -51.72
CA GLU K 86 7.35 43.44 -52.11
C GLU K 86 8.27 44.50 -51.51
N PRO K 87 8.40 45.65 -52.17
CA PRO K 87 9.21 46.74 -51.63
C PRO K 87 8.44 47.55 -50.60
N THR K 88 9.07 48.58 -50.06
CA THR K 88 8.50 49.51 -49.12
C THR K 88 9.13 50.89 -49.30
N LEU K 89 8.32 51.92 -49.05
CA LEU K 89 8.74 53.31 -49.18
C LEU K 89 8.55 54.11 -47.90
N ALA K 90 7.43 53.88 -47.20
CA ALA K 90 7.10 54.65 -46.02
C ALA K 90 7.97 54.25 -44.83
N PHE K 91 8.44 55.25 -44.10
CA PHE K 91 9.25 55.06 -42.91
C PHE K 91 9.14 56.30 -42.03
N CYS K 92 8.35 56.24 -40.96
CA CYS K 92 8.20 57.36 -40.03
C CYS K 92 9.36 57.43 -39.04
N CYS K 93 9.42 56.48 -38.11
CA CYS K 93 10.57 56.28 -37.23
C CYS K 93 10.54 54.86 -36.64
N GLY K 94 11.23 53.92 -37.26
CA GLY K 94 11.40 52.57 -36.74
C GLY K 94 10.13 51.71 -36.79
N ASN K 95 9.05 52.14 -36.15
CA ASN K 95 7.76 51.44 -36.12
C ASN K 95 7.06 51.43 -37.48
N LYS K 96 7.16 52.55 -38.23
CA LYS K 96 6.50 52.70 -39.53
C LYS K 96 4.99 52.41 -39.43
N PRO K 97 4.21 53.27 -38.76
CA PRO K 97 2.77 53.04 -38.58
C PRO K 97 2.02 52.91 -39.92
N VAL K 98 2.48 53.63 -40.94
CA VAL K 98 1.90 53.68 -42.27
C VAL K 98 2.87 53.11 -43.28
N LEU K 99 2.38 52.18 -44.10
CA LEU K 99 3.13 51.55 -45.17
C LEU K 99 2.50 51.90 -46.51
N LEU K 100 3.30 52.36 -47.46
CA LEU K 100 2.85 52.70 -48.80
C LEU K 100 2.78 51.52 -49.75
N LEU K 101 3.12 50.31 -49.29
CA LEU K 101 3.11 49.12 -50.14
C LEU K 101 4.02 49.30 -51.36
N SER K 102 3.92 48.39 -52.32
CA SER K 102 4.71 48.44 -53.53
C SER K 102 4.40 49.69 -54.34
N GLU K 103 5.13 49.86 -55.45
CA GLU K 103 4.98 51.03 -56.32
C GLU K 103 3.58 51.21 -56.89
N ALA K 104 2.67 50.24 -56.71
CA ALA K 104 1.30 50.38 -57.20
C ALA K 104 0.62 51.61 -56.61
N GLU K 105 0.79 51.85 -55.31
CA GLU K 105 0.23 53.01 -54.63
C GLU K 105 1.01 54.28 -54.92
N PHE K 106 2.34 54.19 -55.02
CA PHE K 106 3.15 55.38 -55.29
C PHE K 106 2.86 55.98 -56.66
N GLU K 107 2.50 55.15 -57.64
CA GLU K 107 2.18 55.65 -58.97
C GLU K 107 0.97 56.60 -58.94
N ALA K 108 -0.07 56.26 -58.16
CA ALA K 108 -1.24 57.10 -58.06
C ALA K 108 -0.92 58.44 -57.38
N LEU K 109 0.04 58.46 -56.45
CA LEU K 109 0.39 59.68 -55.75
C LEU K 109 0.93 60.73 -56.72
N VAL K 110 1.79 60.33 -57.66
CA VAL K 110 2.33 61.27 -58.64
C VAL K 110 1.23 61.84 -59.52
N LYS K 111 0.29 60.99 -59.96
CA LYS K 111 -0.82 61.44 -60.81
C LYS K 111 -1.70 62.45 -60.08
N LYS K 112 -1.98 62.21 -58.81
CA LYS K 112 -2.77 63.09 -57.95
C LYS K 112 -1.97 64.23 -57.35
N LEU K 113 -0.66 64.26 -57.50
CA LEU K 113 0.17 65.32 -56.93
C LEU K 113 -0.23 66.71 -57.43
N PRO K 114 -0.35 66.96 -58.75
CA PRO K 114 -0.73 68.29 -59.22
C PRO K 114 -2.14 68.71 -58.78
N TRP K 115 -3.07 67.76 -58.63
CA TRP K 115 -4.42 68.07 -58.23
C TRP K 115 -4.48 68.64 -56.82
N ILE K 116 -3.80 67.99 -55.87
CA ILE K 116 -3.77 68.48 -54.50
C ILE K 116 -3.02 69.80 -54.41
N LYS K 117 -1.95 69.97 -55.20
CA LYS K 117 -1.15 71.19 -55.15
C LYS K 117 -2.00 72.42 -55.47
N HIS K 118 -2.84 72.34 -56.49
CA HIS K 118 -3.71 73.45 -56.88
C HIS K 118 -4.92 73.63 -55.96
N GLU K 119 -5.26 72.62 -55.18
CA GLU K 119 -6.40 72.67 -54.28
C GLU K 119 -6.04 73.22 -52.91
N MET K 120 -4.87 72.87 -52.37
CA MET K 120 -4.46 73.35 -51.06
C MET K 120 -4.34 74.89 -51.03
N ALA K 121 -3.92 75.50 -52.13
CA ALA K 121 -3.77 76.95 -52.20
C ALA K 121 -5.11 77.66 -51.99
N GLU K 122 -6.17 77.16 -52.63
CA GLU K 122 -7.50 77.74 -52.54
C GLU K 122 -8.39 77.11 -51.47
N PHE K 123 -7.89 76.12 -50.73
CA PHE K 123 -8.64 75.45 -49.69
C PHE K 123 -8.73 76.27 -48.42
N LYS K 124 -7.58 76.52 -47.79
CA LYS K 124 -7.48 77.30 -46.57
C LYS K 124 -6.31 78.26 -46.51
N LYS K 125 -5.49 78.35 -47.56
CA LYS K 125 -4.34 79.27 -47.54
C LYS K 125 -4.79 80.72 -47.48
N LEU K 126 -5.81 81.07 -48.26
CA LEU K 126 -6.32 82.44 -48.32
C LEU K 126 -7.37 82.71 -47.24
N LEU K 127 -8.23 81.72 -46.95
CA LEU K 127 -9.31 81.83 -45.97
C LEU K 127 -9.96 83.22 -45.97
N ARG L 1 -27.03 66.17 15.02
CA ARG L 1 -26.50 65.03 14.27
C ARG L 1 -25.24 65.39 13.48
N GLN L 2 -25.34 66.35 12.56
CA GLN L 2 -24.20 66.82 11.78
C GLN L 2 -23.15 67.54 12.64
N ALA L 3 -23.53 68.09 13.79
CA ALA L 3 -22.58 68.78 14.67
C ALA L 3 -21.60 67.81 15.32
N LYS L 4 -21.91 66.50 15.37
CA LYS L 4 -21.01 65.52 15.97
C LYS L 4 -19.69 65.43 15.20
N LYS L 5 -19.71 65.52 13.88
CA LYS L 5 -18.48 65.46 13.07
C LYS L 5 -17.52 66.58 13.44
N GLN L 6 -18.02 67.81 13.58
CA GLN L 6 -17.18 68.93 14.01
C GLN L 6 -16.76 68.80 15.47
N THR L 7 -17.66 68.33 16.34
CA THR L 7 -17.33 68.17 17.75
C THR L 7 -16.23 67.13 17.95
N LYS L 8 -16.31 66.00 17.24
CA LYS L 8 -15.27 64.97 17.30
C LYS L 8 -13.98 65.40 16.62
N LEU L 9 -14.02 66.39 15.72
CA LEU L 9 -12.81 66.89 15.07
C LEU L 9 -11.82 67.49 16.06
N ALA L 10 -12.31 68.03 17.20
CA ALA L 10 -11.43 68.55 18.22
C ALA L 10 -10.53 67.47 18.83
N ALA L 11 -11.00 66.23 18.89
CA ALA L 11 -10.19 65.12 19.40
C ALA L 11 -8.96 64.89 18.53
N LYS L 12 -9.11 64.97 17.20
CA LYS L 12 -7.99 64.81 16.28
C LYS L 12 -6.97 65.93 16.46
N ASN L 13 -7.43 67.17 16.64
CA ASN L 13 -6.52 68.27 16.91
C ASN L 13 -5.82 68.14 18.27
N ALA L 14 -6.49 67.54 19.27
CA ALA L 14 -5.87 67.33 20.56
C ALA L 14 -4.65 66.41 20.48
N ARG L 15 -4.64 65.46 19.55
CA ARG L 15 -3.49 64.58 19.34
C ARG L 15 -2.25 65.36 18.93
N LYS L 16 -2.41 66.37 18.08
CA LYS L 16 -1.28 67.21 17.66
C LYS L 16 -0.71 67.98 18.85
N MET L 17 -1.56 68.46 19.76
CA MET L 17 -1.09 69.16 20.96
C MET L 17 -0.27 68.24 21.86
N LYS L 18 -0.70 66.98 21.99
CA LYS L 18 0.03 65.96 22.77
C LYS L 18 1.30 65.47 22.09
N GLU L 19 1.53 65.85 20.83
CA GLU L 19 2.70 65.44 20.09
C GLU L 19 3.94 66.22 20.55
N SER L 20 5.01 66.19 19.76
CA SER L 20 6.29 66.84 20.09
C SER L 20 7.08 66.11 21.17
N LYS L 21 6.59 64.96 21.64
CA LYS L 21 7.28 64.08 22.57
C LYS L 21 7.76 62.84 21.85
N GLY L 22 8.88 62.28 22.32
CA GLY L 22 9.43 61.07 21.73
C GLY L 22 8.44 59.91 21.77
N LEU L 23 7.75 59.72 22.90
CA LEU L 23 6.73 58.70 23.04
C LEU L 23 5.89 58.97 24.29
N LEU L 24 4.57 58.87 24.17
CA LEU L 24 3.67 59.04 25.31
C LEU L 24 3.75 57.83 26.24
N LEU L 25 4.71 57.85 27.16
CA LEU L 25 4.89 56.73 28.09
C LEU L 25 3.66 56.53 28.98
N GLU L 26 3.04 57.63 29.42
CA GLU L 26 1.85 57.56 30.25
C GLU L 26 0.73 56.83 29.51
N GLY L 27 -0.03 56.02 30.23
CA GLY L 27 -1.12 55.27 29.64
C GLY L 27 -2.13 54.85 30.70
N LYS L 28 -3.09 54.03 30.28
CA LYS L 28 -4.16 53.53 31.15
C LYS L 28 -3.88 52.13 31.69
N LYS L 29 -3.43 51.21 30.84
CA LYS L 29 -3.13 49.83 31.23
C LYS L 29 -1.78 49.73 31.91
N THR L 30 -1.52 48.62 32.58
CA THR L 30 -0.25 48.40 33.27
C THR L 30 0.85 47.95 32.31
N ALA L 31 0.53 47.11 31.34
CA ALA L 31 1.49 46.60 30.39
C ALA L 31 2.04 47.71 29.52
N LEU L 32 3.36 47.73 29.34
CA LEU L 32 3.99 48.74 28.49
C LEU L 32 3.59 48.57 27.03
N CYS L 33 3.50 47.34 26.54
CA CYS L 33 3.15 47.09 25.14
C CYS L 33 1.74 47.59 24.82
N MET L 34 0.78 47.33 25.71
CA MET L 34 -0.60 47.78 25.50
C MET L 34 -0.69 49.30 25.51
N ASN L 35 0.01 49.97 26.44
CA ASN L 35 0.00 51.43 26.48
C ASN L 35 0.63 52.03 25.24
N LEU L 36 1.69 51.44 24.71
CA LEU L 36 2.36 51.94 23.53
C LEU L 36 1.46 51.98 22.30
N MET L 37 0.41 51.17 22.28
CA MET L 37 -0.52 51.11 21.15
C MET L 37 -1.41 52.35 21.03
N GLN L 38 -1.47 53.18 22.08
CA GLN L 38 -2.27 54.40 22.06
C GLN L 38 -1.78 55.40 21.02
N ASN L 39 -0.50 55.35 20.66
CA ASN L 39 0.07 56.23 19.68
C ASN L 39 -0.49 55.93 18.29
N THR L 40 -0.49 56.95 17.46
CA THR L 40 -0.95 56.85 16.08
C THR L 40 0.06 56.09 15.24
N GLY L 41 -0.41 55.27 14.33
CA GLY L 41 0.41 54.49 13.43
C GLY L 41 0.99 53.21 14.01
N ILE L 42 0.55 52.81 15.20
CA ILE L 42 0.99 51.60 15.87
C ILE L 42 -0.21 50.79 16.30
N ALA L 43 -0.13 49.48 16.11
CA ALA L 43 -1.16 48.54 16.52
C ALA L 43 -0.54 47.31 17.15
N TRP L 44 -1.31 46.23 17.29
CA TRP L 44 -0.83 44.98 17.90
C TRP L 44 0.47 44.45 17.29
N TYR L 45 0.67 44.67 15.99
CA TYR L 45 1.88 44.24 15.31
C TYR L 45 3.07 45.13 15.65
N ARG L 46 2.98 46.42 15.33
CA ARG L 46 4.07 47.35 15.58
C ARG L 46 4.36 47.52 17.06
N SER L 47 3.38 47.29 17.93
CA SER L 47 3.57 47.40 19.37
C SER L 47 4.60 46.39 19.86
N LEU L 48 4.52 45.15 19.39
CA LEU L 48 5.48 44.11 19.78
C LEU L 48 6.84 44.31 19.14
N GLN L 49 6.88 44.84 17.92
CA GLN L 49 8.15 45.07 17.22
C GLN L 49 9.05 46.05 17.97
N VAL L 50 8.48 47.11 18.52
CA VAL L 50 9.25 48.08 19.30
C VAL L 50 9.85 47.43 20.54
N CYS L 51 9.08 46.62 21.24
CA CYS L 51 9.52 45.94 22.46
C CYS L 51 10.61 44.90 22.20
N LYS L 52 10.77 44.45 20.94
CA LYS L 52 11.80 43.47 20.61
C LYS L 52 13.20 43.98 20.89
N HIS L 53 13.47 45.25 20.56
CA HIS L 53 14.78 45.85 20.80
C HIS L 53 15.01 46.25 22.25
N LEU L 54 13.94 46.35 23.06
CA LEU L 54 14.07 46.75 24.45
C LEU L 54 14.62 45.63 25.34
N GLU L 55 14.52 44.38 24.89
CA GLU L 55 15.04 43.23 25.65
C GLU L 55 14.39 43.15 27.03
N MET L 56 13.07 43.00 27.03
CA MET L 56 12.27 42.94 28.24
C MET L 56 11.09 42.01 28.03
N HIS L 57 10.46 41.62 29.13
CA HIS L 57 9.30 40.74 29.08
C HIS L 57 8.15 41.41 28.33
N ARG L 58 7.27 40.61 27.74
CA ARG L 58 6.14 41.09 26.97
C ARG L 58 5.22 41.97 27.82
N ARG L 59 4.80 41.43 28.97
CA ARG L 59 3.96 42.13 29.94
C ARG L 59 4.78 42.83 31.02
N ALA L 60 5.83 43.54 30.64
CA ALA L 60 6.70 44.21 31.60
C ALA L 60 6.12 45.56 31.99
N PRO L 61 5.88 45.82 33.28
CA PRO L 61 5.42 47.14 33.70
C PRO L 61 6.39 48.23 33.28
N VAL L 62 5.86 49.40 32.95
CA VAL L 62 6.69 50.52 32.51
C VAL L 62 7.66 50.92 33.64
N PRO L 63 8.96 51.01 33.38
CA PRO L 63 9.90 51.42 34.41
C PRO L 63 9.90 52.93 34.60
N ARG L 64 10.74 53.40 35.54
CA ARG L 64 10.87 54.83 35.80
C ARG L 64 11.38 55.56 34.57
N VAL L 65 10.90 56.79 34.39
CA VAL L 65 11.32 57.63 33.27
C VAL L 65 12.76 58.08 33.46
N THR L 66 13.56 57.99 32.41
CA THR L 66 14.96 58.41 32.44
C THR L 66 15.28 59.15 31.16
N ALA L 67 16.17 60.14 31.23
CA ALA L 67 16.57 60.91 30.06
C ALA L 67 17.22 60.02 29.00
N GLY L 68 18.11 59.13 29.42
CA GLY L 68 18.77 58.20 28.49
C GLY L 68 17.86 57.09 27.99
N PHE L 69 16.81 56.75 28.73
CA PHE L 69 15.88 55.71 28.29
C PHE L 69 15.00 56.19 27.13
N ARG L 70 14.63 57.48 27.12
CA ARG L 70 13.80 58.03 26.05
C ARG L 70 14.51 57.97 24.70
N GLU L 71 15.81 58.25 24.66
CA GLU L 71 16.55 58.24 23.40
C GLU L 71 16.53 56.87 22.73
N LYS L 72 16.74 55.80 23.51
CA LYS L 72 16.70 54.44 22.96
C LYS L 72 15.31 54.09 22.44
N VAL L 73 14.26 54.43 23.20
CA VAL L 73 12.89 54.12 22.79
C VAL L 73 12.52 54.91 21.53
N THR L 74 12.88 56.19 21.48
CA THR L 74 12.55 57.03 20.32
C THR L 74 13.26 56.54 19.07
N GLN L 75 14.53 56.13 19.18
CA GLN L 75 15.28 55.65 18.04
C GLN L 75 14.65 54.38 17.45
N ALA L 76 14.20 53.45 18.30
CA ALA L 76 13.59 52.21 17.83
C ALA L 76 12.27 52.46 17.09
N VAL L 77 11.50 53.46 17.50
CA VAL L 77 10.21 53.76 16.85
C VAL L 77 10.42 54.14 15.39
N ALA L 78 11.43 54.97 15.10
CA ALA L 78 11.68 55.38 13.71
C ALA L 78 12.02 54.20 12.82
N VAL L 79 12.84 53.27 13.32
CA VAL L 79 13.20 52.08 12.54
C VAL L 79 11.98 51.23 12.26
N VAL L 80 11.13 51.01 13.25
CA VAL L 80 9.92 50.21 13.09
C VAL L 80 8.92 50.91 12.18
N LYS L 81 8.76 52.22 12.31
CA LYS L 81 7.81 52.99 11.49
C LYS L 81 8.17 52.97 10.02
N LEU L 82 9.43 52.72 9.67
CA LEU L 82 9.84 52.68 8.26
C LEU L 82 9.12 51.57 7.50
N GLY L 83 8.95 50.42 8.13
CA GLY L 83 8.29 49.26 7.54
C GLY L 83 9.24 48.32 6.85
N PHE M 1 30.78 3.80 36.80
CA PHE M 1 29.41 3.24 36.93
C PHE M 1 29.48 1.75 37.23
N SER M 2 28.35 1.15 37.60
CA SER M 2 28.28 -0.28 37.88
C SER M 2 28.13 -1.06 36.58
N SER M 3 29.25 -1.56 36.06
CA SER M 3 29.23 -2.33 34.82
C SER M 3 28.49 -3.65 35.01
N LEU M 4 27.70 -4.02 34.01
CA LEU M 4 26.96 -5.27 34.02
C LEU M 4 26.76 -5.75 32.59
N ARG M 5 26.86 -7.06 32.39
CA ARG M 5 26.67 -7.71 31.11
C ARG M 5 26.07 -9.08 31.30
N LEU M 6 25.09 -9.40 30.47
CA LEU M 6 24.38 -10.66 30.48
C LEU M 6 24.68 -11.46 29.22
N SER M 7 24.85 -12.76 29.40
CA SER M 7 25.11 -13.69 28.31
C SER M 7 23.82 -14.32 27.81
N GLN M 8 23.82 -14.71 26.55
CA GLN M 8 22.71 -15.38 25.89
C GLN M 8 22.62 -16.82 26.38
N LYS M 9 22.03 -17.00 27.56
CA LYS M 9 21.86 -18.29 28.22
C LYS M 9 20.41 -18.77 28.19
N ASP M 10 19.71 -18.48 27.11
CA ASP M 10 18.32 -18.89 26.95
C ASP M 10 18.18 -20.40 26.99
N ALA M 11 19.06 -21.11 26.26
CA ALA M 11 19.07 -22.57 26.21
C ALA M 11 20.26 -23.17 26.95
N ARG M 12 21.07 -22.37 27.65
CA ARG M 12 22.22 -22.87 28.41
C ARG M 12 23.19 -23.69 27.54
N GLY M 13 23.81 -23.04 26.55
CA GLY M 13 24.82 -23.69 25.69
C GLY M 13 24.23 -24.21 24.38
N SER M 14 23.56 -23.31 23.66
CA SER M 14 23.02 -23.54 22.33
C SER M 14 23.59 -22.54 21.35
N GLY M 15 23.95 -23.01 20.19
CA GLY M 15 24.54 -22.20 19.15
C GLY M 15 26.00 -21.89 19.37
N TYR M 16 26.52 -20.99 18.56
CA TYR M 16 27.90 -20.57 18.59
C TYR M 16 27.97 -19.06 18.44
N LEU M 17 28.43 -18.37 19.47
CA LEU M 17 28.52 -16.92 19.47
C LEU M 17 29.38 -16.38 18.34
N PRO M 18 30.60 -16.90 18.10
CA PRO M 18 31.41 -16.40 17.00
C PRO M 18 30.73 -16.50 15.65
N ALA M 19 30.00 -17.59 15.39
CA ALA M 19 29.27 -17.77 14.16
C ALA M 19 27.99 -16.96 14.12
N GLN M 20 27.32 -16.79 15.25
CA GLN M 20 26.05 -16.07 15.28
C GLN M 20 26.21 -14.62 14.82
N ARG M 21 27.24 -13.94 15.32
CA ARG M 21 27.51 -12.54 14.97
C ARG M 21 28.49 -12.43 13.82
N PHE M 22 28.33 -13.30 12.82
CA PHE M 22 29.13 -13.31 11.61
C PHE M 22 28.33 -12.99 10.37
N LEU M 23 27.19 -13.65 10.20
CA LEU M 23 26.36 -13.42 9.03
C LEU M 23 25.53 -12.15 9.15
N SER M 24 25.06 -11.82 10.35
CA SER M 24 24.23 -10.62 10.54
C SER M 24 24.98 -9.35 10.21
N LEU M 25 26.30 -9.32 10.36
CA LEU M 25 27.11 -8.16 10.07
C LEU M 25 27.09 -7.80 8.59
N LEU M 26 26.87 -8.77 7.70
CA LEU M 26 26.84 -8.50 6.27
C LEU M 26 25.66 -7.61 5.88
N LYS M 27 24.53 -7.75 6.58
CA LYS M 27 23.32 -6.95 6.34
C LYS M 27 22.81 -6.44 7.68
N ALA M 28 23.24 -5.24 8.04
CA ALA M 28 22.84 -4.60 9.29
C ALA M 28 22.87 -3.09 9.13
N SER M 29 22.15 -2.41 10.01
CA SER M 29 22.10 -0.95 10.00
C SER M 29 23.44 -0.37 10.45
N PRO M 30 23.74 0.89 10.10
CA PRO M 30 25.00 1.50 10.51
C PRO M 30 25.19 1.51 12.03
N GLU M 31 24.11 1.75 12.79
CA GLU M 31 24.22 1.77 14.25
C GLU M 31 24.60 0.41 14.81
N GLU M 32 24.02 -0.67 14.28
CA GLU M 32 24.34 -2.02 14.75
C GLU M 32 25.79 -2.41 14.49
N TYR M 33 26.41 -1.87 13.45
CA TYR M 33 27.80 -2.18 13.14
C TYR M 33 28.74 -1.77 14.26
N ARG M 34 28.54 -0.56 14.81
CA ARG M 34 29.39 -0.09 15.91
C ARG M 34 29.19 -0.92 17.17
N SER M 35 27.95 -1.29 17.47
CA SER M 35 27.67 -2.08 18.68
C SER M 35 28.37 -3.45 18.64
N LEU M 36 28.34 -4.12 17.49
CA LEU M 36 28.98 -5.42 17.34
C LEU M 36 30.51 -5.31 17.34
N LEU M 37 31.06 -4.19 16.86
CA LEU M 37 32.51 -4.01 16.83
C LEU M 37 33.10 -4.01 18.24
N ARG M 38 32.42 -3.34 19.19
CA ARG M 38 32.90 -3.29 20.57
C ARG M 38 32.95 -4.65 21.23
N GLU M 39 32.14 -5.61 20.77
CA GLU M 39 32.11 -6.94 21.37
C GLU M 39 33.47 -7.64 21.22
N ALA M 40 34.09 -7.54 20.03
CA ALA M 40 35.38 -8.16 19.80
C ALA M 40 36.49 -7.51 20.62
N THR M 41 36.38 -6.22 20.93
CA THR M 41 37.41 -5.52 21.70
C THR M 41 37.59 -6.12 23.08
N GLN M 42 36.48 -6.42 23.75
CA GLN M 42 36.46 -7.01 25.08
C GLN M 42 36.40 -8.54 25.08
N ALA M 43 36.36 -9.16 23.92
CA ALA M 43 36.34 -10.60 23.80
C ALA M 43 37.67 -11.22 24.20
N LYS M 44 37.62 -12.50 24.52
CA LYS M 44 38.80 -13.26 24.91
C LYS M 44 39.64 -13.65 23.70
N ILE M 45 39.07 -14.45 22.81
CA ILE M 45 39.71 -14.92 21.60
C ILE M 45 39.51 -13.92 20.47
N VAL M 46 40.36 -13.98 19.46
CA VAL M 46 40.31 -13.12 18.29
C VAL M 46 40.35 -13.97 17.04
N ASP M 47 39.47 -13.67 16.11
CA ASP M 47 39.38 -14.35 14.83
C ASP M 47 39.91 -13.44 13.74
N PRO M 48 41.04 -13.78 13.09
CA PRO M 48 41.58 -12.91 12.06
C PRO M 48 40.64 -12.72 10.87
N ALA M 49 39.86 -13.73 10.53
CA ALA M 49 38.93 -13.65 9.42
C ALA M 49 37.84 -12.61 9.67
N PHE M 50 37.30 -12.56 10.88
CA PHE M 50 36.25 -11.61 11.21
C PHE M 50 36.73 -10.16 11.15
N LEU M 51 38.00 -9.92 11.47
CA LEU M 51 38.56 -8.58 11.43
C LEU M 51 38.50 -7.98 10.03
N ARG M 52 38.85 -8.77 9.01
CA ARG M 52 38.83 -8.29 7.61
C ARG M 52 37.42 -7.99 7.13
N VAL M 53 36.44 -8.76 7.56
CA VAL M 53 35.04 -8.57 7.14
C VAL M 53 34.53 -7.21 7.57
N ALA M 54 34.77 -6.82 8.82
CA ALA M 54 34.34 -5.53 9.32
C ALA M 54 35.04 -4.38 8.61
N SER M 55 36.34 -4.51 8.34
CA SER M 55 37.08 -3.45 7.66
C SER M 55 36.57 -3.20 6.25
N GLN M 56 36.28 -4.25 5.49
CA GLN M 56 35.79 -4.11 4.13
C GLN M 56 34.44 -3.41 4.09
N ARG M 57 33.52 -3.79 4.97
CA ARG M 57 32.20 -3.20 5.02
C ARG M 57 32.17 -1.78 5.55
N PHE M 58 33.18 -1.37 6.33
CA PHE M 58 33.25 -0.02 6.85
C PHE M 58 33.35 1.02 5.74
N PHE M 59 34.15 0.76 4.71
CA PHE M 59 34.30 1.67 3.60
C PHE M 59 32.98 1.87 2.85
N ALA M 60 32.23 0.80 2.60
CA ALA M 60 30.96 0.93 1.90
C ALA M 60 29.94 1.72 2.71
N LEU M 61 29.88 1.48 4.02
CA LEU M 61 28.92 2.13 4.92
C LEU M 61 29.46 3.43 5.52
N SER M 62 30.43 4.08 4.89
CA SER M 62 31.00 5.34 5.38
C SER M 62 30.20 6.57 4.97
N ASP M 63 29.11 6.40 4.23
CA ASP M 63 28.29 7.51 3.73
C ASP M 63 27.23 7.98 4.71
N ARG M 64 27.03 7.25 5.82
CA ARG M 64 25.99 7.57 6.81
C ARG M 64 26.52 7.73 8.23
N PHE M 65 27.83 7.57 8.44
CA PHE M 65 28.42 7.72 9.77
C PHE M 65 28.69 9.19 10.05
N TYR M 66 28.19 9.67 11.18
CA TYR M 66 28.43 11.05 11.58
C TYR M 66 29.90 11.23 11.98
N PRO M 67 30.41 12.47 11.93
CA PRO M 67 31.80 12.72 12.29
C PRO M 67 32.17 12.19 13.67
N PRO M 68 31.32 12.37 14.69
CA PRO M 68 31.61 11.80 16.00
C PRO M 68 31.71 10.27 15.97
N GLU M 69 30.89 9.61 15.16
CA GLU M 69 30.92 8.14 15.08
C GLU M 69 32.23 7.65 14.49
N ILE M 70 32.78 8.35 13.49
CA ILE M 70 34.05 7.95 12.88
C ILE M 70 35.17 8.03 13.90
N LEU M 71 35.21 9.10 14.70
CA LEU M 71 36.24 9.23 15.73
C LEU M 71 36.11 8.12 16.78
N ASP M 72 34.89 7.80 17.19
CA ASP M 72 34.68 6.75 18.19
C ASP M 72 35.13 5.39 17.65
N ILE M 73 34.80 5.08 16.40
CA ILE M 73 35.22 3.82 15.78
C ILE M 73 36.74 3.76 15.67
N LEU M 74 37.39 4.84 15.24
CA LEU M 74 38.85 4.89 15.16
C LEU M 74 39.50 4.74 16.53
N SER M 75 38.86 5.23 17.59
CA SER M 75 39.42 5.10 18.93
C SER M 75 39.54 3.64 19.35
N ASP M 76 38.57 2.80 18.97
CA ASP M 76 38.59 1.38 19.33
C ASP M 76 39.78 0.63 18.70
N PHE M 77 40.41 1.19 17.67
CA PHE M 77 41.55 0.59 16.99
C PHE M 77 42.87 0.75 17.73
N ALA M 78 42.90 1.52 18.82
CA ALA M 78 44.12 1.74 19.56
C ALA M 78 44.74 0.43 20.05
N SER M 79 43.94 -0.41 20.69
CA SER M 79 44.38 -1.73 21.13
C SER M 79 44.51 -2.67 19.94
N PHE M 80 45.36 -3.67 20.11
CA PHE M 80 45.67 -4.66 19.09
C PHE M 80 45.78 -4.02 17.72
N PRO M 81 46.81 -3.22 17.47
CA PRO M 81 46.91 -2.49 16.22
C PRO M 81 46.67 -3.37 15.01
N TYR M 82 45.61 -3.13 14.28
CA TYR M 82 45.23 -3.88 13.10
C TYR M 82 44.58 -2.96 12.09
N SER M 83 44.82 -3.22 10.81
CA SER M 83 44.31 -2.40 9.73
C SER M 83 44.38 -3.19 8.43
N ASP M 84 43.70 -2.67 7.41
CA ASP M 84 43.68 -3.27 6.09
C ASP M 84 43.93 -2.19 5.05
N GLU M 85 44.38 -2.60 3.86
CA GLU M 85 44.66 -1.67 2.78
C GLU M 85 43.43 -0.87 2.35
N ALA M 86 42.23 -1.41 2.54
CA ALA M 86 40.98 -0.75 2.22
C ALA M 86 40.50 0.23 3.30
N LEU M 87 41.07 0.20 4.49
CA LEU M 87 40.68 1.09 5.57
C LEU M 87 41.14 2.52 5.35
N LEU M 88 42.33 2.70 4.77
CA LEU M 88 42.88 4.03 4.54
C LEU M 88 42.01 4.84 3.56
N ALA M 89 41.41 4.17 2.58
CA ALA M 89 40.55 4.84 1.62
C ALA M 89 39.28 5.39 2.25
N ALA M 90 38.77 4.78 3.30
CA ALA M 90 37.56 5.23 3.96
C ALA M 90 37.79 6.48 4.80
N VAL M 91 38.84 6.47 5.62
CA VAL M 91 39.16 7.61 6.47
C VAL M 91 39.59 8.81 5.65
N ALA M 92 40.35 8.59 4.58
CA ALA M 92 40.80 9.68 3.72
C ALA M 92 39.62 10.34 3.00
N GLY M 93 38.52 9.61 2.79
CA GLY M 93 37.36 10.11 2.07
C GLY M 93 36.49 11.08 2.87
N ARG M 94 36.71 11.21 4.18
CA ARG M 94 35.91 12.11 5.03
C ARG M 94 36.72 12.94 6.00
N LEU M 95 38.06 12.83 6.02
CA LEU M 95 38.86 13.62 6.94
C LEU M 95 38.76 15.12 6.65
N GLU M 96 38.70 15.50 5.38
CA GLU M 96 38.61 16.92 5.02
C GLU M 96 37.31 17.55 5.55
N ASP M 97 36.19 16.83 5.44
CA ASP M 97 34.92 17.35 5.93
C ASP M 97 34.92 17.52 7.44
N GLN M 98 35.68 16.70 8.16
CA GLN M 98 35.76 16.79 9.62
C GLN M 98 36.50 18.05 10.10
N LEU M 99 37.20 18.76 9.22
CA LEU M 99 37.94 19.96 9.58
C LEU M 99 36.97 21.12 9.78
N VAL M 100 36.50 21.27 11.01
CA VAL M 100 35.57 22.34 11.40
C VAL M 100 36.20 23.21 12.47
N GLU M 101 37.52 23.34 12.43
CA GLU M 101 38.28 24.07 13.46
C GLU M 101 38.11 23.45 14.84
N PRO M 102 38.49 22.18 15.04
CA PRO M 102 38.33 21.54 16.33
C PRO M 102 39.53 21.79 17.24
N SER M 103 39.24 22.05 18.52
CA SER M 103 40.28 22.24 19.53
C SER M 103 40.90 20.91 19.99
N PRO M 104 40.10 19.90 20.36
CA PRO M 104 40.67 18.65 20.88
C PRO M 104 41.00 17.65 19.78
N LYS M 105 40.36 17.72 18.61
CA LYS M 105 40.60 16.75 17.55
C LYS M 105 42.03 16.80 17.02
N ARG M 106 42.75 17.91 17.24
CA ARG M 106 44.16 18.01 16.82
C ARG M 106 45.01 16.94 17.48
N LEU M 107 44.67 16.53 18.70
CA LEU M 107 45.41 15.48 19.41
C LEU M 107 44.82 14.10 19.20
N ALA M 108 43.49 13.96 19.31
CA ALA M 108 42.86 12.65 19.15
C ALA M 108 43.07 12.10 17.74
N ALA M 109 42.91 12.94 16.71
CA ALA M 109 43.14 12.50 15.34
C ALA M 109 44.61 12.15 15.11
N LEU M 110 45.54 12.96 15.61
CA LEU M 110 46.96 12.70 15.42
C LEU M 110 47.41 11.44 16.15
N LEU M 111 46.98 11.26 17.40
CA LEU M 111 47.38 10.11 18.18
C LEU M 111 46.87 8.81 17.55
N SER M 112 45.62 8.80 17.09
CA SER M 112 45.05 7.61 16.46
C SER M 112 45.78 7.25 15.17
N LEU M 113 46.16 8.25 14.37
CA LEU M 113 46.87 8.07 13.11
C LEU M 113 48.34 7.74 13.27
N SER M 114 48.90 7.86 14.46
CA SER M 114 50.31 7.55 14.70
C SER M 114 50.62 6.10 14.40
N ALA M 115 49.77 5.19 14.85
CA ALA M 115 49.90 3.78 14.60
C ALA M 115 49.39 3.41 13.21
N ARG M 116 49.44 2.12 12.90
CA ARG M 116 49.01 1.58 11.62
C ARG M 116 49.86 2.21 10.52
N LEU M 117 49.27 2.86 9.54
CA LEU M 117 49.97 3.60 8.50
C LEU M 117 49.27 4.90 8.20
N GLY M 118 50.01 5.98 8.21
CA GLY M 118 49.53 7.31 7.91
C GLY M 118 50.57 8.19 7.28
N LEU M 119 50.58 9.46 7.66
CA LEU M 119 51.52 10.45 7.16
C LEU M 119 51.44 10.64 5.64
N CYS M 120 50.36 10.19 5.02
CA CYS M 120 50.15 10.35 3.59
C CYS M 120 50.17 11.82 3.25
N HIS M 121 51.17 12.25 2.49
CA HIS M 121 51.40 13.66 2.26
C HIS M 121 50.22 14.35 1.56
N PRO M 122 49.91 14.03 0.30
CA PRO M 122 48.88 14.75 -0.42
C PRO M 122 47.48 14.18 -0.21
N SER M 123 47.19 13.66 0.97
CA SER M 123 45.82 13.31 1.35
C SER M 123 45.51 13.71 2.79
N ILE M 124 46.47 13.53 3.69
CA ILE M 124 46.24 13.62 5.13
C ILE M 124 47.19 14.60 5.80
N ARG M 125 48.47 14.58 5.45
CA ARG M 125 49.46 15.44 6.06
C ARG M 125 49.25 16.89 5.68
N ASP M 126 48.87 17.17 4.44
CA ASP M 126 48.72 18.56 3.99
C ASP M 126 47.67 19.32 4.81
N PRO M 127 46.44 18.80 5.01
CA PRO M 127 45.45 19.52 5.79
C PRO M 127 45.76 19.53 7.28
N LEU M 128 46.24 18.42 7.84
CA LEU M 128 46.53 18.33 9.27
C LEU M 128 47.69 19.23 9.68
N THR M 129 48.80 19.17 8.94
CA THR M 129 49.97 20.00 9.25
C THR M 129 49.70 21.48 9.02
N LYS M 130 48.92 21.82 7.99
CA LYS M 130 48.58 23.22 7.73
C LYS M 130 47.67 23.82 8.78
N HIS M 131 46.75 23.01 9.34
CA HIS M 131 45.80 23.49 10.34
C HIS M 131 46.35 23.47 11.76
N ILE M 132 47.37 22.67 12.03
CA ILE M 132 47.94 22.58 13.39
C ILE M 132 48.97 23.68 13.67
N GLU M 133 49.69 24.16 12.65
CA GLU M 133 50.70 25.20 12.85
C GLU M 133 50.07 26.58 13.07
N GLU M 134 48.91 26.84 12.48
CA GLU M 134 48.24 28.14 12.60
C GLU M 134 47.29 28.24 13.79
N LYS M 135 47.08 27.14 14.52
CA LYS M 135 46.19 27.09 15.68
C LYS M 135 46.95 26.91 16.99
N MET M 136 48.13 27.50 17.09
CA MET M 136 48.98 27.40 18.28
C MET M 136 48.60 28.39 19.38
N TYR M 137 47.62 29.26 19.15
CA TYR M 137 47.21 30.28 20.13
C TYR M 137 46.06 29.83 21.03
N ALA M 138 45.61 28.57 20.93
CA ALA M 138 44.50 28.06 21.73
C ALA M 138 44.74 26.66 22.30
N PHE M 139 46.00 26.20 22.36
CA PHE M 139 46.30 24.88 22.90
C PHE M 139 46.35 24.93 24.42
N ASP M 140 45.65 24.01 25.06
CA ASP M 140 45.65 23.90 26.52
C ASP M 140 46.98 23.32 27.02
N ALA M 141 47.26 23.51 28.30
CA ALA M 141 48.47 23.00 28.92
C ALA M 141 48.50 21.48 28.88
N ALA M 142 47.38 20.81 29.18
CA ALA M 142 47.33 19.36 29.13
C ALA M 142 47.56 18.83 27.72
N LEU M 143 46.95 19.46 26.71
CA LEU M 143 47.10 19.02 25.32
C LEU M 143 48.53 19.18 24.83
N LEU M 144 49.21 20.29 25.20
CA LEU M 144 50.57 20.52 24.73
C LEU M 144 51.52 19.43 25.24
N ASP M 145 51.39 19.02 26.51
CA ASP M 145 52.23 17.99 27.07
C ASP M 145 52.03 16.65 26.35
N SER M 146 50.79 16.30 26.05
CA SER M 146 50.52 15.05 25.34
C SER M 146 51.05 15.08 23.91
N LEU M 147 51.02 16.24 23.24
CA LEU M 147 51.52 16.34 21.88
C LEU M 147 53.02 16.03 21.79
N CYS M 148 53.78 16.20 22.87
CA CYS M 148 55.20 15.89 22.86
C CYS M 148 55.46 14.40 22.60
N ARG M 149 54.66 13.52 23.19
CA ARG M 149 54.80 12.08 23.00
C ARG M 149 54.43 11.64 21.58
N THR M 150 53.60 12.40 20.89
CA THR M 150 53.17 12.07 19.54
C THR M 150 54.24 12.37 18.51
N VAL M 151 54.77 13.59 18.53
CA VAL M 151 55.81 14.01 17.61
C VAL M 151 57.09 13.21 17.76
N GLY M 152 57.35 12.70 18.95
CA GLY M 152 58.51 11.88 19.19
C GLY M 152 58.52 10.57 18.41
N SER M 153 57.35 9.97 18.25
CA SER M 153 57.18 8.71 17.53
C SER M 153 57.10 8.86 16.02
N LEU M 154 56.99 10.08 15.51
CA LEU M 154 56.93 10.33 14.09
C LEU M 154 58.29 10.08 13.44
N LEU M 155 58.27 9.97 12.12
CA LEU M 155 59.47 9.75 11.32
C LEU M 155 59.53 10.80 10.22
N SER M 156 60.73 11.28 9.95
CA SER M 156 61.00 12.28 8.92
C SER M 156 60.18 13.53 9.13
N PRO M 157 60.43 14.28 10.21
CA PRO M 157 59.72 15.51 10.47
C PRO M 157 60.26 16.65 9.61
N ARG M 158 59.65 17.82 9.75
CA ARG M 158 60.01 19.05 9.08
C ARG M 158 60.29 20.16 10.06
N LEU M 159 61.19 21.07 9.69
CA LEU M 159 61.54 22.18 10.57
C LEU M 159 60.34 23.03 11.00
N PRO M 160 59.42 23.43 10.10
CA PRO M 160 58.30 24.25 10.51
C PRO M 160 57.41 23.61 11.60
N LEU M 161 57.24 22.28 11.56
CA LEU M 161 56.43 21.58 12.53
C LEU M 161 57.09 21.51 13.89
N LEU M 162 58.37 21.15 13.93
CA LEU M 162 59.11 21.05 15.17
C LEU M 162 59.22 22.39 15.87
N ASP M 163 59.53 23.45 15.12
CA ASP M 163 59.69 24.77 15.70
C ASP M 163 58.37 25.33 16.26
N GLY M 164 57.23 24.89 15.73
CA GLY M 164 55.94 25.39 16.19
C GLY M 164 55.69 25.08 17.67
N LEU M 165 55.94 23.82 18.07
CA LEU M 165 55.75 23.41 19.46
C LEU M 165 56.88 23.88 20.38
N ALA M 166 58.09 24.07 19.85
CA ALA M 166 59.22 24.49 20.67
C ALA M 166 58.98 25.85 21.31
N THR M 167 58.45 26.80 20.54
CA THR M 167 58.18 28.14 21.05
C THR M 167 56.89 28.22 21.86
N GLN M 168 55.99 27.23 21.74
CA GLN M 168 54.73 27.26 22.48
C GLN M 168 54.95 27.06 23.98
N ALA M 169 55.86 26.16 24.36
CA ALA M 169 56.12 25.86 25.76
C ALA M 169 56.87 26.99 26.47
N GLN M 170 57.71 27.73 25.75
CA GLN M 170 58.48 28.80 26.36
C GLN M 170 57.57 29.87 26.95
N LEU M 171 56.57 30.31 26.19
CA LEU M 171 55.64 31.32 26.68
C LEU M 171 54.65 30.73 27.70
N LEU M 172 54.18 29.50 27.47
CA LEU M 172 53.23 28.88 28.38
C LEU M 172 53.85 28.64 29.76
N ALA M 173 55.09 28.14 29.82
CA ALA M 173 55.76 27.88 31.07
C ALA M 173 56.09 29.15 31.85
N SER M 174 56.30 30.27 31.15
CA SER M 174 56.62 31.52 31.82
C SER M 174 55.47 32.01 32.70
N ASP M 175 54.22 31.78 32.27
CA ASP M 175 53.07 32.24 33.04
C ASP M 175 53.01 31.56 34.42
N LEU M 176 53.25 30.24 34.47
CA LEU M 176 53.23 29.52 35.73
C LEU M 176 54.45 29.80 36.60
N ARG M 177 55.55 30.27 36.02
CA ARG M 177 56.77 30.58 36.78
C ARG M 177 56.51 31.67 37.80
N ALA M 178 55.82 32.74 37.39
CA ALA M 178 55.51 33.85 38.27
C ALA M 178 54.17 33.62 39.00
N ASP M 187 53.86 24.69 47.64
CA ASP M 187 54.90 23.86 47.03
C ASP M 187 54.36 23.05 45.84
N GLU M 188 53.07 22.74 45.85
CA GLU M 188 52.44 22.00 44.77
C GLU M 188 52.32 22.79 43.47
N VAL M 189 52.48 24.13 43.53
CA VAL M 189 52.38 24.99 42.35
C VAL M 189 53.60 24.91 41.45
N ALA M 190 54.73 24.42 41.95
CA ALA M 190 55.97 24.33 41.17
C ALA M 190 56.53 22.91 41.16
N GLN M 191 56.40 22.19 42.26
CA GLN M 191 56.94 20.85 42.39
C GLN M 191 56.25 19.82 41.51
N ARG M 192 54.99 20.07 41.14
CA ARG M 192 54.18 19.16 40.35
C ARG M 192 53.48 19.86 39.18
N ARG M 193 53.79 21.14 38.97
CA ARG M 193 53.18 21.93 37.90
C ARG M 193 54.22 22.60 37.01
N TYR M 194 55.32 23.06 37.58
CA TYR M 194 56.35 23.77 36.85
C TYR M 194 57.42 22.84 36.31
N ILE M 195 57.98 22.00 37.16
CA ILE M 195 59.03 21.07 36.75
C ILE M 195 58.49 19.96 35.86
N ALA M 196 57.25 19.54 36.08
CA ALA M 196 56.63 18.49 35.30
C ALA M 196 56.50 18.86 33.82
N LEU M 197 56.17 20.11 33.54
CA LEU M 197 55.98 20.62 32.18
C LEU M 197 57.28 21.05 31.50
N LEU M 198 58.44 20.80 32.11
CA LEU M 198 59.74 21.18 31.57
C LEU M 198 60.53 19.99 31.06
N PHE M 199 60.75 18.97 31.90
CA PHE M 199 61.54 17.80 31.47
C PHE M 199 60.76 16.93 30.50
N ARG M 200 59.44 16.82 30.68
CA ARG M 200 58.59 16.03 29.80
C ARG M 200 58.61 16.54 28.38
N CYS M 201 58.56 17.85 28.18
CA CYS M 201 58.61 18.46 26.87
C CYS M 201 59.99 18.39 26.23
N LEU M 202 61.06 18.58 27.02
CA LEU M 202 62.41 18.56 26.46
C LEU M 202 62.75 17.20 25.84
N GLU M 203 62.34 16.12 26.48
CA GLU M 203 62.60 14.78 25.97
C GLU M 203 61.93 14.53 24.62
N GLY M 204 60.73 15.06 24.42
CA GLY M 204 60.01 14.87 23.19
C GLY M 204 60.71 15.44 21.97
N LEU M 205 61.17 16.69 22.08
CA LEU M 205 61.90 17.35 21.01
C LEU M 205 63.32 16.84 20.83
N SER M 206 63.93 16.35 21.90
CA SER M 206 65.29 15.83 21.85
C SER M 206 65.41 14.59 20.97
N ARG M 207 64.32 13.86 20.75
CA ARG M 207 64.31 12.67 19.90
C ARG M 207 64.60 13.01 18.45
N GLN M 208 64.14 14.15 17.99
CA GLN M 208 64.32 14.63 16.62
C GLN M 208 65.59 15.42 16.40
N ARG M 209 66.57 15.30 17.31
CA ARG M 209 67.83 16.02 17.25
C ARG M 209 67.64 17.49 16.88
N TYR M 210 66.70 18.13 17.54
CA TYR M 210 66.34 19.51 17.33
C TYR M 210 66.35 20.26 18.64
N SER M 211 66.86 21.48 18.63
CA SER M 211 66.93 22.35 19.79
C SER M 211 67.26 23.76 19.35
N GLN M 212 66.75 24.73 20.09
CA GLN M 212 66.98 26.14 19.88
C GLN M 212 67.70 26.75 21.07
N SER M 213 68.12 28.00 20.93
CA SER M 213 68.86 28.71 21.96
C SER M 213 67.97 29.23 23.07
N ALA M 214 66.71 29.55 22.78
CA ALA M 214 65.78 30.13 23.73
C ALA M 214 64.91 29.09 24.41
N LEU M 215 65.39 27.85 24.48
CA LEU M 215 64.70 26.76 25.15
C LEU M 215 65.58 26.06 26.15
N VAL M 216 66.86 25.90 25.83
CA VAL M 216 67.80 25.21 26.71
C VAL M 216 68.05 26.01 27.97
N ASP M 217 68.30 27.30 27.84
CA ASP M 217 68.56 28.18 28.98
C ASP M 217 67.38 28.22 29.95
N ALA M 218 66.16 28.32 29.45
CA ALA M 218 64.97 28.39 30.26
C ALA M 218 64.61 27.02 30.85
N CYS M 219 64.78 25.94 30.09
CA CYS M 219 64.41 24.62 30.57
C CYS M 219 65.29 24.19 31.75
N VAL M 220 66.60 24.44 31.66
CA VAL M 220 67.50 24.06 32.75
C VAL M 220 67.22 24.87 34.01
N ALA M 221 67.57 24.30 35.16
CA ALA M 221 67.39 25.00 36.43
C ALA M 221 68.40 26.13 36.55
N CYS M 222 67.91 27.37 36.60
CA CYS M 222 68.77 28.53 36.74
C CYS M 222 69.55 28.51 38.06
N ALA M 223 68.89 28.14 39.14
CA ALA M 223 69.49 28.04 40.45
C ALA M 223 69.91 26.60 40.73
N GLU M 224 71.17 26.41 41.08
CA GLU M 224 71.70 25.08 41.40
C GLU M 224 71.28 24.56 42.77
N GLN M 225 70.74 25.42 43.63
CA GLN M 225 70.29 25.09 44.98
C GLN M 225 68.83 24.64 45.04
N HIS M 226 68.20 24.42 43.89
CA HIS M 226 66.81 24.00 43.80
C HIS M 226 66.71 22.48 43.91
N GLY M 227 66.80 22.00 45.13
CA GLY M 227 66.67 20.59 45.44
C GLY M 227 65.23 20.11 45.52
N GLN M 228 65.07 18.81 45.68
CA GLN M 228 63.76 18.17 45.82
C GLN M 228 62.87 18.46 44.63
N ALA M 229 63.32 18.05 43.45
CA ALA M 229 62.62 18.28 42.20
C ALA M 229 61.60 17.20 41.88
N PHE M 230 62.07 15.96 41.75
CA PHE M 230 61.27 14.80 41.42
C PHE M 230 61.79 13.56 42.12
N PRO M 231 60.95 12.52 42.27
CA PRO M 231 61.40 11.28 42.89
C PRO M 231 62.31 10.48 41.97
N LEU M 232 62.74 9.30 42.43
CA LEU M 232 63.66 8.44 41.68
C LEU M 232 63.13 8.04 40.29
N HIS M 233 61.81 7.93 40.16
CA HIS M 233 61.12 7.45 38.96
C HIS M 233 60.73 8.55 37.98
N ASP M 234 61.22 9.76 38.18
CA ASP M 234 60.95 10.90 37.30
C ASP M 234 62.20 11.66 36.91
N THR M 235 63.28 11.54 37.68
CA THR M 235 64.54 12.24 37.39
C THR M 235 65.24 11.71 36.15
N LEU M 236 64.90 10.51 35.69
CA LEU M 236 65.53 9.91 34.51
C LEU M 236 65.23 10.69 33.24
N ARG M 237 64.14 11.46 33.21
CA ARG M 237 63.79 12.27 32.05
C ARG M 237 64.86 13.29 31.72
N ALA M 238 65.39 13.98 32.74
CA ALA M 238 66.42 14.97 32.51
C ALA M 238 67.71 14.33 31.97
N VAL M 239 68.10 13.18 32.51
CA VAL M 239 69.32 12.49 32.06
C VAL M 239 69.16 11.98 30.63
N ALA M 240 68.00 11.43 30.29
CA ALA M 240 67.74 10.93 28.94
C ALA M 240 67.78 12.03 27.89
N ALA M 241 67.31 13.24 28.23
CA ALA M 241 67.32 14.33 27.27
C ALA M 241 68.74 14.68 26.83
N ALA M 242 69.68 14.73 27.76
CA ALA M 242 71.09 14.98 27.44
C ALA M 242 71.77 13.71 26.91
N ARG M 243 73.11 13.76 26.79
CA ARG M 243 73.90 12.61 26.30
C ARG M 243 73.47 12.14 24.90
N ARG M 244 73.14 13.10 24.04
CA ARG M 244 72.75 12.86 22.64
C ARG M 244 73.80 13.25 21.61
N LEU M 245 74.16 14.52 21.54
CA LEU M 245 75.26 15.00 20.71
C LEU M 245 76.31 15.74 21.51
N ASP M 246 75.91 16.79 22.21
CA ASP M 246 76.81 17.67 22.95
C ASP M 246 76.15 18.23 24.22
N LEU M 247 75.01 17.66 24.62
CA LEU M 247 74.26 18.16 25.77
C LEU M 247 74.95 17.76 27.07
N ALA M 248 74.99 18.71 28.00
CA ALA M 248 75.54 18.53 29.33
C ALA M 248 75.06 19.67 30.24
N GLY M 249 75.33 19.54 31.53
CA GLY M 249 75.01 20.53 32.53
C GLY M 249 73.68 20.26 33.24
N ILE M 250 72.68 19.73 32.53
CA ILE M 250 71.40 19.37 33.15
C ILE M 250 71.53 18.20 34.15
N GLU M 251 72.46 17.27 34.00
CA GLU M 251 72.44 16.00 34.77
C GLU M 251 72.36 16.18 36.29
N GLU M 252 73.35 16.87 36.83
CA GLU M 252 73.43 17.27 38.23
C GLU M 252 74.17 18.61 38.23
N PRO M 253 73.91 19.50 39.20
CA PRO M 253 74.44 20.86 39.17
C PRO M 253 75.97 20.89 39.15
N LEU M 254 76.61 19.90 39.79
CA LEU M 254 78.05 19.65 39.71
C LEU M 254 78.37 18.16 39.88
N ARG M 255 77.50 17.27 39.36
CA ARG M 255 77.62 15.82 39.59
C ARG M 255 77.58 15.42 41.07
N ARG M 256 76.87 16.19 41.89
CA ARG M 256 76.74 15.94 43.33
C ARG M 256 75.34 16.34 43.77
N SER M 257 74.44 15.36 43.85
CA SER M 257 73.06 15.55 44.28
C SER M 257 72.86 14.96 45.67
N ASP M 258 71.63 14.97 46.15
CA ASP M 258 71.24 14.50 47.48
C ASP M 258 70.17 13.41 47.43
N MET M 259 69.56 13.14 46.27
CA MET M 259 68.51 12.14 46.14
C MET M 259 68.61 11.28 44.88
N ALA M 260 69.71 11.37 44.13
CA ALA M 260 69.88 10.61 42.89
C ALA M 260 71.27 9.97 42.73
N ASP M 261 72.04 9.89 43.79
CA ASP M 261 73.41 9.35 43.79
C ASP M 261 73.62 8.28 44.86
N LYS M 262 73.04 8.44 46.06
CA LYS M 262 73.16 7.46 47.14
C LYS M 262 72.03 6.42 47.12
N VAL M 263 71.95 5.59 46.07
CA VAL M 263 70.84 4.64 45.89
C VAL M 263 69.51 5.40 45.88
N ASN M 264 69.41 6.40 45.00
CA ASN M 264 68.23 7.25 44.83
C ASN M 264 67.70 7.83 46.17
N ARG M 265 66.37 7.98 46.34
CA ARG M 265 65.75 8.23 47.66
C ARG M 265 65.73 6.96 48.51
N ALA M 266 64.91 5.99 48.11
CA ALA M 266 64.76 4.70 48.79
C ALA M 266 64.16 3.66 47.84
N THR M 267 64.87 2.56 47.65
CA THR M 267 64.41 1.44 46.83
C THR M 267 64.03 0.27 47.72
N ASP M 268 62.84 -0.26 47.52
CA ASP M 268 62.30 -1.38 48.29
C ASP M 268 61.26 -2.09 47.44
N ARG M 269 60.65 -3.12 48.03
CA ARG M 269 59.61 -3.93 47.42
C ARG M 269 58.21 -3.33 47.48
N GLY M 270 58.05 -2.18 48.10
CA GLY M 270 56.78 -1.51 48.26
C GLY M 270 56.28 -0.87 46.98
N ASP M 271 56.09 -1.66 45.93
CA ASP M 271 55.63 -1.19 44.65
C ASP M 271 56.53 -0.11 44.07
N GLN M 272 57.85 -0.36 44.09
CA GLN M 272 58.85 0.57 43.58
C GLN M 272 59.82 -0.03 42.57
N LEU M 273 60.15 -1.32 42.68
CA LEU M 273 61.07 -1.96 41.75
C LEU M 273 60.52 -1.99 40.34
N LEU M 274 59.25 -2.34 40.18
CA LEU M 274 58.61 -2.40 38.87
C LEU M 274 58.50 -1.04 38.22
N ALA M 275 58.19 0.00 38.99
CA ALA M 275 58.05 1.34 38.45
C ALA M 275 59.34 1.83 37.81
N LEU M 276 60.47 1.64 38.49
CA LEU M 276 61.76 2.06 37.95
C LEU M 276 62.13 1.25 36.72
N LEU M 277 61.88 -0.07 36.75
CA LEU M 277 62.18 -0.95 35.63
C LEU M 277 61.39 -0.58 34.39
N ARG M 278 60.12 -0.27 34.55
CA ARG M 278 59.26 0.14 33.44
C ARG M 278 59.72 1.43 32.79
N HIS M 279 60.24 2.36 33.59
CA HIS M 279 60.73 3.64 33.09
C HIS M 279 62.01 3.53 32.30
N LEU M 280 62.78 2.46 32.48
CA LEU M 280 64.03 2.25 31.77
C LEU M 280 63.85 1.69 30.36
N ASP M 281 62.65 1.24 30.00
CA ASP M 281 62.40 0.69 28.66
C ASP M 281 62.17 1.78 27.62
N LEU M 282 61.27 2.72 27.91
CA LEU M 282 60.92 3.81 26.97
C LEU M 282 61.92 4.97 26.99
N LEU M 283 62.88 4.95 27.89
CA LEU M 283 63.98 5.91 27.97
C LEU M 283 65.27 5.22 27.56
N ARG M 284 65.96 5.79 26.56
CA ARG M 284 67.23 5.26 26.08
C ARG M 284 68.36 5.66 27.04
N LEU M 285 68.57 4.85 28.06
CA LEU M 285 69.61 5.04 29.06
C LEU M 285 70.30 3.71 29.37
N ARG M 286 71.62 3.77 29.46
CA ARG M 286 72.45 2.63 29.85
C ARG M 286 72.79 2.72 31.32
N ASP M 287 72.69 1.58 31.99
CA ASP M 287 72.98 1.47 33.41
C ASP M 287 74.47 1.71 33.67
N SER M 288 74.80 2.88 34.16
CA SER M 288 76.14 3.26 34.52
C SER M 288 76.54 2.64 35.84
N GLN M 289 77.68 3.03 36.39
CA GLN M 289 78.15 2.52 37.65
C GLN M 289 77.17 2.77 38.79
N LEU M 290 76.39 3.86 38.71
CA LEU M 290 75.39 4.20 39.73
C LEU M 290 74.03 3.54 39.48
N LEU M 291 73.66 3.36 38.21
CA LEU M 291 72.39 2.77 37.81
C LEU M 291 72.38 1.24 37.82
N GLN M 292 73.52 0.60 38.02
CA GLN M 292 73.63 -0.85 38.06
C GLN M 292 73.22 -1.47 39.38
N LYS M 293 72.93 -0.66 40.40
CA LYS M 293 72.52 -1.16 41.72
C LYS M 293 71.16 -1.85 41.70
N VAL M 294 70.35 -1.61 40.69
CA VAL M 294 69.03 -2.22 40.57
C VAL M 294 69.12 -3.73 40.39
N SER M 295 70.13 -4.21 39.66
CA SER M 295 70.31 -5.63 39.43
C SER M 295 70.50 -6.41 40.73
N GLU M 296 71.22 -5.83 41.68
CA GLU M 296 71.45 -6.49 42.96
C GLU M 296 70.17 -6.74 43.73
N ALA M 297 69.20 -5.83 43.62
CA ALA M 297 67.93 -5.97 44.30
C ALA M 297 67.14 -7.19 43.83
N VAL M 298 67.36 -7.64 42.60
CA VAL M 298 66.65 -8.78 42.04
C VAL M 298 66.97 -10.07 42.77
N GLU M 299 68.21 -10.24 43.23
CA GLU M 299 68.63 -11.46 43.88
C GLU M 299 67.80 -11.74 45.14
N LEU M 300 67.62 -10.73 45.98
CA LEU M 300 66.83 -10.86 47.20
C LEU M 300 65.33 -10.89 46.93
N HIS M 301 64.87 -10.08 45.98
CA HIS M 301 63.44 -10.02 45.66
C HIS M 301 62.91 -11.32 45.10
N SER M 302 63.68 -12.00 44.25
CA SER M 302 63.28 -13.26 43.66
C SER M 302 63.11 -14.38 44.67
N GLN M 303 63.73 -14.28 45.85
CA GLN M 303 63.61 -15.30 46.87
C GLN M 303 62.18 -15.46 47.36
N LYS M 304 61.48 -14.35 47.56
CA LYS M 304 60.10 -14.38 48.01
C LYS M 304 59.21 -15.06 46.99
N ALA M 305 58.29 -15.87 47.47
CA ALA M 305 57.33 -16.56 46.62
C ALA M 305 56.35 -15.60 45.96
N ALA M 306 55.89 -14.58 46.67
CA ALA M 306 54.93 -13.63 46.14
C ALA M 306 55.51 -12.90 44.94
N PHE M 307 56.73 -12.40 45.04
CA PHE M 307 57.40 -11.73 43.95
C PHE M 307 57.79 -12.67 42.81
N LEU M 308 57.88 -13.97 43.07
CA LEU M 308 58.26 -14.96 42.06
C LEU M 308 57.15 -15.24 41.04
N ALA M 309 55.89 -14.96 41.38
CA ALA M 309 54.74 -15.24 40.52
C ALA M 309 53.78 -14.06 40.40
N THR M 310 54.29 -12.84 40.59
CA THR M 310 53.48 -11.62 40.47
C THR M 310 54.11 -10.61 39.55
N GLN M 311 55.43 -10.45 39.59
CA GLN M 311 56.19 -9.52 38.76
C GLN M 311 57.48 -10.08 38.18
N LEU M 312 57.88 -11.29 38.54
CA LEU M 312 59.11 -11.87 38.00
C LEU M 312 59.09 -11.98 36.46
N PRO M 313 58.07 -12.58 35.83
CA PRO M 313 58.08 -12.74 34.38
C PRO M 313 57.98 -11.39 33.65
N GLU M 314 57.22 -10.45 34.21
CA GLU M 314 57.05 -9.13 33.60
C GLU M 314 58.34 -8.33 33.57
N ALA M 315 59.09 -8.36 34.67
CA ALA M 315 60.35 -7.65 34.75
C ALA M 315 61.41 -8.22 33.83
N LEU M 316 61.50 -9.54 33.73
CA LEU M 316 62.49 -10.18 32.87
C LEU M 316 62.27 -9.85 31.41
N LEU M 317 61.04 -9.86 30.93
CA LEU M 317 60.73 -9.55 29.53
C LEU M 317 60.92 -8.08 29.21
N HIS M 318 60.44 -7.21 30.09
CA HIS M 318 60.48 -5.77 29.85
C HIS M 318 61.88 -5.18 29.91
N LEU M 319 62.85 -5.91 30.42
CA LEU M 319 64.23 -5.49 30.54
C LEU M 319 65.23 -6.53 30.06
N THR M 320 64.85 -7.37 29.11
CA THR M 320 65.73 -8.37 28.56
C THR M 320 66.94 -7.76 27.86
N ARG M 321 66.73 -6.68 27.11
CA ARG M 321 67.81 -5.97 26.44
C ARG M 321 68.87 -5.50 27.45
N LEU M 322 70.07 -5.20 26.96
CA LEU M 322 71.17 -4.75 27.80
C LEU M 322 71.47 -5.76 28.91
N ALA M 323 71.89 -6.96 28.50
CA ALA M 323 72.13 -8.05 29.43
C ALA M 323 72.96 -7.66 30.66
N PRO M 324 74.05 -6.90 30.52
CA PRO M 324 74.88 -6.48 31.66
C PRO M 324 74.31 -5.33 32.48
N ALA M 325 72.99 -5.27 32.63
CA ALA M 325 72.32 -4.28 33.44
C ALA M 325 71.24 -4.82 34.37
N ASP M 326 70.83 -6.07 34.21
CA ASP M 326 69.76 -6.65 35.01
C ASP M 326 70.13 -7.99 35.62
N LEU M 327 70.86 -8.81 34.87
CA LEU M 327 71.24 -10.15 35.28
C LEU M 327 72.75 -10.28 35.38
N ARG M 328 73.21 -10.99 36.41
CA ARG M 328 74.64 -11.22 36.59
C ARG M 328 75.22 -12.02 35.43
N LEU M 329 74.51 -13.05 34.98
CA LEU M 329 74.90 -13.86 33.84
C LEU M 329 73.65 -14.20 33.03
N PRO M 330 73.81 -14.53 31.75
CA PRO M 330 72.67 -14.81 30.88
C PRO M 330 71.94 -16.11 31.18
N VAL M 331 72.54 -17.01 31.94
CA VAL M 331 71.98 -18.34 32.23
C VAL M 331 71.88 -18.60 33.71
N ALA M 332 72.67 -17.91 34.54
CA ALA M 332 72.65 -18.09 35.97
C ALA M 332 71.28 -17.76 36.55
N LEU M 333 70.87 -16.52 36.43
CA LEU M 333 69.57 -16.06 36.92
C LEU M 333 68.42 -16.40 35.98
N LEU M 334 68.72 -16.76 34.74
CA LEU M 334 67.72 -17.17 33.76
C LEU M 334 67.37 -18.65 33.83
N SER M 335 67.99 -19.42 34.71
CA SER M 335 67.71 -20.81 34.93
C SER M 335 66.42 -21.00 35.72
N GLN M 336 66.14 -22.22 36.16
CA GLN M 336 64.94 -22.58 36.91
C GLN M 336 65.34 -23.19 38.25
N PRO M 337 65.82 -22.40 39.21
CA PRO M 337 66.18 -22.93 40.51
C PRO M 337 65.03 -23.65 41.22
N SER M 338 63.83 -23.10 41.16
CA SER M 338 62.62 -23.65 41.76
C SER M 338 61.38 -23.50 40.90
N LEU M 339 61.56 -23.39 39.59
CA LEU M 339 60.44 -23.20 38.65
C LEU M 339 59.82 -24.52 38.18
N LEU M 340 60.32 -25.66 38.62
CA LEU M 340 59.78 -26.95 38.20
C LEU M 340 58.31 -27.11 38.61
N ALA M 341 57.98 -26.75 39.85
CA ALA M 341 56.62 -26.84 40.38
C ALA M 341 55.85 -25.51 40.30
N MET M 342 56.51 -24.42 39.91
CA MET M 342 55.91 -23.09 39.83
C MET M 342 55.87 -22.54 38.40
N ALA M 343 56.15 -23.36 37.40
CA ALA M 343 56.13 -22.94 36.00
C ALA M 343 54.77 -22.35 35.60
N PRO M 344 53.63 -23.00 35.90
CA PRO M 344 52.34 -22.48 35.53
C PRO M 344 52.07 -21.12 36.18
N ARG M 345 51.47 -20.20 35.42
CA ARG M 345 51.13 -18.85 35.90
C ARG M 345 50.03 -18.24 35.04
N LEU M 346 48.78 -18.33 35.51
CA LEU M 346 47.61 -17.78 34.82
C LEU M 346 47.49 -18.26 33.35
N SER M 347 47.61 -19.58 33.15
CA SER M 347 47.45 -20.30 31.88
C SER M 347 48.43 -19.99 30.76
N ALA M 348 48.41 -18.77 30.25
CA ALA M 348 49.27 -18.29 29.17
C ALA M 348 49.68 -16.83 29.35
N ALA M 349 48.99 -16.07 30.22
CA ALA M 349 49.18 -14.62 30.27
C ALA M 349 50.64 -14.26 30.58
N GLN M 350 51.26 -14.97 31.53
CA GLN M 350 52.65 -14.74 31.91
C GLN M 350 53.60 -15.80 31.35
N LEU M 351 53.10 -16.99 30.98
CA LEU M 351 53.97 -18.06 30.47
C LEU M 351 54.62 -17.65 29.14
N GLN M 352 53.87 -17.00 28.26
CA GLN M 352 54.41 -16.56 26.98
C GLN M 352 55.54 -15.53 27.15
N GLN M 353 55.50 -14.73 28.23
CA GLN M 353 56.54 -13.74 28.46
C GLN M 353 57.92 -14.36 28.68
N LEU M 354 57.98 -15.60 29.19
CA LEU M 354 59.26 -16.28 29.38
C LEU M 354 59.89 -16.74 28.06
N LEU M 355 59.06 -17.10 27.07
CA LEU M 355 59.55 -17.57 25.78
C LEU M 355 60.32 -16.49 25.05
N SER M 356 59.78 -15.27 25.02
CA SER M 356 60.45 -14.16 24.36
C SER M 356 61.78 -13.80 25.01
N ALA M 357 61.84 -13.85 26.34
CA ALA M 357 63.05 -13.54 27.06
C ALA M 357 64.18 -14.49 26.72
N SER M 358 63.88 -15.78 26.61
CA SER M 358 64.86 -16.80 26.25
C SER M 358 65.37 -16.66 24.82
N ALA M 359 64.60 -16.05 23.94
CA ALA M 359 64.98 -15.85 22.55
C ALA M 359 65.95 -14.70 22.35
N LEU M 360 65.70 -13.55 22.99
CA LEU M 360 66.57 -12.38 22.84
C LEU M 360 67.98 -12.65 23.39
N VAL M 361 68.07 -13.36 24.51
CA VAL M 361 69.35 -13.72 25.09
C VAL M 361 70.17 -14.62 24.19
N LEU M 362 69.50 -15.47 23.40
CA LEU M 362 70.18 -16.35 22.47
C LEU M 362 70.94 -15.56 21.42
N PHE M 363 70.33 -14.51 20.90
CA PHE M 363 70.97 -13.69 19.87
C PHE M 363 72.24 -13.01 20.41
N GLN M 364 72.20 -12.52 21.65
CA GLN M 364 73.35 -11.88 22.28
C GLN M 364 74.51 -12.86 22.50
N HIS M 365 74.22 -14.14 22.77
CA HIS M 365 75.23 -15.16 22.97
C HIS M 365 76.05 -15.41 21.72
N ILE M 366 75.40 -15.49 20.57
CA ILE M 366 76.05 -15.75 19.30
C ILE M 366 76.78 -14.52 18.79
N GLN M 367 76.08 -13.40 18.71
CA GLN M 367 76.61 -12.15 18.21
C GLN M 367 77.34 -11.38 19.31
N ARG M 368 78.36 -12.00 19.87
CA ARG M 368 79.19 -11.43 20.92
C ARG M 368 80.66 -11.34 20.54
N ARG M 369 81.18 -12.40 19.91
CA ARG M 369 82.57 -12.48 19.49
C ARG M 369 82.79 -13.13 18.14
N GLU M 370 81.73 -13.45 17.42
CA GLU M 370 81.77 -14.09 16.11
C GLU M 370 81.76 -13.10 14.94
N GLY M 371 82.22 -11.89 15.17
CA GLY M 371 82.25 -10.82 14.19
C GLY M 371 81.57 -9.53 14.59
N GLY M 372 81.24 -9.40 15.86
CA GLY M 372 80.60 -8.23 16.41
C GLY M 372 81.35 -7.56 17.54
N GLN M 373 82.27 -8.28 18.17
CA GLN M 373 83.03 -7.78 19.30
C GLN M 373 82.12 -7.27 20.41
N GLY M 374 82.70 -6.60 21.38
CA GLY M 374 81.97 -6.01 22.48
C GLY M 374 81.70 -6.93 23.66
N GLY M 375 82.40 -8.05 23.74
CA GLY M 375 82.28 -9.01 24.80
C GLY M 375 82.88 -10.34 24.42
N ASP M 376 82.51 -11.35 25.16
CA ASP M 376 82.94 -12.71 24.99
C ASP M 376 81.90 -13.68 25.55
N PRO M 377 81.83 -14.90 25.02
CA PRO M 377 80.89 -15.88 25.51
C PRO M 377 81.38 -16.53 26.79
N LEU M 378 80.48 -17.26 27.43
CA LEU M 378 80.75 -18.05 28.62
C LEU M 378 81.11 -19.48 28.26
N ILE M 379 81.32 -20.31 29.29
CA ILE M 379 81.65 -21.71 29.07
C ILE M 379 80.52 -22.39 28.30
N ALA M 380 80.86 -23.42 27.52
CA ALA M 380 79.89 -24.13 26.70
C ALA M 380 78.74 -24.75 27.53
N ARG M 381 78.98 -25.01 28.82
CA ARG M 381 77.93 -25.56 29.68
C ARG M 381 76.73 -24.62 29.84
N GLU M 382 76.92 -23.33 29.62
CA GLU M 382 75.82 -22.38 29.75
C GLU M 382 74.71 -22.67 28.74
N ALA M 383 75.08 -23.02 27.50
CA ALA M 383 74.07 -23.34 26.48
C ALA M 383 73.27 -24.58 26.86
N GLU M 384 73.91 -25.58 27.46
CA GLU M 384 73.23 -26.81 27.86
C GLU M 384 72.12 -26.53 28.87
N ALA M 385 72.40 -25.70 29.87
CA ALA M 385 71.40 -25.34 30.86
C ALA M 385 70.25 -24.54 30.27
N LEU M 386 70.54 -23.63 29.34
CA LEU M 386 69.51 -22.82 28.72
C LEU M 386 68.50 -23.66 27.96
N ALA M 387 68.96 -24.67 27.23
CA ALA M 387 68.08 -25.54 26.48
C ALA M 387 67.13 -26.34 27.36
N LYS M 388 67.52 -26.61 28.61
CA LYS M 388 66.68 -27.35 29.55
C LYS M 388 65.44 -26.57 29.95
N THR M 389 65.44 -25.27 29.80
CA THR M 389 64.32 -24.41 30.17
C THR M 389 63.32 -24.23 29.05
N VAL M 390 63.79 -23.99 27.83
CA VAL M 390 62.93 -23.79 26.68
C VAL M 390 62.18 -25.04 26.29
N GLU M 391 62.77 -26.21 26.48
CA GLU M 391 62.16 -27.47 26.11
C GLU M 391 60.87 -27.73 26.89
N ARG M 392 60.86 -27.39 28.17
CA ARG M 392 59.70 -27.61 29.04
C ARG M 392 58.76 -26.41 29.11
N PHE M 393 59.08 -25.33 28.41
CA PHE M 393 58.24 -24.13 28.39
C PHE M 393 57.31 -24.05 27.19
N LEU M 394 57.72 -24.60 26.04
CA LEU M 394 56.93 -24.55 24.83
C LEU M 394 55.76 -25.54 24.84
N ASP M 395 55.94 -26.68 25.46
CA ASP M 395 54.91 -27.71 25.55
C ASP M 395 53.65 -27.21 26.25
N LEU M 396 53.79 -26.47 27.35
CA LEU M 396 52.66 -25.95 28.10
C LEU M 396 51.86 -24.95 27.26
N LEU M 397 52.47 -24.32 26.26
CA LEU M 397 51.77 -23.36 25.43
C LEU M 397 50.88 -24.02 24.37
N LYS M 398 51.06 -25.32 24.07
CA LYS M 398 50.24 -26.01 23.07
C LYS M 398 48.74 -25.97 23.40
N PRO M 399 48.30 -26.37 24.61
CA PRO M 399 46.87 -26.33 24.92
C PRO M 399 46.33 -24.91 25.19
N GLN M 400 47.23 -23.96 25.47
CA GLN M 400 46.87 -22.57 25.77
C GLN M 400 47.13 -21.62 24.60
N PHE M 401 47.34 -22.14 23.40
CA PHE M 401 47.64 -21.30 22.23
C PHE M 401 46.43 -20.47 21.80
N LEU M 402 45.22 -20.97 22.01
CA LEU M 402 43.98 -20.28 21.63
C LEU M 402 43.59 -19.16 22.60
N SER M 403 44.27 -19.05 23.75
CA SER M 403 43.99 -18.03 24.76
C SER M 403 44.90 -16.81 24.63
N LEU M 404 45.36 -16.50 23.42
CA LEU M 404 46.23 -15.35 23.15
C LEU M 404 45.52 -14.39 22.23
N ASN M 405 45.67 -13.10 22.52
CA ASN M 405 45.12 -12.02 21.72
C ASN M 405 45.95 -11.80 20.46
N LEU M 406 45.48 -10.89 19.61
CA LEU M 406 46.16 -10.60 18.36
C LEU M 406 47.56 -10.05 18.59
N ARG M 407 47.70 -9.13 19.53
CA ARG M 407 49.00 -8.55 19.86
C ARG M 407 49.95 -9.56 20.47
N ASP M 408 49.44 -10.48 21.27
CA ASP M 408 50.27 -11.49 21.93
C ASP M 408 50.90 -12.43 20.90
N ARG M 409 50.11 -12.86 19.91
CA ARG M 409 50.61 -13.73 18.85
C ARG M 409 51.51 -13.05 17.86
N ARG M 410 51.34 -11.74 17.64
CA ARG M 410 52.16 -11.00 16.67
C ARG M 410 53.63 -11.01 17.07
N ALA M 411 53.92 -10.71 18.33
CA ALA M 411 55.29 -10.70 18.83
C ALA M 411 55.87 -12.09 19.03
N LEU M 412 55.02 -13.12 19.15
CA LEU M 412 55.48 -14.49 19.33
C LEU M 412 56.24 -14.97 18.11
N LYS M 413 55.79 -14.62 16.91
CA LYS M 413 56.46 -15.05 15.67
C LYS M 413 57.92 -14.57 15.62
N GLU M 414 58.19 -13.35 16.06
CA GLU M 414 59.56 -12.82 16.05
C GLU M 414 60.51 -13.66 16.93
N ALA M 415 60.04 -14.04 18.12
CA ALA M 415 60.81 -14.86 19.04
C ALA M 415 60.78 -16.34 18.71
N ALA M 416 59.83 -16.80 17.92
CA ALA M 416 59.73 -18.19 17.54
C ALA M 416 60.66 -18.58 16.41
N SER M 417 60.82 -17.70 15.42
CA SER M 417 61.68 -17.97 14.28
C SER M 417 63.15 -17.98 14.64
N LEU M 418 63.53 -17.35 15.75
CA LEU M 418 64.91 -17.33 16.19
C LEU M 418 65.44 -18.72 16.53
N PHE M 419 64.62 -19.55 17.18
CA PHE M 419 65.00 -20.90 17.56
C PHE M 419 65.18 -21.84 16.38
N LEU M 420 64.72 -21.47 15.20
CA LEU M 420 64.84 -22.25 13.97
C LEU M 420 66.14 -22.02 13.21
N VAL M 421 67.03 -21.18 13.73
CA VAL M 421 68.33 -20.87 13.13
C VAL M 421 69.47 -21.54 13.86
N GLU M 422 69.54 -21.37 15.17
CA GLU M 422 70.60 -21.98 15.97
C GLU M 422 70.49 -23.49 16.04
N ALA M 423 69.25 -24.01 16.11
CA ALA M 423 69.07 -25.44 16.23
C ALA M 423 69.65 -26.19 15.03
N LYS M 424 69.29 -25.77 13.82
CA LYS M 424 69.79 -26.35 12.58
C LYS M 424 71.16 -25.85 12.18
N GLY M 425 71.60 -24.74 12.73
CA GLY M 425 72.92 -24.20 12.42
C GLY M 425 74.01 -25.20 12.80
N ALA M 426 74.94 -25.45 11.88
CA ALA M 426 76.05 -26.36 12.12
C ALA M 426 77.20 -26.10 11.13
N ALA M 437 69.94 -29.92 20.94
CA ALA M 437 68.96 -29.06 20.28
C ALA M 437 67.57 -29.25 20.90
N LEU M 438 66.64 -28.36 20.56
CA LEU M 438 65.28 -28.44 21.04
C LEU M 438 64.60 -29.70 20.51
N ALA M 439 63.88 -30.38 21.39
CA ALA M 439 63.11 -31.55 21.03
C ALA M 439 61.82 -31.20 20.32
N PRO M 440 61.00 -30.27 20.83
CA PRO M 440 59.76 -29.91 20.18
C PRO M 440 59.93 -28.85 19.10
N LYS M 441 60.95 -28.98 18.26
CA LYS M 441 61.24 -28.09 17.16
C LYS M 441 60.72 -28.52 15.80
N THR M 442 60.21 -29.75 15.72
CA THR M 442 59.70 -30.34 14.49
C THR M 442 58.18 -30.41 14.42
N VAL M 443 57.49 -30.04 15.50
CA VAL M 443 56.03 -30.12 15.59
C VAL M 443 55.47 -28.76 15.90
N ASP M 444 55.81 -28.20 17.08
CA ASP M 444 55.25 -26.92 17.50
C ASP M 444 55.75 -25.76 16.64
N PHE M 445 57.03 -25.79 16.29
CA PHE M 445 57.70 -24.75 15.52
C PHE M 445 57.50 -24.85 14.02
N CYS M 446 56.83 -25.88 13.52
CA CYS M 446 56.62 -26.11 12.09
C CYS M 446 55.15 -26.38 11.77
N CYS M 447 54.24 -25.96 12.66
CA CYS M 447 52.79 -26.10 12.46
C CYS M 447 52.11 -24.74 12.32
N PHE M 448 52.29 -23.87 13.32
CA PHE M 448 51.68 -22.54 13.31
C PHE M 448 52.66 -21.41 13.56
N LEU M 449 53.66 -21.63 14.41
CA LEU M 449 54.64 -20.62 14.76
C LEU M 449 55.50 -20.19 13.57
N GLU M 450 55.65 -21.06 12.57
CA GLU M 450 56.41 -20.76 11.37
C GLU M 450 55.60 -20.10 10.27
N GLU M 451 54.33 -20.44 10.14
CA GLU M 451 53.41 -19.94 9.14
C GLU M 451 52.16 -19.41 9.81
N ALA M 452 52.21 -18.14 10.23
CA ALA M 452 51.08 -17.48 10.86
C ALA M 452 50.32 -16.65 9.84
N ASP M 453 49.01 -16.55 10.04
CA ASP M 453 48.06 -15.86 9.17
C ASP M 453 47.14 -14.95 10.01
N VAL M 454 47.70 -14.35 11.05
CA VAL M 454 46.98 -13.37 11.87
C VAL M 454 46.80 -12.07 11.10
N ALA M 455 45.89 -11.20 11.57
CA ALA M 455 45.63 -9.91 10.94
C ALA M 455 46.93 -9.12 10.80
N PRO M 456 47.48 -8.95 9.58
CA PRO M 456 48.74 -8.27 9.39
C PRO M 456 48.50 -6.75 9.32
N PRO M 457 49.03 -5.97 10.28
CA PRO M 457 48.90 -4.52 10.23
C PRO M 457 49.88 -3.91 9.22
N LEU M 458 49.60 -2.67 8.82
CA LEU M 458 50.48 -1.93 7.91
C LEU M 458 51.70 -1.39 8.65
N PRO M 459 52.83 -1.21 7.96
CA PRO M 459 54.02 -0.66 8.59
C PRO M 459 53.96 0.86 8.71
N LEU M 460 54.93 1.42 9.42
CA LEU M 460 55.10 2.86 9.57
C LEU M 460 56.22 3.32 8.62
N ALA M 461 55.83 3.83 7.46
CA ALA M 461 56.77 4.31 6.44
C ALA M 461 56.86 5.84 6.44
N PRO M 462 58.00 6.42 6.04
CA PRO M 462 58.13 7.86 5.96
C PRO M 462 57.51 8.40 4.67
N SER M 463 57.64 9.72 4.48
CA SER M 463 57.15 10.46 3.31
C SER M 463 58.25 11.22 2.59
N GLY M 464 59.49 10.75 2.72
CA GLY M 464 60.64 11.36 2.09
C GLY M 464 60.88 10.92 0.67
N GLY M 465 60.67 9.64 0.39
CA GLY M 465 60.84 9.09 -0.93
C GLY M 465 59.85 9.63 -1.94
N VAL M 466 58.63 9.90 -1.50
CA VAL M 466 57.58 10.41 -2.37
C VAL M 466 57.32 9.42 -3.51
N ASP M 467 57.00 8.19 -3.15
CA ASP M 467 56.70 7.13 -4.14
C ASP M 467 55.48 6.31 -3.74
N PHE M 468 54.48 6.98 -3.18
CA PHE M 468 53.26 6.35 -2.72
C PHE M 468 52.37 5.85 -3.85
N GLN M 469 52.60 6.28 -5.08
CA GLN M 469 51.84 5.85 -6.23
C GLN M 469 52.17 4.43 -6.69
N SER M 470 53.31 3.88 -6.28
CA SER M 470 53.73 2.52 -6.64
C SER M 470 54.22 1.83 -5.37
N VAL M 471 53.28 1.20 -4.68
CA VAL M 471 53.50 0.43 -3.46
C VAL M 471 52.73 -0.87 -3.50
N GLY M 472 53.18 -1.84 -2.72
CA GLY M 472 52.52 -3.14 -2.65
C GLY M 472 52.61 -3.73 -1.26
N LEU M 473 52.47 -5.05 -1.16
CA LEU M 473 52.54 -5.77 0.09
C LEU M 473 53.03 -7.19 -0.14
N VAL M 474 53.94 -7.65 0.70
CA VAL M 474 54.47 -9.00 0.66
C VAL M 474 54.47 -9.57 2.08
N GLU M 475 53.99 -10.79 2.21
CA GLU M 475 54.00 -11.48 3.49
C GLU M 475 55.42 -11.86 3.90
N ALA M 476 55.81 -11.46 5.10
CA ALA M 476 57.12 -11.77 5.65
C ALA M 476 57.08 -11.60 7.18
N CYS M 477 58.23 -11.56 7.84
CA CYS M 477 58.30 -11.39 9.28
C CYS M 477 57.70 -10.06 9.78
N SER M 478 57.84 -8.90 9.10
CA SER M 478 57.34 -7.60 9.66
C SER M 478 55.86 -7.36 9.36
N ARG M 479 55.17 -8.46 9.04
CA ARG M 479 53.73 -8.62 8.76
C ARG M 479 53.22 -7.95 7.48
N LEU M 480 53.69 -6.77 7.05
CA LEU M 480 53.51 -6.25 5.67
C LEU M 480 54.72 -5.36 5.30
N VAL M 481 54.91 -5.06 4.01
CA VAL M 481 56.02 -4.24 3.50
C VAL M 481 55.61 -3.45 2.26
N LEU M 482 56.51 -2.61 1.74
CA LEU M 482 56.27 -1.81 0.54
C LEU M 482 57.09 -2.38 -0.62
N CYS M 483 56.46 -3.17 -1.47
CA CYS M 483 57.09 -3.78 -2.64
C CYS M 483 56.07 -3.86 -3.77
N ALA M 484 56.13 -2.91 -4.71
CA ALA M 484 55.25 -2.87 -5.86
C ALA M 484 55.81 -3.72 -7.01
N ASP M 485 54.98 -4.01 -8.00
CA ASP M 485 55.39 -4.75 -9.19
C ASP M 485 56.38 -3.93 -10.06
N ALA M 486 56.14 -2.64 -10.26
CA ALA M 486 57.02 -1.81 -11.08
C ALA M 486 58.41 -1.69 -10.46
N ARG M 487 58.47 -1.46 -9.14
CA ARG M 487 59.72 -1.35 -8.37
C ARG M 487 60.09 -2.65 -7.66
N PHE M 488 59.64 -3.80 -8.17
CA PHE M 488 59.90 -5.07 -7.52
C PHE M 488 61.40 -5.36 -7.46
N SER M 489 61.89 -5.85 -6.33
CA SER M 489 63.31 -6.16 -6.17
C SER M 489 64.22 -4.95 -6.50
N GLU M 490 63.77 -3.69 -6.39
CA GLU M 490 64.50 -2.55 -6.98
C GLU M 490 64.84 -1.41 -6.01
N THR M 491 64.15 -1.21 -4.88
CA THR M 491 64.60 -0.20 -3.90
C THR M 491 64.37 -0.60 -2.43
N ARG M 492 63.15 -0.47 -1.88
CA ARG M 492 62.96 -0.80 -0.44
C ARG M 492 63.05 -2.30 -0.17
N ASN M 493 62.56 -3.15 -1.08
CA ASN M 493 62.67 -4.61 -1.00
C ASN M 493 62.47 -5.15 0.43
N GLU M 561 83.49 4.91 10.25
CA GLU M 561 83.97 3.71 9.55
C GLU M 561 83.81 2.47 10.41
N THR M 562 84.17 2.56 11.68
CA THR M 562 84.07 1.46 12.63
C THR M 562 82.64 1.04 12.91
N THR M 563 81.67 1.94 12.68
CA THR M 563 80.24 1.72 12.91
C THR M 563 79.42 1.74 11.61
N THR M 564 80.11 1.63 10.48
CA THR M 564 79.49 1.63 9.16
C THR M 564 79.88 0.42 8.32
N CYS M 565 81.14 0.00 8.40
CA CYS M 565 81.65 -1.12 7.63
C CYS M 565 80.93 -2.42 7.97
N LYS M 566 81.08 -2.89 9.20
CA LYS M 566 80.48 -4.11 9.69
C LYS M 566 79.12 -3.89 10.33
N LEU M 567 78.93 -2.73 10.97
CA LEU M 567 77.67 -2.40 11.61
C LEU M 567 76.58 -2.02 10.61
N GLY M 568 76.95 -1.49 9.44
CA GLY M 568 76.04 -1.14 8.38
C GLY M 568 75.81 -2.24 7.36
N GLY M 569 76.49 -3.37 7.51
CA GLY M 569 76.42 -4.49 6.60
C GLY M 569 75.45 -5.56 7.07
N VAL M 570 75.97 -6.66 7.59
CA VAL M 570 75.14 -7.74 8.10
C VAL M 570 74.30 -7.30 9.29
N SER M 571 74.80 -6.38 10.11
CA SER M 571 74.07 -5.89 11.27
C SER M 571 73.03 -4.85 10.85
N THR M 572 73.46 -3.78 10.19
CA THR M 572 72.61 -2.67 9.75
C THR M 572 71.73 -2.14 10.88
N ASP M 573 72.36 -1.74 11.97
CA ASP M 573 71.63 -1.22 13.12
C ASP M 573 72.56 -0.35 13.96
N LEU M 574 72.26 0.94 14.05
CA LEU M 574 73.04 1.85 14.87
C LEU M 574 72.73 1.62 16.36
N PRO M 575 73.69 1.93 17.27
CA PRO M 575 73.49 1.79 18.71
C PRO M 575 72.85 3.03 19.34
N VAL M 576 72.17 3.86 18.52
CA VAL M 576 71.06 4.73 18.93
C VAL M 576 69.75 3.95 18.74
N SER M 577 68.56 4.53 19.02
CA SER M 577 67.45 3.67 19.46
C SER M 577 67.98 2.85 20.64
N ILE M 578 67.56 1.61 20.85
CA ILE M 578 68.49 0.69 21.52
C ILE M 578 68.49 -0.62 20.75
N THR M 579 69.65 -0.93 20.19
CA THR M 579 69.79 -1.92 19.11
C THR M 579 69.33 -3.35 19.43
N PRO M 580 69.39 -3.90 20.67
CA PRO M 580 69.15 -5.34 20.89
C PRO M 580 67.85 -5.89 20.26
N GLN M 581 66.82 -5.06 20.23
CA GLN M 581 65.53 -5.35 19.61
C GLN M 581 65.50 -5.03 18.12
N ALA M 582 66.02 -3.86 17.72
CA ALA M 582 66.04 -3.46 16.33
C ALA M 582 66.88 -4.42 15.46
N ALA M 583 68.03 -4.89 15.95
CA ALA M 583 68.88 -5.78 15.18
C ALA M 583 68.16 -7.11 14.92
N SER M 584 67.49 -7.66 15.93
CA SER M 584 66.77 -8.93 15.77
C SER M 584 65.66 -8.82 14.72
N SER M 585 64.88 -7.73 14.75
CA SER M 585 63.79 -7.55 13.79
C SER M 585 64.30 -7.29 12.38
N LEU M 586 65.34 -6.46 12.21
CA LEU M 586 65.88 -6.14 10.89
C LEU M 586 66.52 -7.36 10.22
N LEU M 587 67.34 -8.13 10.95
CA LEU M 587 68.01 -9.28 10.35
C LEU M 587 66.98 -10.32 9.86
N LEU M 588 65.94 -10.58 10.65
CA LEU M 588 64.93 -11.56 10.26
C LEU M 588 64.18 -11.14 8.99
N THR M 589 63.95 -9.84 8.83
CA THR M 589 63.24 -9.33 7.66
C THR M 589 64.02 -9.60 6.38
N GLN M 590 65.34 -9.39 6.40
CA GLN M 590 66.16 -9.62 5.22
C GLN M 590 66.16 -11.08 4.79
N LEU M 591 66.21 -12.01 5.73
CA LEU M 591 66.19 -13.44 5.44
C LEU M 591 64.84 -13.90 4.91
N ALA M 592 63.75 -13.44 5.53
CA ALA M 592 62.41 -13.86 5.11
C ALA M 592 62.10 -13.40 3.68
N LEU M 593 62.64 -12.26 3.25
CA LEU M 593 62.42 -11.74 1.90
C LEU M 593 63.31 -12.39 0.84
N ILE M 594 64.25 -13.25 1.22
CA ILE M 594 65.16 -13.92 0.27
C ILE M 594 64.81 -15.39 0.11
N ARG M 595 64.29 -16.01 1.17
CA ARG M 595 63.92 -17.42 1.15
C ARG M 595 62.73 -17.69 0.26
N ARG M 596 61.66 -16.92 0.41
CA ARG M 596 60.45 -17.08 -0.41
C ARG M 596 60.48 -16.22 -1.66
N GLY M 597 60.55 -14.90 -1.48
CA GLY M 597 60.56 -13.95 -2.58
C GLY M 597 61.96 -13.69 -3.12
N ILE M 598 62.02 -13.23 -4.37
CA ILE M 598 63.27 -12.85 -5.03
C ILE M 598 63.37 -11.34 -4.97
N LEU M 599 64.07 -10.83 -3.97
CA LEU M 599 64.23 -9.40 -3.75
C LEU M 599 65.70 -9.12 -3.41
N ARG M 600 66.48 -8.67 -4.39
CA ARG M 600 67.90 -8.34 -4.23
C ARG M 600 68.12 -6.84 -4.20
N HIS M 601 69.30 -6.42 -3.76
CA HIS M 601 69.68 -5.01 -3.69
C HIS M 601 68.73 -4.22 -2.79
N GLU M 602 68.63 -4.65 -1.53
CA GLU M 602 67.76 -4.04 -0.54
C GLU M 602 68.51 -2.95 0.23
N ILE M 603 67.91 -1.77 0.30
CA ILE M 603 68.47 -0.63 1.03
C ILE M 603 67.61 -0.42 2.26
N GLN M 604 68.04 -0.97 3.40
CA GLN M 604 67.22 -0.95 4.61
C GLN M 604 66.92 0.48 5.07
N THR M 605 67.96 1.27 5.41
CA THR M 605 67.82 2.64 5.98
C THR M 605 66.71 2.65 7.05
N CYS M 606 65.81 3.64 7.04
CA CYS M 606 64.59 3.68 7.83
C CYS M 606 64.82 3.35 9.32
N ILE M 607 65.66 4.15 9.97
CA ILE M 607 65.95 4.01 11.39
C ILE M 607 65.13 5.05 12.15
N PRO M 608 64.09 4.64 12.88
CA PRO M 608 63.27 5.59 13.61
C PRO M 608 64.03 6.15 14.82
N PRO M 609 63.64 7.32 15.33
CA PRO M 609 64.23 7.87 16.53
C PRO M 609 64.08 6.91 17.74
N PRO M 610 64.84 7.12 18.82
CA PRO M 610 64.78 6.30 20.02
C PRO M 610 63.47 6.51 20.78
N CYS N 1 -15.91 32.53 -0.42
CA CYS N 1 -15.62 32.71 1.01
C CYS N 1 -15.78 34.17 1.42
N MET N 2 -17.02 34.62 1.55
CA MET N 2 -17.32 36.02 1.89
C MET N 2 -17.66 36.21 3.37
N ASN N 3 -18.44 35.30 3.94
CA ASN N 3 -18.81 35.36 5.34
C ASN N 3 -17.66 34.92 6.26
N LYS N 4 -17.83 35.10 7.56
CA LYS N 4 -16.85 34.65 8.56
C LYS N 4 -16.75 33.13 8.70
N LYS N 5 -17.70 32.35 8.20
CA LYS N 5 -17.66 30.89 8.31
C LYS N 5 -16.72 30.27 7.31
N ASN N 6 -16.96 30.48 6.02
CA ASN N 6 -16.13 29.91 4.97
C ASN N 6 -14.74 30.52 4.96
N ARG N 7 -14.61 31.83 5.20
CA ARG N 7 -13.31 32.50 5.15
C ARG N 7 -12.38 32.01 6.25
N LEU N 8 -12.88 31.84 7.48
CA LEU N 8 -12.07 31.32 8.57
C LEU N 8 -11.65 29.86 8.35
N ALA N 9 -12.40 29.09 7.56
CA ALA N 9 -12.05 27.71 7.28
C ALA N 9 -10.71 27.59 6.58
N LEU N 10 -10.40 28.49 5.64
CA LEU N 10 -9.14 28.47 4.93
C LEU N 10 -7.96 28.66 5.88
N ARG N 11 -8.07 29.60 6.82
CA ARG N 11 -7.00 29.84 7.79
C ARG N 11 -6.82 28.65 8.70
N LYS N 12 -7.91 28.05 9.19
CA LYS N 12 -7.82 26.86 10.06
C LYS N 12 -7.25 25.66 9.32
N ARG N 13 -7.60 25.47 8.04
CA ARG N 13 -7.10 24.37 7.23
C ARG N 13 -5.58 24.43 7.09
N ARG N 14 -5.04 25.62 6.81
CA ARG N 14 -3.59 25.80 6.71
C ARG N 14 -2.87 25.57 8.02
N ARG N 15 -3.54 25.79 9.17
CA ARG N 15 -2.93 25.56 10.48
C ARG N 15 -2.61 24.09 10.74
N ARG N 16 -3.35 23.17 10.13
CA ARG N 16 -3.14 21.72 10.28
C ARG N 16 -2.09 21.15 9.32
N MET N 17 -1.64 21.92 8.35
CA MET N 17 -0.65 21.50 7.36
C MET N 17 0.79 21.83 7.75
N GLY N 18 1.01 22.43 8.92
CA GLY N 18 2.35 22.82 9.37
C GLY N 18 2.66 24.29 9.14
N GLU N 19 1.64 25.14 9.16
CA GLU N 19 1.77 26.58 9.03
C GLU N 19 1.09 27.29 10.19
N ARG N 20 1.52 28.51 10.49
CA ARG N 20 0.92 29.35 11.52
C ARG N 20 0.43 30.65 10.91
N VAL N 21 -0.88 30.84 10.89
CA VAL N 21 -1.53 32.04 10.37
C VAL N 21 -2.30 32.71 11.50
N SER N 22 -2.11 34.03 11.64
CA SER N 22 -2.34 34.83 12.85
C SER N 22 -3.68 34.65 13.58
N LEU N 23 -4.71 34.15 12.89
CA LEU N 23 -6.06 34.10 13.42
C LEU N 23 -6.50 35.54 13.76
N ARG N 24 -6.59 35.96 15.03
CA ARG N 24 -7.05 37.32 15.41
C ARG N 24 -8.36 37.65 14.67
N TYR N 25 -8.48 38.81 14.04
CA TYR N 25 -9.76 39.29 13.51
C TYR N 25 -10.13 38.51 12.26
N ARG N 26 -11.42 38.20 12.11
CA ARG N 26 -11.96 37.39 11.00
C ARG N 26 -11.28 36.03 10.89
N THR O 1 -21.38 43.14 -16.82
CA THR O 1 -21.41 43.75 -18.15
C THR O 1 -20.37 44.85 -18.29
N ARG O 2 -19.13 44.57 -17.88
CA ARG O 2 -18.02 45.53 -17.96
C ARG O 2 -17.40 45.51 -19.35
N GLY O 3 -16.51 46.46 -19.58
CA GLY O 3 -15.79 46.56 -20.83
C GLY O 3 -14.85 45.38 -21.05
N PHE O 4 -14.50 45.16 -22.31
CA PHE O 4 -13.62 44.09 -22.72
C PHE O 4 -12.14 44.42 -22.50
N ARG O 5 -11.70 45.58 -23.00
CA ARG O 5 -10.32 46.04 -22.90
C ARG O 5 -10.26 47.44 -22.32
N TRP O 6 -9.25 47.67 -21.49
CA TRP O 6 -9.00 48.97 -20.86
C TRP O 6 -8.00 49.85 -21.62
N ASP O 7 -7.42 49.34 -22.70
CA ASP O 7 -6.45 50.10 -23.47
C ASP O 7 -7.07 51.23 -24.28
N LEU O 8 -8.32 51.07 -24.69
CA LEU O 8 -9.03 52.08 -25.46
C LEU O 8 -9.27 53.36 -24.66
N CYS O 9 -9.27 53.29 -23.35
CA CYS O 9 -9.46 54.41 -22.45
C CYS O 9 -8.16 55.16 -22.12
N GLN O 10 -7.11 54.96 -22.91
CA GLN O 10 -5.81 55.58 -22.72
C GLN O 10 -5.33 56.16 -24.04
N ARG O 11 -4.50 57.19 -23.93
CA ARG O 11 -3.88 57.85 -25.06
C ARG O 11 -2.72 57.02 -25.58
N GLY O 12 -2.75 56.73 -26.88
CA GLY O 12 -1.71 55.93 -27.52
C GLY O 12 -0.48 56.75 -27.87
N ARG O 13 0.21 56.34 -28.91
CA ARG O 13 1.39 57.04 -29.41
C ARG O 13 1.02 58.43 -29.87
N ARG O 14 1.87 59.39 -29.55
CA ARG O 14 1.67 60.78 -29.97
C ARG O 14 1.78 60.86 -31.49
N ARG O 15 0.91 61.65 -32.09
CA ARG O 15 0.85 61.90 -33.52
C ARG O 15 1.69 63.08 -33.98
N TRP O 16 2.44 63.69 -33.07
CA TRP O 16 3.24 64.89 -33.36
C TRP O 16 2.36 66.09 -33.70
N VAL O 17 1.62 66.02 -34.80
CA VAL O 17 0.67 67.03 -35.25
C VAL O 17 -0.74 66.59 -34.86
N HIS O 18 -1.49 67.48 -34.27
CA HIS O 18 -2.85 67.25 -33.83
C HIS O 18 -3.82 67.82 -34.87
N ILE O 19 -4.69 66.97 -35.37
CA ILE O 19 -5.70 67.29 -36.37
C ILE O 19 -7.05 66.78 -35.91
N ASN O 20 -8.09 67.57 -36.12
CA ASN O 20 -9.44 67.21 -35.76
C ASN O 20 -9.97 66.18 -36.73
N TYR O 21 -10.15 64.95 -36.26
CA TYR O 21 -10.63 63.87 -37.11
C TYR O 21 -12.00 64.17 -37.74
N PRO O 22 -13.03 64.58 -36.98
CA PRO O 22 -14.32 64.89 -37.56
C PRO O 22 -14.22 66.14 -38.46
N PRO O 23 -14.41 66.01 -39.78
CA PRO O 23 -14.32 67.16 -40.66
C PRO O 23 -15.60 67.99 -40.59
N ARG O 24 -15.48 69.24 -41.03
CA ARG O 24 -16.59 70.21 -41.13
C ARG O 24 -16.74 70.80 -42.51
N ASN O 25 -15.64 71.03 -43.20
CA ASN O 25 -15.57 71.62 -44.52
C ASN O 25 -14.67 70.83 -45.46
N ARG O 26 -14.62 69.51 -45.28
CA ARG O 26 -13.84 68.64 -46.16
C ARG O 26 -14.51 68.50 -47.52
N SER O 27 -13.69 68.40 -48.54
CA SER O 27 -14.11 68.18 -49.90
C SER O 27 -14.49 66.71 -50.12
N THR O 28 -14.75 66.35 -51.36
CA THR O 28 -15.10 65.01 -51.77
C THR O 28 -13.88 64.24 -52.22
N VAL O 29 -13.75 63.01 -51.75
CA VAL O 29 -12.68 62.11 -52.11
C VAL O 29 -12.75 61.78 -53.60
N GLN O 30 -11.64 61.38 -54.17
CA GLN O 30 -11.54 61.00 -55.57
C GLN O 30 -10.63 59.81 -55.73
N MET O 31 -10.95 58.90 -56.63
CA MET O 31 -10.14 57.73 -56.90
C MET O 31 -9.99 56.89 -55.63
N LEU O 32 -8.96 56.04 -55.59
CA LEU O 32 -8.66 55.18 -54.46
C LEU O 32 -9.84 54.25 -54.16
N ASP O 33 -10.22 53.49 -55.17
CA ASP O 33 -11.30 52.51 -55.10
C ASP O 33 -10.84 51.08 -55.30
N GLU O 34 -10.04 50.82 -56.33
CA GLU O 34 -9.55 49.46 -56.58
C GLU O 34 -8.67 48.97 -55.43
N SER O 35 -7.78 49.82 -54.93
CA SER O 35 -6.91 49.47 -53.82
C SER O 35 -7.69 49.22 -52.55
N HIS O 36 -8.68 50.06 -52.26
CA HIS O 36 -9.53 49.94 -51.08
C HIS O 36 -8.72 50.00 -49.79
N GLU O 37 -7.78 50.93 -49.74
CA GLU O 37 -6.90 51.12 -48.60
C GLU O 37 -6.19 52.45 -48.70
N LYS O 38 -6.02 53.12 -47.57
CA LYS O 38 -5.26 54.37 -47.48
C LYS O 38 -5.80 55.43 -48.43
N LEU O 39 -7.06 55.82 -48.23
CA LEU O 39 -7.66 56.88 -49.02
C LEU O 39 -6.95 58.21 -48.76
N VAL O 40 -6.98 59.06 -49.78
CA VAL O 40 -6.37 60.38 -49.77
C VAL O 40 -7.44 61.43 -49.57
N PHE O 41 -7.21 62.34 -48.63
CA PHE O 41 -8.11 63.43 -48.32
C PHE O 41 -7.32 64.62 -47.77
N VAL O 42 -7.88 65.81 -47.94
CA VAL O 42 -7.33 67.07 -47.48
C VAL O 42 -8.05 67.54 -46.24
N CYS O 43 -7.31 68.11 -45.31
CA CYS O 43 -7.83 68.64 -44.07
C CYS O 43 -7.01 69.86 -43.66
N ASN O 44 -7.16 70.29 -42.41
CA ASN O 44 -6.45 71.39 -41.81
C ASN O 44 -5.52 70.91 -40.72
N GLY O 45 -4.28 71.38 -40.76
CA GLY O 45 -3.27 71.01 -39.78
C GLY O 45 -3.16 72.03 -38.66
N TYR O 46 -2.52 71.61 -37.58
CA TYR O 46 -2.27 72.47 -36.43
C TYR O 46 -1.05 71.97 -35.69
N ILE O 47 0.07 72.67 -35.88
CA ILE O 47 1.34 72.29 -35.27
C ILE O 47 1.38 72.80 -33.84
N ASP O 48 2.10 72.09 -32.98
CA ASP O 48 2.28 72.45 -31.59
C ASP O 48 3.63 71.93 -31.10
N ARG O 49 4.30 72.72 -30.28
CA ARG O 49 5.61 72.39 -29.73
C ARG O 49 5.77 73.03 -28.37
N LEU O 50 6.70 72.50 -27.58
CA LEU O 50 7.01 73.00 -26.25
C LEU O 50 8.52 73.22 -26.14
N ASP O 51 8.90 74.41 -25.73
CA ASP O 51 10.29 74.81 -25.49
C ASP O 51 10.45 75.22 -24.03
N PRO O 52 10.98 74.34 -23.17
CA PRO O 52 11.10 74.66 -21.75
C PRO O 52 12.24 75.65 -21.47
N ARG O 53 12.02 76.93 -21.77
CA ARG O 53 13.00 77.99 -21.51
C ARG O 53 12.41 79.13 -20.69
N LEU O 54 11.13 79.42 -20.89
CA LEU O 54 10.45 80.53 -20.23
C LEU O 54 9.76 80.13 -18.93
N LEU O 55 9.92 78.88 -18.49
CA LEU O 55 9.30 78.38 -17.27
C LEU O 55 9.95 79.03 -16.04
N PRO O 56 9.23 79.10 -14.91
CA PRO O 56 9.79 79.67 -13.69
C PRO O 56 10.83 78.73 -13.06
N GLU O 57 11.52 79.20 -12.02
CA GLU O 57 12.57 78.41 -11.36
C GLU O 57 12.01 77.22 -10.55
N ARG O 58 10.86 77.41 -9.94
CA ARG O 58 10.11 76.35 -9.29
C ARG O 58 9.71 75.10 -10.08
N LEU O 59 9.18 75.33 -11.29
CA LEU O 59 8.66 74.30 -12.17
C LEU O 59 9.72 73.81 -13.16
N ARG O 60 10.69 74.65 -13.55
CA ARG O 60 11.72 74.22 -14.50
C ARG O 60 12.62 73.14 -13.90
N LYS O 61 12.97 73.24 -12.62
CA LYS O 61 13.83 72.25 -11.97
C LYS O 61 13.21 70.85 -11.99
N ARG O 62 11.93 70.75 -11.63
CA ARG O 62 11.23 69.45 -11.64
C ARG O 62 10.99 68.92 -13.06
N LEU O 63 10.71 69.79 -14.02
CA LEU O 63 10.45 69.37 -15.40
C LEU O 63 11.70 68.74 -16.01
N GLU O 64 12.85 69.39 -15.87
CA GLU O 64 14.08 68.88 -16.46
C GLU O 64 14.50 67.56 -15.82
N ARG O 65 14.30 67.42 -14.51
CA ARG O 65 14.67 66.18 -13.81
C ARG O 65 13.91 64.97 -14.36
N ASN O 66 12.71 65.17 -14.90
CA ASN O 66 11.91 64.09 -15.48
C ASN O 66 12.19 63.87 -16.95
N ARG O 67 12.46 64.92 -17.72
CA ARG O 67 12.71 64.78 -19.16
C ARG O 67 14.11 64.23 -19.44
N LYS O 68 15.14 64.97 -19.04
CA LYS O 68 16.53 64.59 -19.23
C LYS O 68 16.97 63.73 -18.05
N ALA O 69 16.67 62.44 -18.12
CA ALA O 69 17.03 61.47 -17.10
C ALA O 69 17.21 60.09 -17.71
N ALA O 70 17.59 59.11 -16.89
CA ALA O 70 17.78 57.75 -17.35
C ALA O 70 16.49 57.15 -17.92
N LEU O 71 15.35 57.39 -17.28
CA LEU O 71 14.06 56.86 -17.70
C LEU O 71 13.01 57.96 -17.61
N THR O 72 11.97 57.80 -18.42
CA THR O 72 10.86 58.75 -18.46
C THR O 72 10.05 58.67 -17.17
N ARG O 73 9.58 59.82 -16.69
CA ARG O 73 8.72 59.92 -15.52
C ARG O 73 7.52 60.77 -15.85
N PHE O 74 6.32 60.26 -15.56
CA PHE O 74 5.07 60.97 -15.84
C PHE O 74 4.99 61.41 -17.29
N ASP O 75 5.41 60.54 -18.21
CA ASP O 75 5.42 60.80 -19.65
C ASP O 75 6.40 61.89 -20.06
N GLY O 76 7.28 62.33 -19.15
CA GLY O 76 8.25 63.36 -19.46
C GLY O 76 7.60 64.69 -19.83
N LYS O 77 6.44 64.99 -19.25
CA LYS O 77 5.73 66.25 -19.51
C LYS O 77 4.84 66.59 -18.33
N LEU O 78 4.49 67.86 -18.21
CA LEU O 78 3.58 68.34 -17.16
C LEU O 78 2.13 67.98 -17.46
N PRO O 79 1.22 68.17 -16.49
CA PRO O 79 -0.20 67.99 -16.73
C PRO O 79 -0.77 69.02 -17.72
N TRP O 80 -2.09 69.00 -17.91
CA TRP O 80 -2.77 69.95 -18.79
C TRP O 80 -2.28 71.38 -18.57
N GLY O 81 -2.29 72.18 -19.62
CA GLY O 81 -1.74 73.54 -19.60
C GLY O 81 -2.59 74.51 -18.79
N GLN O 82 -2.79 74.26 -17.50
CA GLN O 82 -3.52 75.17 -16.62
C GLN O 82 -2.82 76.51 -16.50
N ALA O 83 -1.48 76.51 -16.40
CA ALA O 83 -0.70 77.74 -16.29
C ALA O 83 0.48 77.83 -17.26
N VAL O 84 0.82 76.76 -17.99
CA VAL O 84 1.95 76.77 -18.94
C VAL O 84 1.52 77.17 -20.35
N GLU O 85 0.23 77.42 -20.58
CA GLU O 85 -0.25 77.78 -21.92
C GLU O 85 0.37 79.08 -22.42
N SER O 86 0.87 79.93 -21.53
CA SER O 86 1.50 81.19 -21.94
C SER O 86 2.74 80.94 -22.80
N ALA O 87 3.56 79.95 -22.42
CA ALA O 87 4.76 79.59 -23.17
C ALA O 87 4.48 78.67 -24.36
N ILE O 88 3.25 78.20 -24.53
CA ILE O 88 2.89 77.32 -25.63
C ILE O 88 2.78 78.15 -26.91
N LYS O 89 3.47 77.70 -27.96
CA LYS O 89 3.43 78.34 -29.28
C LYS O 89 2.91 77.35 -30.29
N ARG O 90 1.87 77.74 -31.02
CA ARG O 90 1.24 76.91 -32.05
C ARG O 90 0.95 77.76 -33.27
N ILE O 91 1.24 77.21 -34.44
CA ILE O 91 1.05 77.91 -35.72
C ILE O 91 0.16 77.04 -36.60
N HIS O 92 -0.89 77.66 -37.16
CA HIS O 92 -1.80 76.95 -38.04
C HIS O 92 -1.16 76.76 -39.41
N THR O 93 -1.26 75.54 -39.94
CA THR O 93 -0.70 75.22 -41.24
C THR O 93 -1.53 74.12 -41.89
N PRO O 94 -2.09 74.33 -43.09
CA PRO O 94 -2.86 73.29 -43.76
C PRO O 94 -2.02 72.02 -43.94
N CYS O 95 -2.65 70.86 -43.74
CA CYS O 95 -1.99 69.57 -43.86
C CYS O 95 -3.00 68.55 -44.37
N LEU O 96 -2.54 67.34 -44.62
CA LEU O 96 -3.32 66.23 -45.09
C LEU O 96 -2.90 64.94 -44.40
N ALA O 97 -3.77 63.95 -44.47
CA ALA O 97 -3.56 62.64 -43.88
C ALA O 97 -4.24 61.58 -44.73
N PHE O 98 -4.13 60.33 -44.29
CA PHE O 98 -4.75 59.18 -44.90
C PHE O 98 -5.58 58.41 -43.90
N ALA O 99 -6.63 57.79 -44.40
CA ALA O 99 -7.54 56.99 -43.58
C ALA O 99 -7.81 55.65 -44.25
N GLN O 100 -8.11 54.66 -43.44
CA GLN O 100 -8.44 53.32 -43.92
C GLN O 100 -9.81 53.31 -44.58
N ALA O 101 -9.96 52.47 -45.59
CA ALA O 101 -11.20 52.37 -46.35
C ALA O 101 -12.37 51.91 -45.49
N HIS O 102 -12.28 50.71 -44.95
CA HIS O 102 -13.34 50.13 -44.12
C HIS O 102 -13.17 50.44 -42.65
N SER O 103 -11.95 50.29 -42.14
CA SER O 103 -11.66 50.55 -40.73
C SER O 103 -11.89 52.01 -40.38
N HIS O 104 -11.63 52.94 -41.31
CA HIS O 104 -11.76 54.38 -41.07
C HIS O 104 -10.96 54.80 -39.83
N HIS O 105 -9.66 54.59 -39.88
CA HIS O 105 -8.71 55.00 -38.84
C HIS O 105 -7.62 55.87 -39.42
N LEU O 106 -7.19 56.85 -38.63
CA LEU O 106 -6.14 57.77 -39.01
C LEU O 106 -4.78 57.09 -38.90
N LEU O 107 -3.96 57.26 -39.94
CA LEU O 107 -2.62 56.72 -40.00
C LEU O 107 -1.57 57.73 -39.59
N GLU O 108 -1.47 58.83 -40.32
CA GLU O 108 -0.50 59.88 -40.08
C GLU O 108 -0.78 61.09 -40.97
N ALA O 109 -0.14 62.20 -40.66
CA ALA O 109 -0.21 63.44 -41.40
C ALA O 109 1.17 63.98 -41.73
N PHE O 110 1.22 64.80 -42.76
CA PHE O 110 2.42 65.44 -43.26
C PHE O 110 2.21 66.94 -43.41
N SER O 111 3.26 67.71 -43.12
CA SER O 111 3.17 69.16 -43.24
C SER O 111 3.17 69.59 -44.70
N MET O 112 2.67 70.79 -44.96
CA MET O 112 2.65 71.33 -46.31
C MET O 112 4.07 71.52 -46.87
N ALA O 113 5.01 72.00 -46.03
CA ALA O 113 6.38 72.20 -46.48
C ALA O 113 7.02 70.87 -46.91
N GLU O 114 6.81 69.80 -46.14
CA GLU O 114 7.37 68.50 -46.51
C GLU O 114 6.76 67.95 -47.80
N VAL O 115 5.49 68.26 -48.07
CA VAL O 115 4.84 67.77 -49.29
C VAL O 115 5.53 68.32 -50.53
N LEU O 116 5.86 69.62 -50.54
CA LEU O 116 6.55 70.21 -51.68
C LEU O 116 7.95 69.61 -51.87
N GLU O 117 8.63 69.26 -50.78
CA GLU O 117 9.97 68.67 -50.88
C GLU O 117 9.94 67.33 -51.62
N ILE O 118 8.86 66.56 -51.45
CA ILE O 118 8.73 65.27 -52.14
C ILE O 118 8.72 65.47 -53.65
N GLU O 119 8.02 66.48 -54.15
CA GLU O 119 7.96 66.74 -55.59
C GLU O 119 9.35 67.04 -56.15
N LYS O 120 10.14 67.85 -55.44
CA LYS O 120 11.48 68.22 -55.91
C LYS O 120 12.45 67.04 -55.92
N LEU O 121 12.19 66.00 -55.12
CA LEU O 121 13.02 64.82 -55.00
C LEU O 121 12.51 63.63 -55.82
N ILE O 122 11.53 63.86 -56.70
CA ILE O 122 11.00 62.80 -57.55
C ILE O 122 12.12 62.16 -58.38
N PRO O 123 12.98 62.94 -59.06
CA PRO O 123 14.07 62.33 -59.80
C PRO O 123 15.00 61.48 -58.94
N GLU O 124 15.26 61.89 -57.71
CA GLU O 124 16.17 61.19 -56.80
C GLU O 124 15.56 59.90 -56.27
N ILE O 125 14.26 59.89 -55.98
CA ILE O 125 13.60 58.71 -55.44
C ILE O 125 13.23 57.70 -56.51
N ARG O 126 12.97 58.14 -57.74
CA ARG O 126 12.60 57.23 -58.83
C ARG O 126 13.73 56.28 -59.17
N GLU O 127 14.96 56.78 -59.24
CA GLU O 127 16.11 55.95 -59.56
C GLU O 127 16.45 54.95 -58.47
N ALA O 128 16.04 55.21 -57.23
CA ALA O 128 16.32 54.30 -56.13
C ALA O 128 15.59 52.97 -56.25
N PHE O 129 14.47 52.93 -56.98
CA PHE O 129 13.71 51.70 -57.16
C PHE O 129 14.47 50.67 -58.00
N LYS O 130 15.35 51.13 -58.89
CA LYS O 130 16.13 50.23 -59.72
C LYS O 130 17.08 49.36 -58.90
N ALA O 131 17.65 49.92 -57.83
CA ALA O 131 18.56 49.16 -56.97
C ALA O 131 17.85 47.98 -56.30
N SER O 132 16.61 48.18 -55.85
CA SER O 132 15.85 47.11 -55.19
C SER O 132 15.59 45.93 -56.13
N LYS O 133 15.26 46.22 -57.40
CA LYS O 133 14.99 45.17 -58.39
C LYS O 133 16.21 44.29 -58.63
N ALA O 134 17.42 44.81 -58.47
CA ALA O 134 18.63 44.04 -58.66
C ALA O 134 18.71 42.87 -57.67
N LYS O 135 18.36 43.11 -56.41
CA LYS O 135 18.40 42.11 -55.34
C LYS O 135 17.17 41.20 -55.31
N LEU O 136 16.18 41.45 -56.17
CA LEU O 136 14.95 40.66 -56.20
C LEU O 136 15.24 39.19 -56.51
N ALA O 137 16.09 38.94 -57.51
CA ALA O 137 16.45 37.59 -57.90
C ALA O 137 17.33 36.90 -56.87
N GLU O 138 18.27 37.62 -56.28
CA GLU O 138 19.18 37.05 -55.29
C GLU O 138 18.44 36.55 -54.06
N GLN O 139 17.49 37.34 -53.55
CA GLN O 139 16.73 36.97 -52.37
C GLN O 139 15.70 35.87 -52.62
N GLU O 140 15.27 35.66 -53.86
CA GLU O 140 14.29 34.63 -54.18
C GLU O 140 14.79 33.24 -53.86
N ALA O 141 16.05 32.94 -54.19
CA ALA O 141 16.63 31.63 -53.96
C ALA O 141 16.88 31.34 -52.48
N GLN O 142 17.21 32.37 -51.69
CA GLN O 142 17.52 32.21 -50.28
C GLN O 142 16.28 32.14 -49.40
N ASP O 143 15.22 32.85 -49.77
CA ASP O 143 13.98 32.89 -49.01
C ASP O 143 13.02 31.74 -49.31
N LYS O 144 13.29 30.96 -50.35
CA LYS O 144 12.44 29.83 -50.75
C LYS O 144 12.58 28.62 -49.85
N PHE O 145 13.77 28.41 -49.29
CA PHE O 145 14.08 27.27 -48.42
C PHE O 145 13.83 27.53 -46.95
N THR O 146 13.01 28.53 -46.63
CA THR O 146 12.66 28.92 -45.27
C THR O 146 11.44 28.17 -44.78
N ARG O 147 11.55 26.85 -44.75
CA ARG O 147 10.49 25.95 -44.31
C ARG O 147 11.10 24.67 -43.76
N HIS O 148 11.15 24.56 -42.45
CA HIS O 148 11.69 23.39 -41.77
C HIS O 148 10.62 22.32 -41.66
N VAL O 149 10.95 21.12 -42.13
CA VAL O 149 10.06 19.96 -42.10
C VAL O 149 10.81 18.74 -41.63
N SER O 150 10.10 17.82 -41.01
CA SER O 150 10.69 16.57 -40.55
C SER O 150 11.10 15.71 -41.73
N VAL O 151 12.19 14.95 -41.56
CA VAL O 151 12.65 14.02 -42.57
C VAL O 151 11.60 12.92 -42.80
N ASP O 152 11.30 12.64 -44.06
CA ASP O 152 10.35 11.60 -44.41
C ASP O 152 10.99 10.23 -44.21
N LEU O 153 10.37 9.39 -43.37
CA LEU O 153 10.87 8.04 -43.13
C LEU O 153 10.25 7.02 -44.09
N VAL O 154 8.99 7.15 -44.51
CA VAL O 154 8.28 6.06 -45.24
C VAL O 154 8.93 5.57 -46.54
N ASP O 155 9.49 6.42 -47.40
CA ASP O 155 10.21 5.95 -48.60
C ASP O 155 9.40 5.04 -49.54
N LEU O 156 8.08 5.25 -49.62
CA LEU O 156 7.12 4.32 -50.23
C LEU O 156 7.24 2.93 -49.56
N LYS O 157 6.87 2.85 -48.28
CA LYS O 157 7.41 1.89 -47.29
C LYS O 157 7.18 0.40 -47.53
N GLU O 158 8.15 -0.40 -47.10
CA GLU O 158 8.13 -1.87 -47.03
C GLU O 158 7.31 -2.43 -45.83
N ASP O 159 7.11 -3.74 -45.78
CA ASP O 159 6.42 -4.52 -44.72
C ASP O 159 7.38 -5.43 -43.90
N PRO O 160 8.48 -4.90 -43.32
CA PRO O 160 9.75 -5.59 -43.04
C PRO O 160 9.78 -6.40 -41.75
N VAL O 161 8.67 -7.02 -41.37
CA VAL O 161 8.55 -7.71 -40.08
C VAL O 161 9.64 -8.78 -39.87
N SER O 162 9.90 -9.64 -40.85
CA SER O 162 10.92 -10.69 -40.82
C SER O 162 11.24 -11.07 -42.26
N PHE O 163 10.28 -11.74 -42.91
CA PHE O 163 10.13 -11.64 -44.33
C PHE O 163 9.37 -10.30 -44.55
N PRO O 164 9.54 -9.63 -45.69
CA PRO O 164 10.64 -9.80 -46.59
C PRO O 164 11.97 -9.40 -45.94
N PHE O 165 12.98 -10.22 -46.14
CA PHE O 165 14.36 -9.79 -46.07
C PHE O 165 15.17 -10.31 -47.28
N THR O 166 14.93 -11.53 -47.80
CA THR O 166 15.58 -11.97 -49.06
C THR O 166 15.15 -11.13 -50.26
N LEU O 167 13.94 -10.57 -50.24
CA LEU O 167 13.46 -9.71 -51.33
C LEU O 167 14.31 -8.46 -51.47
N LYS O 168 14.78 -7.88 -50.35
CA LYS O 168 15.64 -6.69 -50.38
C LYS O 168 16.91 -6.96 -51.19
N LYS P 1 -46.45 46.31 -34.62
CA LYS P 1 -46.47 46.98 -33.29
C LYS P 1 -45.12 47.59 -32.96
N LYS P 2 -44.07 46.77 -32.90
CA LYS P 2 -42.70 47.19 -32.59
C LYS P 2 -41.72 46.30 -33.34
N LYS P 3 -40.49 46.78 -33.49
CA LYS P 3 -39.42 46.05 -34.19
C LYS P 3 -39.81 45.71 -35.63
N ARG P 4 -40.57 46.60 -36.28
CA ARG P 4 -41.02 46.40 -37.67
C ARG P 4 -40.79 47.60 -38.58
N GLY P 5 -40.68 48.81 -38.05
CA GLY P 5 -40.48 49.98 -38.87
C GLY P 5 -39.17 49.90 -39.65
N LYS P 6 -39.26 49.68 -40.96
CA LYS P 6 -38.09 49.61 -41.83
C LYS P 6 -37.57 51.01 -42.15
N LYS P 7 -36.35 51.07 -42.63
CA LYS P 7 -35.66 52.28 -43.03
C LYS P 7 -35.16 52.15 -44.46
N GLU P 8 -35.30 53.22 -45.22
CA GLU P 8 -34.83 53.25 -46.60
C GLU P 8 -33.30 53.24 -46.64
N LYS P 9 -32.75 52.75 -47.74
CA LYS P 9 -31.32 52.69 -47.98
C LYS P 9 -30.79 54.08 -48.25
N VAL P 10 -30.27 54.72 -47.21
CA VAL P 10 -29.72 56.07 -47.29
C VAL P 10 -28.31 56.12 -47.87
N ILE P 11 -27.69 54.98 -48.11
CA ILE P 11 -26.36 54.87 -48.68
C ILE P 11 -26.47 54.91 -50.19
N LEU P 12 -26.61 56.12 -50.73
CA LEU P 12 -26.73 56.33 -52.18
C LEU P 12 -25.90 57.49 -52.71
N ASN P 13 -25.13 58.17 -51.87
CA ASN P 13 -24.31 59.28 -52.31
C ASN P 13 -23.17 58.81 -53.20
N ALA P 14 -22.80 59.64 -54.17
CA ALA P 14 -21.70 59.35 -55.07
C ALA P 14 -20.35 59.35 -54.38
N GLU P 15 -20.23 60.01 -53.23
CA GLU P 15 -18.98 60.05 -52.48
C GLU P 15 -18.57 58.68 -51.97
N GLN P 16 -19.54 57.85 -51.59
CA GLN P 16 -19.31 56.50 -51.10
C GLN P 16 -19.05 55.55 -52.26
N VAL P 17 -17.92 55.74 -52.92
CA VAL P 17 -17.49 54.91 -54.04
C VAL P 17 -16.83 53.62 -53.60
N ALA P 18 -16.08 53.64 -52.50
CA ALA P 18 -15.39 52.50 -51.96
C ALA P 18 -16.31 51.70 -51.05
N THR P 19 -17.31 51.08 -51.64
CA THR P 19 -18.29 50.26 -50.97
C THR P 19 -18.81 49.20 -51.91
N LYS P 20 -19.00 48.00 -51.39
CA LYS P 20 -19.47 46.85 -52.16
C LYS P 20 -18.57 46.53 -53.34
N THR P 21 -17.26 46.73 -53.16
CA THR P 21 -16.26 46.49 -54.21
C THR P 21 -15.24 45.43 -53.86
N ARG P 22 -15.04 45.14 -52.58
CA ARG P 22 -14.07 44.14 -52.11
C ARG P 22 -14.67 43.32 -51.00
N LEU P 23 -14.08 42.14 -50.77
CA LEU P 23 -14.54 41.26 -49.71
C LEU P 23 -14.39 41.96 -48.36
N PRO P 24 -15.34 41.78 -47.44
CA PRO P 24 -15.22 42.35 -46.11
C PRO P 24 -13.98 41.83 -45.39
N PRO P 25 -13.67 42.37 -44.20
CA PRO P 25 -12.54 41.89 -43.44
C PRO P 25 -12.60 40.40 -43.15
N ILE P 26 -11.49 39.87 -42.64
CA ILE P 26 -11.43 38.44 -42.31
C ILE P 26 -12.57 38.07 -41.37
N ARG P 27 -13.27 36.99 -41.70
CA ARG P 27 -14.40 36.50 -40.91
C ARG P 27 -13.98 35.30 -40.09
N LEU P 28 -14.72 35.04 -39.02
CA LEU P 28 -14.45 33.90 -38.15
C LEU P 28 -14.60 32.57 -38.87
N GLU P 29 -15.45 32.49 -39.89
CA GLU P 29 -15.61 31.26 -40.66
C GLU P 29 -14.37 30.89 -41.45
N ASP P 30 -13.62 31.90 -41.93
CA ASP P 30 -12.40 31.66 -42.71
C ASP P 30 -11.19 31.38 -41.83
N ARG P 31 -11.32 31.53 -40.50
CA ARG P 31 -10.21 31.28 -39.56
C ARG P 31 -9.94 29.80 -39.32
N ILE P 32 -10.60 28.90 -40.04
CA ILE P 32 -10.39 27.46 -39.85
C ILE P 32 -8.94 27.10 -40.17
N THR P 33 -8.36 27.72 -41.19
CA THR P 33 -6.97 27.42 -41.57
C THR P 33 -6.00 27.89 -40.48
N PRO P 34 -4.85 27.23 -40.34
CA PRO P 34 -3.88 27.61 -39.32
C PRO P 34 -3.06 28.83 -39.74
N GLU P 35 -2.47 29.49 -38.75
CA GLU P 35 -1.57 30.62 -38.99
C GLU P 35 -0.20 30.14 -39.46
N PRO P 36 0.34 30.69 -40.55
CA PRO P 36 1.65 30.26 -41.03
C PRO P 36 2.75 30.69 -40.05
N PRO P 37 3.91 30.02 -40.07
CA PRO P 37 4.98 30.33 -39.15
C PRO P 37 5.59 31.72 -39.37
N ALA P 38 5.39 32.34 -40.54
CA ALA P 38 5.91 33.67 -40.79
C ALA P 38 5.16 34.75 -40.00
N THR P 39 3.84 34.61 -39.87
CA THR P 39 3.02 35.62 -39.19
C THR P 39 3.13 35.53 -37.67
N VAL P 40 3.28 34.32 -37.13
CA VAL P 40 3.37 34.17 -35.67
C VAL P 40 4.61 34.88 -35.11
N ALA P 41 5.73 34.83 -35.83
CA ALA P 41 6.95 35.49 -35.37
C ALA P 41 6.83 37.02 -35.45
N ARG P 42 6.08 37.55 -36.40
CA ARG P 42 5.94 38.99 -36.57
C ARG P 42 5.28 39.62 -35.37
N ASN P 43 4.26 38.99 -34.81
CA ASN P 43 3.56 39.53 -33.65
C ASN P 43 4.47 39.66 -32.43
N ILE P 44 5.43 38.76 -32.28
CA ILE P 44 6.33 38.81 -31.12
C ILE P 44 7.19 40.07 -31.16
N ARG P 45 7.74 40.41 -32.32
CA ARG P 45 8.57 41.60 -32.48
C ARG P 45 7.79 42.89 -32.29
N SER P 46 6.55 42.94 -32.77
CA SER P 46 5.72 44.13 -32.61
C SER P 46 5.35 44.38 -31.15
N GLN P 47 5.03 43.33 -30.40
CA GLN P 47 4.62 43.47 -29.00
C GLN P 47 5.78 43.74 -28.06
N ILE P 48 6.95 43.14 -28.29
CA ILE P 48 8.09 43.36 -27.40
C ILE P 48 8.54 44.82 -27.42
N SER P 49 8.49 45.47 -28.59
CA SER P 49 8.90 46.86 -28.73
C SER P 49 7.91 47.81 -28.06
N ARG P 50 6.63 47.47 -28.02
CA ARG P 50 5.61 48.35 -27.41
C ARG P 50 5.76 48.39 -25.90
N ALA P 51 6.01 47.25 -25.26
CA ALA P 51 6.13 47.21 -23.81
C ALA P 51 7.31 48.06 -23.32
N VAL P 52 8.46 47.94 -23.98
CA VAL P 52 9.64 48.73 -23.62
C VAL P 52 9.47 50.21 -23.92
N ALA P 53 8.54 50.57 -24.81
CA ALA P 53 8.32 51.96 -25.16
C ALA P 53 7.80 52.78 -23.96
N GLY P 54 7.21 52.12 -22.96
CA GLY P 54 6.68 52.79 -21.78
C GLY P 54 5.38 52.22 -21.28
N TRP P 55 4.79 51.27 -22.02
CA TRP P 55 3.55 50.61 -21.63
C TRP P 55 3.85 49.58 -20.55
N LYS P 56 3.86 50.03 -19.30
CA LYS P 56 4.16 49.19 -18.14
C LYS P 56 2.90 48.97 -17.32
N THR P 57 2.91 47.92 -16.53
CA THR P 57 1.79 47.55 -15.66
C THR P 57 2.32 47.17 -14.29
N LYS P 58 1.45 47.24 -13.27
CA LYS P 58 1.86 46.88 -11.91
C LYS P 58 2.22 45.40 -11.77
N ARG P 59 1.57 44.51 -12.51
CA ARG P 59 1.80 43.07 -12.46
C ARG P 59 2.86 42.57 -13.44
N MET P 60 3.57 43.47 -14.12
CA MET P 60 4.61 43.10 -15.08
C MET P 60 6.00 42.99 -14.45
N PHE P 61 6.33 43.87 -13.50
CA PHE P 61 7.64 43.81 -12.86
C PHE P 61 7.81 42.57 -11.98
N THR P 62 6.72 42.10 -11.36
CA THR P 62 6.77 40.91 -10.50
C THR P 62 7.16 39.67 -11.29
N TYR P 63 6.68 39.54 -12.54
CA TYR P 63 7.01 38.37 -13.36
C TYR P 63 8.51 38.32 -13.65
N ARG P 64 9.13 39.46 -13.95
CA ARG P 64 10.57 39.50 -14.23
C ARG P 64 11.39 39.11 -13.00
N ASN P 65 10.97 39.52 -11.80
CA ASN P 65 11.71 39.17 -10.59
C ASN P 65 11.76 37.66 -10.38
N LYS P 66 10.65 36.96 -10.62
CA LYS P 66 10.61 35.50 -10.47
C LYS P 66 11.55 34.82 -11.46
N TYR P 67 11.62 35.30 -12.71
CA TYR P 67 12.52 34.72 -13.69
C TYR P 67 13.98 34.86 -13.30
N ARG P 68 14.37 36.02 -12.76
CA ARG P 68 15.76 36.24 -12.32
C ARG P 68 16.16 35.29 -11.20
N LEU P 69 15.21 34.88 -10.35
CA LEU P 69 15.52 33.95 -9.26
C LEU P 69 16.01 32.61 -9.79
N ARG P 70 15.36 32.09 -10.85
CA ARG P 70 15.75 30.81 -11.44
C ARG P 70 17.14 30.87 -12.10
N ARG P 71 17.61 32.06 -12.47
CA ARG P 71 18.94 32.20 -13.06
C ARG P 71 20.06 31.94 -12.05
N LEU P 72 19.91 32.44 -10.82
CA LEU P 72 20.96 32.27 -9.81
C LEU P 72 21.13 30.81 -9.43
N VAL P 73 20.03 30.10 -9.19
CA VAL P 73 20.08 28.68 -8.81
C VAL P 73 20.59 27.80 -9.95
N GLY P 74 20.54 28.27 -11.19
CA GLY P 74 21.03 27.53 -12.34
C GLY P 74 19.95 26.64 -12.96
N MET P 75 18.81 27.24 -13.30
CA MET P 75 17.68 26.55 -13.94
C MET P 75 17.23 27.33 -15.17
N THR P 76 18.18 27.75 -15.98
CA THR P 76 17.90 28.52 -17.19
C THR P 76 18.82 28.07 -18.31
N HIS P 77 18.38 28.26 -19.55
CA HIS P 77 19.15 27.89 -20.75
C HIS P 77 20.06 29.01 -21.25
N ASP P 78 20.44 29.94 -20.38
CA ASP P 78 21.29 31.06 -20.76
C ASP P 78 22.75 30.64 -20.69
N ILE P 79 23.50 30.91 -21.76
CA ILE P 79 24.90 30.56 -21.86
C ILE P 79 25.73 31.83 -21.76
N ASP P 80 26.68 31.85 -20.83
CA ASP P 80 27.55 33.00 -20.64
C ASP P 80 28.37 33.30 -21.89
N GLY P 130 24.03 24.47 -36.39
CA GLY P 130 23.18 23.28 -36.32
C GLY P 130 23.77 22.19 -35.42
N ARG P 131 22.90 21.28 -34.98
CA ARG P 131 23.28 20.14 -34.13
C ARG P 131 22.38 18.96 -34.42
N THR P 132 22.94 17.77 -34.32
CA THR P 132 22.24 16.50 -34.54
C THR P 132 22.51 15.60 -33.35
N PHE P 133 21.68 15.73 -32.32
CA PHE P 133 21.78 14.93 -31.11
C PHE P 133 20.94 13.67 -31.21
N VAL P 134 21.17 12.75 -30.29
CA VAL P 134 20.46 11.49 -30.19
C VAL P 134 19.47 11.56 -29.04
N THR P 135 18.21 11.30 -29.35
CA THR P 135 17.14 11.28 -28.37
C THR P 135 17.32 10.16 -27.37
N PRO P 136 16.90 10.33 -26.12
CA PRO P 136 17.06 9.28 -25.13
C PRO P 136 16.32 8.00 -25.48
N LEU P 137 15.15 8.09 -26.10
CA LEU P 137 14.39 6.91 -26.48
C LEU P 137 15.12 6.06 -27.50
N THR P 138 15.71 6.70 -28.51
CA THR P 138 16.48 5.99 -29.52
C THR P 138 17.75 5.38 -28.97
N LYS P 139 18.38 6.02 -27.99
CA LYS P 139 19.58 5.49 -27.34
C LYS P 139 19.32 4.16 -26.66
N LEU P 140 18.18 4.03 -25.98
CA LEU P 140 17.83 2.77 -25.32
C LEU P 140 17.61 1.64 -26.31
N GLN P 141 17.02 1.93 -27.46
CA GLN P 141 16.77 0.93 -28.48
C GLN P 141 18.06 0.32 -29.00
N HIS P 142 19.08 1.14 -29.23
CA HIS P 142 20.36 0.66 -29.71
C HIS P 142 21.02 -0.30 -28.74
N GLN P 143 20.98 0.03 -27.45
CA GLN P 143 21.55 -0.80 -26.40
C GLN P 143 20.45 -1.65 -25.76
N ALA P 144 20.15 -2.79 -26.36
CA ALA P 144 19.15 -3.71 -25.85
C ALA P 144 19.43 -5.14 -26.32
N ALA P 145 19.79 -6.03 -25.40
CA ALA P 145 20.04 -7.43 -25.71
C ALA P 145 18.70 -8.18 -25.78
N LEU P 146 18.21 -8.41 -26.99
CA LEU P 146 16.97 -9.12 -27.23
C LEU P 146 17.21 -10.63 -27.32
N PRO P 147 16.20 -11.45 -27.01
CA PRO P 147 16.30 -12.89 -27.13
C PRO P 147 16.28 -13.32 -28.59
N ARG P 148 16.80 -14.53 -28.83
CA ARG P 148 17.03 -15.07 -30.17
C ARG P 148 15.92 -15.97 -30.69
N SER P 149 15.16 -16.58 -29.78
CA SER P 149 13.87 -17.22 -30.07
C SER P 149 13.17 -17.64 -28.76
N PRO P 150 11.87 -17.99 -28.80
CA PRO P 150 11.02 -18.24 -27.64
C PRO P 150 11.57 -19.13 -26.53
N LEU P 151 12.50 -20.01 -26.87
CA LEU P 151 13.09 -20.98 -25.96
C LEU P 151 14.25 -20.42 -25.10
N HIS P 152 14.61 -19.14 -25.27
CA HIS P 152 15.69 -18.48 -24.51
C HIS P 152 15.11 -17.57 -23.42
N ALA P 153 15.56 -17.72 -22.19
CA ALA P 153 15.10 -16.90 -21.07
C ALA P 153 15.86 -15.59 -21.05
N ARG P 154 15.16 -14.46 -21.23
CA ARG P 154 15.77 -13.13 -21.17
C ARG P 154 16.18 -12.76 -19.75
N PHE P 155 15.21 -12.68 -18.87
CA PHE P 155 15.43 -12.37 -17.46
C PHE P 155 15.83 -13.62 -16.68
N ASP P 156 16.30 -13.41 -15.46
CA ASP P 156 16.76 -14.43 -14.54
C ASP P 156 16.15 -14.26 -13.15
N PHE P 157 14.89 -13.84 -13.10
CA PHE P 157 14.16 -13.68 -11.86
C PHE P 157 12.66 -13.73 -12.13
N PRO P 158 11.86 -14.18 -11.16
CA PRO P 158 10.41 -14.20 -11.35
C PRO P 158 9.85 -12.79 -11.55
N HIS P 159 8.81 -12.70 -12.37
CA HIS P 159 8.11 -11.45 -12.63
C HIS P 159 6.71 -11.74 -13.13
N THR P 160 5.76 -10.93 -12.72
CA THR P 160 4.35 -11.05 -13.10
C THR P 160 3.95 -9.84 -13.91
N VAL P 161 3.28 -10.08 -15.03
CA VAL P 161 2.80 -9.04 -15.94
C VAL P 161 1.28 -9.01 -15.89
N HIS P 162 0.72 -7.82 -15.67
CA HIS P 162 -0.72 -7.60 -15.60
C HIS P 162 -1.13 -6.51 -16.58
N TYR P 163 -2.28 -6.69 -17.20
CA TYR P 163 -2.83 -5.72 -18.12
C TYR P 163 -4.33 -5.95 -18.24
N ASP P 164 -5.08 -4.85 -18.34
CA ASP P 164 -6.54 -4.90 -18.43
C ASP P 164 -6.96 -4.86 -19.88
N VAL P 165 -7.83 -5.78 -20.26
CA VAL P 165 -8.35 -5.89 -21.63
C VAL P 165 -9.87 -5.74 -21.58
N PHE P 166 -10.40 -4.81 -22.36
CA PHE P 166 -11.82 -4.53 -22.41
C PHE P 166 -12.48 -5.42 -23.46
N TRP P 167 -13.54 -6.11 -23.06
CA TRP P 167 -14.32 -6.96 -23.96
C TRP P 167 -15.80 -6.74 -23.72
N GLY P 168 -16.58 -6.72 -24.79
CA GLY P 168 -18.02 -6.49 -24.69
C GLY P 168 -18.65 -6.30 -26.05
N PRO P 169 -19.88 -5.80 -26.07
CA PRO P 169 -20.57 -5.53 -27.33
C PRO P 169 -19.84 -4.45 -28.13
N PRO P 170 -20.17 -4.29 -29.43
CA PRO P 170 -19.49 -3.29 -30.24
C PRO P 170 -19.84 -1.87 -29.81
N GLN P 171 -18.88 -1.17 -29.20
CA GLN P 171 -19.10 0.19 -28.75
C GLN P 171 -18.73 1.17 -29.84
N VAL P 172 -19.55 2.22 -30.00
CA VAL P 172 -19.29 3.24 -31.01
C VAL P 172 -17.99 4.01 -30.73
N GLU P 173 -17.58 4.09 -29.47
CA GLU P 173 -16.37 4.81 -29.06
C GLU P 173 -15.49 3.92 -28.19
N GLU P 174 -14.19 4.19 -28.24
CA GLU P 174 -13.21 3.44 -27.47
C GLU P 174 -13.25 3.86 -25.99
N GLU P 175 -13.09 2.89 -25.10
CA GLU P 175 -13.04 3.15 -23.67
C GLU P 175 -11.62 3.53 -23.24
N PRO P 176 -11.43 4.68 -22.60
CA PRO P 176 -10.10 5.09 -22.15
C PRO P 176 -9.66 4.32 -20.92
N ASN P 177 -8.41 4.55 -20.51
CA ASN P 177 -7.84 3.92 -19.31
C ASN P 177 -7.87 2.39 -19.40
N LYS P 178 -7.51 1.86 -20.56
CA LYS P 178 -7.46 0.42 -20.84
C LYS P 178 -6.17 0.03 -21.53
N SER P 179 -5.07 0.67 -21.14
CA SER P 179 -3.76 0.40 -21.73
C SER P 179 -2.65 0.36 -20.67
N GLY P 180 -3.00 0.05 -19.43
CA GLY P 180 -2.02 0.00 -18.35
C GLY P 180 -1.23 -1.30 -18.36
N CYS P 181 0.05 -1.22 -18.00
CA CYS P 181 0.93 -2.37 -17.91
C CYS P 181 1.94 -2.11 -16.81
N TRP P 182 2.07 -3.05 -15.87
CA TRP P 182 3.01 -2.96 -14.77
C TRP P 182 3.59 -4.33 -14.48
N VAL P 183 4.76 -4.33 -13.85
CA VAL P 183 5.50 -5.53 -13.49
C VAL P 183 5.83 -5.48 -12.01
N SER P 184 5.69 -6.62 -11.35
CA SER P 184 5.96 -6.75 -9.91
C SER P 184 6.99 -7.84 -9.68
N PHE P 185 7.84 -7.63 -8.68
CA PHE P 185 8.86 -8.60 -8.30
C PHE P 185 9.22 -8.40 -6.84
N ARG P 186 9.57 -9.50 -6.17
CA ARG P 186 9.93 -9.48 -4.75
C ARG P 186 11.44 -9.32 -4.63
N VAL P 187 11.86 -8.35 -3.81
CA VAL P 187 13.28 -8.12 -3.56
C VAL P 187 13.91 -9.27 -2.78
N ALA P 188 13.17 -9.88 -1.84
CA ALA P 188 13.73 -10.96 -1.03
C ALA P 188 14.14 -12.15 -1.89
N ASP P 189 13.30 -12.54 -2.86
CA ASP P 189 13.64 -13.66 -3.72
C ASP P 189 14.87 -13.36 -4.59
N LEU P 190 14.97 -12.12 -5.09
CA LEU P 190 16.11 -11.71 -5.90
C LEU P 190 17.36 -11.62 -5.02
N LYS P 191 18.33 -12.48 -5.28
CA LYS P 191 19.59 -12.51 -4.52
C LYS P 191 20.51 -11.42 -5.03
N LEU P 192 20.92 -10.52 -4.15
CA LEU P 192 21.80 -9.41 -4.48
C LEU P 192 22.65 -9.04 -3.27
N SER P 193 23.74 -8.33 -3.53
CA SER P 193 24.63 -7.88 -2.46
C SER P 193 23.98 -6.76 -1.66
N ASP P 194 24.57 -6.43 -0.51
CA ASP P 194 24.05 -5.38 0.36
C ASP P 194 24.04 -4.01 -0.32
N SER P 195 25.15 -3.64 -0.98
CA SER P 195 25.22 -2.35 -1.66
C SER P 195 24.23 -2.26 -2.82
N GLN P 196 24.09 -3.33 -3.60
CA GLN P 196 23.19 -3.35 -4.75
C GLN P 196 21.72 -3.28 -4.32
N GLU P 197 21.37 -3.94 -3.22
CA GLU P 197 19.98 -3.93 -2.75
C GLU P 197 19.52 -2.52 -2.39
N GLN P 198 20.36 -1.73 -1.70
CA GLN P 198 19.98 -0.38 -1.30
C GLN P 198 19.72 0.52 -2.51
N ARG P 199 20.56 0.43 -3.54
CA ARG P 199 20.40 1.26 -4.74
C ARG P 199 19.11 0.99 -5.49
N LEU P 200 18.60 -0.25 -5.46
CA LEU P 200 17.38 -0.58 -6.16
C LEU P 200 16.19 0.23 -5.65
N LEU P 201 16.05 0.32 -4.33
CA LEU P 201 14.96 1.07 -3.73
C LEU P 201 15.19 2.58 -3.77
N ASP P 202 16.44 3.03 -3.86
CA ASP P 202 16.73 4.46 -3.89
C ASP P 202 16.35 5.07 -5.23
N ILE P 203 16.63 4.41 -6.34
CA ILE P 203 16.32 4.93 -7.67
C ILE P 203 14.81 5.07 -7.85
N LEU P 204 14.06 4.03 -7.48
CA LEU P 204 12.60 4.06 -7.63
C LEU P 204 11.93 4.83 -6.49
N GLY P 205 12.58 4.93 -5.34
CA GLY P 205 12.04 5.60 -4.18
C GLY P 205 11.11 4.71 -3.37
N PRO P 206 10.67 5.19 -2.21
CA PRO P 206 9.81 4.40 -1.32
C PRO P 206 8.37 4.29 -1.82
N GLU P 207 7.95 5.13 -2.77
CA GLU P 207 6.56 5.09 -3.25
C GLU P 207 6.26 3.77 -3.95
N ARG P 208 7.21 3.26 -4.74
CA ARG P 208 7.06 2.00 -5.49
C ARG P 208 7.56 0.79 -4.70
N TYR P 209 7.64 0.89 -3.37
CA TYR P 209 8.09 -0.21 -2.52
C TYR P 209 7.17 -0.33 -1.33
N ASP P 210 6.77 -1.56 -1.02
CA ASP P 210 5.90 -1.86 0.10
C ASP P 210 6.72 -2.47 1.23
N GLU P 211 6.62 -1.89 2.43
CA GLU P 211 7.37 -2.36 3.60
C GLU P 211 6.72 -3.57 4.28
N GLN P 212 5.45 -3.89 3.95
CA GLN P 212 4.76 -5.00 4.59
C GLN P 212 5.17 -6.33 3.96
N THR P 213 4.91 -6.52 2.68
CA THR P 213 5.26 -7.76 1.98
C THR P 213 6.68 -7.73 1.43
N GLY P 214 7.14 -6.58 0.94
CA GLY P 214 8.47 -6.45 0.38
C GLY P 214 8.51 -6.70 -1.12
N VAL P 215 7.62 -6.06 -1.85
CA VAL P 215 7.54 -6.16 -3.32
C VAL P 215 7.67 -4.78 -3.93
N VAL P 216 8.17 -4.75 -5.16
CA VAL P 216 8.35 -3.53 -5.93
C VAL P 216 7.54 -3.63 -7.20
N CYS P 217 6.68 -2.62 -7.45
CA CYS P 217 5.84 -2.56 -8.64
C CYS P 217 6.32 -1.42 -9.53
N LEU P 218 6.57 -1.72 -10.80
CA LEU P 218 6.98 -0.76 -11.81
C LEU P 218 5.88 -0.64 -12.85
N GLU P 219 5.30 0.55 -12.95
CA GLU P 219 4.23 0.86 -13.89
C GLU P 219 4.72 1.84 -14.94
N ALA P 220 4.40 1.58 -16.20
CA ALA P 220 4.75 2.42 -17.32
C ALA P 220 3.56 2.57 -18.25
N ASP P 221 3.10 3.79 -18.44
CA ASP P 221 1.98 4.09 -19.32
C ASP P 221 2.15 5.48 -19.91
N VAL P 222 2.83 5.53 -21.06
CA VAL P 222 3.13 6.79 -21.77
C VAL P 222 2.70 6.71 -23.23
N PHE P 223 1.89 5.71 -23.57
CA PHE P 223 1.40 5.48 -24.91
C PHE P 223 -0.08 5.12 -24.86
N PRO P 224 -0.84 5.44 -25.92
CA PRO P 224 -2.25 5.11 -25.94
C PRO P 224 -2.51 3.65 -26.27
N GLN P 225 -1.73 3.10 -27.18
CA GLN P 225 -1.86 1.73 -27.62
C GLN P 225 -1.31 0.76 -26.59
N LEU P 226 -1.92 -0.42 -26.50
CA LEU P 226 -1.49 -1.45 -25.57
C LEU P 226 -0.17 -2.09 -26.01
N ASN P 227 -0.04 -2.40 -27.29
CA ASN P 227 1.17 -3.01 -27.81
C ASN P 227 2.39 -2.11 -27.65
N HIS P 228 2.23 -0.82 -27.97
CA HIS P 228 3.31 0.14 -27.82
C HIS P 228 3.73 0.31 -26.38
N ASN P 229 2.78 0.37 -25.45
CA ASN P 229 3.10 0.51 -24.04
C ASN P 229 3.75 -0.74 -23.46
N ALA P 230 3.31 -1.93 -23.86
CA ALA P 230 3.85 -3.17 -23.35
C ALA P 230 5.32 -3.33 -23.66
N ALA P 231 5.74 -3.01 -24.88
CA ALA P 231 7.13 -3.10 -25.26
C ALA P 231 8.01 -2.11 -24.52
N TYR P 232 7.49 -0.92 -24.21
CA TYR P 232 8.24 0.08 -23.49
C TYR P 232 8.65 -0.38 -22.10
N LEU P 233 7.77 -1.08 -21.38
CA LEU P 233 8.07 -1.56 -20.04
C LEU P 233 9.25 -2.52 -20.03
N GLY P 234 9.31 -3.42 -21.01
CA GLY P 234 10.35 -4.41 -21.10
C GLY P 234 11.73 -3.82 -21.38
N ASP P 235 11.81 -2.64 -21.99
CA ASP P 235 13.09 -2.02 -22.30
C ASP P 235 13.69 -1.34 -21.08
N ILE P 236 12.90 -0.54 -20.37
CA ILE P 236 13.35 0.15 -19.17
C ILE P 236 13.72 -0.81 -18.05
N LEU P 237 13.03 -1.94 -17.95
CA LEU P 237 13.31 -2.92 -16.91
C LEU P 237 14.72 -3.47 -17.01
N GLN P 238 15.16 -3.80 -18.23
CA GLN P 238 16.51 -4.33 -18.42
C GLN P 238 17.57 -3.27 -18.12
N GLN P 239 17.33 -2.02 -18.51
CA GLN P 239 18.27 -0.93 -18.27
C GLN P 239 18.47 -0.68 -16.78
N LEU P 240 17.44 -0.84 -15.96
CA LEU P 240 17.56 -0.63 -14.53
C LEU P 240 18.57 -1.58 -13.90
N MET P 241 18.53 -2.86 -14.27
CA MET P 241 19.46 -3.84 -13.73
C MET P 241 20.89 -3.58 -14.15
N ARG P 242 21.10 -2.99 -15.32
CA ARG P 242 22.45 -2.68 -15.81
C ARG P 242 23.17 -1.70 -14.89
N GLU P 243 22.48 -0.68 -14.41
CA GLU P 243 23.06 0.33 -13.52
C GLU P 243 23.07 -0.09 -12.06
N VAL P 244 22.14 -0.93 -11.64
CA VAL P 244 22.07 -1.38 -10.24
C VAL P 244 23.33 -2.15 -9.87
N LYS P 245 23.76 -3.08 -10.72
CA LYS P 245 24.97 -3.88 -10.52
C LYS P 245 26.18 -3.06 -10.91
N LYS P 246 26.73 -2.32 -9.96
CA LYS P 246 27.90 -1.48 -10.16
C LYS P 246 28.72 -1.32 -8.88
N LEU Q 1 7.87 9.08 71.53
CA LEU Q 1 6.77 9.85 70.87
C LEU Q 1 7.02 11.35 71.01
N LEU Q 2 6.69 12.11 69.97
CA LEU Q 2 6.87 13.55 69.97
C LEU Q 2 5.81 14.23 70.84
N ASP Q 3 6.08 15.46 71.23
CA ASP Q 3 5.16 16.24 72.06
C ASP Q 3 3.94 16.75 71.29
N THR Q 4 3.97 16.71 69.97
CA THR Q 4 2.86 17.14 69.11
C THR Q 4 1.77 16.09 68.95
N GLY Q 5 1.97 14.89 69.49
CA GLY Q 5 0.98 13.81 69.36
C GLY Q 5 1.14 13.00 68.09
N GLU Q 6 2.37 12.68 67.72
CA GLU Q 6 2.71 11.89 66.54
C GLU Q 6 3.87 10.96 66.84
N ILE Q 7 4.18 10.10 65.88
CA ILE Q 7 5.28 9.15 66.00
C ILE Q 7 6.60 9.87 65.76
N VAL Q 8 7.62 9.52 66.54
CA VAL Q 8 8.94 10.15 66.38
C VAL Q 8 9.48 9.85 64.97
N PRO Q 9 9.99 10.83 64.24
CA PRO Q 9 10.45 10.58 62.88
C PRO Q 9 11.74 9.73 62.83
N GLY Q 10 12.52 9.73 63.91
CA GLY Q 10 13.78 9.00 63.95
C GLY Q 10 13.61 7.48 63.81
N ALA Q 11 12.44 6.95 64.16
CA ALA Q 11 12.21 5.50 64.05
C ALA Q 11 12.30 5.03 62.60
N PHE Q 12 11.73 5.79 61.66
CA PHE Q 12 11.72 5.44 60.25
C PHE Q 12 13.04 5.83 59.61
N ALA Q 13 14.07 5.04 59.85
CA ALA Q 13 15.40 5.29 59.30
C ALA Q 13 15.83 4.21 58.31
N SER Q 14 15.75 2.94 58.73
CA SER Q 14 16.17 1.81 57.91
C SER Q 14 14.97 0.99 57.46
N VAL Q 15 15.24 -0.02 56.64
CA VAL Q 15 14.24 -0.92 56.09
C VAL Q 15 14.33 -2.26 56.81
N LYS Q 16 13.18 -2.83 57.15
CA LYS Q 16 13.11 -4.12 57.82
C LYS Q 16 13.50 -5.26 56.88
N LYS Q 17 13.81 -6.40 57.47
CA LYS Q 17 14.20 -7.61 56.76
C LYS Q 17 13.01 -8.57 56.65
N VAL Q 18 13.19 -9.59 55.84
CA VAL Q 18 12.19 -10.63 55.61
C VAL Q 18 12.66 -11.96 56.20
N GLY Q 19 11.72 -12.84 56.48
CA GLY Q 19 12.00 -14.15 57.07
C GLY Q 19 12.04 -15.25 56.02
N ASP Q 20 10.96 -16.01 55.94
CA ASP Q 20 10.85 -17.13 55.02
C ASP Q 20 11.78 -18.29 55.40
N PHE Q 21 12.02 -18.43 56.70
CA PHE Q 21 12.89 -19.48 57.22
C PHE Q 21 12.24 -20.86 57.16
N PRO Q 22 11.06 -21.07 57.76
CA PRO Q 22 10.49 -22.41 57.84
C PRO Q 22 10.06 -22.90 56.45
N LEU Q 23 10.10 -24.22 56.28
CA LEU Q 23 9.69 -24.90 55.08
C LEU Q 23 9.39 -26.36 55.42
N LEU Q 24 8.14 -26.77 55.25
CA LEU Q 24 7.65 -28.09 55.53
C LEU Q 24 6.86 -28.66 54.36
N PRO Q 25 6.85 -29.98 54.19
CA PRO Q 25 6.06 -30.60 53.15
C PRO Q 25 4.61 -30.79 53.56
N LEU Q 26 3.82 -31.41 52.69
CA LEU Q 26 2.43 -31.75 52.92
C LEU Q 26 2.21 -33.10 53.60
N SER Q 27 3.27 -33.74 54.08
CA SER Q 27 3.20 -35.03 54.72
C SER Q 27 2.85 -34.94 56.19
N LEU Q 28 3.68 -34.24 56.97
CA LEU Q 28 3.42 -34.07 58.41
C LEU Q 28 2.18 -33.20 58.68
N LEU Q 29 1.79 -32.34 57.76
CA LEU Q 29 0.62 -31.49 57.95
C LEU Q 29 -0.65 -32.31 58.06
N LEU Q 30 -0.79 -33.34 57.23
CA LEU Q 30 -1.95 -34.21 57.27
C LEU Q 30 -2.06 -34.98 58.58
N SER Q 31 -0.93 -35.39 59.14
CA SER Q 31 -0.95 -36.13 60.41
C SER Q 31 -1.57 -35.32 61.54
N ARG Q 32 -1.23 -34.04 61.64
CA ARG Q 32 -1.80 -33.15 62.65
C ARG Q 32 -3.28 -32.92 62.44
N LEU Q 33 -3.73 -32.82 61.20
CA LEU Q 33 -5.14 -32.62 60.89
C LEU Q 33 -6.00 -33.78 61.39
N LYS Q 34 -5.54 -35.01 61.19
CA LYS Q 34 -6.24 -36.20 61.65
C LYS Q 34 -6.28 -36.33 63.16
N GLU Q 35 -5.43 -35.61 63.90
CA GLU Q 35 -5.43 -35.67 65.36
C GLU Q 35 -6.35 -34.64 65.99
N ARG Q 36 -6.34 -33.40 65.50
CA ARG Q 36 -7.17 -32.30 65.99
C ARG Q 36 -8.49 -32.21 65.25
N ARG Q 37 -9.23 -33.32 65.26
CA ARG Q 37 -10.54 -33.41 64.64
C ARG Q 37 -11.68 -33.06 65.56
N GLN Q 38 -11.57 -33.41 66.83
CA GLN Q 38 -12.64 -33.14 67.80
C GLN Q 38 -12.69 -31.66 68.22
N GLU Q 39 -11.61 -30.92 68.04
CA GLU Q 39 -11.53 -29.51 68.41
C GLU Q 39 -11.91 -28.54 67.29
N LEU Q 40 -11.81 -28.98 66.04
CA LEU Q 40 -12.13 -28.15 64.89
C LEU Q 40 -13.62 -28.01 64.64
N LEU Q 41 -14.45 -28.87 65.22
CA LEU Q 41 -15.90 -28.83 65.09
C LEU Q 41 -16.59 -27.86 66.04
N ARG Q 42 -15.85 -27.22 66.94
CA ARG Q 42 -16.42 -26.28 67.89
C ARG Q 42 -17.02 -25.08 67.20
N ASP Q 43 -16.38 -24.57 66.16
CA ASP Q 43 -16.86 -23.45 65.38
C ASP Q 43 -18.28 -23.70 64.87
N PHE Q 77 -29.45 -16.62 58.54
CA PHE Q 77 -29.23 -16.17 57.17
C PHE Q 77 -29.14 -17.34 56.20
N ALA Q 78 -29.46 -17.12 54.93
CA ALA Q 78 -29.44 -18.19 53.94
C ALA Q 78 -28.03 -18.76 53.75
N ARG Q 79 -27.02 -17.89 53.71
CA ARG Q 79 -25.63 -18.27 53.51
C ARG Q 79 -25.00 -18.98 54.69
N GLU Q 80 -25.64 -18.98 55.85
CA GLU Q 80 -25.10 -19.65 57.03
C GLU Q 80 -24.93 -21.14 56.81
N GLU Q 81 -25.91 -21.79 56.20
CA GLU Q 81 -25.85 -23.22 55.92
C GLU Q 81 -24.89 -23.56 54.78
N GLU Q 82 -24.76 -22.69 53.80
CA GLU Q 82 -23.89 -22.93 52.66
C GLU Q 82 -22.43 -23.03 53.06
N ARG Q 83 -22.01 -22.19 54.01
CA ARG Q 83 -20.65 -22.15 54.52
C ARG Q 83 -20.34 -23.20 55.58
N ILE Q 84 -21.32 -23.99 55.98
CA ILE Q 84 -21.18 -25.03 56.98
C ILE Q 84 -21.36 -26.41 56.37
N GLN Q 85 -22.33 -26.57 55.48
CA GLN Q 85 -22.63 -27.84 54.87
C GLN Q 85 -21.46 -28.39 54.08
N ARG Q 86 -20.90 -27.57 53.18
CA ARG Q 86 -19.70 -27.93 52.39
C ARG Q 86 -18.44 -27.95 53.22
N LYS Q 87 -18.37 -27.17 54.29
CA LYS Q 87 -17.12 -26.97 55.04
C LYS Q 87 -16.73 -28.17 55.89
N ILE Q 88 -17.69 -29.00 56.31
CA ILE Q 88 -17.46 -30.17 57.14
C ILE Q 88 -17.35 -31.47 56.37
N LYS Q 89 -17.95 -31.56 55.19
CA LYS Q 89 -17.90 -32.78 54.38
C LYS Q 89 -16.49 -33.11 53.94
N ILE Q 90 -15.70 -32.10 53.61
CA ILE Q 90 -14.32 -32.30 53.18
C ILE Q 90 -13.41 -32.74 54.33
N LEU Q 91 -13.66 -32.28 55.55
CA LEU Q 91 -12.83 -32.60 56.70
C LEU Q 91 -12.82 -34.10 56.98
N GLU Q 92 -13.99 -34.72 56.97
CA GLU Q 92 -14.10 -36.15 57.21
C GLU Q 92 -13.54 -36.99 56.08
N LEU Q 93 -13.71 -36.54 54.84
CA LEU Q 93 -13.22 -37.28 53.68
C LEU Q 93 -11.71 -37.25 53.60
N LEU Q 94 -11.10 -36.09 53.75
CA LEU Q 94 -9.66 -35.94 53.70
C LEU Q 94 -9.03 -36.59 54.90
N ALA Q 95 -8.08 -37.48 54.66
CA ALA Q 95 -7.37 -38.21 55.68
C ALA Q 95 -6.04 -38.78 55.17
N SER Q 105 -14.59 -39.91 43.99
CA SER Q 105 -13.88 -39.43 45.17
C SER Q 105 -13.75 -40.48 46.26
N GLN Q 106 -13.74 -41.75 45.85
CA GLN Q 106 -13.61 -42.88 46.76
C GLN Q 106 -12.15 -43.28 46.93
N GLY Q 107 -11.41 -42.41 47.60
CA GLY Q 107 -9.99 -42.60 47.82
C GLY Q 107 -9.18 -42.54 46.55
N ALA Q 108 -8.11 -43.32 46.49
CA ALA Q 108 -7.21 -43.38 45.34
C ALA Q 108 -7.60 -44.49 44.35
N ILE Q 109 -8.85 -44.91 44.34
CA ILE Q 109 -9.35 -45.94 43.44
C ILE Q 109 -10.66 -45.48 42.81
N GLY Q 110 -11.00 -46.07 41.66
CA GLY Q 110 -12.22 -45.72 40.95
C GLY Q 110 -12.02 -44.52 40.02
N ASP Q 111 -10.85 -44.43 39.40
CA ASP Q 111 -10.53 -43.35 38.48
C ASP Q 111 -11.22 -43.56 37.13
N ALA Q 112 -10.83 -42.78 36.13
CA ALA Q 112 -11.39 -42.80 34.80
C ALA Q 112 -12.83 -42.30 34.75
N LYS Q 113 -13.74 -43.03 35.38
CA LYS Q 113 -15.15 -42.65 35.44
C LYS Q 113 -15.33 -41.31 36.13
N ARG Q 114 -14.71 -41.14 37.29
CA ARG Q 114 -14.74 -39.88 38.01
C ARG Q 114 -13.86 -38.80 37.39
N ILE Q 115 -12.76 -39.20 36.76
CA ILE Q 115 -11.82 -38.29 36.13
C ILE Q 115 -12.36 -37.85 34.78
N HIS Q 120 -15.94 -26.66 40.08
CA HIS Q 120 -15.99 -27.79 41.00
C HIS Q 120 -14.65 -27.99 41.70
N ALA Q 121 -14.68 -28.33 42.98
CA ALA Q 121 -13.48 -28.57 43.78
C ALA Q 121 -13.07 -30.05 43.84
N ASP Q 122 -13.81 -30.92 43.17
CA ASP Q 122 -13.55 -32.35 43.19
C ASP Q 122 -12.19 -32.69 42.60
N ALA Q 123 -11.84 -32.08 41.47
CA ALA Q 123 -10.56 -32.32 40.83
C ALA Q 123 -9.37 -31.78 41.61
N VAL Q 124 -9.60 -30.85 42.52
CA VAL Q 124 -8.56 -30.24 43.33
C VAL Q 124 -8.22 -31.10 44.54
N ASN Q 125 -9.22 -31.56 45.28
CA ASN Q 125 -8.98 -32.39 46.45
C ASN Q 125 -8.34 -33.73 46.09
N LEU Q 126 -8.66 -34.28 44.92
CA LEU Q 126 -8.10 -35.54 44.46
C LEU Q 126 -6.58 -35.46 44.28
N LEU Q 127 -6.07 -34.33 43.83
CA LEU Q 127 -4.64 -34.14 43.62
C LEU Q 127 -3.84 -34.26 44.91
N LEU Q 128 -4.41 -33.85 46.04
CA LEU Q 128 -3.71 -33.92 47.31
C LEU Q 128 -3.37 -35.36 47.69
N LEU Q 129 -4.29 -36.29 47.51
CA LEU Q 129 -4.04 -37.69 47.84
C LEU Q 129 -2.90 -38.26 47.01
N LEU Q 130 -2.88 -38.00 45.72
CA LEU Q 130 -1.84 -38.48 44.83
C LEU Q 130 -0.48 -37.81 45.10
N ALA Q 131 -0.48 -36.50 45.31
CA ALA Q 131 0.74 -35.77 45.58
C ALA Q 131 1.42 -36.23 46.86
N ALA Q 132 0.64 -36.45 47.91
CA ALA Q 132 1.15 -36.90 49.19
C ALA Q 132 1.61 -38.35 49.17
N GLU Q 133 1.01 -39.20 48.34
CA GLU Q 133 1.40 -40.59 48.24
C GLU Q 133 2.76 -40.78 47.57
N ALA Q 134 3.06 -39.98 46.55
CA ALA Q 134 4.31 -40.08 45.83
C ALA Q 134 5.52 -39.71 46.69
N GLU Q 135 5.40 -38.67 47.51
CA GLU Q 135 6.48 -38.20 48.34
C GLU Q 135 6.82 -39.12 49.50
N THR Q 136 5.98 -40.11 49.78
CA THR Q 136 6.22 -41.06 50.86
C THR Q 136 7.50 -41.85 50.64
N LEU Q 137 7.85 -42.15 49.39
CA LEU Q 137 9.06 -42.91 49.09
C LEU Q 137 10.32 -42.20 49.63
N ALA Q 138 10.41 -40.89 49.40
CA ALA Q 138 11.52 -40.07 49.85
C ALA Q 138 11.34 -39.64 51.30
N GLU Q 162 11.10 -59.59 44.49
CA GLU Q 162 9.81 -59.74 45.18
C GLU Q 162 9.27 -58.39 45.64
N GLU Q 163 10.13 -57.59 46.27
CA GLU Q 163 9.73 -56.28 46.77
C GLU Q 163 9.56 -55.25 45.64
N ARG Q 164 10.30 -55.42 44.53
CA ARG Q 164 10.23 -54.51 43.39
C ARG Q 164 9.05 -54.77 42.46
N GLN Q 165 8.32 -55.86 42.67
CA GLN Q 165 7.17 -56.20 41.82
C GLN Q 165 5.89 -55.53 42.30
N LEU Q 166 5.49 -55.77 43.55
CA LEU Q 166 4.27 -55.17 44.09
C LEU Q 166 4.39 -53.65 44.20
N TRP Q 167 5.54 -53.14 44.61
CA TRP Q 167 5.77 -51.72 44.74
C TRP Q 167 5.61 -50.99 43.41
N ARG Q 168 6.14 -51.56 42.33
CA ARG Q 168 6.06 -50.96 41.02
C ARG Q 168 4.63 -50.82 40.55
N LEU Q 169 3.76 -51.78 40.87
CA LEU Q 169 2.37 -51.71 40.46
C LEU Q 169 1.67 -50.48 41.05
N LYS Q 170 1.91 -50.20 42.34
CA LYS Q 170 1.30 -49.03 42.98
C LYS Q 170 1.95 -47.72 42.54
N CYS Q 171 3.27 -47.69 42.39
CA CYS Q 171 3.98 -46.50 41.95
C CYS Q 171 3.55 -46.08 40.55
N GLU Q 172 3.42 -47.03 39.64
CA GLU Q 172 3.02 -46.71 38.27
C GLU Q 172 1.60 -46.15 38.22
N GLY Q 173 0.68 -46.71 39.00
CA GLY Q 173 -0.70 -46.24 39.01
C GLY Q 173 -0.81 -44.78 39.45
N ASN Q 174 -0.07 -44.39 40.49
CA ASN Q 174 -0.12 -43.00 40.96
C ASN Q 174 0.37 -42.03 39.89
N GLU Q 175 1.46 -42.35 39.21
CA GLU Q 175 2.00 -41.50 38.15
C GLU Q 175 1.04 -41.38 36.99
N GLU Q 176 0.45 -42.50 36.56
CA GLU Q 176 -0.50 -42.48 35.45
C GLU Q 176 -1.74 -41.65 35.79
N LYS Q 177 -2.27 -41.81 37.02
CA LYS Q 177 -3.46 -41.06 37.45
C LYS Q 177 -3.16 -39.58 37.65
N TRP Q 178 -1.95 -39.23 38.08
CA TRP Q 178 -1.57 -37.84 38.30
C TRP Q 178 -1.65 -37.02 37.02
N ASN Q 179 -1.14 -37.57 35.92
CA ASN Q 179 -1.17 -36.90 34.63
C ASN Q 179 -2.57 -36.80 34.05
N LEU Q 180 -3.41 -37.82 34.28
CA LEU Q 180 -4.78 -37.81 33.76
C LEU Q 180 -5.60 -36.68 34.34
N CYS Q 181 -5.43 -36.36 35.61
CA CYS Q 181 -6.16 -35.28 36.28
C CYS Q 181 -5.82 -33.90 35.73
N ILE Q 182 -4.69 -33.75 35.07
CA ILE Q 182 -4.29 -32.47 34.50
C ILE Q 182 -5.17 -32.06 33.33
N SER Q 183 -5.61 -33.02 32.53
CA SER Q 183 -6.43 -32.73 31.36
C SER Q 183 -7.74 -32.05 31.75
N ARG Q 184 -8.40 -32.56 32.80
CA ARG Q 184 -9.66 -31.97 33.27
C ARG Q 184 -9.44 -30.67 34.04
N LEU Q 185 -8.31 -30.54 34.72
CA LEU Q 185 -8.00 -29.35 35.50
C LEU Q 185 -7.80 -28.13 34.61
N LYS Q 186 -7.06 -28.26 33.52
CA LYS Q 186 -6.81 -27.16 32.61
C LYS Q 186 -8.04 -26.74 31.82
N GLU Q 187 -8.96 -27.66 31.56
CA GLU Q 187 -10.18 -27.36 30.81
C GLU Q 187 -11.14 -26.44 31.58
N LEU Q 188 -10.97 -26.28 32.89
CA LEU Q 188 -11.75 -25.41 33.75
C LEU Q 188 -10.86 -24.43 34.48
N ALA Q 189 -11.20 -23.16 34.43
CA ALA Q 189 -10.45 -22.14 35.10
C ALA Q 189 -10.63 -22.24 36.61
N LEU Q 190 -9.53 -22.45 37.31
CA LEU Q 190 -9.53 -22.54 38.76
C LEU Q 190 -9.77 -21.18 39.39
N ASP Q 191 -10.39 -21.21 40.55
CA ASP Q 191 -10.68 -20.03 41.34
C ASP Q 191 -9.48 -19.65 42.21
N HIS Q 192 -9.57 -18.51 42.88
CA HIS Q 192 -8.52 -18.05 43.78
C HIS Q 192 -8.32 -18.97 44.96
N GLU Q 193 -9.38 -19.63 45.38
CA GLU Q 193 -9.33 -20.50 46.53
C GLU Q 193 -8.71 -21.87 46.21
N ASP Q 194 -8.49 -22.20 44.93
CA ASP Q 194 -7.93 -23.49 44.53
C ASP Q 194 -6.64 -23.39 43.72
N SER Q 195 -6.29 -22.21 43.22
CA SER Q 195 -5.08 -22.03 42.43
C SER Q 195 -3.82 -22.19 43.27
N PHE Q 196 -3.78 -21.59 44.45
CA PHE Q 196 -2.60 -21.69 45.30
C PHE Q 196 -2.35 -23.11 45.77
N LEU Q 197 -3.41 -23.86 46.11
CA LEU Q 197 -3.24 -25.23 46.60
C LEU Q 197 -2.57 -26.13 45.56
N VAL Q 198 -2.98 -26.01 44.30
CA VAL Q 198 -2.40 -26.80 43.22
C VAL Q 198 -0.93 -26.45 43.02
N PHE Q 199 -0.59 -25.17 42.98
CA PHE Q 199 0.78 -24.74 42.82
C PHE Q 199 1.68 -25.18 43.97
N TYR Q 200 1.20 -25.08 45.20
CA TYR Q 200 1.97 -25.47 46.37
C TYR Q 200 2.26 -26.96 46.38
N ALA Q 201 1.29 -27.79 45.98
CA ALA Q 201 1.49 -29.21 45.94
C ALA Q 201 2.58 -29.64 44.96
N MET Q 202 2.63 -29.02 43.81
CA MET Q 202 3.64 -29.34 42.82
C MET Q 202 5.05 -29.04 43.31
N CYS Q 203 5.24 -27.95 44.03
CA CYS Q 203 6.57 -27.59 44.54
C CYS Q 203 7.11 -28.64 45.49
N SER Q 204 6.27 -29.14 46.39
CA SER Q 204 6.68 -30.17 47.33
C SER Q 204 7.09 -31.45 46.63
N THR Q 205 6.33 -31.86 45.63
CA THR Q 205 6.57 -33.06 44.85
C THR Q 205 7.55 -32.87 43.71
N ASN Q 206 7.99 -31.63 43.43
CA ASN Q 206 8.90 -31.32 42.35
C ASN Q 206 8.39 -31.83 40.99
N ARG Q 207 7.13 -31.52 40.69
CA ARG Q 207 6.45 -31.85 39.45
C ARG Q 207 5.78 -30.61 38.87
N PHE Q 208 6.56 -29.83 38.13
CA PHE Q 208 6.05 -28.64 37.45
C PHE Q 208 5.60 -28.93 36.03
N ASP Q 209 4.89 -27.97 35.46
CA ASP Q 209 4.44 -27.97 34.09
C ASP Q 209 4.68 -26.63 33.43
N ALA Q 210 5.31 -26.64 32.27
CA ALA Q 210 5.61 -25.44 31.51
C ALA Q 210 4.39 -24.83 30.82
N VAL Q 211 3.29 -25.56 30.74
CA VAL Q 211 2.06 -25.12 30.12
C VAL Q 211 1.05 -24.66 31.15
N LEU Q 212 1.01 -25.34 32.29
CA LEU Q 212 0.08 -25.04 33.37
C LEU Q 212 0.56 -23.95 34.31
N LEU Q 213 1.88 -23.78 34.48
CA LEU Q 213 2.41 -22.78 35.37
C LEU Q 213 1.96 -21.37 34.98
N PRO Q 214 2.07 -20.94 33.72
CA PRO Q 214 1.65 -19.61 33.35
C PRO Q 214 0.17 -19.34 33.61
N ALA Q 215 -0.68 -20.34 33.39
CA ALA Q 215 -2.12 -20.15 33.56
C ALA Q 215 -2.49 -19.87 35.02
N LEU Q 216 -1.93 -20.64 35.96
CA LEU Q 216 -2.21 -20.49 37.38
C LEU Q 216 -1.54 -19.26 38.00
N LEU Q 217 -0.53 -18.69 37.35
CA LEU Q 217 0.16 -17.52 37.86
C LEU Q 217 -0.68 -16.25 37.79
N GLU Q 218 -1.61 -16.17 36.86
CA GLU Q 218 -2.45 -14.98 36.73
C GLU Q 218 -3.45 -14.85 37.88
N ARG Q 219 -4.02 -15.96 38.33
CA ARG Q 219 -5.00 -15.95 39.42
C ARG Q 219 -4.39 -15.46 40.72
N LEU Q 220 -3.19 -15.91 41.03
CA LEU Q 220 -2.48 -15.50 42.24
C LEU Q 220 -2.14 -14.02 42.25
N GLU Q 221 -2.07 -13.37 41.09
CA GLU Q 221 -1.75 -11.96 40.95
C GLU Q 221 -2.96 -11.05 41.03
N ALA Q 222 -4.03 -11.37 40.34
CA ALA Q 222 -5.22 -10.53 40.34
C ALA Q 222 -5.84 -10.43 41.72
N SER Q 223 -5.94 -11.54 42.43
CA SER Q 223 -6.50 -11.58 43.77
C SER Q 223 -5.59 -10.97 44.82
N PHE Q 224 -4.28 -11.03 44.65
CA PHE Q 224 -3.34 -10.47 45.60
C PHE Q 224 -3.52 -8.97 45.77
N PHE Q 225 -3.69 -8.25 44.68
CA PHE Q 225 -3.89 -6.82 44.66
C PHE Q 225 -5.35 -6.40 44.73
N SER Q 226 -6.26 -7.32 45.01
CA SER Q 226 -7.67 -7.01 45.14
C SER Q 226 -7.93 -6.11 46.33
N SER Q 227 -9.01 -5.34 46.26
CA SER Q 227 -9.39 -4.44 47.35
C SER Q 227 -9.63 -5.20 48.65
N GLN Q 228 -10.36 -6.32 48.59
CA GLN Q 228 -10.62 -7.16 49.76
C GLN Q 228 -9.48 -8.17 49.94
N ALA Q 229 -8.35 -7.68 50.44
CA ALA Q 229 -7.17 -8.51 50.70
C ALA Q 229 -6.92 -8.69 52.20
N LEU Q 230 -6.76 -7.60 52.94
CA LEU Q 230 -6.51 -7.68 54.39
C LEU Q 230 -7.79 -7.87 55.20
N SER Q 231 -8.90 -7.28 54.76
CA SER Q 231 -10.17 -7.38 55.50
C SER Q 231 -10.85 -8.74 55.34
N LYS Q 232 -10.68 -9.39 54.18
CA LYS Q 232 -11.36 -10.65 53.91
C LYS Q 232 -10.80 -11.76 54.81
N PRO Q 233 -11.65 -12.66 55.34
CA PRO Q 233 -11.17 -13.76 56.16
C PRO Q 233 -10.58 -14.91 55.31
N LEU Q 234 -10.10 -15.96 55.99
CA LEU Q 234 -9.47 -17.16 55.44
C LEU Q 234 -10.30 -17.87 54.35
N PHE Q 235 -9.66 -18.68 53.50
CA PHE Q 235 -10.42 -19.62 52.66
C PHE Q 235 -11.03 -20.76 53.52
N HIS Q 236 -12.23 -21.22 53.17
CA HIS Q 236 -12.95 -22.32 53.83
C HIS Q 236 -12.36 -23.75 53.74
N PRO Q 237 -11.48 -24.19 52.81
CA PRO Q 237 -10.69 -25.37 52.99
C PRO Q 237 -10.00 -25.24 54.31
N ILE Q 238 -9.88 -26.37 54.96
CA ILE Q 238 -9.35 -26.37 56.30
C ILE Q 238 -7.81 -26.29 56.25
N PHE Q 239 -7.20 -26.36 55.05
CA PHE Q 239 -5.75 -26.32 54.89
C PHE Q 239 -5.10 -25.10 55.55
N GLU Q 240 -5.78 -23.94 55.52
CA GLU Q 240 -5.24 -22.71 56.11
C GLU Q 240 -5.37 -22.65 57.63
N VAL Q 241 -6.18 -23.52 58.25
CA VAL Q 241 -6.38 -23.48 59.70
C VAL Q 241 -5.08 -23.80 60.43
N TRP Q 242 -4.40 -24.85 59.99
CA TRP Q 242 -3.11 -25.29 60.51
C TRP Q 242 -1.95 -24.76 59.67
N ASP Q 243 -1.86 -23.45 59.59
CA ASP Q 243 -0.82 -22.73 58.87
C ASP Q 243 -0.27 -21.60 59.73
N PRO Q 244 1.04 -21.36 59.70
CA PRO Q 244 1.61 -20.25 60.44
C PRO Q 244 1.02 -18.90 60.07
N PRO Q 245 0.97 -18.55 58.78
CA PRO Q 245 0.43 -17.27 58.37
C PRO Q 245 -1.09 -17.27 58.43
N CYS Q 246 -1.67 -16.08 58.27
CA CYS Q 246 -3.11 -15.90 58.31
C CYS Q 246 -3.49 -14.68 57.48
N GLU Q 247 -4.68 -14.12 57.68
CA GLU Q 247 -5.18 -12.95 56.97
C GLU Q 247 -5.46 -13.24 55.49
N SER Q 248 -5.92 -14.47 55.22
CA SER Q 248 -6.13 -14.95 53.87
C SER Q 248 -4.88 -14.71 53.01
N PHE Q 249 -5.03 -14.49 51.70
CA PHE Q 249 -3.87 -14.44 50.81
C PHE Q 249 -2.95 -13.21 51.03
N ALA Q 250 -3.37 -12.25 51.84
CA ALA Q 250 -2.61 -11.04 52.08
C ALA Q 250 -1.24 -11.36 52.66
N ALA Q 251 -1.21 -11.93 53.85
CA ALA Q 251 0.02 -12.31 54.53
C ALA Q 251 0.49 -13.72 54.24
N LEU Q 252 -0.34 -14.56 53.61
CA LEU Q 252 0.06 -15.92 53.28
C LEU Q 252 1.26 -15.95 52.33
N ILE Q 253 1.22 -15.10 51.31
CA ILE Q 253 2.31 -14.99 50.35
C ILE Q 253 3.50 -14.21 50.87
N ASN Q 254 3.29 -13.37 51.88
CA ASN Q 254 4.36 -12.58 52.46
C ASN Q 254 5.34 -13.43 53.26
N VAL Q 255 4.87 -14.52 53.83
CA VAL Q 255 5.66 -15.45 54.62
C VAL Q 255 5.99 -16.71 53.84
N LEU Q 256 5.87 -16.64 52.52
CA LEU Q 256 6.17 -17.77 51.66
C LEU Q 256 7.65 -18.11 51.75
N PRO Q 257 8.02 -19.39 51.78
CA PRO Q 257 9.40 -19.76 51.78
C PRO Q 257 10.16 -19.18 50.59
N LEU Q 258 11.39 -18.75 50.80
CA LEU Q 258 12.21 -18.17 49.76
C LEU Q 258 12.51 -19.15 48.64
N SER Q 259 12.52 -20.44 48.95
CA SER Q 259 12.74 -21.48 47.96
C SER Q 259 11.68 -21.49 46.88
N ALA Q 260 10.42 -21.32 47.24
CA ALA Q 260 9.31 -21.29 46.31
C ALA Q 260 9.11 -19.93 45.65
N LYS Q 261 9.66 -18.86 46.21
CA LYS Q 261 9.54 -17.53 45.64
C LYS Q 261 10.28 -17.39 44.32
N ALA Q 262 11.41 -18.07 44.16
CA ALA Q 262 12.18 -18.03 42.95
C ALA Q 262 11.46 -18.59 41.75
N VAL Q 263 10.47 -19.45 41.94
CA VAL Q 263 9.72 -20.05 40.85
C VAL Q 263 8.98 -18.99 40.04
N VAL Q 264 8.35 -18.05 40.72
CA VAL Q 264 7.60 -16.99 40.04
C VAL Q 264 8.50 -16.14 39.17
N VAL Q 265 9.65 -15.73 39.70
CA VAL Q 265 10.62 -14.92 38.97
C VAL Q 265 11.23 -15.73 37.84
N THR Q 266 11.66 -16.95 38.11
CA THR Q 266 12.29 -17.86 37.15
C THR Q 266 11.26 -18.82 36.57
N ALA Q 267 10.33 -18.24 35.82
CA ALA Q 267 9.28 -18.94 35.11
C ALA Q 267 9.45 -18.80 33.61
N ASP Q 268 9.44 -19.93 32.92
CA ASP Q 268 9.56 -19.98 31.48
C ASP Q 268 8.22 -19.72 30.82
N ARG Q 269 8.14 -18.63 30.06
CA ARG Q 269 6.92 -18.23 29.35
C ARG Q 269 6.95 -18.58 27.87
N ARG Q 270 7.97 -19.30 27.42
CA ARG Q 270 8.11 -19.71 26.04
C ARG Q 270 7.04 -20.71 25.64
N SER Q 271 6.67 -20.68 24.37
CA SER Q 271 5.69 -21.61 23.80
C SER Q 271 6.39 -22.75 23.07
N GLU Q 272 5.59 -23.68 22.55
CA GLU Q 272 6.14 -24.80 21.80
C GLU Q 272 6.68 -24.38 20.43
N ARG Q 273 6.14 -23.31 19.86
CA ARG Q 273 6.60 -22.82 18.55
C ARG Q 273 8.03 -22.30 18.59
N GLU Q 274 8.59 -22.06 19.77
CA GLU Q 274 9.95 -21.57 19.92
C GLU Q 274 10.95 -22.65 19.57
N ARG Q 275 11.45 -22.62 18.34
CA ARG Q 275 12.40 -23.60 17.81
C ARG Q 275 13.52 -23.01 16.97
N ARG Q 276 13.65 -21.69 16.94
CA ARG Q 276 14.68 -20.97 16.19
C ARG Q 276 15.99 -20.81 16.93
N GLU Q 277 16.22 -21.59 17.97
CA GLU Q 277 17.43 -21.54 18.79
C GLU Q 277 18.29 -22.79 18.77
N ASN Q 278 17.67 -23.97 18.74
CA ASN Q 278 18.35 -25.24 18.76
C ASN Q 278 17.94 -26.15 17.62
N GLU Q 279 16.67 -26.16 17.27
CA GLU Q 279 16.16 -27.01 16.22
C GLU Q 279 16.60 -26.56 14.85
N GLY Q 280 16.21 -25.34 14.48
CA GLY Q 280 16.55 -24.79 13.18
C GLY Q 280 15.51 -23.79 12.71
N TRP Q 281 15.46 -23.60 11.39
CA TRP Q 281 14.53 -22.66 10.79
C TRP Q 281 13.09 -23.17 10.93
N LEU Q 282 12.16 -22.24 11.14
CA LEU Q 282 10.74 -22.57 11.24
C LEU Q 282 9.90 -21.31 10.98
N ALA Q 283 9.10 -21.34 9.92
CA ALA Q 283 8.23 -20.21 9.58
C ALA Q 283 6.91 -20.35 10.35
N PRO Q 284 6.58 -19.40 11.24
CA PRO Q 284 5.33 -19.49 11.98
C PRO Q 284 4.17 -18.92 11.16
N PRO Q 285 2.99 -19.52 11.21
CA PRO Q 285 1.83 -19.00 10.50
C PRO Q 285 1.19 -17.82 11.25
N GLU Q 286 0.54 -16.94 10.51
CA GLU Q 286 -0.15 -15.77 11.06
C GLU Q 286 -1.50 -15.54 10.40
N ALA Q 287 -2.08 -16.58 9.81
CA ALA Q 287 -3.37 -16.49 9.15
C ALA Q 287 -4.08 -17.85 9.15
N PRO Q 288 -4.45 -18.37 10.32
CA PRO Q 288 -5.18 -19.64 10.38
C PRO Q 288 -6.44 -19.64 9.51
N PRO Q 289 -7.36 -18.68 9.69
CA PRO Q 289 -8.60 -18.70 8.94
C PRO Q 289 -8.38 -18.30 7.48
N LEU Q 290 -8.88 -19.12 6.56
CA LEU Q 290 -8.86 -18.86 5.13
C LEU Q 290 -10.29 -19.00 4.61
N VAL Q 291 -11.05 -17.92 4.69
CA VAL Q 291 -12.45 -17.90 4.27
C VAL Q 291 -12.51 -17.67 2.77
N LEU Q 292 -13.03 -18.65 2.03
CA LEU Q 292 -13.21 -18.56 0.58
C LEU Q 292 -14.67 -18.83 0.24
N PRO Q 293 -15.30 -18.02 -0.63
CA PRO Q 293 -16.69 -18.24 -1.00
C PRO Q 293 -16.82 -19.40 -1.98
N ASN Q 294 -18.05 -19.74 -2.32
CA ASN Q 294 -18.36 -20.79 -3.28
C ASN Q 294 -19.58 -20.37 -4.09
N TRP Q 295 -20.05 -21.25 -4.96
CA TRP Q 295 -21.22 -20.97 -5.81
C TRP Q 295 -22.55 -21.19 -5.10
N GLN Q 296 -22.60 -22.08 -4.12
CA GLN Q 296 -23.86 -22.40 -3.44
C GLN Q 296 -24.19 -21.40 -2.34
N THR Q 297 -23.19 -20.68 -1.82
CA THR Q 297 -23.38 -19.72 -0.72
C THR Q 297 -22.95 -18.32 -1.12
N MET Q 298 -23.31 -17.92 -2.34
CA MET Q 298 -22.99 -16.59 -2.86
C MET Q 298 -24.17 -15.66 -2.70
N HIS Q 299 -23.90 -14.41 -2.33
CA HIS Q 299 -24.97 -13.43 -2.15
C HIS Q 299 -25.67 -13.14 -3.48
N PRO Q 300 -27.00 -12.98 -3.48
CA PRO Q 300 -27.71 -12.64 -4.70
C PRO Q 300 -27.32 -11.26 -5.24
N VAL Q 301 -27.60 -11.01 -6.51
CA VAL Q 301 -27.29 -9.71 -7.12
C VAL Q 301 -28.10 -8.60 -6.46
N ASP Q 302 -29.40 -8.81 -6.25
CA ASP Q 302 -30.28 -7.84 -5.63
C ASP Q 302 -30.15 -7.91 -4.11
N MET Q 303 -29.14 -7.25 -3.58
CA MET Q 303 -28.85 -7.25 -2.13
C MET Q 303 -29.74 -6.29 -1.36
N GLU Q 304 -30.43 -5.36 -2.02
CA GLU Q 304 -31.28 -4.40 -1.33
C GLU Q 304 -32.45 -5.10 -0.64
N ALA Q 305 -33.10 -6.05 -1.31
CA ALA Q 305 -34.23 -6.78 -0.74
C ALA Q 305 -33.80 -7.80 0.31
N TRP Q 306 -32.54 -8.24 0.30
CA TRP Q 306 -32.07 -9.23 1.28
C TRP Q 306 -32.14 -8.68 2.70
N GLU Q 307 -31.76 -7.41 2.90
CA GLU Q 307 -31.80 -6.80 4.23
C GLU Q 307 -33.23 -6.69 4.77
N LYS Q 308 -34.21 -6.54 3.88
CA LYS Q 308 -35.62 -6.40 4.28
C LYS Q 308 -36.25 -7.72 4.71
N LYS Q 309 -35.56 -8.85 4.50
CA LYS Q 309 -36.05 -10.20 4.85
C LYS Q 309 -35.35 -10.74 6.09
N GLN Q 310 -35.01 -9.87 7.04
CA GLN Q 310 -34.34 -10.26 8.27
C GLN Q 310 -35.00 -9.58 9.45
N ARG Q 311 -34.93 -10.22 10.62
CA ARG Q 311 -35.51 -9.68 11.85
C ARG Q 311 -34.68 -8.52 12.40
N ARG Q 312 -33.36 -8.58 12.26
CA ARG Q 312 -32.45 -7.57 12.78
C ARG Q 312 -31.21 -7.48 11.92
N VAL Q 313 -30.42 -6.46 12.15
CA VAL Q 313 -29.18 -6.24 11.40
C VAL Q 313 -28.19 -7.36 11.72
N VAL Q 314 -27.66 -7.99 10.68
CA VAL Q 314 -26.70 -9.10 10.82
C VAL Q 314 -25.34 -8.71 10.24
N ARG Q 315 -25.29 -8.40 8.95
CA ARG Q 315 -24.04 -7.97 8.32
C ARG Q 315 -23.66 -6.58 8.79
N THR Q 316 -22.39 -6.41 9.13
CA THR Q 316 -21.87 -5.13 9.62
C THR Q 316 -20.46 -4.95 9.11
N ARG Q 317 -20.00 -3.70 9.07
CA ARG Q 317 -18.64 -3.38 8.65
C ARG Q 317 -17.62 -4.23 9.42
N HIS Q 318 -16.45 -4.43 8.82
CA HIS Q 318 -15.41 -5.25 9.43
C HIS Q 318 -14.86 -4.57 10.68
N VAL Q 319 -15.28 -5.05 11.84
CA VAL Q 319 -14.84 -4.53 13.14
C VAL Q 319 -14.58 -5.73 14.04
N LYS Q 320 -13.31 -5.98 14.35
CA LYS Q 320 -12.89 -7.09 15.22
C LYS Q 320 -11.91 -6.57 16.26
N ALA Q 321 -12.09 -6.98 17.50
CA ALA Q 321 -11.25 -6.56 18.61
C ALA Q 321 -10.20 -7.62 18.91
N LYS Q 322 -8.95 -7.19 19.04
CA LYS Q 322 -7.83 -8.07 19.34
C LYS Q 322 -7.67 -8.24 20.85
N ILE Q 323 -6.85 -9.22 21.23
CA ILE Q 323 -6.55 -9.50 22.63
C ILE Q 323 -5.23 -8.82 22.99
N ILE Q 324 -5.25 -8.10 24.12
CA ILE Q 324 -4.08 -7.40 24.63
C ILE Q 324 -3.58 -8.16 25.85
N ARG Q 325 -2.30 -8.55 25.83
CA ARG Q 325 -1.70 -9.27 26.94
C ARG Q 325 -1.46 -8.34 28.12
N GLN Q 326 -1.83 -8.80 29.31
CA GLN Q 326 -1.61 -8.08 30.55
C GLN Q 326 -0.22 -8.39 31.09
N ALA Q 327 0.06 -8.02 32.34
CA ALA Q 327 1.37 -8.28 32.93
C ALA Q 327 1.73 -9.77 32.89
N ASP Q 328 0.73 -10.65 32.90
CA ASP Q 328 0.96 -12.08 32.83
C ASP Q 328 1.79 -12.59 34.01
N GLY Q 329 1.56 -12.02 35.19
CA GLY Q 329 2.26 -12.41 36.40
C GLY Q 329 3.56 -11.65 36.65
N ARG Q 330 4.01 -10.79 35.72
CA ARG Q 330 5.25 -10.04 35.93
C ARG Q 330 5.10 -8.98 37.01
N LYS Q 331 3.89 -8.44 37.20
CA LYS Q 331 3.64 -7.45 38.25
C LYS Q 331 3.94 -8.01 39.63
N LEU Q 332 3.51 -9.23 39.93
CA LEU Q 332 3.77 -9.90 41.18
C LEU Q 332 5.23 -10.30 41.31
N ALA Q 333 5.87 -10.69 40.21
CA ALA Q 333 7.27 -11.07 40.26
C ALA Q 333 8.17 -9.92 40.71
N ALA Q 334 7.89 -8.69 40.26
CA ALA Q 334 8.71 -7.55 40.65
C ALA Q 334 8.69 -7.34 42.17
N THR Q 335 7.51 -7.49 42.79
CA THR Q 335 7.41 -7.33 44.24
C THR Q 335 8.22 -8.39 44.98
N MET Q 336 8.21 -9.63 44.51
CA MET Q 336 8.95 -10.72 45.12
C MET Q 336 10.46 -10.54 45.01
N ALA Q 337 10.94 -9.91 43.93
CA ALA Q 337 12.37 -9.69 43.77
C ALA Q 337 12.95 -8.81 44.88
N LEU Q 338 12.19 -7.81 45.34
CA LEU Q 338 12.66 -6.93 46.41
C LEU Q 338 12.85 -7.67 47.74
N HIS Q 339 12.10 -8.75 47.97
CA HIS Q 339 12.24 -9.49 49.23
C HIS Q 339 13.61 -10.12 49.36
N GLY Q 340 14.15 -10.68 48.27
CA GLY Q 340 15.46 -11.31 48.31
C GLY Q 340 16.58 -10.32 48.63
N ARG Q 341 16.42 -9.05 48.24
CA ARG Q 341 17.44 -8.04 48.52
C ARG Q 341 17.64 -7.83 50.02
N GLN Q 342 16.55 -7.80 50.78
CA GLN Q 342 16.64 -7.59 52.24
C GLN Q 342 17.25 -8.79 52.97
N ALA Q 343 17.11 -10.00 52.44
CA ALA Q 343 17.65 -11.22 52.98
C ALA Q 343 19.07 -11.52 52.50
N ILE Q 344 19.98 -10.56 52.65
CA ILE Q 344 21.39 -10.74 52.28
C ILE Q 344 22.32 -10.36 53.42
N HIS Q 345 22.06 -9.21 54.06
CA HIS Q 345 22.85 -8.73 55.19
C HIS Q 345 22.38 -9.24 56.55
N ARG Q 346 21.62 -10.34 56.58
CA ARG Q 346 21.10 -10.94 57.81
C ARG Q 346 21.96 -12.09 58.34
N ASP Q 347 23.03 -12.46 57.64
CA ASP Q 347 23.90 -13.56 58.07
C ASP Q 347 23.12 -14.86 58.22
N ALA Q 348 22.34 -15.20 57.20
CA ALA Q 348 21.55 -16.41 57.16
C ALA Q 348 22.37 -17.60 56.68
N ALA Q 349 21.72 -18.75 56.60
CA ALA Q 349 22.34 -19.96 56.13
C ALA Q 349 22.68 -19.88 54.65
N VAL Q 350 23.64 -20.69 54.23
CA VAL Q 350 24.07 -20.73 52.85
C VAL Q 350 22.98 -21.28 51.94
N SER Q 351 22.23 -22.28 52.40
CA SER Q 351 21.17 -22.88 51.61
C SER Q 351 20.08 -21.88 51.28
N SER Q 352 19.70 -21.03 52.23
CA SER Q 352 18.67 -20.02 52.02
C SER Q 352 19.12 -18.91 51.08
N LEU Q 353 20.41 -18.61 51.02
CA LEU Q 353 20.96 -17.56 50.19
C LEU Q 353 21.04 -17.94 48.71
N VAL Q 354 20.94 -19.22 48.37
CA VAL Q 354 21.03 -19.64 46.97
C VAL Q 354 19.88 -19.11 46.13
N SER Q 355 18.70 -18.96 46.74
CA SER Q 355 17.51 -18.49 46.07
C SER Q 355 17.65 -17.05 45.59
N VAL Q 356 18.38 -16.23 46.31
CA VAL Q 356 18.59 -14.84 45.95
C VAL Q 356 19.33 -14.72 44.63
N ALA Q 357 20.38 -15.52 44.44
CA ALA Q 357 21.14 -15.50 43.22
C ALA Q 357 20.32 -15.92 42.01
N ALA Q 358 19.44 -16.92 42.16
CA ALA Q 358 18.64 -17.40 41.04
C ALA Q 358 17.73 -16.31 40.48
N MET Q 359 17.08 -15.55 41.37
CA MET Q 359 16.23 -14.45 40.99
C MET Q 359 17.01 -13.32 40.31
N CYS Q 360 18.18 -12.97 40.85
CA CYS Q 360 19.03 -11.93 40.28
C CYS Q 360 19.61 -12.32 38.92
N ALA Q 361 19.74 -13.61 38.66
CA ALA Q 361 20.27 -14.16 37.42
C ALA Q 361 19.21 -14.42 36.36
N SER Q 362 18.05 -13.78 36.45
CA SER Q 362 17.00 -13.91 35.47
C SER Q 362 17.41 -13.29 34.14
N ASN Q 363 16.79 -13.75 33.07
CA ASN Q 363 17.07 -13.28 31.73
C ASN Q 363 15.84 -12.90 30.90
N SER Q 364 14.63 -13.13 31.39
CA SER Q 364 13.43 -12.83 30.59
C SER Q 364 12.32 -12.15 31.37
N GLN Q 365 12.45 -11.95 32.68
CA GLN Q 365 11.40 -11.32 33.48
C GLN Q 365 11.85 -9.98 34.04
N ARG Q 366 12.97 -9.95 34.76
CA ARG Q 366 13.47 -8.74 35.39
C ARG Q 366 13.94 -7.73 34.37
N ALA Q 367 14.58 -8.20 33.30
CA ALA Q 367 15.14 -7.32 32.28
C ALA Q 367 16.13 -6.35 32.97
N LEU Q 368 16.24 -5.11 32.49
CA LEU Q 368 17.12 -4.10 33.10
C LEU Q 368 16.42 -2.75 33.25
N ARG Q 369 15.16 -2.78 33.67
CA ARG Q 369 14.40 -1.54 33.85
C ARG Q 369 15.07 -0.63 34.88
N GLY Q 370 15.17 -1.10 36.11
CA GLY Q 370 15.82 -0.37 37.18
C GLY Q 370 17.29 -0.76 37.33
N GLU Q 371 18.08 0.16 37.88
CA GLU Q 371 19.50 -0.06 38.15
C GLU Q 371 19.74 -0.70 39.51
N LEU Q 372 19.03 -1.79 39.80
CA LEU Q 372 19.16 -2.52 41.06
C LEU Q 372 19.84 -3.88 40.93
N LEU Q 373 19.88 -4.46 39.74
CA LEU Q 373 20.52 -5.75 39.52
C LEU Q 373 22.01 -5.75 39.89
N PRO Q 374 22.83 -4.81 39.37
CA PRO Q 374 24.23 -4.80 39.77
C PRO Q 374 24.42 -4.49 41.25
N GLU Q 375 23.58 -3.62 41.83
CA GLU Q 375 23.71 -3.28 43.25
C GLU Q 375 23.44 -4.49 44.14
N THR Q 376 22.39 -5.25 43.84
CA THR Q 376 22.06 -6.44 44.64
C THR Q 376 23.13 -7.51 44.48
N LEU Q 377 23.63 -7.72 43.26
CA LEU Q 377 24.67 -8.70 43.01
C LEU Q 377 25.97 -8.36 43.72
N ASN Q 378 26.35 -7.08 43.70
CA ASN Q 378 27.56 -6.66 44.40
C ASN Q 378 27.45 -6.91 45.91
N LEU Q 379 26.30 -6.59 46.50
CA LEU Q 379 26.11 -6.83 47.93
C LEU Q 379 26.17 -8.33 48.27
N LEU Q 380 25.55 -9.17 47.43
CA LEU Q 380 25.56 -10.60 47.64
C LEU Q 380 26.97 -11.16 47.58
N ALA Q 381 27.77 -10.73 46.60
CA ALA Q 381 29.14 -11.18 46.51
C ALA Q 381 29.98 -10.74 47.71
N ALA Q 382 29.77 -9.51 48.20
CA ALA Q 382 30.54 -9.01 49.33
C ALA Q 382 30.31 -9.87 50.58
N GLU Q 383 29.06 -10.21 50.87
CA GLU Q 383 28.75 -11.06 52.03
C GLU Q 383 29.20 -12.51 51.81
N LEU Q 384 29.05 -13.04 50.59
CA LEU Q 384 29.45 -14.40 50.28
C LEU Q 384 30.95 -14.60 50.42
N LEU Q 385 31.74 -13.61 50.01
CA LEU Q 385 33.20 -13.73 50.09
C LEU Q 385 33.65 -13.90 51.54
N GLY Q 386 33.08 -13.12 52.46
CA GLY Q 386 33.43 -13.17 53.87
C GLY Q 386 32.69 -14.27 54.59
N ARG Q 387 33.04 -15.53 54.34
CA ARG Q 387 32.43 -16.69 55.01
C ARG Q 387 33.43 -17.80 55.19
N SER Q 388 33.16 -18.68 56.14
CA SER Q 388 34.02 -19.82 56.40
C SER Q 388 33.93 -20.85 55.28
N ALA Q 389 35.01 -21.62 55.10
CA ALA Q 389 35.04 -22.66 54.08
C ALA Q 389 34.20 -23.88 54.44
N ASP Q 390 33.92 -24.09 55.73
CA ASP Q 390 33.14 -25.25 56.17
C ASP Q 390 31.72 -25.21 55.60
N ALA Q 391 31.07 -24.05 55.65
CA ALA Q 391 29.71 -23.89 55.14
C ALA Q 391 29.66 -23.63 53.63
N LEU Q 392 30.77 -23.24 53.02
CA LEU Q 392 30.84 -22.97 51.58
C LEU Q 392 31.22 -24.17 50.74
N SER Q 393 32.00 -25.09 51.26
CA SER Q 393 32.42 -26.28 50.53
C SER Q 393 31.23 -27.13 50.06
N PRO Q 394 30.26 -27.46 50.92
CA PRO Q 394 29.14 -28.27 50.48
C PRO Q 394 28.35 -27.63 49.34
N HIS Q 395 28.12 -26.32 49.42
CA HIS Q 395 27.40 -25.55 48.43
C HIS Q 395 28.38 -24.92 47.45
N LEU Q 396 28.69 -25.64 46.38
CA LEU Q 396 29.59 -25.18 45.33
C LEU Q 396 29.06 -25.32 43.90
N LEU Q 397 28.21 -26.31 43.62
CA LEU Q 397 27.68 -26.48 42.27
C LEU Q 397 26.56 -25.48 41.97
N SER Q 398 25.66 -25.25 42.92
CA SER Q 398 24.52 -24.36 42.71
C SER Q 398 24.94 -22.89 42.65
N LEU Q 399 25.80 -22.46 43.58
CA LEU Q 399 26.29 -21.09 43.64
C LEU Q 399 27.11 -20.73 42.42
N SER Q 400 28.04 -21.60 42.02
CA SER Q 400 28.86 -21.36 40.85
C SER Q 400 28.07 -21.41 39.56
N PHE Q 401 27.03 -22.24 39.47
CA PHE Q 401 26.20 -22.31 38.26
C PHE Q 401 25.42 -21.02 38.00
N LEU Q 402 24.88 -20.39 39.05
CA LEU Q 402 24.08 -19.18 38.91
C LEU Q 402 24.94 -17.92 38.85
N LEU Q 403 26.00 -17.86 39.66
CA LEU Q 403 26.88 -16.70 39.71
C LEU Q 403 27.69 -16.50 38.44
N SER Q 404 27.88 -17.54 37.65
CA SER Q 404 28.60 -17.50 36.40
C SER Q 404 27.78 -16.99 35.21
N GLN Q 405 26.48 -16.79 35.39
CA GLN Q 405 25.57 -16.32 34.34
C GLN Q 405 25.50 -14.81 34.22
N SER Q 406 26.10 -14.08 35.13
CA SER Q 406 26.14 -12.62 35.15
C SER Q 406 27.54 -12.11 35.35
N SER Q 407 27.85 -10.97 34.74
CA SER Q 407 29.12 -10.29 34.83
C SER Q 407 28.98 -8.99 35.61
N VAL Q 408 29.89 -8.79 36.55
CA VAL Q 408 29.97 -7.61 37.38
C VAL Q 408 31.42 -7.27 37.67
N SER Q 409 31.68 -6.07 38.16
CA SER Q 409 33.03 -5.67 38.52
C SER Q 409 33.63 -6.57 39.60
N LEU Q 410 32.84 -6.92 40.61
CA LEU Q 410 33.27 -7.79 41.70
C LEU Q 410 33.13 -9.28 41.32
N THR Q 411 33.78 -9.65 40.23
CA THR Q 411 33.79 -11.00 39.70
C THR Q 411 35.09 -11.76 39.96
N GLU Q 412 36.24 -11.15 39.67
CA GLU Q 412 37.52 -11.79 39.86
C GLU Q 412 37.77 -12.12 41.32
N ARG Q 413 37.48 -11.18 42.22
CA ARG Q 413 37.67 -11.38 43.65
C ARG Q 413 36.77 -12.47 44.21
N LEU Q 414 35.54 -12.58 43.71
CA LEU Q 414 34.60 -13.59 44.16
C LEU Q 414 35.01 -14.99 43.73
N PHE Q 415 35.45 -15.15 42.49
CA PHE Q 415 35.83 -16.45 41.96
C PHE Q 415 37.15 -16.96 42.53
N LEU Q 416 38.08 -16.09 42.88
CA LEU Q 416 39.34 -16.50 43.46
C LEU Q 416 39.14 -17.27 44.76
N HIS Q 417 38.26 -16.79 45.62
CA HIS Q 417 37.95 -17.47 46.87
C HIS Q 417 37.28 -18.82 46.63
N LEU Q 418 36.37 -18.90 45.68
CA LEU Q 418 35.67 -20.13 45.36
C LEU Q 418 36.57 -21.20 44.74
N GLU Q 419 37.65 -20.80 44.08
CA GLU Q 419 38.58 -21.75 43.49
C GLU Q 419 39.47 -22.42 44.53
N ALA Q 420 39.85 -21.70 45.59
CA ALA Q 420 40.73 -22.27 46.61
C ALA Q 420 40.07 -23.44 47.33
N VAL Q 421 38.79 -23.31 47.67
CA VAL Q 421 38.07 -24.37 48.38
C VAL Q 421 37.94 -25.64 47.53
N LEU Q 422 37.99 -25.53 46.20
CA LEU Q 422 37.91 -26.67 45.32
C LEU Q 422 39.07 -27.63 45.52
N ARG Q 423 40.27 -27.11 45.74
CA ARG Q 423 41.46 -27.93 45.95
C ARG Q 423 41.30 -28.82 47.17
N GLY Q 424 40.80 -28.24 48.28
CA GLY Q 424 40.62 -29.00 49.52
C GLY Q 424 39.40 -29.91 49.48
N TRP Q 425 38.34 -29.52 48.79
CA TRP Q 425 37.13 -30.32 48.71
C TRP Q 425 37.37 -31.64 48.02
N LEU Q 426 38.10 -31.64 46.90
CA LEU Q 426 38.39 -32.88 46.18
C LEU Q 426 39.42 -33.73 46.92
N GLU Q 427 40.45 -33.09 47.50
CA GLU Q 427 41.48 -33.84 48.22
C GLU Q 427 40.90 -34.56 49.43
N GLU Q 428 40.03 -33.88 50.20
CA GLU Q 428 39.44 -34.50 51.39
C GLU Q 428 38.43 -35.60 51.02
N ASN Q 429 37.80 -35.50 49.85
CA ASN Q 429 36.84 -36.50 49.39
C ASN Q 429 37.49 -37.74 48.77
N GLY Q 430 38.82 -37.76 48.67
CA GLY Q 430 39.56 -38.88 48.10
C GLY Q 430 39.81 -38.76 46.60
N PHE Q 431 39.26 -37.75 45.92
CA PHE Q 431 39.53 -37.55 44.51
C PHE Q 431 41.00 -37.21 44.29
N VAL Q 432 41.57 -37.78 43.23
CA VAL Q 432 42.98 -37.55 42.89
C VAL Q 432 43.15 -36.15 42.30
N ALA Q 452 38.27 -47.39 49.33
CA ALA Q 452 37.65 -46.24 49.97
C ALA Q 452 36.77 -45.45 49.00
N SER Q 453 35.92 -46.16 48.26
CA SER Q 453 35.01 -45.56 47.29
C SER Q 453 33.73 -45.01 47.91
N GLU Q 454 33.51 -45.21 49.21
CA GLU Q 454 32.30 -44.72 49.88
C GLU Q 454 32.34 -43.21 50.09
N LYS Q 455 33.53 -42.63 50.28
CA LYS Q 455 33.65 -41.19 50.50
C LYS Q 455 33.17 -40.39 49.30
N ARG Q 456 33.54 -40.82 48.09
CA ARG Q 456 33.14 -40.16 46.85
C ARG Q 456 31.71 -40.44 46.44
N ARG Q 457 31.11 -41.50 46.95
CA ARG Q 457 29.73 -41.86 46.63
C ARG Q 457 28.72 -41.03 47.39
N LYS Q 458 28.89 -40.92 48.69
CA LYS Q 458 27.98 -40.15 49.53
C LYS Q 458 28.06 -38.66 49.26
N ALA Q 459 29.25 -38.16 48.95
CA ALA Q 459 29.43 -36.75 48.65
C ALA Q 459 28.63 -36.29 47.43
N SER Q 460 28.63 -37.10 46.37
CA SER Q 460 27.90 -36.79 45.17
C SER Q 460 26.38 -36.78 45.38
N GLU Q 461 25.87 -37.69 46.18
CA GLU Q 461 24.44 -37.80 46.42
C GLU Q 461 23.88 -36.55 47.08
N GLU Q 462 24.59 -36.00 48.05
CA GLU Q 462 24.15 -34.80 48.74
C GLU Q 462 24.09 -33.59 47.81
N GLN Q 463 25.04 -33.49 46.88
CA GLN Q 463 25.08 -32.41 45.92
C GLN Q 463 24.05 -32.53 44.81
N LEU Q 464 23.48 -33.72 44.60
CA LEU Q 464 22.56 -33.95 43.50
C LEU Q 464 21.10 -33.80 43.87
N ARG Q 465 20.70 -34.20 45.08
CA ARG Q 465 19.29 -34.16 45.50
C ARG Q 465 19.07 -33.34 46.76
N ASN Q 466 19.94 -33.48 47.75
CA ASN Q 466 19.78 -32.80 49.01
C ASN Q 466 19.96 -31.29 48.88
N LEU Q 467 20.99 -30.85 48.20
CA LEU Q 467 21.29 -29.44 48.02
C LEU Q 467 20.32 -28.76 47.07
N PRO Q 468 20.24 -29.16 45.79
CA PRO Q 468 19.42 -28.47 44.82
C PRO Q 468 17.94 -28.70 45.15
N PRO Q 469 17.17 -27.65 45.52
CA PRO Q 469 15.77 -27.84 45.90
C PRO Q 469 14.92 -28.32 44.72
N GLY Q 470 14.91 -27.54 43.64
CA GLY Q 470 14.14 -27.85 42.43
C GLY Q 470 14.82 -27.41 41.14
N LEU Q 471 16.08 -27.02 41.20
CA LEU Q 471 16.82 -26.51 40.05
C LEU Q 471 17.11 -27.59 39.02
N ASN Q 472 17.07 -27.16 37.76
CA ASN Q 472 17.37 -27.96 36.60
C ASN Q 472 18.61 -27.40 35.89
N VAL Q 473 19.74 -28.14 35.88
CA VAL Q 473 21.07 -27.58 35.57
C VAL Q 473 21.56 -28.03 34.19
N PHE Q 474 22.80 -27.71 33.76
CA PHE Q 474 23.32 -28.09 32.44
C PHE Q 474 23.07 -29.57 32.14
N GLY Q 475 22.47 -29.90 31.00
CA GLY Q 475 22.09 -31.28 30.65
C GLY Q 475 20.91 -31.87 31.44
N LEU Q 476 20.26 -31.08 32.29
CA LEU Q 476 19.14 -31.44 33.16
C LEU Q 476 19.49 -32.42 34.29
N VAL Q 477 20.74 -32.40 34.78
CA VAL Q 477 21.02 -32.94 36.12
C VAL Q 477 20.18 -32.14 37.11
N GLN Q 478 19.27 -32.80 37.83
CA GLN Q 478 18.24 -32.13 38.61
C GLN Q 478 17.79 -32.98 39.79
N SER Q 479 17.34 -32.32 40.85
CA SER Q 479 16.97 -32.96 42.11
C SER Q 479 15.78 -33.90 41.98
N ASP Q 501 25.61 -44.67 39.79
CA ASP Q 501 25.28 -45.22 41.08
C ASP Q 501 24.86 -46.68 41.01
N THR Q 502 24.38 -47.12 39.86
CA THR Q 502 23.92 -48.49 39.67
C THR Q 502 25.03 -49.49 39.89
N GLU Q 503 26.15 -49.31 39.19
CA GLU Q 503 27.32 -50.14 39.35
C GLU Q 503 28.50 -49.32 39.83
N SER Q 504 28.92 -48.33 39.06
CA SER Q 504 30.02 -47.44 39.37
C SER Q 504 30.14 -46.30 38.38
N ALA Q 505 30.39 -45.10 38.89
CA ALA Q 505 30.63 -43.93 38.08
C ALA Q 505 29.57 -43.69 37.02
N LEU Q 506 28.34 -43.47 37.44
CA LEU Q 506 27.23 -43.19 36.54
C LEU Q 506 26.56 -41.86 36.84
N TRP Q 507 26.39 -41.53 38.13
CA TRP Q 507 25.75 -40.28 38.55
C TRP Q 507 26.75 -39.20 38.92
N GLU Q 508 27.85 -39.57 39.57
CA GLU Q 508 28.88 -38.62 39.96
C GLU Q 508 29.58 -37.99 38.77
N SER Q 509 29.65 -38.69 37.64
CA SER Q 509 30.26 -38.18 36.43
C SER Q 509 29.52 -36.95 35.91
N ARG Q 510 28.19 -36.97 35.94
CA ARG Q 510 27.37 -35.85 35.47
C ARG Q 510 27.61 -34.59 36.29
N VAL Q 511 27.73 -34.74 37.60
CA VAL Q 511 27.98 -33.62 38.51
C VAL Q 511 29.30 -32.94 38.18
N LEU Q 512 30.36 -33.72 38.01
CA LEU Q 512 31.67 -33.20 37.66
C LEU Q 512 31.72 -32.62 36.26
N ALA Q 513 30.97 -33.18 35.32
CA ALA Q 513 30.95 -32.68 33.96
C ALA Q 513 30.45 -31.24 33.88
N ALA Q 514 29.38 -30.93 34.59
CA ALA Q 514 28.80 -29.58 34.60
C ALA Q 514 29.66 -28.58 35.38
N LEU Q 515 30.38 -29.03 36.42
CA LEU Q 515 31.18 -28.13 37.25
C LEU Q 515 32.28 -27.43 36.43
N LEU Q 516 32.97 -28.18 35.57
CA LEU Q 516 34.02 -27.62 34.75
C LEU Q 516 33.51 -26.56 33.80
N SER Q 517 32.36 -26.80 33.18
CA SER Q 517 31.77 -25.86 32.24
C SER Q 517 31.39 -24.54 32.91
N SER Q 518 30.97 -24.57 34.18
CA SER Q 518 30.59 -23.36 34.90
C SER Q 518 31.75 -22.38 35.10
N PHE Q 519 32.93 -22.90 35.46
CA PHE Q 519 34.11 -22.08 35.69
C PHE Q 519 34.69 -21.50 34.40
N LEU Q 520 34.54 -22.20 33.28
CA LEU Q 520 35.00 -21.78 31.97
C LEU Q 520 34.04 -20.84 31.26
N ARG Q 521 32.87 -20.58 31.84
CA ARG Q 521 31.81 -19.73 31.29
C ARG Q 521 32.03 -18.24 31.52
N VAL Q 522 32.87 -17.90 32.50
CA VAL Q 522 33.07 -16.53 32.92
C VAL Q 522 33.58 -15.68 31.77
N ASP Q 523 33.23 -14.40 31.80
CA ASP Q 523 33.56 -13.42 30.78
C ASP Q 523 34.06 -12.12 31.41
N ASP Q 524 34.86 -12.23 32.45
CA ASP Q 524 35.43 -11.10 33.16
C ASP Q 524 36.95 -11.14 33.21
N TYR Q 525 37.52 -12.33 33.35
CA TYR Q 525 38.96 -12.52 33.40
C TYR Q 525 39.29 -13.97 33.02
N ARG Q 526 40.53 -14.39 33.24
CA ARG Q 526 40.95 -15.76 32.95
C ARG Q 526 40.11 -16.74 33.77
N PRO Q 527 39.57 -17.80 33.18
CA PRO Q 527 38.76 -18.76 33.93
C PRO Q 527 39.52 -19.37 35.11
N SER Q 528 40.68 -19.96 34.82
CA SER Q 528 41.51 -20.62 35.81
C SER Q 528 42.91 -20.79 35.22
N LEU Q 529 43.78 -21.50 35.95
CA LEU Q 529 45.13 -21.81 35.51
C LEU Q 529 45.16 -23.06 34.63
N ASP Q 530 46.16 -23.14 33.76
CA ASP Q 530 46.38 -24.31 32.92
C ASP Q 530 46.68 -25.55 33.75
N PHE Q 531 47.43 -25.43 34.85
CA PHE Q 531 47.72 -26.56 35.71
C PHE Q 531 46.45 -27.16 36.32
N VAL Q 532 45.51 -26.30 36.70
CA VAL Q 532 44.23 -26.72 37.25
C VAL Q 532 43.44 -27.51 36.22
N LEU Q 533 43.46 -27.10 34.96
CA LEU Q 533 42.76 -27.80 33.90
C LEU Q 533 43.25 -29.23 33.75
N LEU Q 534 44.57 -29.43 33.72
CA LEU Q 534 45.14 -30.75 33.63
C LEU Q 534 44.79 -31.61 34.83
N LEU Q 535 44.86 -31.05 36.03
CA LEU Q 535 44.48 -31.76 37.24
C LEU Q 535 43.01 -32.12 37.22
N SER Q 536 42.14 -31.19 36.83
CA SER Q 536 40.71 -31.43 36.75
C SER Q 536 40.40 -32.46 35.68
N ASP Q 537 41.01 -32.36 34.50
CA ASP Q 537 40.82 -33.30 33.42
C ASP Q 537 41.26 -34.70 33.81
N ALA Q 538 42.42 -34.83 34.43
CA ALA Q 538 42.90 -36.11 34.91
C ALA Q 538 42.08 -36.67 36.05
N LEU Q 539 41.39 -35.82 36.81
CA LEU Q 539 40.53 -36.25 37.90
C LEU Q 539 39.41 -37.14 37.40
N ARG Q 540 38.75 -36.74 36.32
CA ARG Q 540 37.69 -37.49 35.67
C ARG Q 540 38.14 -38.44 34.59
N ASN Q 541 39.39 -38.36 34.16
CA ASN Q 541 39.90 -39.22 33.11
C ASN Q 541 39.84 -40.69 33.50
N SER Q 542 40.38 -41.03 34.66
CA SER Q 542 40.34 -42.38 35.19
C SER Q 542 38.97 -42.75 35.73
N LEU Q 543 38.21 -41.79 36.25
CA LEU Q 543 36.88 -42.05 36.78
C LEU Q 543 35.93 -42.52 35.69
N ARG Q 544 35.94 -41.87 34.53
CA ARG Q 544 35.08 -42.26 33.42
C ARG Q 544 35.51 -43.57 32.76
N ARG Q 545 36.76 -44.02 32.97
CA ARG Q 545 37.23 -45.27 32.38
C ARG Q 545 36.44 -46.48 32.88
N THR Q 546 36.11 -46.48 34.17
CA THR Q 546 35.38 -47.55 34.86
C THR Q 546 33.88 -47.33 34.90
N ALA Q 547 33.33 -46.57 33.95
CA ALA Q 547 31.90 -46.26 33.89
C ALA Q 547 31.10 -47.33 33.14
N VAL Q 548 31.28 -48.60 33.49
CA VAL Q 548 30.56 -49.72 32.89
C VAL Q 548 30.77 -49.73 31.38
N LEU Q 549 32.03 -49.68 30.95
CA LEU Q 549 32.37 -49.60 29.53
C LEU Q 549 31.65 -48.44 28.85
N HIS Q 562 23.52 -52.34 26.98
CA HIS Q 562 23.38 -52.18 28.42
C HIS Q 562 21.96 -51.88 28.85
N GLU Q 563 21.61 -50.61 28.86
CA GLU Q 563 20.31 -50.07 29.24
C GLU Q 563 20.20 -48.64 28.71
N LYS Q 564 19.14 -47.94 29.11
CA LYS Q 564 18.91 -46.55 28.74
C LYS Q 564 19.72 -45.55 29.55
N ASP Q 565 20.42 -45.98 30.59
CA ASP Q 565 21.26 -45.14 31.41
C ASP Q 565 22.61 -44.91 30.75
N VAL Q 566 22.58 -44.18 29.64
CA VAL Q 566 23.75 -43.85 28.84
C VAL Q 566 23.81 -42.34 28.67
N LEU Q 567 25.01 -41.77 28.74
CA LEU Q 567 25.20 -40.33 28.63
C LEU Q 567 24.78 -39.86 27.24
N SER Q 568 23.65 -39.16 27.17
CA SER Q 568 23.11 -38.68 25.91
C SER Q 568 23.93 -37.51 25.37
N LEU Q 569 23.77 -37.19 24.09
CA LEU Q 569 24.49 -36.08 23.47
C LEU Q 569 24.06 -34.72 24.02
N LYS Q 570 22.84 -34.60 24.57
CA LYS Q 570 22.32 -33.34 25.11
C LYS Q 570 23.22 -32.80 26.22
N GLU Q 571 23.50 -33.61 27.22
CA GLU Q 571 24.40 -33.21 28.32
C GLU Q 571 25.88 -33.23 27.90
N THR Q 572 26.24 -34.06 26.94
CA THR Q 572 27.63 -34.13 26.47
C THR Q 572 28.05 -32.82 25.81
N GLY Q 573 27.18 -32.23 24.99
CA GLY Q 573 27.46 -31.00 24.29
C GLY Q 573 27.63 -29.78 25.16
N ALA Q 574 27.09 -29.79 26.38
CA ALA Q 574 27.24 -28.66 27.29
C ALA Q 574 28.71 -28.43 27.68
N LEU Q 575 29.45 -29.50 27.93
CA LEU Q 575 30.86 -29.40 28.24
C LEU Q 575 31.68 -29.00 27.02
N LEU Q 576 31.39 -29.59 25.87
CA LEU Q 576 32.15 -29.32 24.65
C LEU Q 576 31.97 -27.87 24.18
N SER Q 577 30.83 -27.27 24.46
CA SER Q 577 30.54 -25.89 24.09
C SER Q 577 31.42 -24.89 24.81
N SER Q 578 31.72 -25.11 26.10
CA SER Q 578 32.53 -24.17 26.88
C SER Q 578 33.96 -24.08 26.36
N PHE Q 579 34.54 -25.21 25.98
CA PHE Q 579 35.90 -25.27 25.47
C PHE Q 579 36.07 -24.63 24.10
N ALA Q 580 34.98 -24.43 23.37
CA ALA Q 580 34.99 -23.81 22.06
C ALA Q 580 34.90 -22.29 22.09
N THR Q 581 34.80 -21.68 23.25
CA THR Q 581 34.69 -20.23 23.40
C THR Q 581 35.66 -19.59 24.40
N SER Q 582 36.20 -20.35 25.33
CA SER Q 582 37.13 -19.85 26.34
C SER Q 582 38.57 -19.78 25.88
N GLY Q 583 38.86 -20.26 24.68
CA GLY Q 583 40.21 -20.28 24.15
C GLY Q 583 41.09 -21.39 24.69
N TYR Q 584 40.51 -22.37 25.38
CA TYR Q 584 41.26 -23.51 25.92
C TYR Q 584 41.06 -24.71 25.03
N ALA Q 585 42.16 -25.28 24.53
CA ALA Q 585 42.11 -26.45 23.70
C ALA Q 585 41.93 -27.71 24.55
N VAL Q 586 41.08 -28.61 24.09
CA VAL Q 586 40.85 -29.89 24.78
C VAL Q 586 42.14 -30.72 24.76
N PRO Q 587 42.38 -31.56 25.77
CA PRO Q 587 43.59 -32.36 25.82
C PRO Q 587 43.55 -33.51 24.80
N PRO Q 588 44.69 -34.16 24.53
CA PRO Q 588 44.71 -35.28 23.58
C PRO Q 588 43.87 -36.49 24.03
N SER Q 589 43.54 -36.58 25.32
CA SER Q 589 42.77 -37.68 25.87
C SER Q 589 41.48 -37.87 25.11
N LEU Q 590 41.23 -39.11 24.68
CA LEU Q 590 40.04 -39.46 23.89
C LEU Q 590 39.16 -40.48 24.60
N MET Q 591 39.51 -40.93 25.80
CA MET Q 591 38.73 -41.94 26.52
C MET Q 591 37.30 -41.47 26.76
N ALA Q 592 37.08 -40.16 26.93
CA ALA Q 592 35.75 -39.62 27.10
C ALA Q 592 34.86 -39.84 25.87
N CYS Q 593 35.43 -39.82 24.66
CA CYS Q 593 34.67 -40.00 23.42
C CYS Q 593 34.37 -41.46 23.11
N LEU Q 594 35.07 -42.41 23.75
CA LEU Q 594 34.91 -43.84 23.52
C LEU Q 594 33.91 -44.50 24.47
N VAL Q 595 33.21 -43.72 25.30
CA VAL Q 595 32.25 -44.21 26.31
C VAL Q 595 30.89 -43.52 26.15
N GLU Q 596 30.61 -42.95 24.99
CA GLU Q 596 29.48 -42.04 24.79
C GLU Q 596 29.03 -42.10 23.33
N HIS Q 597 27.90 -41.48 22.97
CA HIS Q 597 27.45 -41.34 21.58
C HIS Q 597 27.40 -42.69 20.86
N PHE Q 598 28.32 -42.95 19.92
CA PHE Q 598 28.40 -44.13 19.08
C PHE Q 598 28.20 -45.46 19.85
N LEU Q 599 28.59 -45.53 21.13
CA LEU Q 599 28.64 -46.78 21.88
C LEU Q 599 27.26 -47.44 21.98
N TYR Q 600 26.27 -46.73 22.54
CA TYR Q 600 24.90 -47.23 22.65
C TYR Q 600 23.84 -46.20 22.29
N ASP Q 601 24.18 -44.92 22.14
CA ASP Q 601 23.17 -43.91 21.83
C ASP Q 601 22.69 -43.97 20.37
N VAL Q 602 23.42 -44.69 19.50
CA VAL Q 602 23.09 -44.83 18.08
C VAL Q 602 22.62 -46.24 17.75
N ASP Q 603 23.38 -47.26 18.17
CA ASP Q 603 23.02 -48.64 17.86
C ASP Q 603 21.69 -49.03 18.51
N LEU Q 604 21.48 -48.63 19.77
CA LEU Q 604 20.24 -48.93 20.49
C LEU Q 604 19.03 -48.25 19.88
N PHE Q 605 19.19 -47.04 19.38
CA PHE Q 605 18.10 -46.31 18.74
C PHE Q 605 17.54 -47.05 17.55
N LEU Q 606 18.41 -47.59 16.71
CA LEU Q 606 18.00 -48.36 15.54
C LEU Q 606 17.44 -49.73 15.90
N THR Q 607 17.92 -50.33 16.98
CA THR Q 607 17.48 -51.65 17.42
C THR Q 607 16.05 -51.62 17.94
N SER Q 608 15.67 -50.57 18.66
CA SER Q 608 14.36 -50.44 19.25
C SER Q 608 13.32 -50.10 18.19
N SER Q 609 12.66 -51.13 17.66
CA SER Q 609 11.63 -50.95 16.63
C SER Q 609 12.20 -50.22 15.41
N SER Q 621 12.94 -46.41 0.79
CA SER Q 621 12.73 -45.27 -0.08
C SER Q 621 13.61 -44.08 0.31
N SER Q 622 13.78 -43.13 -0.59
CA SER Q 622 14.59 -41.94 -0.32
C SER Q 622 14.02 -41.09 0.81
N SER Q 623 12.69 -40.92 0.85
CA SER Q 623 12.03 -40.13 1.88
C SER Q 623 12.07 -40.78 3.26
N SER Q 624 12.33 -42.09 3.34
CA SER Q 624 12.38 -42.79 4.63
C SER Q 624 13.61 -42.42 5.45
N ALA Q 625 14.73 -42.08 4.81
CA ALA Q 625 15.94 -41.72 5.52
C ALA Q 625 15.76 -40.46 6.36
N GLU Q 626 15.07 -39.45 5.84
CA GLU Q 626 14.85 -38.21 6.56
C GLU Q 626 14.05 -38.43 7.83
N GLU Q 627 13.01 -39.27 7.77
CA GLU Q 627 12.19 -39.53 8.95
C GLU Q 627 12.94 -40.31 10.03
N ALA Q 628 13.92 -41.12 9.67
CA ALA Q 628 14.67 -41.92 10.62
C ALA Q 628 15.41 -41.04 11.62
N GLU Q 629 16.17 -40.07 11.14
CA GLU Q 629 16.90 -39.15 11.99
C GLU Q 629 15.99 -38.13 12.67
N GLN Q 630 14.92 -37.72 12.01
CA GLN Q 630 13.98 -36.78 12.57
C GLN Q 630 13.29 -37.32 13.82
N LEU Q 631 12.96 -38.61 13.82
CA LEU Q 631 12.30 -39.24 14.96
C LEU Q 631 13.14 -39.18 16.23
N SER Q 632 14.45 -39.02 16.13
CA SER Q 632 15.31 -38.99 17.28
C SER Q 632 14.97 -37.88 18.25
N GLN Q 633 14.78 -36.66 17.73
CA GLN Q 633 14.45 -35.48 18.50
C GLN Q 633 12.97 -35.21 18.44
N SER Q 634 12.17 -36.16 18.91
CA SER Q 634 10.71 -36.06 18.94
C SER Q 634 10.16 -36.02 20.35
N PHE Q 635 10.49 -37.02 21.16
CA PHE Q 635 10.00 -37.16 22.52
C PHE Q 635 11.13 -37.17 23.54
N PHE Q 636 12.06 -38.10 23.41
CA PHE Q 636 13.18 -38.22 24.33
C PHE Q 636 14.23 -37.16 24.10
N CYS Q 637 14.41 -36.71 22.87
CA CYS Q 637 15.32 -35.64 22.54
C CYS Q 637 16.75 -35.94 23.01
N SER Q 638 17.37 -36.97 22.45
CA SER Q 638 18.74 -37.32 22.80
C SER Q 638 19.73 -36.18 22.53
N SER Q 639 19.39 -35.27 21.64
CA SER Q 639 20.18 -34.11 21.31
C SER Q 639 19.29 -32.90 21.05
N ARG Q 640 19.88 -31.71 21.22
CA ARG Q 640 19.17 -30.44 21.02
C ARG Q 640 19.17 -30.02 19.55
N GLY Q 641 18.65 -30.88 18.69
CA GLY Q 641 18.59 -30.62 17.27
C GLY Q 641 19.97 -30.37 16.67
N ARG Q 642 20.25 -29.12 16.31
CA ARG Q 642 21.52 -28.66 15.77
C ARG Q 642 22.34 -27.83 16.75
N ALA Q 643 21.97 -27.80 18.01
CA ALA Q 643 22.68 -27.05 19.03
C ALA Q 643 23.87 -27.80 19.61
N THR Q 644 23.62 -28.94 20.24
CA THR Q 644 24.69 -29.75 20.82
C THR Q 644 25.52 -30.49 19.78
N PRO Q 645 24.95 -31.20 18.80
CA PRO Q 645 25.76 -31.88 17.80
C PRO Q 645 26.52 -30.93 16.87
N GLY Q 646 26.10 -29.68 16.77
CA GLY Q 646 26.76 -28.71 15.94
C GLY Q 646 28.21 -28.47 16.33
N ASP Q 647 28.47 -28.37 17.62
CA ASP Q 647 29.82 -28.16 18.13
C ASP Q 647 30.63 -29.46 18.19
N CYS Q 648 29.99 -30.64 18.10
CA CYS Q 648 30.70 -31.91 18.15
C CYS Q 648 31.64 -32.05 16.95
N ALA Q 649 31.17 -31.70 15.75
CA ALA Q 649 32.00 -31.77 14.55
C ALA Q 649 33.16 -30.77 14.61
N THR Q 650 32.90 -29.55 15.10
CA THR Q 650 33.92 -28.51 15.17
C THR Q 650 35.04 -28.89 16.14
N LEU Q 651 34.70 -29.44 17.30
CA LEU Q 651 35.71 -29.83 18.28
C LEU Q 651 36.59 -30.97 17.78
N LEU Q 652 36.00 -32.00 17.16
CA LEU Q 652 36.77 -33.12 16.61
C LEU Q 652 37.74 -32.66 15.52
N HIS Q 653 37.41 -31.59 14.79
CA HIS Q 653 38.31 -31.03 13.78
C HIS Q 653 39.57 -30.43 14.38
N SER Q 654 39.42 -29.61 15.41
CA SER Q 654 40.52 -28.76 15.89
C SER Q 654 41.46 -29.49 16.85
N LEU Q 655 41.03 -30.62 17.42
CA LEU Q 655 41.62 -31.29 18.58
C LEU Q 655 43.15 -31.36 18.52
N ALA Q 656 43.67 -32.14 17.58
CA ALA Q 656 45.10 -32.18 17.29
C ALA Q 656 45.45 -30.95 16.45
N SER Q 657 45.50 -29.77 17.08
CA SER Q 657 45.60 -28.51 16.36
C SER Q 657 46.83 -28.44 15.43
N PRO Q 658 48.06 -28.72 15.89
CA PRO Q 658 49.22 -28.87 15.01
C PRO Q 658 49.11 -30.08 14.07
N SER Q 659 49.69 -30.01 12.86
CA SER Q 659 49.91 -31.16 11.95
C SER Q 659 50.99 -30.92 10.90
N PRO Q 660 52.01 -31.80 10.75
CA PRO Q 660 52.88 -31.88 9.57
C PRO Q 660 52.10 -32.24 8.30
N ASN Q 679 42.92 -46.38 17.86
CA ASN Q 679 43.78 -45.32 17.39
C ASN Q 679 43.04 -43.99 17.33
N LEU Q 680 43.70 -42.90 17.74
CA LEU Q 680 43.07 -41.58 17.70
C LEU Q 680 42.71 -41.18 16.27
N GLU Q 681 43.62 -41.40 15.33
CA GLU Q 681 43.37 -41.03 13.93
C GLU Q 681 42.20 -41.84 13.33
N LYS Q 682 42.16 -43.15 13.59
CA LYS Q 682 41.11 -44.03 13.09
C LYS Q 682 39.77 -43.70 13.70
N LEU Q 683 39.70 -43.50 15.01
CA LEU Q 683 38.45 -43.20 15.68
C LEU Q 683 37.88 -41.85 15.25
N ARG Q 684 38.73 -40.86 15.01
CA ARG Q 684 38.26 -39.54 14.58
C ARG Q 684 37.52 -39.61 13.25
N PHE Q 685 38.04 -40.37 12.30
CA PHE Q 685 37.41 -40.54 10.99
C PHE Q 685 36.03 -41.18 11.11
N GLU Q 686 35.92 -42.23 11.92
CA GLU Q 686 34.63 -42.91 12.10
C GLU Q 686 33.59 -41.98 12.74
N ALA Q 687 33.98 -41.20 13.76
CA ALA Q 687 33.06 -40.29 14.42
C ALA Q 687 32.57 -39.19 13.48
N MET Q 688 33.47 -38.58 12.69
CA MET Q 688 33.09 -37.48 11.80
C MET Q 688 32.09 -37.93 10.73
N THR Q 689 32.33 -39.08 10.12
CA THR Q 689 31.46 -39.62 9.08
C THR Q 689 30.10 -40.03 9.62
N GLN Q 690 30.06 -40.63 10.80
CA GLN Q 690 28.81 -41.07 11.39
C GLN Q 690 27.87 -39.88 11.64
N ALA Q 691 28.38 -38.80 12.20
CA ALA Q 691 27.55 -37.63 12.49
C ALA Q 691 27.20 -36.82 11.25
N TRP Q 692 28.00 -36.90 10.18
CA TRP Q 692 27.76 -36.14 8.96
C TRP Q 692 26.58 -36.65 8.16
N ARG Q 693 26.43 -37.97 8.07
CA ARG Q 693 25.33 -38.57 7.33
C ARG Q 693 23.97 -38.37 7.99
N LEU Q 694 23.94 -38.01 9.28
CA LEU Q 694 22.70 -37.79 10.03
C LEU Q 694 22.17 -36.35 9.95
N VAL Q 695 22.89 -35.46 9.26
CA VAL Q 695 22.53 -34.06 9.12
C VAL Q 695 22.31 -33.68 7.68
N ALA Q 696 22.99 -34.35 6.75
CA ALA Q 696 22.85 -34.09 5.34
C ALA Q 696 21.42 -34.26 4.83
N PRO Q 697 20.69 -35.34 5.16
CA PRO Q 697 19.35 -35.52 4.64
C PRO Q 697 18.40 -34.38 5.01
N VAL Q 698 18.57 -33.80 6.17
CA VAL Q 698 17.74 -32.71 6.71
C VAL Q 698 18.43 -31.37 6.62
N LEU Q 699 19.41 -31.25 5.74
CA LEU Q 699 20.19 -30.03 5.53
C LEU Q 699 19.51 -29.10 4.54
N HIS Q 700 18.24 -28.83 4.78
CA HIS Q 700 17.46 -27.91 3.95
C HIS Q 700 16.54 -27.00 4.77
N LEU Q 701 16.16 -27.43 5.98
CA LEU Q 701 15.25 -26.69 6.86
C LEU Q 701 15.94 -26.16 8.13
N LEU Q 702 17.25 -26.13 8.16
CA LEU Q 702 18.01 -25.69 9.31
C LEU Q 702 18.28 -24.20 9.27
N GLN Q 703 18.65 -23.64 10.42
CA GLN Q 703 18.97 -22.22 10.51
C GLN Q 703 20.23 -21.92 9.68
N PRO Q 704 20.27 -20.80 8.95
CA PRO Q 704 21.46 -20.45 8.19
C PRO Q 704 22.73 -20.38 9.04
N PRO Q 705 22.67 -19.80 10.26
CA PRO Q 705 23.85 -19.77 11.10
C PRO Q 705 24.41 -21.15 11.44
N CYS Q 706 23.53 -22.13 11.68
CA CYS Q 706 23.94 -23.49 11.98
C CYS Q 706 24.48 -24.22 10.75
N LYS Q 707 23.93 -23.95 9.58
CA LYS Q 707 24.37 -24.56 8.32
C LYS Q 707 25.81 -24.19 7.98
N LEU Q 708 26.20 -22.95 8.24
CA LEU Q 708 27.55 -22.49 7.96
C LEU Q 708 28.58 -23.28 8.76
N LEU Q 709 28.33 -23.53 10.04
CA LEU Q 709 29.26 -24.27 10.87
C LEU Q 709 29.44 -25.71 10.39
N ILE Q 710 28.35 -26.38 10.01
CA ILE Q 710 28.41 -27.75 9.53
C ILE Q 710 29.20 -27.82 8.23
N LEU Q 711 28.89 -26.96 7.28
CA LEU Q 711 29.59 -26.94 6.00
C LEU Q 711 31.04 -26.50 6.15
N ASN Q 712 31.33 -25.58 7.05
CA ASN Q 712 32.68 -25.08 7.28
C ASN Q 712 33.60 -26.19 7.76
N SER Q 713 33.15 -27.04 8.68
CA SER Q 713 33.95 -28.13 9.23
C SER Q 713 33.83 -29.44 8.43
N LEU Q 714 33.92 -29.35 7.11
CA LEU Q 714 34.01 -30.52 6.23
C LEU Q 714 35.15 -30.40 5.25
N GLN Q 715 35.40 -29.20 4.74
CA GLN Q 715 36.45 -28.90 3.79
C GLN Q 715 37.73 -28.46 4.49
N THR Q 716 38.24 -29.37 5.32
CA THR Q 716 39.44 -29.13 6.13
C THR Q 716 40.41 -30.29 5.99
N ALA Q 717 41.68 -30.07 6.31
CA ALA Q 717 42.69 -31.11 6.23
C ALA Q 717 42.45 -32.22 7.25
N HIS Q 718 41.98 -31.87 8.46
CA HIS Q 718 41.70 -32.86 9.50
C HIS Q 718 40.54 -33.78 9.13
N ALA Q 719 39.59 -33.30 8.34
CA ALA Q 719 38.45 -34.11 7.95
C ALA Q 719 38.92 -35.29 7.09
N PRO Q 720 38.22 -36.42 7.14
CA PRO Q 720 38.57 -37.58 6.36
C PRO Q 720 38.33 -37.33 4.88
N PRO Q 721 39.04 -38.02 3.98
CA PRO Q 721 38.85 -37.87 2.55
C PRO Q 721 37.65 -38.66 2.07
N ASP Q 722 37.35 -38.52 0.79
CA ASP Q 722 36.24 -39.21 0.15
C ASP Q 722 34.89 -38.91 0.80
N VAL Q 723 34.73 -37.68 1.24
CA VAL Q 723 33.50 -37.18 1.85
C VAL Q 723 32.93 -36.00 1.10
N SER Q 724 33.77 -35.27 0.38
CA SER Q 724 33.42 -34.11 -0.43
C SER Q 724 33.25 -34.43 -1.90
N SER Q 725 33.16 -35.71 -2.25
CA SER Q 725 32.97 -36.12 -3.64
C SER Q 725 31.62 -35.64 -4.18
N THR Q 726 31.36 -35.91 -5.45
CA THR Q 726 30.14 -35.50 -6.13
C THR Q 726 28.99 -36.46 -5.81
N ALA Q 727 28.70 -36.64 -4.54
CA ALA Q 727 27.61 -37.52 -4.10
C ALA Q 727 26.49 -36.73 -3.44
N PHE Q 728 26.79 -36.00 -2.36
CA PHE Q 728 25.80 -35.22 -1.64
C PHE Q 728 26.29 -33.84 -1.23
N PHE Q 729 27.61 -33.62 -1.27
CA PHE Q 729 28.23 -32.40 -0.78
C PHE Q 729 28.67 -31.44 -1.86
N GLN Q 730 29.13 -31.93 -3.01
CA GLN Q 730 29.62 -31.05 -4.06
C GLN Q 730 28.51 -30.15 -4.60
N ARG Q 731 27.38 -30.76 -4.97
CA ARG Q 731 26.23 -29.98 -5.47
C ARG Q 731 25.48 -29.24 -4.37
N SER Q 732 25.57 -29.72 -3.13
CA SER Q 732 24.91 -29.06 -2.00
C SER Q 732 25.66 -27.81 -1.53
N LEU Q 733 26.95 -27.69 -1.85
CA LEU Q 733 27.73 -26.52 -1.42
C LEU Q 733 27.25 -25.25 -2.12
N GLU Q 734 27.07 -25.31 -3.45
CA GLU Q 734 26.63 -24.15 -4.20
C GLU Q 734 25.21 -23.72 -3.83
N THR Q 735 24.39 -24.63 -3.31
CA THR Q 735 23.02 -24.31 -2.92
C THR Q 735 23.01 -23.27 -1.80
N PHE Q 736 23.86 -23.44 -0.79
CA PHE Q 736 23.94 -22.47 0.29
C PHE Q 736 24.51 -21.12 -0.18
N LEU Q 737 25.54 -21.16 -1.04
CA LEU Q 737 26.14 -19.94 -1.55
C LEU Q 737 25.14 -19.12 -2.37
N ARG Q 738 24.33 -19.77 -3.21
CA ARG Q 738 23.33 -19.05 -4.01
C ARG Q 738 22.31 -18.35 -3.12
N ASP Q 739 21.87 -19.01 -2.05
CA ASP Q 739 20.90 -18.40 -1.14
C ASP Q 739 21.49 -17.18 -0.42
N ASN Q 740 22.78 -17.23 -0.06
CA ASN Q 740 23.48 -16.16 0.65
C ASN Q 740 24.75 -15.79 -0.11
N PRO Q 741 24.63 -15.09 -1.25
CA PRO Q 741 25.81 -14.72 -2.02
C PRO Q 741 26.70 -13.70 -1.33
N ASP Q 742 26.19 -12.98 -0.33
CA ASP Q 742 26.97 -11.95 0.38
C ASP Q 742 28.13 -12.52 1.17
N VAL Q 743 28.10 -13.80 1.52
CA VAL Q 743 29.19 -14.43 2.27
C VAL Q 743 30.37 -14.70 1.34
N ASP Q 744 31.55 -14.87 1.92
CA ASP Q 744 32.74 -15.20 1.16
C ASP Q 744 32.60 -16.58 0.50
N SER Q 745 32.88 -16.64 -0.79
CA SER Q 745 32.79 -17.88 -1.57
C SER Q 745 34.14 -18.58 -1.71
N SER Q 746 35.14 -17.87 -2.23
CA SER Q 746 36.48 -18.47 -2.41
C SER Q 746 37.11 -18.84 -1.07
N LEU Q 747 36.98 -17.98 -0.06
CA LEU Q 747 37.52 -18.16 1.27
C LEU Q 747 36.54 -18.87 2.20
N LEU Q 748 35.96 -19.98 1.76
CA LEU Q 748 35.04 -20.75 2.59
C LEU Q 748 35.75 -21.37 3.79
N GLY Q 749 36.89 -21.98 3.55
CA GLY Q 749 37.71 -22.62 4.55
C GLY Q 749 38.69 -21.69 5.23
N SER Q 750 38.24 -20.51 5.62
CA SER Q 750 39.06 -19.50 6.28
C SER Q 750 38.86 -19.39 7.78
N LEU Q 751 37.66 -19.70 8.27
CA LEU Q 751 37.37 -19.64 9.69
C LEU Q 751 38.04 -20.76 10.45
N PHE Q 752 37.73 -22.01 10.09
CA PHE Q 752 38.29 -23.21 10.70
C PHE Q 752 38.67 -24.24 9.64
N GLY Q 753 39.25 -23.77 8.54
CA GLY Q 753 39.64 -24.64 7.43
C GLY Q 753 40.93 -25.40 7.71
N THR Q 754 41.77 -25.49 6.69
CA THR Q 754 43.08 -26.16 6.80
C THR Q 754 44.03 -25.46 7.77
N GLN Q 755 43.75 -24.21 8.15
CA GLN Q 755 44.54 -23.45 9.12
C GLN Q 755 44.22 -23.81 10.58
N GLY Q 756 43.27 -24.72 10.83
CA GLY Q 756 42.92 -25.12 12.20
C GLY Q 756 41.92 -24.15 12.82
N ARG Q 757 42.38 -23.29 13.74
CA ARG Q 757 41.54 -22.26 14.36
C ARG Q 757 40.86 -21.36 13.32
N ARG R 1 -32.00 35.70 37.97
CA ARG R 1 -31.29 34.57 38.59
C ARG R 1 -31.81 33.22 38.15
N GLN R 2 -33.08 33.15 37.78
CA GLN R 2 -33.77 31.96 37.32
C GLN R 2 -33.80 31.83 35.80
N GLU R 3 -32.83 32.41 35.11
CA GLU R 3 -32.72 32.35 33.66
C GLU R 3 -31.72 31.28 33.25
N PHE R 4 -32.15 30.40 32.35
CA PHE R 4 -31.34 29.33 31.80
C PHE R 4 -30.81 29.74 30.43
N PHE R 5 -29.75 30.54 30.44
CA PHE R 5 -29.13 31.01 29.22
C PHE R 5 -28.35 29.89 28.53
N TRP R 6 -28.44 29.84 27.21
CA TRP R 6 -27.73 28.88 26.37
C TRP R 6 -26.85 29.62 25.38
N PRO R 7 -25.53 29.71 25.62
CA PRO R 7 -24.64 30.38 24.69
C PRO R 7 -24.74 29.76 23.29
N GLU R 8 -24.63 30.58 22.27
CA GLU R 8 -24.74 30.13 20.88
C GLU R 8 -23.57 29.20 20.54
N LYS R 9 -22.35 29.71 20.64
CA LYS R 9 -21.11 28.98 20.33
C LYS R 9 -20.63 28.26 21.59
N ALA R 10 -21.15 27.08 21.84
CA ALA R 10 -20.74 26.25 22.96
C ALA R 10 -21.11 24.80 22.70
N ARG R 11 -20.44 23.89 23.40
CA ARG R 11 -20.74 22.46 23.32
C ARG R 11 -22.02 22.15 24.10
N ARG R 12 -22.97 21.51 23.44
CA ARG R 12 -24.21 21.08 24.10
C ARG R 12 -23.96 19.87 24.99
N THR R 13 -24.45 19.89 26.21
CA THR R 13 -24.28 18.80 27.15
C THR R 13 -25.63 18.20 27.48
N ARG R 14 -25.69 16.88 27.60
CA ARG R 14 -26.92 16.17 27.92
C ARG R 14 -27.44 16.49 29.32
N VAL R 15 -26.54 16.72 30.26
CA VAL R 15 -26.85 17.04 31.66
C VAL R 15 -26.12 18.29 32.10
N PRO R 16 -26.63 19.49 31.78
CA PRO R 16 -25.93 20.71 32.15
C PRO R 16 -25.65 20.83 33.66
N LEU R 17 -26.66 20.57 34.48
CA LEU R 17 -26.58 20.63 35.92
C LEU R 17 -26.55 19.23 36.51
N TYR R 18 -25.59 19.00 37.40
CA TYR R 18 -25.40 17.73 38.08
C TYR R 18 -25.93 17.82 39.51
N GLN R 19 -26.82 16.89 39.86
CA GLN R 19 -27.41 16.79 41.18
C GLN R 19 -26.48 16.07 42.13
N ASN R 20 -26.41 16.55 43.36
CA ASN R 20 -25.63 15.97 44.42
C ASN R 20 -26.54 15.43 45.52
N SER R 21 -25.94 14.64 46.41
CA SER R 21 -26.67 14.06 47.53
C SER R 21 -27.22 15.12 48.46
N ARG R 22 -26.43 16.15 48.76
CA ARG R 22 -26.88 17.24 49.61
C ARG R 22 -28.03 17.98 48.96
N PRO R 23 -29.14 18.22 49.67
CA PRO R 23 -30.26 18.93 49.07
C PRO R 23 -29.87 20.32 48.55
N ASN R 24 -29.27 21.15 49.41
CA ASN R 24 -28.85 22.50 49.06
C ASN R 24 -27.45 22.49 48.46
N LEU R 25 -27.32 21.88 47.29
CA LEU R 25 -26.06 21.85 46.56
C LEU R 25 -26.32 21.43 45.12
N VAL R 26 -25.59 22.02 44.18
CA VAL R 26 -25.70 21.69 42.76
C VAL R 26 -24.43 22.15 42.05
N TYR R 27 -23.95 21.35 41.12
CA TYR R 27 -22.78 21.64 40.31
C TYR R 27 -23.19 21.96 38.89
N ASP R 28 -22.66 23.06 38.36
CA ASP R 28 -22.91 23.49 37.00
C ASP R 28 -21.70 23.18 36.12
N GLN R 29 -21.93 22.44 35.05
CA GLN R 29 -20.87 22.04 34.14
C GLN R 29 -20.69 23.01 32.97
N ARG R 30 -21.72 23.79 32.63
CA ARG R 30 -21.66 24.72 31.50
C ARG R 30 -20.59 25.78 31.72
N PHE R 31 -20.60 26.40 32.90
CA PHE R 31 -19.65 27.43 33.29
C PHE R 31 -18.70 26.97 34.40
N ARG R 32 -18.61 25.67 34.67
CA ARG R 32 -17.75 25.11 35.71
C ARG R 32 -17.80 25.91 37.02
N ARG R 33 -19.01 26.27 37.41
CA ARG R 33 -19.30 27.07 38.59
C ARG R 33 -20.10 26.28 39.60
N PHE R 34 -19.80 26.50 40.87
CA PHE R 34 -20.50 25.87 41.97
C PHE R 34 -21.60 26.78 42.48
N MET R 35 -22.78 26.22 42.72
CA MET R 35 -23.94 26.96 43.19
C MET R 35 -24.66 26.17 44.27
N CYS R 36 -25.40 26.87 45.11
CA CYS R 36 -26.24 26.26 46.15
C CYS R 36 -27.69 26.64 45.89
N MET R 37 -28.59 25.67 46.01
CA MET R 37 -30.02 25.89 45.76
C MET R 37 -30.74 25.96 47.09
N TRP R 38 -31.50 27.03 47.33
CA TRP R 38 -32.38 27.15 48.50
C TRP R 38 -33.58 28.04 48.18
N TYR R 39 -34.71 27.80 48.85
CA TYR R 39 -36.00 28.37 48.47
C TYR R 39 -36.31 29.79 48.92
N ALA R 40 -35.51 30.37 49.83
CA ALA R 40 -35.70 31.73 50.30
C ALA R 40 -37.16 31.95 50.74
N ASN R 41 -37.88 32.90 50.13
CA ASN R 41 -39.33 33.07 50.30
C ASN R 41 -40.14 32.08 49.46
N GLY R 42 -39.92 32.18 48.15
CA GLY R 42 -40.79 31.63 47.12
C GLY R 42 -40.03 31.21 45.85
N VAL R 43 -38.81 31.69 45.65
CA VAL R 43 -38.08 31.49 44.40
C VAL R 43 -36.72 30.90 44.68
N GLN R 44 -36.16 30.22 43.67
CA GLN R 44 -34.83 29.63 43.78
C GLN R 44 -33.78 30.69 43.48
N VAL R 45 -32.84 30.86 44.41
CA VAL R 45 -31.72 31.79 44.26
C VAL R 45 -30.42 31.04 44.51
N PHE R 46 -29.39 31.40 43.75
CA PHE R 46 -28.09 30.75 43.79
C PHE R 46 -27.00 31.77 44.08
N ARG R 47 -25.82 31.28 44.45
CA ARG R 47 -24.64 32.10 44.72
C ARG R 47 -23.47 31.59 43.88
N PRO R 48 -23.39 31.97 42.60
CA PRO R 48 -22.31 31.53 41.76
C PRO R 48 -20.95 31.87 42.34
N PHE R 49 -20.02 30.94 42.21
CA PHE R 49 -18.63 31.10 42.63
C PHE R 49 -17.69 31.07 41.45
N SER R 50 -16.84 32.07 41.34
CA SER R 50 -15.85 32.17 40.27
C SER R 50 -14.85 31.02 40.37
N CYS R 51 -14.44 30.50 39.22
CA CYS R 51 -13.46 29.43 39.10
C CYS R 51 -12.28 29.77 38.21
N ARG R 52 -12.21 30.99 37.68
CA ARG R 52 -11.12 31.44 36.83
C ARG R 52 -9.86 31.72 37.64
N GLY R 53 -8.76 31.91 36.92
CA GLY R 53 -7.47 32.22 37.52
C GLY R 53 -7.38 33.66 37.99
N ARG R 54 -6.17 34.04 38.44
CA ARG R 54 -5.88 35.42 38.87
C ARG R 54 -6.23 36.46 37.80
N LEU R 63 0.97 37.14 47.34
CA LEU R 63 0.40 35.92 47.92
C LEU R 63 1.42 35.21 48.84
N PRO R 64 0.95 34.54 49.89
CA PRO R 64 1.83 33.83 50.80
C PRO R 64 2.43 32.59 50.13
N ASP R 65 3.61 32.21 50.58
CA ASP R 65 4.35 31.05 50.09
C ASP R 65 4.35 29.90 51.12
N GLY R 66 3.56 29.99 52.18
CA GLY R 66 3.50 28.95 53.21
C GLY R 66 2.76 27.71 52.73
N LEU R 67 1.47 27.85 52.47
CA LEU R 67 0.62 26.77 51.98
C LEU R 67 -0.41 27.33 51.00
N GLY R 68 -0.76 26.55 49.98
CA GLY R 68 -1.74 26.93 48.99
C GLY R 68 -3.17 26.69 49.46
N ILE R 69 -3.58 27.36 50.52
CA ILE R 69 -4.95 27.29 51.06
C ILE R 69 -5.52 28.69 51.18
N GLY R 70 -6.74 28.91 50.69
CA GLY R 70 -7.44 30.19 50.82
C GLY R 70 -6.82 31.34 50.01
N ARG R 71 -7.09 32.58 50.42
CA ARG R 71 -6.57 33.85 49.85
C ARG R 71 -6.84 34.05 48.35
N GLY R 72 -5.82 34.24 47.51
CA GLY R 72 -5.96 34.51 46.07
C GLY R 72 -5.76 33.32 45.12
N SER R 73 -5.78 32.08 45.61
CA SER R 73 -5.41 30.87 44.86
C SER R 73 -6.44 30.55 43.77
N GLY R 74 -6.07 30.74 42.52
CA GLY R 74 -6.94 30.49 41.38
C GLY R 74 -6.99 29.02 41.01
N THR R 75 -7.52 28.19 41.90
CA THR R 75 -7.59 26.74 41.72
C THR R 75 -9.04 26.30 41.64
N TRP R 76 -9.28 25.21 40.92
CA TRP R 76 -10.62 24.66 40.76
C TRP R 76 -11.24 24.19 42.06
N GLU R 77 -10.42 23.90 43.06
CA GLU R 77 -10.88 23.47 44.38
C GLU R 77 -11.32 24.61 45.28
N ARG R 78 -11.01 25.86 44.92
CA ARG R 78 -11.41 27.01 45.72
C ARG R 78 -12.93 27.11 45.84
N ALA R 79 -13.64 26.89 44.74
CA ALA R 79 -15.10 26.94 44.73
C ALA R 79 -15.71 25.89 45.64
N ARG R 80 -15.18 24.67 45.62
CA ARG R 80 -15.66 23.61 46.50
C ARG R 80 -15.44 23.95 47.96
N ALA R 81 -14.27 24.51 48.29
CA ALA R 81 -13.98 24.90 49.66
C ALA R 81 -14.87 26.04 50.14
N LYS R 82 -15.22 26.97 49.26
CA LYS R 82 -16.10 28.08 49.58
C LYS R 82 -17.57 27.66 49.75
N ALA R 83 -17.97 26.54 49.18
CA ALA R 83 -19.35 26.06 49.28
C ALA R 83 -19.60 25.31 50.59
N VAL R 84 -18.69 24.45 51.02
CA VAL R 84 -18.85 23.69 52.25
C VAL R 84 -18.94 24.57 53.47
N VAL R 85 -18.12 25.62 53.53
CA VAL R 85 -18.14 26.58 54.63
C VAL R 85 -19.45 27.35 54.67
N LEU R 86 -20.03 27.66 53.52
CA LEU R 86 -21.29 28.40 53.45
C LEU R 86 -22.49 27.55 53.84
N LEU R 87 -22.46 26.24 53.54
CA LEU R 87 -23.59 25.37 53.85
C LEU R 87 -23.88 25.30 55.34
N LYS R 88 -22.84 25.14 56.16
CA LYS R 88 -23.00 25.07 57.61
C LYS R 88 -23.50 26.36 58.24
N GLN R 89 -23.25 27.49 57.61
CA GLN R 89 -23.72 28.77 58.10
C GLN R 89 -25.23 28.85 58.16
N LEU R 90 -25.91 28.38 57.10
CA LEU R 90 -27.37 28.39 57.06
C LEU R 90 -27.95 27.44 58.09
N GLN R 91 -27.43 26.23 58.23
CA GLN R 91 -27.99 25.27 59.17
C GLN R 91 -27.76 25.67 60.62
N ARG R 92 -26.54 26.12 60.96
CA ARG R 92 -26.20 26.55 62.31
C ARG R 92 -27.00 27.76 62.74
N GLN R 93 -27.02 28.79 61.90
CA GLN R 93 -27.78 29.99 62.20
C GLN R 93 -29.27 29.79 62.01
N GLY R 94 -29.68 28.89 61.13
CA GLY R 94 -31.08 28.63 60.84
C GLY R 94 -31.78 29.82 60.20
N HIS R 95 -31.10 30.55 59.30
CA HIS R 95 -31.71 31.72 58.66
C HIS R 95 -32.83 31.31 57.70
N LEU R 96 -32.50 30.48 56.71
CA LEU R 96 -33.43 30.00 55.70
C LEU R 96 -33.21 28.50 55.50
N ASP R 97 -34.15 27.69 55.97
CA ASP R 97 -34.10 26.23 55.82
C ASP R 97 -35.40 25.61 55.32
N ARG R 98 -36.45 26.43 55.30
CA ARG R 98 -37.88 26.08 55.32
C ARG R 98 -38.39 25.55 54.00
N LEU R 99 -39.42 24.71 54.07
CA LEU R 99 -39.95 23.98 52.91
C LEU R 99 -40.47 24.91 51.81
N ALA R 100 -40.38 24.45 50.56
CA ALA R 100 -40.85 25.13 49.37
C ALA R 100 -42.40 25.13 49.26
N LYS R 101 -43.06 25.96 50.07
CA LYS R 101 -44.43 26.43 49.80
C LYS R 101 -44.63 26.96 48.38
N PRO R 102 -43.64 27.56 47.68
CA PRO R 102 -43.78 27.81 46.25
C PRO R 102 -44.00 26.52 45.46
N ASP R 103 -45.14 26.50 44.77
CA ASP R 103 -45.58 25.48 43.84
C ASP R 103 -44.77 25.51 42.54
N VAL R 104 -44.85 24.42 41.78
CA VAL R 104 -44.11 24.29 40.52
C VAL R 104 -44.98 24.69 39.34
N THR R 105 -46.09 23.99 39.16
CA THR R 105 -47.04 24.23 38.07
C THR R 105 -48.38 23.64 38.46
N ARG R 106 -49.36 23.71 37.57
CA ARG R 106 -50.70 23.19 37.77
C ARG R 106 -50.69 21.68 37.95
N SER R 107 -49.94 20.97 37.14
CA SER R 107 -49.85 19.52 37.17
C SER R 107 -48.78 19.04 38.14
N GLY R 108 -48.90 19.48 39.38
CA GLY R 108 -47.97 19.13 40.42
C GLY R 108 -46.56 19.55 40.08
N VAL R 109 -45.63 18.61 40.19
CA VAL R 109 -44.24 18.83 39.88
C VAL R 109 -44.03 19.03 38.39
N ARG R 110 -42.88 19.58 38.02
CA ARG R 110 -42.50 19.81 36.63
C ARG R 110 -42.30 18.49 35.92
N GLY R 111 -42.69 18.47 34.66
CA GLY R 111 -42.55 17.35 33.76
C GLY R 111 -43.72 16.40 33.69
N VAL R 112 -44.69 16.55 34.59
CA VAL R 112 -45.90 15.75 34.63
C VAL R 112 -47.06 16.55 34.09
N TYR R 113 -47.77 15.98 33.14
CA TYR R 113 -48.92 16.57 32.49
C TYR R 113 -50.03 15.55 32.33
N PHE R 114 -51.26 16.01 32.43
CA PHE R 114 -52.43 15.18 32.27
C PHE R 114 -52.68 14.85 30.80
N ASP R 115 -53.34 13.73 30.57
CA ASP R 115 -53.70 13.29 29.23
C ASP R 115 -55.02 13.93 28.78
N THR R 116 -55.11 14.22 27.49
CA THR R 116 -56.29 14.86 26.91
C THR R 116 -57.27 13.89 26.28
N GLU R 117 -56.79 12.79 25.70
CA GLU R 117 -57.67 11.83 25.03
C GLU R 117 -58.43 10.95 26.01
N GLU R 118 -57.92 10.76 27.22
CA GLU R 118 -58.53 9.97 28.27
C GLU R 118 -57.85 10.27 29.60
N LYS R 119 -58.17 9.49 30.63
CA LYS R 119 -57.61 9.68 31.97
C LYS R 119 -56.31 8.89 32.08
N LEU R 120 -55.20 9.61 32.07
CA LEU R 120 -53.87 9.01 32.22
C LEU R 120 -52.94 10.02 32.89
N TRP R 121 -51.84 9.51 33.44
CA TRP R 121 -50.79 10.27 34.07
C TRP R 121 -49.47 10.00 33.38
N VAL R 122 -49.11 10.86 32.44
CA VAL R 122 -47.88 10.73 31.67
C VAL R 122 -46.73 11.39 32.41
N ALA R 123 -45.57 10.74 32.44
CA ALA R 123 -44.35 11.27 33.03
C ALA R 123 -43.21 11.01 32.07
N THR R 124 -42.92 11.98 31.21
CA THR R 124 -41.86 11.84 30.22
C THR R 124 -40.52 12.21 30.83
N TRP R 125 -39.48 11.47 30.49
CA TRP R 125 -38.12 11.74 30.95
C TRP R 125 -37.12 11.07 30.03
N ASN R 126 -36.04 11.78 29.73
CA ASN R 126 -34.98 11.26 28.89
C ASN R 126 -33.96 10.48 29.70
N GLU R 127 -33.37 9.46 29.08
CA GLU R 127 -32.35 8.65 29.71
C GLU R 127 -31.44 8.07 28.63
N HIS R 128 -30.23 8.61 28.52
CA HIS R 128 -29.27 8.17 27.50
C HIS R 128 -29.85 8.24 26.08
N GLY R 129 -30.64 9.28 25.82
CA GLY R 129 -31.30 9.50 24.54
C GLY R 129 -32.65 8.82 24.40
N LEU R 130 -32.88 7.71 25.13
CA LEU R 130 -34.16 7.01 25.10
C LEU R 130 -35.17 7.75 25.97
N ARG R 131 -36.40 7.27 25.98
CA ARG R 131 -37.50 7.85 26.75
C ARG R 131 -38.55 6.81 27.00
N ARG R 132 -39.42 7.07 27.96
CA ARG R 132 -40.53 6.20 28.35
C ARG R 132 -41.85 6.94 28.20
N PHE R 133 -42.92 6.18 28.12
CA PHE R 133 -44.25 6.72 27.97
C PHE R 133 -45.23 5.82 28.71
N LYS R 134 -46.53 5.95 28.44
CA LYS R 134 -47.58 5.15 29.07
C LYS R 134 -47.66 5.42 30.57
N ALA R 135 -46.63 5.07 31.32
CA ALA R 135 -46.58 5.20 32.76
C ALA R 135 -47.76 4.42 33.37
N PHE R 136 -48.29 4.88 34.49
CA PHE R 136 -49.43 4.24 35.14
C PHE R 136 -50.75 4.88 34.74
N PRO R 137 -51.86 4.12 34.77
CA PRO R 137 -53.15 4.69 34.42
C PRO R 137 -53.75 5.52 35.55
N THR R 138 -54.95 6.04 35.33
CA THR R 138 -55.65 6.86 36.32
C THR R 138 -57.05 6.34 36.62
N MET R 139 -57.76 5.81 35.62
CA MET R 139 -59.12 5.30 35.85
C MET R 139 -59.12 4.07 36.75
N GLU R 140 -58.09 3.23 36.64
CA GLU R 140 -57.98 2.01 37.44
C GLU R 140 -57.47 2.26 38.86
N MET R 141 -57.04 3.48 39.18
CA MET R 141 -56.52 3.81 40.51
C MET R 141 -57.08 5.10 41.09
N GLY R 142 -58.02 5.76 40.42
CA GLY R 142 -58.57 7.03 40.89
C GLY R 142 -57.63 8.21 40.67
N PHE R 143 -58.04 9.35 41.19
CA PHE R 143 -57.27 10.59 41.06
C PHE R 143 -56.31 10.83 42.22
N ASP R 144 -56.22 9.91 43.18
CA ASP R 144 -55.35 10.04 44.35
C ASP R 144 -54.16 9.08 44.31
N ALA R 145 -54.43 7.77 44.19
CA ALA R 145 -53.34 6.79 44.14
C ALA R 145 -52.51 6.96 42.87
N ALA R 146 -53.15 7.19 41.72
CA ALA R 146 -52.42 7.37 40.48
C ALA R 146 -51.52 8.61 40.51
N TYR R 147 -52.01 9.71 41.06
CA TYR R 147 -51.25 10.95 41.17
C TYR R 147 -50.01 10.76 42.04
N GLN R 148 -50.16 10.05 43.16
CA GLN R 148 -49.02 9.83 44.04
C GLN R 148 -47.93 9.02 43.33
N ALA R 149 -48.30 7.98 42.59
CA ALA R 149 -47.32 7.16 41.88
C ALA R 149 -46.62 7.94 40.75
N ALA R 150 -47.32 8.88 40.11
CA ALA R 150 -46.72 9.64 39.01
C ALA R 150 -45.50 10.44 39.46
N VAL R 151 -45.58 11.09 40.61
CA VAL R 151 -44.49 11.88 41.15
C VAL R 151 -43.35 11.00 41.65
N ALA R 152 -43.67 9.81 42.17
CA ALA R 152 -42.66 8.92 42.72
C ALA R 152 -41.69 8.41 41.64
N VAL R 153 -42.12 8.33 40.38
CA VAL R 153 -41.25 7.83 39.31
C VAL R 153 -40.14 8.84 39.01
N ARG R 154 -40.47 10.12 38.90
CA ARG R 154 -39.50 11.15 38.57
C ARG R 154 -38.42 11.29 39.63
N ARG R 155 -38.82 11.33 40.90
CA ARG R 155 -37.84 11.48 41.98
C ARG R 155 -36.92 10.28 42.10
N GLN R 156 -37.44 9.07 41.87
CA GLN R 156 -36.64 7.85 41.96
C GLN R 156 -35.63 7.75 40.81
N LYS R 157 -36.04 8.10 39.59
CA LYS R 157 -35.16 8.00 38.41
C LYS R 157 -34.06 9.07 38.39
N LEU R 158 -34.30 10.23 39.02
CA LEU R 158 -33.32 11.31 39.06
C LEU R 158 -32.17 11.05 40.03
N ARG R 159 -32.34 10.15 40.99
CA ARG R 159 -31.30 9.82 41.96
C ARG R 159 -30.22 8.90 41.41
N GLU R 160 -30.48 8.23 40.30
CA GLU R 160 -29.53 7.30 39.71
C GLU R 160 -28.60 7.98 38.71
N ASN R 161 -29.16 8.71 37.75
CA ASN R 161 -28.40 9.40 36.72
C ASN R 161 -27.84 10.75 37.18
N TYR R 162 -28.24 11.23 38.35
CA TYR R 162 -27.77 12.51 38.87
C TYR R 162 -28.14 13.67 37.94
N ILE R 163 -29.42 13.77 37.63
CA ILE R 163 -29.98 14.78 36.75
C ILE R 163 -30.72 15.81 37.58
N PHE R 164 -30.36 17.08 37.41
CA PHE R 164 -31.00 18.18 38.10
C PHE R 164 -31.89 18.96 37.14
N SER R 165 -33.14 19.18 37.55
CA SER R 165 -34.14 19.92 36.79
C SER R 165 -34.44 21.24 37.49
N MET R 166 -34.28 22.34 36.77
CA MET R 166 -34.56 23.67 37.28
C MET R 166 -36.05 23.86 37.44
N GLN R 167 -36.45 24.39 38.59
CA GLN R 167 -37.84 24.69 38.89
C GLN R 167 -38.17 26.11 38.43
N ARG R 168 -39.20 26.23 37.60
CA ARG R 168 -39.67 27.52 37.10
C ARG R 168 -40.73 28.09 38.00
N ASN R 169 -40.75 29.41 38.17
CA ASN R 169 -41.75 30.08 38.99
C ASN R 169 -43.18 29.94 38.43
N ARG R 170 -43.30 29.78 37.11
CA ARG R 170 -44.55 29.60 36.40
C ARG R 170 -44.54 28.40 35.46
N THR S 1 -62.47 -1.59 -38.59
CA THR S 1 -63.01 -2.36 -37.44
C THR S 1 -63.82 -3.55 -37.91
N ALA S 2 -63.19 -4.47 -38.63
CA ALA S 2 -63.88 -5.66 -39.14
C ALA S 2 -64.21 -6.62 -37.99
N PRO S 3 -65.43 -7.15 -37.91
CA PRO S 3 -65.77 -8.14 -36.88
C PRO S 3 -65.10 -9.50 -37.14
N ARG S 4 -65.29 -10.50 -36.27
CA ARG S 4 -64.73 -11.86 -36.47
C ARG S 4 -65.36 -12.64 -37.63
N VAL S 5 -66.45 -12.10 -38.18
CA VAL S 5 -67.15 -12.65 -39.34
C VAL S 5 -66.23 -12.76 -40.56
N VAL S 6 -65.23 -11.88 -40.67
CA VAL S 6 -64.15 -12.07 -41.65
C VAL S 6 -63.11 -13.08 -41.14
N ARG S 7 -63.27 -14.33 -41.59
CA ARG S 7 -62.23 -15.36 -41.76
C ARG S 7 -61.36 -15.77 -40.57
N ASP S 8 -61.70 -15.45 -39.32
CA ASP S 8 -61.01 -16.07 -38.19
C ASP S 8 -61.28 -17.58 -38.16
N ARG S 9 -60.22 -18.36 -37.98
CA ARG S 9 -60.28 -19.82 -37.92
C ARG S 9 -59.16 -20.34 -37.03
N ASP S 10 -58.98 -21.64 -36.99
CA ASP S 10 -57.96 -22.32 -36.18
C ASP S 10 -56.61 -22.49 -36.89
N GLU S 11 -56.34 -21.71 -37.94
CA GLU S 11 -55.09 -21.79 -38.70
C GLU S 11 -54.04 -20.85 -38.13
N THR S 12 -54.33 -19.55 -38.10
CA THR S 12 -53.39 -18.54 -37.62
C THR S 12 -54.05 -17.42 -36.81
N ASN S 13 -55.34 -17.17 -36.98
CA ASN S 13 -56.05 -16.10 -36.28
C ASN S 13 -56.62 -16.53 -34.93
N PHE S 14 -56.42 -17.79 -34.53
CA PHE S 14 -56.98 -18.28 -33.26
C PHE S 14 -56.43 -17.54 -32.04
N HIS S 15 -55.22 -16.98 -32.18
CA HIS S 15 -54.51 -16.20 -31.18
C HIS S 15 -54.27 -14.75 -31.58
N GLU S 16 -55.23 -14.17 -32.27
CA GLU S 16 -55.19 -12.80 -32.75
C GLU S 16 -56.47 -12.06 -32.45
N MET S 17 -56.97 -12.22 -31.22
CA MET S 17 -58.19 -11.59 -30.76
C MET S 17 -57.98 -10.96 -29.38
N LEU S 18 -58.84 -10.02 -29.05
CA LEU S 18 -58.82 -9.31 -27.78
C LEU S 18 -60.07 -9.64 -26.97
N GLY S 19 -60.20 -9.05 -25.80
CA GLY S 19 -61.37 -9.24 -24.97
C GLY S 19 -61.19 -8.58 -23.62
N LYS S 20 -62.09 -8.90 -22.71
CA LYS S 20 -62.09 -8.40 -21.33
C LYS S 20 -62.09 -9.55 -20.35
N PHE S 21 -61.47 -9.32 -19.21
CA PHE S 21 -61.33 -10.29 -18.14
C PHE S 21 -62.60 -10.34 -17.31
N ARG S 22 -62.72 -11.41 -16.54
CA ARG S 22 -63.83 -11.68 -15.64
C ARG S 22 -63.31 -12.16 -14.32
N PHE S 23 -63.46 -11.35 -13.28
CA PHE S 23 -63.04 -11.69 -11.94
C PHE S 23 -63.68 -10.74 -10.94
N ASP S 24 -64.02 -11.24 -9.77
CA ASP S 24 -64.52 -10.46 -8.65
C ASP S 24 -64.13 -11.15 -7.35
N LEU S 25 -63.05 -10.69 -6.74
CA LEU S 25 -62.54 -11.23 -5.50
C LEU S 25 -63.27 -10.60 -4.31
N GLN S 26 -63.29 -11.34 -3.22
CA GLN S 26 -63.91 -10.91 -1.99
C GLN S 26 -63.37 -11.73 -0.82
N GLY S 27 -63.13 -11.06 0.29
CA GLY S 27 -62.62 -11.69 1.49
C GLY S 27 -61.59 -10.81 2.18
N SER S 28 -61.33 -11.11 3.45
CA SER S 28 -60.36 -10.36 4.23
C SER S 28 -58.95 -10.60 3.69
N PHE S 29 -58.10 -9.60 3.87
CA PHE S 29 -56.70 -9.65 3.43
C PHE S 29 -55.80 -9.13 4.53
N LYS S 30 -54.51 -9.43 4.42
CA LYS S 30 -53.51 -8.99 5.39
C LYS S 30 -53.31 -7.49 5.31
N GLU S 31 -53.03 -6.88 6.45
CA GLU S 31 -52.82 -5.43 6.55
C GLU S 31 -54.00 -4.66 5.98
N ASN S 32 -53.87 -4.12 4.77
CA ASN S 32 -54.92 -3.41 4.07
C ASN S 32 -54.95 -3.76 2.58
N GLY S 33 -54.53 -4.98 2.24
CA GLY S 33 -54.46 -5.41 0.85
C GLY S 33 -53.23 -4.94 0.11
N ASP S 34 -52.22 -4.40 0.80
CA ASP S 34 -50.99 -3.96 0.14
C ASP S 34 -50.25 -5.11 -0.54
N MET S 35 -50.20 -6.28 0.10
CA MET S 35 -49.51 -7.43 -0.49
C MET S 35 -50.17 -7.87 -1.79
N LEU S 36 -51.51 -7.93 -1.82
CA LEU S 36 -52.23 -8.35 -3.01
C LEU S 36 -52.01 -7.39 -4.18
N ARG S 37 -52.08 -6.08 -3.91
CA ARG S 37 -51.88 -5.08 -4.97
C ARG S 37 -50.48 -5.16 -5.55
N ASP S 38 -49.45 -5.28 -4.70
CA ASP S 38 -48.09 -5.36 -5.18
C ASP S 38 -47.86 -6.63 -6.03
N SER S 39 -48.38 -7.76 -5.58
CA SER S 39 -48.21 -9.02 -6.32
C SER S 39 -48.90 -8.97 -7.68
N LEU S 40 -50.11 -8.39 -7.76
CA LEU S 40 -50.86 -8.32 -8.99
C LEU S 40 -50.22 -7.35 -10.00
N LEU S 41 -49.60 -6.27 -9.53
CA LEU S 41 -48.96 -5.33 -10.44
C LEU S 41 -47.75 -5.94 -11.13
N GLN S 42 -46.91 -6.65 -10.38
CA GLN S 42 -45.70 -7.25 -10.97
C GLN S 42 -46.05 -8.28 -12.03
N VAL S 43 -47.01 -9.17 -11.74
CA VAL S 43 -47.41 -10.17 -12.73
C VAL S 43 -48.12 -9.53 -13.92
N GLY S 44 -48.91 -8.47 -13.69
CA GLY S 44 -49.64 -7.81 -14.74
C GLY S 44 -48.75 -7.19 -15.80
N ARG S 45 -47.60 -6.66 -15.39
CA ARG S 45 -46.65 -6.06 -16.33
C ARG S 45 -46.12 -7.08 -17.32
N ASP S 46 -45.85 -8.30 -16.87
CA ASP S 46 -45.33 -9.33 -17.77
C ASP S 46 -46.33 -9.69 -18.87
N LEU S 47 -47.61 -9.73 -18.53
CA LEU S 47 -48.69 -10.03 -19.46
C LEU S 47 -49.17 -8.83 -20.27
N PHE S 48 -48.58 -7.66 -20.07
CA PHE S 48 -48.93 -6.45 -20.78
C PHE S 48 -50.40 -6.09 -20.59
N LEU S 49 -50.79 -5.92 -19.33
CA LEU S 49 -52.12 -5.51 -18.95
C LEU S 49 -52.39 -4.07 -19.37
N VAL S 50 -53.64 -3.81 -19.73
CA VAL S 50 -54.07 -2.49 -20.19
C VAL S 50 -55.10 -1.87 -19.25
N GLY S 51 -56.04 -2.68 -18.77
CA GLY S 51 -57.07 -2.22 -17.87
C GLY S 51 -56.53 -1.81 -16.51
N TRP S 52 -57.44 -1.57 -15.58
CA TRP S 52 -57.15 -1.18 -14.22
C TRP S 52 -57.64 -2.24 -13.25
N VAL S 53 -57.35 -2.03 -11.98
CA VAL S 53 -57.75 -2.92 -10.89
C VAL S 53 -57.92 -2.13 -9.61
N LYS S 54 -58.82 -2.57 -8.75
CA LYS S 54 -59.10 -1.99 -7.44
C LYS S 54 -58.81 -3.01 -6.36
N CYS S 55 -58.08 -2.59 -5.35
CA CYS S 55 -57.73 -3.43 -4.21
C CYS S 55 -58.04 -2.68 -2.92
N ARG S 56 -58.54 -3.39 -1.92
CA ARG S 56 -58.90 -2.85 -0.62
C ARG S 56 -58.80 -3.94 0.42
N SER S 57 -59.13 -3.62 1.67
CA SER S 57 -59.06 -4.60 2.75
C SER S 57 -59.98 -5.80 2.50
N ARG S 58 -61.21 -5.54 2.04
CA ARG S 58 -62.17 -6.60 1.70
C ARG S 58 -62.57 -6.58 0.23
N PHE S 59 -63.03 -5.43 -0.26
CA PHE S 59 -63.45 -5.33 -1.66
C PHE S 59 -62.24 -5.42 -2.59
N ALA S 60 -62.39 -6.15 -3.68
CA ALA S 60 -61.34 -6.29 -4.68
C ALA S 60 -61.99 -6.66 -6.01
N THR S 61 -62.00 -5.73 -6.94
CA THR S 61 -62.58 -5.90 -8.26
C THR S 61 -61.87 -5.01 -9.26
N GLY S 62 -62.33 -4.95 -10.48
CA GLY S 62 -61.80 -4.13 -11.52
C GLY S 62 -62.20 -4.62 -12.89
N HIS S 63 -61.68 -3.93 -13.89
CA HIS S 63 -61.90 -4.26 -15.29
C HIS S 63 -60.56 -4.34 -15.99
N ILE S 64 -60.20 -5.54 -16.41
CA ILE S 64 -58.94 -5.87 -17.07
C ILE S 64 -59.23 -6.28 -18.50
N GLN S 65 -58.54 -5.69 -19.45
CA GLN S 65 -58.70 -6.00 -20.88
C GLN S 65 -57.35 -6.24 -21.50
N GLY S 66 -57.33 -7.07 -22.54
CA GLY S 66 -56.10 -7.42 -23.23
C GLY S 66 -56.34 -8.47 -24.29
N ASP S 67 -55.36 -9.34 -24.49
CA ASP S 67 -55.46 -10.40 -25.48
C ASP S 67 -56.34 -11.55 -24.99
N VAL S 68 -56.94 -12.27 -25.93
CA VAL S 68 -57.80 -13.40 -25.57
C VAL S 68 -57.02 -14.52 -24.89
N HIS S 69 -55.79 -14.78 -25.35
CA HIS S 69 -54.97 -15.86 -24.81
C HIS S 69 -54.22 -15.44 -23.54
N ALA S 70 -53.77 -14.18 -23.50
CA ALA S 70 -53.03 -13.67 -22.35
C ALA S 70 -53.88 -13.66 -21.09
N LEU S 71 -55.13 -13.25 -21.20
CA LEU S 71 -56.02 -13.20 -20.05
C LEU S 71 -56.36 -14.59 -19.51
N SER S 72 -56.19 -15.65 -20.31
CA SER S 72 -56.52 -17.01 -19.86
C SER S 72 -55.65 -17.43 -18.69
N TYR S 73 -54.35 -17.10 -18.71
CA TYR S 73 -53.43 -17.43 -17.65
C TYR S 73 -53.80 -16.80 -16.32
N MET S 74 -54.22 -15.54 -16.35
CA MET S 74 -54.60 -14.82 -15.15
C MET S 74 -55.79 -15.45 -14.43
N ARG S 75 -56.68 -16.13 -15.16
CA ARG S 75 -57.86 -16.76 -14.55
C ARG S 75 -57.46 -17.81 -13.53
N ARG S 76 -56.50 -18.66 -13.88
CA ARG S 76 -56.00 -19.71 -12.97
C ARG S 76 -55.15 -19.13 -11.86
N TYR S 77 -54.37 -18.11 -12.14
CA TYR S 77 -53.52 -17.48 -11.14
C TYR S 77 -54.33 -16.86 -10.00
N LEU S 78 -55.43 -16.21 -10.33
CA LEU S 78 -56.29 -15.51 -9.38
C LEU S 78 -57.44 -16.36 -8.85
N GLU S 79 -57.34 -17.68 -8.95
CA GLU S 79 -58.37 -18.59 -8.46
C GLU S 79 -57.82 -19.62 -7.48
N LYS S 80 -56.60 -20.10 -7.73
CA LYS S 80 -55.93 -21.08 -6.90
C LYS S 80 -54.54 -20.69 -6.43
N HIS S 81 -53.77 -20.01 -7.27
CA HIS S 81 -52.43 -19.56 -6.95
C HIS S 81 -52.44 -18.24 -6.18
N VAL S 82 -53.09 -18.28 -5.02
CA VAL S 82 -53.21 -17.15 -4.11
C VAL S 82 -52.63 -17.53 -2.77
N ASP S 83 -51.62 -16.80 -2.33
CA ASP S 83 -51.01 -17.07 -1.03
C ASP S 83 -51.98 -16.78 0.12
N GLU S 84 -52.76 -15.70 0.00
CA GLU S 84 -53.73 -15.34 1.02
C GLU S 84 -54.98 -16.21 0.93
N SER S 85 -55.86 -16.07 1.92
CA SER S 85 -57.11 -16.82 1.96
C SER S 85 -58.17 -16.14 1.09
N VAL S 86 -58.89 -16.94 0.31
CA VAL S 86 -59.97 -16.47 -0.57
C VAL S 86 -61.24 -17.22 -0.23
N SER S 87 -62.33 -16.50 -0.03
CA SER S 87 -63.62 -17.11 0.29
C SER S 87 -64.30 -17.68 -0.96
N SER S 88 -64.50 -16.84 -1.96
CA SER S 88 -65.14 -17.24 -3.21
C SER S 88 -64.78 -16.25 -4.31
N VAL S 89 -64.98 -16.67 -5.54
CA VAL S 89 -64.72 -15.90 -6.75
C VAL S 89 -66.03 -15.69 -7.49
N ARG S 90 -66.33 -14.44 -7.80
CA ARG S 90 -67.53 -14.03 -8.51
C ARG S 90 -67.21 -13.56 -9.92
N PHE S 91 -68.25 -13.37 -10.70
CA PHE S 91 -68.17 -12.90 -12.06
C PHE S 91 -69.28 -11.90 -12.35
N TYR S 92 -69.01 -10.96 -13.25
CA TYR S 92 -69.95 -9.92 -13.64
C TYR S 92 -70.35 -10.00 -15.10
N GLU S 93 -69.36 -10.04 -15.98
CA GLU S 93 -69.56 -10.06 -17.43
C GLU S 93 -68.23 -10.25 -18.14
N GLU S 94 -68.28 -10.78 -19.35
CA GLU S 94 -67.12 -10.99 -20.19
C GLU S 94 -67.50 -10.84 -21.66
N ASN S 95 -66.51 -10.63 -22.52
CA ASN S 95 -66.71 -10.51 -23.95
C ASN S 95 -65.38 -10.73 -24.68
N PHE S 96 -65.38 -11.63 -25.65
CA PHE S 96 -64.23 -11.92 -26.48
C PHE S 96 -64.43 -11.39 -27.88
N GLY S 97 -63.41 -10.71 -28.39
CA GLY S 97 -63.39 -10.11 -29.72
C GLY S 97 -63.92 -8.69 -29.70
N MET S 98 -63.06 -7.74 -30.04
CA MET S 98 -63.39 -6.32 -30.09
C MET S 98 -62.24 -5.59 -30.79
N PRO S 99 -62.49 -4.64 -31.69
CA PRO S 99 -61.44 -3.92 -32.38
C PRO S 99 -60.85 -2.84 -31.46
N LEU S 100 -59.53 -2.69 -31.46
CA LEU S 100 -58.83 -1.73 -30.60
C LEU S 100 -59.07 -2.00 -29.09
N LEU S 101 -58.70 -1.05 -28.22
CA LEU S 101 -58.80 -1.14 -26.76
C LEU S 101 -59.14 0.22 -26.16
N GLU S 102 -59.61 0.21 -24.92
CA GLU S 102 -60.10 1.42 -24.25
C GLU S 102 -58.99 2.12 -23.47
N TYR S 103 -58.40 1.43 -22.50
CA TYR S 103 -57.32 1.99 -21.69
C TYR S 103 -55.99 1.87 -22.44
N GLU S 104 -54.93 2.43 -21.88
CA GLU S 104 -53.60 2.38 -22.50
C GLU S 104 -52.52 1.85 -21.55
N ARG S 105 -52.64 2.19 -20.27
CA ARG S 105 -51.70 1.85 -19.22
C ARG S 105 -52.39 1.20 -18.03
N LEU S 106 -51.67 0.30 -17.38
CA LEU S 106 -52.11 -0.35 -16.17
C LEU S 106 -51.91 0.56 -14.96
N SER S 107 -52.94 0.70 -14.15
CA SER S 107 -52.90 1.46 -12.92
C SER S 107 -53.90 0.90 -11.93
N ALA S 108 -53.58 1.06 -10.65
CA ALA S 108 -54.41 0.63 -9.54
C ALA S 108 -54.97 1.85 -8.81
N VAL S 109 -56.29 1.87 -8.64
CA VAL S 109 -56.96 2.97 -7.94
C VAL S 109 -56.71 2.81 -6.44
N ASN S 110 -56.13 3.83 -5.83
CA ASN S 110 -55.82 3.86 -4.41
C ASN S 110 -56.55 5.00 -3.73
N ASP S 111 -56.92 4.79 -2.47
CA ASP S 111 -57.59 5.81 -1.70
C ASP S 111 -56.61 6.92 -1.29
N PHE S 112 -56.66 8.04 -2.00
CA PHE S 112 -55.80 9.21 -1.74
C PHE S 112 -56.52 10.30 -0.96
N ARG S 113 -57.61 9.96 -0.25
CA ARG S 113 -58.33 10.94 0.57
C ARG S 113 -57.43 11.53 1.64
N ALA S 114 -57.65 12.80 1.96
CA ALA S 114 -56.89 13.47 3.00
C ALA S 114 -57.19 12.83 4.37
N PRO S 115 -56.21 12.85 5.30
CA PRO S 115 -56.43 12.26 6.62
C PRO S 115 -57.42 13.06 7.48
N GLY S 116 -57.60 14.36 7.21
CA GLY S 116 -58.49 15.17 8.02
C GLY S 116 -59.96 14.72 7.90
N LYS S 117 -60.40 14.39 6.69
CA LYS S 117 -61.77 13.95 6.43
C LYS S 117 -62.03 12.51 6.86
N LYS S 118 -61.00 11.72 7.15
CA LYS S 118 -61.19 10.33 7.57
C LYS S 118 -61.98 10.25 8.87
N GLN S 119 -61.65 11.09 9.85
CA GLN S 119 -62.37 11.09 11.12
C GLN S 119 -63.83 11.51 10.95
N GLN S 120 -64.08 12.55 10.15
CA GLN S 120 -65.45 13.03 9.95
C GLN S 120 -66.31 11.96 9.26
N HIS S 121 -65.77 11.28 8.23
CA HIS S 121 -66.50 10.23 7.53
C HIS S 121 -66.82 9.05 8.46
N MET T 1 47.31 4.03 -3.08
CA MET T 1 47.14 3.09 -4.21
C MET T 1 47.22 1.66 -3.75
N ARG T 2 48.41 1.22 -3.33
CA ARG T 2 48.65 -0.17 -2.92
C ARG T 2 48.23 -1.13 -4.02
N ARG T 3 47.24 -1.97 -3.74
CA ARG T 3 46.65 -2.91 -4.68
C ARG T 3 45.17 -2.66 -4.93
N LEU T 4 44.37 -2.66 -3.87
CA LEU T 4 42.92 -2.52 -3.99
C LEU T 4 42.45 -1.08 -3.97
N ALA T 5 43.19 -0.20 -3.30
CA ALA T 5 42.85 1.22 -3.19
C ALA T 5 43.39 2.06 -4.34
N SER T 6 43.73 1.45 -5.46
CA SER T 6 44.21 2.12 -6.65
C SER T 6 43.25 3.19 -7.15
N PRO T 7 41.95 2.89 -7.29
CA PRO T 7 41.01 3.84 -7.84
C PRO T 7 40.49 4.86 -6.83
N SER T 8 40.56 4.56 -5.54
CA SER T 8 40.07 5.46 -4.50
C SER T 8 40.94 6.71 -4.37
N LEU T 9 42.25 6.53 -4.33
CA LEU T 9 43.19 7.65 -4.22
C LEU T 9 43.14 8.54 -5.45
N ARG T 10 43.08 7.94 -6.64
CA ARG T 10 43.03 8.71 -7.88
C ARG T 10 41.77 9.58 -7.94
N ARG T 11 40.63 9.03 -7.53
CA ARG T 11 39.37 9.79 -7.54
C ARG T 11 39.40 10.94 -6.55
N LEU T 12 40.12 10.80 -5.44
CA LEU T 12 40.20 11.87 -4.44
C LEU T 12 40.84 13.13 -5.03
N GLN T 13 41.92 12.98 -5.79
CA GLN T 13 42.57 14.14 -6.41
C GLN T 13 41.67 14.83 -7.42
N GLU T 14 40.89 14.07 -8.18
CA GLU T 14 39.96 14.65 -9.15
C GLU T 14 38.83 15.44 -8.49
N GLY T 15 38.63 15.27 -7.18
CA GLY T 15 37.61 15.99 -6.43
C GLY T 15 36.38 15.15 -6.07
N GLN T 16 36.42 13.84 -6.31
CA GLN T 16 35.31 12.97 -5.93
C GLN T 16 35.18 12.88 -4.42
N THR T 17 33.94 12.77 -3.95
CA THR T 17 33.59 12.60 -2.55
C THR T 17 32.61 11.45 -2.40
N PRO T 18 32.55 10.82 -1.23
CA PRO T 18 31.70 9.64 -1.00
C PRO T 18 30.24 9.98 -0.71
N HIS T 19 29.85 11.24 -0.92
CA HIS T 19 28.48 11.70 -0.67
C HIS T 19 27.87 12.37 -1.90
N SER T 20 28.67 13.10 -2.65
CA SER T 20 28.16 13.83 -3.82
C SER T 20 27.98 12.89 -5.02
N MET T 21 29.04 12.19 -5.41
CA MET T 21 28.97 11.29 -6.56
C MET T 21 28.04 10.10 -6.32
N ARG T 22 27.76 9.75 -5.06
CA ARG T 22 26.84 8.66 -4.76
C ARG T 22 25.43 8.96 -5.28
N LYS T 23 24.96 10.20 -5.11
CA LYS T 23 23.65 10.61 -5.61
C LYS T 23 23.63 10.79 -7.12
N SER T 24 24.76 11.12 -7.73
CA SER T 24 24.81 11.31 -9.18
C SER T 24 24.46 10.02 -9.93
N ALA T 25 24.96 8.87 -9.46
CA ALA T 25 24.64 7.59 -10.09
C ALA T 25 23.15 7.27 -10.00
N VAL T 26 22.53 7.54 -8.86
CA VAL T 26 21.09 7.32 -8.69
C VAL T 26 20.30 8.23 -9.64
N ALA T 27 20.67 9.51 -9.72
CA ALA T 27 19.99 10.43 -10.62
C ALA T 27 20.18 10.04 -12.09
N ASP T 28 21.37 9.59 -12.47
CA ASP T 28 21.64 9.23 -13.86
C ASP T 28 20.72 8.10 -14.33
N ALA T 29 20.59 7.04 -13.53
CA ALA T 29 19.69 5.94 -13.85
C ALA T 29 18.22 6.37 -13.77
N ARG T 30 17.87 7.19 -12.77
CA ARG T 30 16.49 7.65 -12.61
C ARG T 30 16.04 8.46 -13.81
N LYS T 31 16.88 9.36 -14.30
CA LYS T 31 16.53 10.22 -15.44
C LYS T 31 16.37 9.41 -16.74
N LYS T 32 17.04 8.28 -16.86
CA LYS T 32 16.95 7.43 -18.06
C LYS T 32 15.64 6.66 -18.11
N ILE T 33 15.25 6.02 -17.02
CA ILE T 33 14.03 5.22 -16.95
C ILE T 33 12.77 6.05 -16.76
N PHE T 34 12.91 7.33 -16.40
CA PHE T 34 11.80 8.26 -16.23
C PHE T 34 11.92 9.43 -17.18
N GLY T 35 10.96 10.34 -17.11
CA GLY T 35 10.96 11.53 -17.96
C GLY T 35 12.13 12.46 -17.64
N TYR T 36 12.44 13.32 -18.60
CA TYR T 36 13.51 14.31 -18.48
C TYR T 36 13.04 15.63 -17.86
N ALA T 37 11.76 15.77 -17.54
CA ALA T 37 11.25 17.00 -16.96
C ALA T 37 11.93 17.29 -15.61
N CYS T 38 12.39 18.52 -15.43
CA CYS T 38 13.06 18.94 -14.20
C CYS T 38 12.61 20.32 -13.75
N GLY T 39 11.39 20.73 -14.08
CA GLY T 39 10.88 22.04 -13.70
C GLY T 39 11.49 23.15 -14.53
N MET T 40 12.01 22.88 -15.73
CA MET T 40 12.60 23.93 -16.56
C MET T 40 11.54 24.96 -16.96
N PRO T 41 11.95 26.21 -17.26
CA PRO T 41 11.00 27.24 -17.64
C PRO T 41 10.54 27.07 -19.09
N GLY T 42 9.28 26.67 -19.27
CA GLY T 42 8.69 26.50 -20.61
C GLY T 42 8.16 25.10 -20.87
N GLU T 43 8.35 24.17 -19.92
CA GLU T 43 7.87 22.80 -20.06
C GLU T 43 6.43 22.61 -19.59
N GLU T 44 5.79 23.66 -19.07
CA GLU T 44 4.42 23.55 -18.56
C GLU T 44 3.39 23.38 -19.69
N GLN T 45 3.72 23.83 -20.90
CA GLN T 45 2.81 23.73 -22.04
C GLN T 45 2.73 22.32 -22.61
N TRP T 46 3.79 21.52 -22.51
CA TRP T 46 3.81 20.17 -23.07
C TRP T 46 3.09 19.15 -22.20
N VAL T 47 2.85 19.47 -20.92
CA VAL T 47 2.20 18.53 -20.01
C VAL T 47 0.68 18.56 -20.15
N ARG T 48 0.11 19.74 -20.46
CA ARG T 48 -1.35 19.87 -20.59
C ARG T 48 -1.84 19.07 -21.79
N PRO T 49 -2.76 18.10 -21.62
CA PRO T 49 -3.30 17.36 -22.75
C PRO T 49 -4.06 18.26 -23.71
N LEU T 50 -4.08 17.89 -24.98
CA LEU T 50 -4.84 18.61 -26.00
C LEU T 50 -6.34 18.42 -25.77
N GLN T 51 -7.11 19.46 -26.01
CA GLN T 51 -8.57 19.48 -25.89
C GLN T 51 -9.25 19.66 -27.24
N GLY T 52 -8.52 19.47 -28.35
CA GLY T 52 -9.08 19.64 -29.68
C GLY T 52 -10.16 18.63 -30.01
N ARG T 53 -9.95 17.37 -29.65
CA ARG T 53 -10.87 16.27 -29.91
C ARG T 53 -12.02 16.19 -28.92
N GLN T 54 -11.90 16.86 -27.76
CA GLN T 54 -12.94 16.81 -26.74
C GLN T 54 -14.12 17.72 -27.06
N MET T 55 -13.86 18.93 -27.56
CA MET T 55 -14.92 19.88 -27.88
C MET T 55 -15.68 19.48 -29.14
N MET T 56 -15.04 18.76 -30.07
CA MET T 56 -15.71 18.35 -31.31
C MET T 56 -16.89 17.42 -31.06
N LYS T 57 -16.85 16.64 -29.98
CA LYS T 57 -17.92 15.72 -29.61
C LYS T 57 -19.08 16.50 -29.01
N TRP T 58 -19.86 17.11 -29.87
CA TRP T 58 -21.05 17.88 -29.51
C TRP T 58 -22.02 17.94 -30.66
N TYR T 59 -23.26 18.27 -30.34
CA TYR T 59 -24.33 18.36 -31.30
C TYR T 59 -24.55 17.05 -32.04
N TRP T 60 -25.52 17.04 -32.94
CA TRP T 60 -25.83 15.88 -33.77
C TRP T 60 -24.94 15.83 -35.01
N PRO T 61 -24.71 14.64 -35.58
CA PRO T 61 -23.94 14.50 -36.79
C PRO T 61 -24.71 14.95 -38.03
N SER T 62 -24.02 14.98 -39.16
CA SER T 62 -24.63 15.36 -40.42
C SER T 62 -25.69 14.36 -40.87
N LYS T 63 -26.70 14.84 -41.58
CA LYS T 63 -27.81 14.02 -42.09
C LYS T 63 -27.86 13.89 -43.61
N TYR T 64 -27.11 14.71 -44.35
CA TYR T 64 -27.08 14.71 -45.80
C TYR T 64 -25.97 13.85 -46.41
N MET T 65 -25.53 12.83 -45.68
CA MET T 65 -24.47 11.92 -46.11
C MET T 65 -24.84 10.46 -45.87
N LEU T 66 -26.12 10.16 -45.80
CA LEU T 66 -26.59 8.78 -45.63
C LEU T 66 -26.57 8.03 -46.96
N GLN T 67 -26.48 6.71 -46.85
CA GLN T 67 -26.49 5.82 -47.98
C GLN T 67 -27.85 5.84 -48.66
N ASP T 68 -27.86 6.05 -49.97
CA ASP T 68 -29.07 6.04 -50.76
C ASP T 68 -29.57 4.62 -51.00
N VAL T 69 -30.87 4.44 -50.94
CA VAL T 69 -31.53 3.17 -51.22
C VAL T 69 -31.75 3.06 -52.70
N GLN T 70 -30.73 2.60 -53.41
CA GLN T 70 -30.76 2.45 -54.86
C GLN T 70 -30.98 0.98 -55.21
N MET T 71 -31.93 0.73 -56.11
CA MET T 71 -32.22 -0.63 -56.54
C MET T 71 -31.11 -1.21 -57.41
N ALA T 72 -30.38 -0.37 -58.15
CA ALA T 72 -29.29 -0.85 -59.00
C ALA T 72 -28.19 -1.52 -58.18
N GLN T 73 -27.83 -0.92 -57.05
CA GLN T 73 -26.78 -1.48 -56.19
C GLN T 73 -27.26 -2.70 -55.40
N TYR T 74 -28.56 -2.88 -55.22
CA TYR T 74 -29.08 -4.03 -54.48
C TYR T 74 -28.83 -5.34 -55.23
N PHE T 75 -29.09 -5.36 -56.53
CA PHE T 75 -28.88 -6.58 -57.32
C PHE T 75 -27.40 -6.96 -57.39
N GLN T 76 -26.51 -5.98 -57.54
CA GLN T 76 -25.09 -6.27 -57.61
C GLN T 76 -24.57 -6.91 -56.32
N MET T 77 -25.02 -6.43 -55.16
CA MET T 77 -24.60 -7.01 -53.89
C MET T 77 -25.01 -8.47 -53.78
N GLN T 78 -26.25 -8.81 -54.15
CA GLN T 78 -26.71 -10.19 -54.10
C GLN T 78 -25.93 -11.09 -55.06
N ALA T 79 -25.65 -10.62 -56.28
CA ALA T 79 -24.94 -11.43 -57.26
C ALA T 79 -23.53 -11.79 -56.78
N MET T 80 -22.82 -10.83 -56.18
CA MET T 80 -21.45 -11.04 -55.70
C MET T 80 -21.38 -11.65 -54.31
N ARG T 81 -22.52 -11.92 -53.67
CA ARG T 81 -22.52 -12.47 -52.30
C ARG T 81 -22.08 -13.93 -52.26
N PHE T 82 -22.31 -14.68 -53.33
CA PHE T 82 -21.98 -16.11 -53.41
C PHE T 82 -20.61 -16.37 -54.07
N ALA T 83 -19.69 -15.40 -54.00
CA ALA T 83 -18.38 -15.58 -54.58
C ALA T 83 -17.54 -16.59 -53.79
N PRO T 84 -16.58 -17.25 -54.44
CA PRO T 84 -15.71 -18.20 -53.74
C PRO T 84 -14.60 -17.48 -52.96
N ARG T 85 -13.74 -18.27 -52.31
CA ARG T 85 -12.60 -17.75 -51.55
C ARG T 85 -11.32 -18.51 -51.91
N PRO T 86 -10.83 -18.36 -53.16
CA PRO T 86 -9.63 -19.05 -53.62
C PRO T 86 -8.33 -18.33 -53.23
N ALA T 87 -8.23 -17.89 -51.98
CA ALA T 87 -7.05 -17.16 -51.51
C ALA T 87 -5.86 -18.09 -51.33
N HIS T 88 -5.95 -19.05 -50.41
CA HIS T 88 -4.90 -20.02 -50.12
C HIS T 88 -3.51 -19.39 -50.18
N VAL T 89 -3.34 -18.27 -49.50
CA VAL T 89 -2.07 -17.54 -49.49
C VAL T 89 -0.97 -18.36 -48.84
N SER T 90 -1.28 -19.08 -47.79
CA SER T 90 -0.33 -19.91 -47.06
C SER T 90 -0.13 -21.27 -47.69
N LEU T 91 -1.21 -21.89 -48.16
CA LEU T 91 -1.11 -23.22 -48.78
C LEU T 91 -0.31 -23.21 -50.08
N THR T 92 -0.46 -22.18 -50.90
CA THR T 92 0.26 -22.09 -52.17
C THR T 92 1.76 -22.04 -51.97
N THR T 93 2.22 -21.39 -50.91
CA THR T 93 3.64 -21.29 -50.63
C THR T 93 4.23 -22.65 -50.30
N LEU T 94 3.57 -23.43 -49.46
CA LEU T 94 4.02 -24.76 -49.10
C LEU T 94 3.91 -25.73 -50.26
N SER T 95 2.85 -25.62 -51.06
CA SER T 95 2.66 -26.49 -52.21
C SER T 95 3.75 -26.27 -53.24
N ALA T 96 4.06 -27.32 -54.02
CA ALA T 96 5.10 -27.28 -55.04
C ALA T 96 6.48 -26.93 -54.47
N THR T 97 6.73 -27.33 -53.23
CA THR T 97 7.99 -27.07 -52.54
C THR T 97 8.62 -28.36 -52.01
N MET T 98 7.79 -29.32 -51.62
CA MET T 98 8.30 -30.61 -51.13
C MET T 98 9.05 -31.36 -52.22
N GLU T 99 8.61 -31.26 -53.48
CA GLU T 99 9.30 -31.92 -54.58
C GLU T 99 10.73 -31.40 -54.75
N GLN T 100 10.95 -30.10 -54.57
CA GLN T 100 12.29 -29.54 -54.71
C GLN T 100 13.25 -30.12 -53.67
N CYS T 101 12.80 -30.25 -52.42
CA CYS T 101 13.62 -30.86 -51.37
C CYS T 101 13.92 -32.33 -51.69
N TRP T 102 12.93 -33.07 -52.19
CA TRP T 102 13.14 -34.48 -52.53
C TRP T 102 14.18 -34.65 -53.63
N LYS T 103 14.20 -33.76 -54.63
CA LYS T 103 15.18 -33.84 -55.71
C LYS T 103 16.60 -33.74 -55.19
N LYS T 104 16.84 -32.81 -54.25
CA LYS T 104 18.15 -32.57 -53.65
C LYS T 104 18.26 -33.22 -52.27
N ARG T 105 17.61 -34.36 -52.05
CA ARG T 105 17.63 -35.01 -50.74
C ARG T 105 19.05 -35.39 -50.34
N ASP T 106 19.83 -35.94 -51.28
CA ASP T 106 21.21 -36.31 -50.99
C ASP T 106 22.11 -35.11 -50.74
N ALA T 107 21.87 -33.98 -51.42
CA ALA T 107 22.69 -32.79 -51.24
C ALA T 107 22.56 -32.23 -49.81
N VAL T 108 21.33 -32.17 -49.28
CA VAL T 108 21.09 -31.64 -47.94
C VAL T 108 21.36 -32.65 -46.83
N ARG T 109 21.62 -33.92 -47.16
CA ARG T 109 21.85 -34.94 -46.14
C ARG T 109 23.12 -34.68 -45.35
N ALA T 110 24.15 -34.14 -46.00
CA ALA T 110 25.44 -33.86 -45.36
C ALA T 110 25.50 -32.50 -44.66
N PHE T 111 24.47 -31.68 -44.76
CA PHE T 111 24.45 -30.36 -44.14
C PHE T 111 24.54 -30.44 -42.62
N PHE T 112 23.74 -31.31 -42.02
CA PHE T 112 23.72 -31.48 -40.58
C PHE T 112 24.87 -32.30 -40.04
N GLN T 113 25.52 -33.12 -40.87
CA GLN T 113 26.63 -33.94 -40.39
C GLN T 113 27.82 -33.07 -39.95
N SER T 114 28.12 -32.00 -40.70
CA SER T 114 29.25 -31.11 -40.42
C SER T 114 28.88 -29.97 -39.46
N ILE T 115 27.65 -29.92 -38.98
CA ILE T 115 27.16 -28.89 -38.07
C ILE T 115 26.80 -29.55 -36.76
N ASP T 116 27.43 -29.15 -35.66
CA ASP T 116 27.13 -29.69 -34.35
C ASP T 116 25.82 -29.12 -33.80
N GLU T 117 25.26 -29.79 -32.80
CA GLU T 117 24.04 -29.35 -32.15
C GLU T 117 24.22 -28.00 -31.48
N LYS T 118 25.36 -27.75 -30.85
CA LYS T 118 25.63 -26.47 -30.21
C LYS T 118 25.62 -25.30 -31.18
N VAL T 119 25.92 -25.56 -32.45
CA VAL T 119 25.95 -24.53 -33.48
C VAL T 119 24.55 -24.15 -33.96
N LEU T 120 23.52 -24.94 -33.64
CA LEU T 120 22.16 -24.67 -34.04
C LEU T 120 21.57 -23.52 -33.22
N ARG T 121 21.97 -22.29 -33.56
CA ARG T 121 21.50 -21.09 -32.89
C ARG T 121 20.30 -20.45 -33.59
N GLU T 122 20.22 -20.57 -34.91
CA GLU T 122 19.14 -20.01 -35.71
C GLU T 122 18.09 -21.09 -35.93
N ASN T 123 17.17 -21.22 -34.97
CA ASN T 123 16.10 -22.21 -35.06
C ASN T 123 15.05 -21.86 -36.11
N PRO T 124 14.63 -20.60 -36.32
CA PRO T 124 13.63 -20.30 -37.33
C PRO T 124 13.95 -20.86 -38.71
N THR T 125 15.22 -20.89 -39.11
CA THR T 125 15.62 -21.44 -40.41
C THR T 125 16.11 -22.87 -40.35
N LEU T 126 16.72 -23.30 -39.25
CA LEU T 126 17.25 -24.64 -39.07
C LEU T 126 16.24 -25.62 -38.48
N GLN T 127 15.54 -25.23 -37.42
CA GLN T 127 14.59 -26.11 -36.77
C GLN T 127 13.45 -26.49 -37.72
N ASP T 128 12.93 -25.53 -38.47
CA ASP T 128 11.89 -25.77 -39.45
C ASP T 128 12.35 -26.67 -40.58
N LEU T 129 13.57 -26.47 -41.08
CA LEU T 129 14.12 -27.29 -42.13
C LEU T 129 14.28 -28.74 -41.70
N TYR T 130 14.78 -28.97 -40.50
CA TYR T 130 14.96 -30.31 -39.98
C TYR T 130 13.64 -31.05 -39.84
N GLY T 131 12.62 -30.38 -39.33
CA GLY T 131 11.30 -30.97 -39.17
C GLY T 131 10.66 -31.37 -40.47
N LEU T 132 10.71 -30.48 -41.47
CA LEU T 132 10.16 -30.76 -42.77
C LEU T 132 10.95 -31.86 -43.47
N TYR T 133 12.25 -31.94 -43.31
CA TYR T 133 13.03 -32.99 -43.94
C TYR T 133 12.64 -34.37 -43.47
N ARG T 134 12.40 -34.53 -42.16
CA ARG T 134 12.02 -35.82 -41.60
C ARG T 134 10.67 -36.32 -42.10
N THR T 135 9.83 -35.43 -42.60
CA THR T 135 8.51 -35.84 -43.10
C THR T 135 8.64 -36.79 -44.28
N LEU T 136 9.56 -36.51 -45.22
CA LEU T 136 9.74 -37.36 -46.39
C LEU T 136 10.51 -38.64 -46.05
N CYS T 137 11.44 -38.56 -45.09
CA CYS T 137 12.28 -39.69 -44.68
C CYS T 137 12.15 -39.89 -43.18
N PRO T 138 11.14 -40.64 -42.72
CA PRO T 138 10.95 -40.82 -41.29
C PRO T 138 12.18 -41.41 -40.59
N ASP T 139 12.86 -42.35 -41.22
CA ASP T 139 14.06 -42.98 -40.65
C ASP T 139 15.30 -42.43 -41.34
N ASP T 140 16.18 -41.80 -40.58
CA ASP T 140 17.42 -41.23 -41.09
C ASP T 140 18.42 -40.99 -39.94
N PRO T 141 19.10 -42.04 -39.47
CA PRO T 141 20.08 -41.89 -38.41
C PRO T 141 21.40 -41.34 -38.97
N LEU T 142 21.70 -40.08 -38.66
CA LEU T 142 22.92 -39.42 -39.15
C LEU T 142 24.13 -39.72 -38.26
N ARG T 143 23.95 -39.62 -36.94
CA ARG T 143 25.02 -39.82 -35.96
C ARG T 143 24.41 -40.13 -34.62
N THR T 144 25.26 -40.52 -33.68
CA THR T 144 24.81 -40.86 -32.33
C THR T 144 24.05 -39.73 -31.63
N PRO T 145 24.58 -38.49 -31.55
CA PRO T 145 23.85 -37.42 -30.88
C PRO T 145 22.55 -37.10 -31.62
N VAL T 146 21.52 -36.79 -30.85
CA VAL T 146 20.19 -36.44 -31.32
C VAL T 146 19.61 -35.34 -30.45
N ASP T 147 18.49 -34.78 -30.87
CA ASP T 147 17.81 -33.74 -30.12
C ASP T 147 17.32 -34.29 -28.78
N PRO T 148 17.37 -33.49 -27.71
CA PRO T 148 16.90 -33.92 -26.40
C PRO T 148 15.40 -33.78 -26.23
N ALA T 149 14.62 -34.15 -27.23
CA ALA T 149 13.16 -34.04 -27.23
C ALA T 149 12.66 -32.63 -26.94
N LEU T 150 13.50 -31.60 -27.14
CA LEU T 150 13.16 -30.21 -26.85
C LEU T 150 13.08 -29.38 -28.13
N TRP T 151 14.16 -29.35 -28.91
CA TRP T 151 14.16 -28.60 -30.18
C TRP T 151 13.43 -29.32 -31.30
N ARG T 152 13.22 -30.63 -31.16
CA ARG T 152 12.49 -31.43 -32.12
C ARG T 152 11.85 -32.61 -31.42
N ASP T 153 10.53 -32.66 -31.46
CA ASP T 153 9.73 -33.71 -30.85
C ASP T 153 9.16 -34.63 -31.92
N PRO T 154 9.93 -35.62 -32.41
CA PRO T 154 9.40 -36.51 -33.43
C PRO T 154 8.18 -37.29 -32.97
N GLY T 155 8.11 -37.63 -31.68
CA GLY T 155 7.00 -38.38 -31.13
C GLY T 155 6.99 -39.83 -31.62
N PHE T 156 5.90 -40.52 -31.28
CA PHE T 156 5.69 -41.91 -31.68
C PHE T 156 4.63 -42.07 -32.75
N THR T 157 3.57 -41.27 -32.69
CA THR T 157 2.47 -41.30 -33.67
C THR T 157 2.42 -39.95 -34.38
N TRP T 158 3.24 -39.81 -35.43
CA TRP T 158 3.32 -38.59 -36.22
C TRP T 158 2.65 -38.78 -37.59
N GLN T 159 2.50 -37.68 -38.31
CA GLN T 159 1.92 -37.66 -39.65
C GLN T 159 3.03 -37.46 -40.67
N HIS T 160 2.96 -38.22 -41.76
CA HIS T 160 3.93 -38.17 -42.85
C HIS T 160 3.18 -38.12 -44.17
N THR T 161 3.90 -37.75 -45.22
CA THR T 161 3.30 -37.66 -46.55
C THR T 161 2.79 -39.01 -47.04
N ALA T 162 3.54 -40.09 -46.76
CA ALA T 162 3.14 -41.43 -47.16
C ALA T 162 1.86 -41.84 -46.44
N ASP T 163 0.74 -41.87 -47.15
CA ASP T 163 -0.53 -42.26 -46.57
C ASP T 163 -0.59 -43.77 -46.35
N GLN T 164 -1.52 -44.19 -45.52
CA GLN T 164 -1.74 -45.61 -45.21
C GLN T 164 -3.23 -45.94 -45.14
N LEU T 289 -20.67 -43.26 -41.91
CA LEU T 289 -21.94 -43.90 -42.23
C LEU T 289 -22.25 -45.07 -41.30
N SER T 290 -23.52 -45.41 -41.20
CA SER T 290 -24.02 -46.52 -40.39
C SER T 290 -25.26 -47.11 -41.05
N ALA T 291 -25.99 -47.96 -40.33
CA ALA T 291 -27.20 -48.56 -40.84
C ALA T 291 -28.26 -47.53 -41.19
N LEU T 292 -28.46 -46.54 -40.33
CA LEU T 292 -29.43 -45.48 -40.59
C LEU T 292 -29.08 -44.67 -41.83
N ALA T 293 -27.83 -44.23 -41.92
CA ALA T 293 -27.38 -43.45 -43.06
C ALA T 293 -27.42 -44.25 -44.35
N GLU T 294 -27.00 -45.51 -44.31
CA GLU T 294 -26.98 -46.37 -45.49
C GLU T 294 -28.38 -46.58 -46.05
N THR T 295 -29.35 -46.80 -45.18
CA THR T 295 -30.73 -47.01 -45.61
C THR T 295 -31.33 -45.77 -46.25
N GLY T 296 -30.93 -44.58 -45.82
CA GLY T 296 -31.45 -43.34 -46.40
C GLY T 296 -31.08 -43.18 -47.87
N LEU T 297 -29.88 -43.61 -48.26
CA LEU T 297 -29.41 -43.47 -49.63
C LEU T 297 -30.13 -44.41 -50.60
N GLY T 298 -30.54 -45.60 -50.14
CA GLY T 298 -31.20 -46.57 -51.02
C GLY T 298 -32.51 -46.05 -51.58
N GLN T 299 -33.33 -45.41 -50.74
CA GLN T 299 -34.62 -44.85 -51.14
C GLN T 299 -34.53 -43.43 -51.70
N SER T 300 -33.36 -42.81 -51.65
CA SER T 300 -33.19 -41.41 -52.06
C SER T 300 -33.59 -41.22 -53.53
N ALA T 301 -32.89 -41.87 -54.45
CA ALA T 301 -33.12 -41.78 -55.88
C ALA T 301 -33.99 -42.95 -56.36
N SER T 302 -35.08 -43.20 -55.64
CA SER T 302 -36.04 -44.26 -55.99
C SER T 302 -37.41 -43.69 -56.33
N GLU T 303 -37.69 -42.45 -55.91
CA GLU T 303 -38.88 -41.68 -56.26
C GLU T 303 -38.61 -40.58 -57.31
N LEU T 304 -39.51 -40.44 -58.29
CA LEU T 304 -39.46 -39.40 -59.34
C LEU T 304 -40.22 -38.10 -58.99
N ILE T 305 -41.10 -38.13 -57.98
CA ILE T 305 -42.30 -37.26 -57.92
C ILE T 305 -42.11 -35.95 -57.15
N GLN T 306 -41.21 -35.90 -56.16
CA GLN T 306 -41.19 -34.82 -55.16
C GLN T 306 -39.79 -34.44 -54.66
N GLN T 307 -38.78 -35.27 -54.92
CA GLN T 307 -37.42 -35.01 -54.47
C GLN T 307 -36.71 -34.08 -55.48
N PRO T 308 -36.37 -32.84 -55.11
CA PRO T 308 -35.73 -31.93 -56.05
C PRO T 308 -34.25 -32.27 -56.29
N VAL T 309 -33.55 -32.63 -55.23
CA VAL T 309 -32.12 -32.91 -55.23
C VAL T 309 -31.89 -34.40 -55.12
N VAL T 310 -31.13 -34.97 -56.05
CA VAL T 310 -30.88 -36.41 -56.05
C VAL T 310 -30.06 -36.82 -54.83
N LEU T 311 -29.02 -36.07 -54.50
CA LEU T 311 -28.09 -36.37 -53.42
C LEU T 311 -27.29 -35.10 -53.10
N ARG T 312 -26.44 -35.21 -52.10
CA ARG T 312 -25.56 -34.17 -51.60
C ARG T 312 -24.11 -34.49 -51.91
N VAL T 313 -23.31 -33.45 -51.97
CA VAL T 313 -21.88 -33.50 -52.32
C VAL T 313 -21.01 -32.96 -51.20
N ASP T 314 -21.47 -33.07 -49.96
CA ASP T 314 -20.74 -32.60 -48.79
C ASP T 314 -19.52 -33.46 -48.56
N ILE T 315 -18.39 -33.05 -49.13
CA ILE T 315 -17.11 -33.73 -48.98
C ILE T 315 -16.08 -32.70 -48.56
N GLY T 316 -15.32 -33.03 -47.52
CA GLY T 316 -14.28 -32.15 -47.02
C GLY T 316 -13.12 -32.04 -48.00
N LEU T 317 -12.97 -30.87 -48.63
CA LEU T 317 -11.90 -30.60 -49.58
C LEU T 317 -11.63 -29.11 -49.62
N GLY T 318 -10.45 -28.75 -50.12
CA GLY T 318 -10.05 -27.36 -50.26
C GLY T 318 -10.51 -26.77 -51.58
N ASP T 319 -9.55 -26.23 -52.32
CA ASP T 319 -9.81 -25.62 -53.63
C ASP T 319 -8.55 -25.68 -54.49
N ARG T 320 -8.70 -25.39 -55.76
CA ARG T 320 -7.59 -25.42 -56.72
C ARG T 320 -6.63 -24.27 -56.43
N GLU T 321 -5.39 -24.45 -56.85
CA GLU T 321 -4.34 -23.45 -56.63
C GLU T 321 -4.50 -22.17 -57.48
N PRO T 322 -4.91 -22.24 -58.76
CA PRO T 322 -4.94 -21.04 -59.57
C PRO T 322 -6.16 -20.18 -59.22
N VAL T 323 -6.03 -18.89 -59.51
CA VAL T 323 -7.09 -17.90 -59.27
C VAL T 323 -7.76 -17.56 -60.59
N GLN T 324 -9.08 -17.40 -60.55
CA GLN T 324 -9.86 -17.04 -61.74
C GLN T 324 -9.81 -15.53 -61.98
N ASP T 325 -8.61 -15.04 -62.27
CA ASP T 325 -8.35 -13.63 -62.53
C ASP T 325 -7.42 -13.42 -63.72
N THR T 326 -7.44 -14.35 -64.67
CA THR T 326 -6.59 -14.27 -65.85
C THR T 326 -7.18 -13.32 -66.88
N THR T 327 -6.45 -13.08 -67.96
CA THR T 327 -6.93 -12.19 -69.02
C THR T 327 -8.19 -12.73 -69.70
N ALA T 328 -8.34 -14.06 -69.78
CA ALA T 328 -9.52 -14.65 -70.39
C ALA T 328 -10.80 -14.27 -69.64
N PHE T 329 -10.75 -14.30 -68.31
CA PHE T 329 -11.92 -13.93 -67.51
C PHE T 329 -12.31 -12.48 -67.70
N ARG T 330 -11.32 -11.57 -67.73
CA ARG T 330 -11.60 -10.15 -67.95
C ARG T 330 -12.20 -9.89 -69.32
N LYS T 331 -11.71 -10.56 -70.35
CA LYS T 331 -12.24 -10.37 -71.71
C LYS T 331 -13.70 -10.79 -71.81
N LYS T 332 -14.08 -11.90 -71.16
CA LYS T 332 -15.46 -12.38 -71.19
C LYS T 332 -16.43 -11.42 -70.51
N GLN T 333 -15.97 -10.57 -69.60
CA GLN T 333 -16.84 -9.62 -68.91
C GLN T 333 -17.48 -8.64 -69.89
N GLU T 334 -16.74 -8.17 -70.90
CA GLU T 334 -17.30 -7.22 -71.85
C GLU T 334 -18.46 -7.83 -72.65
N GLN T 335 -18.38 -9.12 -72.97
CA GLN T 335 -19.45 -9.79 -73.71
C GLN T 335 -20.73 -9.86 -72.89
N SER T 336 -20.61 -10.15 -71.59
CA SER T 336 -21.78 -10.25 -70.72
C SER T 336 -22.41 -8.88 -70.40
N ARG T 337 -21.72 -7.78 -70.70
CA ARG T 337 -22.25 -6.43 -70.47
C ARG T 337 -23.13 -5.93 -71.60
N ARG T 338 -22.84 -6.33 -72.84
CA ARG T 338 -23.62 -5.88 -74.00
C ARG T 338 -25.07 -6.36 -73.92
N THR T 339 -25.27 -7.61 -73.50
CA THR T 339 -26.63 -8.15 -73.38
C THR T 339 -27.48 -7.37 -72.38
N LEU T 340 -26.86 -6.85 -71.31
CA LEU T 340 -27.59 -6.07 -70.32
C LEU T 340 -28.16 -4.79 -70.94
N GLN T 341 -27.33 -4.07 -71.70
CA GLN T 341 -27.80 -2.84 -72.35
C GLN T 341 -28.85 -3.14 -73.43
N ALA T 342 -28.65 -4.20 -74.21
CA ALA T 342 -29.60 -4.56 -75.26
C ALA T 342 -30.98 -4.89 -74.67
N ALA T 343 -31.01 -5.64 -73.55
CA ALA T 343 -32.28 -5.97 -72.91
C ALA T 343 -33.00 -4.71 -72.41
N LEU T 344 -32.27 -3.77 -71.82
CA LEU T 344 -32.88 -2.53 -71.31
C LEU T 344 -33.46 -1.66 -72.43
N ASP T 345 -33.02 -1.84 -73.68
CA ASP T 345 -33.56 -1.07 -74.79
C ASP T 345 -35.05 -1.32 -74.98
N HIS T 346 -35.47 -2.59 -74.90
CA HIS T 346 -36.88 -2.95 -75.01
C HIS T 346 -37.58 -2.59 -73.71
N ASP T 347 -38.02 -1.35 -73.60
CA ASP T 347 -38.63 -0.85 -72.38
C ASP T 347 -39.97 -1.56 -72.13
N GLU T 348 -40.03 -2.35 -71.07
CA GLU T 348 -41.27 -3.00 -70.65
C GLU T 348 -41.31 -3.15 -69.14
N ARG T 349 -41.86 -2.14 -68.45
CA ARG T 349 -42.00 -2.14 -66.98
C ARG T 349 -40.73 -2.63 -66.27
N LEU T 350 -39.57 -2.32 -66.84
CA LEU T 350 -38.28 -2.76 -66.31
C LEU T 350 -37.30 -1.61 -66.21
N ALA T 351 -37.43 -0.59 -67.07
CA ALA T 351 -36.49 0.52 -67.08
C ALA T 351 -36.51 1.29 -65.75
N ARG T 352 -37.71 1.63 -65.27
CA ARG T 352 -37.84 2.37 -64.01
C ARG T 352 -37.62 1.48 -62.79
N TYR T 353 -37.93 0.19 -62.88
CA TYR T 353 -37.75 -0.71 -61.75
C TYR T 353 -36.28 -0.82 -61.35
N HIS T 354 -35.38 -0.95 -62.33
CA HIS T 354 -33.95 -1.03 -62.03
C HIS T 354 -33.38 0.32 -61.59
N GLY T 355 -33.75 1.40 -62.28
CA GLY T 355 -33.27 2.74 -61.98
C GLY T 355 -34.14 3.46 -60.95
N ALA T 356 -34.39 2.83 -59.81
CA ALA T 356 -35.19 3.41 -58.75
C ALA T 356 -34.29 4.03 -57.68
N LYS T 357 -34.57 5.27 -57.33
CA LYS T 357 -33.86 6.03 -56.31
C LYS T 357 -34.83 6.60 -55.31
N HIS T 358 -34.49 6.52 -54.03
CA HIS T 358 -35.27 7.04 -52.92
C HIS T 358 -34.35 7.68 -51.90
N ARG T 359 -34.18 8.98 -52.00
CA ARG T 359 -33.34 9.76 -51.12
C ARG T 359 -34.02 9.97 -49.78
N PHE T 360 -33.31 9.68 -48.71
CA PHE T 360 -33.83 9.91 -47.37
C PHE T 360 -33.87 11.41 -47.08
N PHE T 361 -34.91 11.83 -46.36
CA PHE T 361 -35.15 13.20 -45.96
C PHE T 361 -35.48 13.28 -44.49
N ASP T 362 -35.27 14.47 -43.93
CA ASP T 362 -35.56 14.69 -42.53
C ASP T 362 -37.05 14.47 -42.24
N PRO T 363 -37.42 13.64 -41.25
CA PRO T 363 -38.83 13.44 -40.92
C PRO T 363 -39.57 14.74 -40.60
N LEU T 364 -38.91 15.72 -39.99
CA LEU T 364 -39.54 17.00 -39.69
C LEU T 364 -39.94 17.74 -40.98
N PHE T 365 -39.20 17.55 -42.07
CA PHE T 365 -39.48 18.19 -43.35
C PHE T 365 -40.67 17.56 -44.06
N ARG T 366 -40.94 16.27 -43.83
CA ARG T 366 -42.06 15.58 -44.47
C ARG T 366 -43.39 16.22 -44.09
N ARG T 367 -43.64 16.40 -42.79
CA ARG T 367 -44.90 17.00 -42.34
C ARG T 367 -45.04 18.44 -42.80
N ARG T 368 -43.93 19.19 -42.83
CA ARG T 368 -43.92 20.58 -43.27
C ARG T 368 -44.27 20.71 -44.75
N ARG T 369 -43.79 19.77 -45.57
CA ARG T 369 -44.09 19.74 -47.00
C ARG T 369 -45.58 19.62 -47.25
N LEU T 370 -46.24 18.69 -46.58
CA LEU T 370 -47.67 18.50 -46.74
C LEU T 370 -48.48 19.68 -46.24
N SER T 371 -48.02 20.38 -45.22
CA SER T 371 -48.70 21.54 -44.69
C SER T 371 -48.87 22.64 -45.72
N PHE T 372 -47.82 22.94 -46.48
CA PHE T 372 -47.87 23.95 -47.51
C PHE T 372 -48.65 23.49 -48.73
N LEU T 373 -48.44 22.25 -49.15
CA LEU T 373 -49.13 21.70 -50.31
C LEU T 373 -50.63 21.57 -50.08
N ASP T 374 -51.05 21.21 -48.87
CA ASP T 374 -52.46 21.05 -48.54
C ASP T 374 -53.23 22.35 -48.76
N ARG T 375 -52.66 23.47 -48.31
CA ARG T 375 -53.29 24.79 -48.45
C ARG T 375 -52.93 25.48 -49.76
N PHE T 376 -52.13 24.85 -50.62
CA PHE T 376 -51.72 25.46 -51.88
C PHE T 376 -52.91 25.65 -52.82
N ALA T 377 -53.55 24.54 -53.20
CA ALA T 377 -54.68 24.54 -54.13
C ALA T 377 -56.04 24.40 -53.43
N ARG T 378 -56.06 24.39 -52.10
CA ARG T 378 -57.30 24.25 -51.32
C ARG T 378 -57.70 25.55 -50.65
N GLU T 379 -56.82 26.14 -49.85
CA GLU T 379 -57.09 27.39 -49.14
C GLU T 379 -56.50 28.57 -49.92
N ARG T 380 -56.66 29.77 -49.35
CA ARG T 380 -56.14 31.00 -49.95
C ARG T 380 -54.84 31.38 -49.25
N ILE T 381 -53.82 31.67 -50.05
CA ILE T 381 -52.51 32.09 -49.57
C ILE T 381 -52.26 33.52 -50.02
N LYS T 382 -51.98 34.40 -49.05
CA LYS T 382 -51.71 35.81 -49.33
C LYS T 382 -50.22 36.05 -49.52
N GLY T 383 -49.89 37.13 -50.22
CA GLY T 383 -48.52 37.53 -50.48
C GLY T 383 -47.94 36.83 -51.70
N GLU T 384 -47.34 37.60 -52.59
CA GLU T 384 -46.73 37.05 -53.81
C GLU T 384 -45.39 36.36 -53.51
N LYS T 385 -44.61 36.89 -52.56
CA LYS T 385 -43.32 36.29 -52.22
C LYS T 385 -43.49 34.89 -51.64
N ALA T 386 -44.52 34.67 -50.81
CA ALA T 386 -44.74 33.35 -50.22
C ALA T 386 -44.98 32.29 -51.29
N ARG T 387 -45.79 32.61 -52.29
CA ARG T 387 -46.05 31.66 -53.39
C ARG T 387 -44.81 31.46 -54.26
N GLN T 388 -44.08 32.52 -54.56
CA GLN T 388 -42.89 32.41 -55.41
C GLN T 388 -41.82 31.54 -54.74
N LEU T 389 -41.49 31.82 -53.48
CA LEU T 389 -40.49 31.04 -52.75
C LEU T 389 -41.02 29.65 -52.37
N GLY T 390 -42.31 29.53 -52.11
CA GLY T 390 -42.92 28.24 -51.75
C GLY T 390 -43.07 27.29 -52.92
N ALA T 391 -42.94 27.77 -54.16
CA ALA T 391 -43.04 26.96 -55.37
C ALA T 391 -41.70 26.43 -55.87
N GLN T 392 -40.69 26.35 -55.00
CA GLN T 392 -39.36 25.87 -55.38
C GLN T 392 -38.76 24.89 -54.36
N LEU T 393 -39.50 24.54 -53.31
CA LEU T 393 -39.01 23.62 -52.26
C LEU T 393 -39.93 22.43 -52.05
N TYR T 394 -41.23 22.64 -52.11
CA TYR T 394 -42.24 21.60 -51.91
C TYR T 394 -42.99 21.23 -53.19
N VAL T 395 -42.67 21.85 -54.33
CA VAL T 395 -43.36 21.54 -55.59
C VAL T 395 -42.87 20.24 -56.22
N LYS T 396 -41.63 19.83 -55.93
CA LYS T 396 -41.01 18.63 -56.48
C LYS T 396 -40.63 17.68 -55.37
N HIS T 397 -40.74 16.39 -55.64
CA HIS T 397 -40.39 15.37 -54.69
C HIS T 397 -38.90 15.40 -54.40
N PRO T 398 -38.46 15.12 -53.16
CA PRO T 398 -37.04 15.14 -52.86
C PRO T 398 -36.20 14.22 -53.74
N ASP T 399 -36.72 13.05 -54.07
CA ASP T 399 -36.05 12.09 -54.93
C ASP T 399 -35.98 12.50 -56.39
N GLN T 400 -36.91 13.35 -56.84
CA GLN T 400 -36.99 13.80 -58.22
C GLN T 400 -36.29 15.14 -58.44
N LYS T 401 -35.72 15.74 -57.38
CA LYS T 401 -35.01 17.01 -57.51
C LYS T 401 -33.76 16.86 -58.35
N PRO T 402 -33.32 17.92 -59.05
CA PRO T 402 -32.10 17.85 -59.85
C PRO T 402 -30.83 17.95 -58.99
N VAL T 403 -30.90 18.74 -57.92
CA VAL T 403 -29.78 18.96 -56.99
C VAL T 403 -30.29 18.85 -55.57
N TRP T 404 -29.52 18.19 -54.71
CA TRP T 404 -29.85 18.03 -53.31
C TRP T 404 -28.69 18.54 -52.46
N PRO T 405 -28.94 19.30 -51.40
CA PRO T 405 -27.90 19.79 -50.51
C PRO T 405 -27.08 18.65 -49.89
#